data_9I1Q
#
_entry.id   9I1Q
#
_cell.length_a   98.030
_cell.length_b   98.810
_cell.length_c   270.380
_cell.angle_alpha   90.00
_cell.angle_beta   99.21
_cell.angle_gamma   90.00
#
_symmetry.space_group_name_H-M   'P 1 21 1'
#
loop_
_entity.id
_entity.type
_entity.pdbx_description
1 polymer 'Receptor tyrosine-protein kinase erbB-3'
2 polymer 'light chain hA3-Fab'
3 polymer 'heavy chain hA3-Fab'
4 branched beta-D-mannopyranose-(1-4)-2-acetamido-2-deoxy-beta-D-glucopyranose-(1-4)-2-acetamido-2-deoxy-beta-D-glucopyranose
5 branched alpha-D-mannopyranose-(1-6)-beta-D-mannopyranose-(1-4)-2-acetamido-2-deoxy-beta-D-glucopyranose-(1-4)-2-acetamido-2-deoxy-beta-D-glucopyranose
6 branched 2-acetamido-2-deoxy-beta-D-glucopyranose-(1-4)-2-acetamido-2-deoxy-beta-D-glucopyranose
7 non-polymer 2-acetamido-2-deoxy-beta-D-glucopyranose
8 non-polymer 'THIOCYANATE ION'
9 water water
#
loop_
_entity_poly.entity_id
_entity_poly.type
_entity_poly.pdbx_seq_one_letter_code
_entity_poly.pdbx_strand_id
1 'polypeptide(L)'
;SEVGNSQAVCPGTLNGLSVTGDAENQYQTLYKLYERCEVVMGNLEIVLTGHNADLSFLQWIREVTGYVLVAMNEFSTLPL
PNLRVVRGTQVYDGKFAIFVMLNYNTNSSHALRQLRLTQLTEILSGGVYIEKNDKLCHMDTIDWRDIVRDRDAEIVVKDN
GRSCPPCHEVCKGRCWGPGSEDCQTLTKTICAPQCNGHCFGPNPNQCCHDECAGGCSGPQDTDCFACRHFNDSGACVPRC
PQPLVYNKLTFQLEPNPHTKYQYGGVCVASCPHNFVVDQTSCVRACPPDKMEVDKNGLKMCEPCGGLCPKACEGTGSGSR
FQTVDSSNIDGFVNCTKILGNLDFLITGLNGDPWHKIPALDPEKLNVFRTVREITGYLNIQSWPPHMHNFSVFSNLTTIG
GRSLYNRGFSLLIMKNLNVTSLGFRSLKEISAGRIYISANRQLCYHHSLNWTKVLRGPTEERLDIKHNRPRRDCVAEGKV
CDPLCSSGGCWGPGPGQCLSCRNYSRGGVCVTHCNFLNGEPREFAHEAECFSCHPECQPMEGTATCNGSGSDTCAQCAHF
RDGPHCVSSCPHGVLGAKGPIYKYPDVQNECRPCHENCTQGCKGPELQDCLGQTLVLIGKTHLTVDHHHHHH
;
A,B,C,D
2 'polypeptide(L)'
;DIVMTQTPLSLSVTPGQPASISCKSSQSLLHSYGNTYLEWYLQKPGQSPQLLIYRVSNRFSGVPDRFSGSGSGTDFTLKI
SRVEAEDVGVYYCFQGSHVPFTFGQGTKLEIKRRTVAAPSVFIFPPSDEQLKSGTASVVCLLNNFYPREAKVQWKVDNAL
QSGNSQESVTEQDSKDSTYSLSSTLTLSKADYEKHKVYACEVTHQGLSSPVTKSFNRGEC
;
E,F,G,H
3 'polypeptide(L)'
;QVTLRESGPALVKPTQTLTLTCTFSGFSLSTYGMGVGWIRQPPGKALEWLANIWWNDDKYYSSSLKTRLTISKDTSKNQV
VLTMTNMDPVDTATYYCVQIANPYWYFDVWGQGTTVTVSSASTKGPSVFPLAPSSKSTSGGTAALGCLVKDYFPEPVTVS
WNSGALTSGVHTFPAVLQSSGLYSLSSVVTVPSSSLGTQTYICNVNHKPSNTKVDKKVEPKSC
;
I,J,K,L
#
# COMPACT_ATOMS: atom_id res chain seq x y z
N ALA A 8 15.80 -8.92 45.00
CA ALA A 8 16.03 -10.01 44.06
C ALA A 8 14.72 -10.66 43.64
N VAL A 9 14.75 -11.97 43.40
CA VAL A 9 13.59 -12.70 42.88
C VAL A 9 13.34 -13.92 43.74
N CYS A 10 12.08 -14.16 44.09
CA CYS A 10 11.63 -15.31 44.85
C CYS A 10 10.71 -16.18 44.00
N PRO A 11 10.58 -17.47 44.34
CA PRO A 11 9.71 -18.35 43.53
C PRO A 11 8.28 -18.45 44.03
N GLY A 12 7.33 -18.01 43.20
CA GLY A 12 5.91 -18.24 43.40
C GLY A 12 5.35 -18.05 44.79
N THR A 13 4.37 -18.87 45.15
CA THR A 13 3.85 -18.86 46.52
C THR A 13 4.82 -19.53 47.48
N LEU A 14 5.12 -20.81 47.24
CA LEU A 14 6.05 -21.57 48.04
C LEU A 14 7.10 -22.18 47.11
N ASN A 15 8.31 -22.34 47.65
CA ASN A 15 9.47 -22.93 46.98
C ASN A 15 9.22 -23.63 45.65
N LEU A 33 5.22 -15.05 55.65
CA LEU A 33 5.77 -15.17 54.28
C LEU A 33 7.08 -14.38 54.20
N TYR A 34 8.23 -15.06 54.31
CA TYR A 34 9.52 -14.36 54.34
C TYR A 34 10.03 -14.34 52.90
N GLU A 35 9.67 -13.28 52.17
CA GLU A 35 10.14 -13.08 50.81
C GLU A 35 10.65 -11.65 50.71
N ARG A 36 11.93 -11.46 51.04
CA ARG A 36 12.56 -10.15 51.03
C ARG A 36 13.12 -9.79 49.65
N CYS A 37 12.30 -9.99 48.63
CA CYS A 37 12.72 -9.77 47.25
C CYS A 37 11.78 -8.77 46.57
N GLU A 38 11.97 -8.60 45.26
CA GLU A 38 11.27 -7.61 44.47
C GLU A 38 10.26 -8.22 43.51
N VAL A 39 10.57 -9.36 42.90
CA VAL A 39 9.68 -10.02 41.97
C VAL A 39 9.28 -11.39 42.53
N VAL A 40 8.06 -11.79 42.24
CA VAL A 40 7.56 -13.12 42.60
C VAL A 40 7.43 -13.89 41.29
N MET A 41 8.28 -14.91 41.13
CA MET A 41 8.29 -15.74 39.92
C MET A 41 7.24 -16.83 40.07
N GLY A 42 5.99 -16.41 39.96
CA GLY A 42 4.87 -17.31 40.10
C GLY A 42 3.64 -16.57 40.58
N ASN A 43 2.82 -17.27 41.35
CA ASN A 43 1.60 -16.71 41.92
C ASN A 43 1.83 -16.37 43.37
N LEU A 44 1.30 -15.23 43.81
CA LEU A 44 1.33 -14.84 45.21
C LEU A 44 -0.01 -15.21 45.82
N GLU A 45 -0.02 -16.26 46.65
CA GLU A 45 -1.23 -16.77 47.27
C GLU A 45 -1.13 -16.59 48.77
N ILE A 46 -2.12 -15.90 49.35
CA ILE A 46 -2.22 -15.66 50.78
C ILE A 46 -3.54 -16.27 51.23
N VAL A 47 -3.44 -17.41 51.92
CA VAL A 47 -4.60 -18.21 52.28
C VAL A 47 -4.46 -18.65 53.73
N LEU A 48 -5.60 -18.74 54.42
CA LEU A 48 -5.70 -19.19 55.80
C LEU A 48 -4.63 -18.57 56.68
N THR A 49 -4.37 -17.27 56.49
CA THR A 49 -3.39 -16.56 57.27
C THR A 49 -4.07 -15.75 58.35
N GLY A 50 -3.44 -15.67 59.51
CA GLY A 50 -4.03 -14.97 60.62
C GLY A 50 -3.84 -13.47 60.53
N HIS A 51 -4.68 -12.72 61.24
CA HIS A 51 -4.55 -11.25 61.25
C HIS A 51 -3.17 -10.85 61.79
N ASN A 52 -2.65 -11.57 62.78
CA ASN A 52 -1.40 -11.21 63.43
C ASN A 52 -0.18 -11.63 62.62
N ALA A 53 -0.40 -12.14 61.41
CA ALA A 53 0.71 -12.55 60.56
C ALA A 53 1.56 -11.36 60.16
N ASP A 54 2.86 -11.61 59.96
CA ASP A 54 3.80 -10.58 59.56
C ASP A 54 3.88 -10.61 58.03
N LEU A 55 3.25 -9.63 57.39
CA LEU A 55 3.23 -9.50 55.94
C LEU A 55 4.02 -8.28 55.48
N SER A 56 5.07 -7.93 56.22
CA SER A 56 5.83 -6.71 55.96
C SER A 56 7.02 -6.91 55.05
N PHE A 57 7.57 -8.12 54.99
CA PHE A 57 8.64 -8.41 54.05
C PHE A 57 8.13 -8.51 52.62
N LEU A 58 6.81 -8.49 52.43
CA LEU A 58 6.19 -8.44 51.12
C LEU A 58 6.04 -7.03 50.58
N GLN A 59 6.39 -6.01 51.36
CA GLN A 59 6.22 -4.63 50.92
C GLN A 59 7.32 -4.18 49.97
N TRP A 60 8.38 -4.97 49.80
CA TRP A 60 9.39 -4.69 48.78
C TRP A 60 9.11 -5.39 47.47
N ILE A 61 8.06 -6.21 47.40
CA ILE A 61 7.66 -6.83 46.14
C ILE A 61 7.14 -5.76 45.20
N ARG A 62 7.56 -5.84 43.94
CA ARG A 62 7.15 -4.88 42.92
C ARG A 62 6.44 -5.50 41.73
N GLU A 63 6.71 -6.77 41.41
CA GLU A 63 6.15 -7.43 40.25
C GLU A 63 5.68 -8.82 40.63
N VAL A 64 4.47 -9.17 40.20
CA VAL A 64 3.92 -10.52 40.34
C VAL A 64 3.64 -11.04 38.95
N THR A 65 4.29 -12.14 38.58
CA THR A 65 4.21 -12.61 37.21
C THR A 65 2.93 -13.41 36.97
N GLY A 66 2.50 -14.18 37.97
CA GLY A 66 1.24 -14.89 37.87
C GLY A 66 0.07 -14.03 38.30
N TYR A 67 -0.72 -14.52 39.23
CA TYR A 67 -1.86 -13.79 39.75
C TYR A 67 -1.66 -13.52 41.24
N VAL A 68 -2.60 -12.81 41.84
CA VAL A 68 -2.65 -12.56 43.27
C VAL A 68 -3.93 -13.18 43.80
N LEU A 69 -3.78 -14.08 44.78
CA LEU A 69 -4.89 -14.76 45.42
C LEU A 69 -4.87 -14.43 46.90
N VAL A 70 -6.01 -14.00 47.44
CA VAL A 70 -6.11 -13.72 48.88
C VAL A 70 -7.48 -14.21 49.34
N ALA A 71 -7.47 -15.23 50.21
CA ALA A 71 -8.72 -15.85 50.64
C ALA A 71 -8.57 -16.40 52.06
N MET A 72 -9.71 -16.49 52.75
CA MET A 72 -9.79 -17.08 54.09
C MET A 72 -8.86 -16.41 55.09
N ASN A 73 -8.55 -15.14 54.87
CA ASN A 73 -7.58 -14.44 55.68
C ASN A 73 -8.27 -13.55 56.72
N GLU A 74 -7.61 -13.38 57.86
CA GLU A 74 -8.15 -12.62 58.97
C GLU A 74 -7.57 -11.22 59.09
N PHE A 75 -6.46 -10.91 58.41
CA PHE A 75 -5.82 -9.63 58.61
C PHE A 75 -6.69 -8.49 58.09
N SER A 76 -6.48 -7.31 58.66
CA SER A 76 -7.32 -6.15 58.35
C SER A 76 -6.84 -5.37 57.14
N THR A 77 -5.54 -5.31 56.90
CA THR A 77 -4.99 -4.60 55.75
C THR A 77 -3.99 -5.48 55.02
N LEU A 78 -4.04 -5.45 53.69
CA LEU A 78 -3.12 -6.17 52.83
C LEU A 78 -1.98 -5.24 52.44
N PRO A 79 -0.82 -5.33 53.07
CA PRO A 79 0.26 -4.37 52.77
C PRO A 79 1.04 -4.72 51.52
N LEU A 80 0.67 -4.11 50.39
CA LEU A 80 1.41 -4.22 49.14
C LEU A 80 1.63 -2.81 48.60
N PRO A 81 2.42 -2.00 49.30
CA PRO A 81 2.56 -0.59 48.86
C PRO A 81 3.39 -0.46 47.59
N ASN A 82 4.45 -1.23 47.44
CA ASN A 82 5.36 -1.08 46.31
C ASN A 82 4.98 -1.90 45.10
N LEU A 83 3.95 -2.74 45.18
CA LEU A 83 3.51 -3.52 44.04
C LEU A 83 2.94 -2.60 42.97
N ARG A 84 3.44 -2.72 41.74
CA ARG A 84 2.98 -1.92 40.62
C ARG A 84 2.49 -2.70 39.42
N VAL A 85 2.88 -3.97 39.28
CA VAL A 85 2.64 -4.75 38.07
C VAL A 85 2.17 -6.14 38.45
N VAL A 86 1.14 -6.62 37.76
CA VAL A 86 0.65 -7.99 37.90
C VAL A 86 0.49 -8.54 36.48
N ARG A 87 1.39 -9.45 36.09
CA ARG A 87 1.46 -9.85 34.69
C ARG A 87 0.31 -10.76 34.28
N GLY A 88 -0.06 -11.70 35.16
CA GLY A 88 -1.13 -12.61 34.81
C GLY A 88 -0.75 -13.63 33.75
N THR A 89 0.53 -14.03 33.70
CA THR A 89 0.90 -15.18 32.87
C THR A 89 0.07 -16.40 33.25
N GLN A 90 -0.32 -16.50 34.52
CA GLN A 90 -1.31 -17.45 34.99
C GLN A 90 -2.41 -16.65 35.69
N VAL A 91 -3.66 -17.01 35.43
CA VAL A 91 -4.81 -16.30 35.97
C VAL A 91 -5.70 -17.27 36.73
N TYR A 92 -6.25 -16.81 37.85
CA TYR A 92 -7.09 -17.65 38.70
C TYR A 92 -8.47 -17.80 38.09
N ASP A 93 -9.02 -19.02 38.18
CA ASP A 93 -10.27 -19.40 37.53
C ASP A 93 -10.21 -19.20 36.02
N GLY A 94 -9.00 -19.10 35.46
CA GLY A 94 -8.83 -18.85 34.04
C GLY A 94 -9.35 -17.53 33.54
N LYS A 95 -9.76 -16.62 34.44
CA LYS A 95 -10.39 -15.37 34.02
C LYS A 95 -9.90 -14.14 34.77
N PHE A 96 -9.14 -14.28 35.87
CA PHE A 96 -8.78 -13.13 36.69
C PHE A 96 -7.35 -13.22 37.16
N ALA A 97 -6.63 -12.10 37.06
CA ALA A 97 -5.29 -11.98 37.61
C ALA A 97 -5.27 -11.55 39.07
N ILE A 98 -6.40 -11.05 39.59
CA ILE A 98 -6.54 -10.72 40.99
C ILE A 98 -7.80 -11.41 41.50
N PHE A 99 -7.72 -11.96 42.72
CA PHE A 99 -8.83 -12.71 43.28
C PHE A 99 -8.79 -12.53 44.80
N VAL A 100 -9.79 -11.83 45.34
CA VAL A 100 -9.93 -11.60 46.76
C VAL A 100 -11.30 -12.11 47.18
N MET A 101 -11.33 -13.08 48.10
CA MET A 101 -12.62 -13.73 48.37
C MET A 101 -12.66 -14.31 49.78
N LEU A 102 -13.75 -14.01 50.50
CA LEU A 102 -14.09 -14.66 51.77
C LEU A 102 -13.01 -14.44 52.83
N ASN A 103 -12.59 -13.19 52.98
CA ASN A 103 -11.59 -12.83 53.99
C ASN A 103 -12.26 -12.27 55.25
N TYR A 104 -13.27 -12.99 55.75
CA TYR A 104 -13.96 -12.58 56.97
C TYR A 104 -14.40 -13.82 57.73
N ASN A 105 -14.38 -13.71 59.06
CA ASN A 105 -14.85 -14.75 59.96
C ASN A 105 -16.13 -14.25 60.61
N THR A 106 -17.24 -14.94 60.35
CA THR A 106 -18.54 -14.45 60.81
C THR A 106 -18.64 -14.49 62.34
N ASN A 107 -18.12 -15.54 62.98
CA ASN A 107 -18.19 -15.62 64.43
C ASN A 107 -17.27 -14.60 65.10
N SER A 108 -16.14 -14.29 64.47
CA SER A 108 -15.18 -13.35 65.01
C SER A 108 -15.39 -11.97 64.41
N SER A 109 -14.54 -11.04 64.81
CA SER A 109 -14.53 -9.71 64.23
C SER A 109 -13.28 -9.42 63.40
N HIS A 110 -12.28 -10.29 63.46
CA HIS A 110 -11.05 -10.10 62.72
C HIS A 110 -11.29 -10.47 61.26
N ALA A 111 -11.32 -9.47 60.40
CA ALA A 111 -11.54 -9.68 58.98
C ALA A 111 -10.71 -8.67 58.21
N LEU A 112 -10.82 -8.74 56.88
CA LEU A 112 -10.15 -7.80 55.99
C LEU A 112 -11.04 -6.59 55.74
N ARG A 113 -10.40 -5.45 55.47
CA ARG A 113 -11.14 -4.22 55.23
C ARG A 113 -10.49 -3.35 54.16
N GLN A 114 -9.23 -3.63 53.84
CA GLN A 114 -8.44 -2.69 53.07
C GLN A 114 -7.40 -3.43 52.24
N LEU A 115 -7.16 -2.92 51.03
CA LEU A 115 -6.08 -3.37 50.16
C LEU A 115 -5.14 -2.20 49.95
N ARG A 116 -3.97 -2.23 50.62
CA ARG A 116 -3.03 -1.12 50.58
C ARG A 116 -2.25 -1.16 49.28
N LEU A 117 -2.89 -0.70 48.21
CA LEU A 117 -2.31 -0.67 46.88
C LEU A 117 -2.10 0.80 46.50
N THR A 118 -0.99 1.36 46.97
CA THR A 118 -0.70 2.77 46.71
C THR A 118 -0.16 2.97 45.30
N GLN A 119 0.73 2.08 44.84
CA GLN A 119 1.46 2.29 43.61
C GLN A 119 1.14 1.29 42.52
N LEU A 120 0.08 0.50 42.66
CA LEU A 120 -0.33 -0.38 41.57
C LEU A 120 -0.58 0.44 40.31
N THR A 121 -0.13 -0.08 39.18
CA THR A 121 -0.30 0.65 37.92
C THR A 121 -1.00 -0.20 36.86
N GLU A 122 -0.46 -1.38 36.54
CA GLU A 122 -0.91 -2.12 35.36
C GLU A 122 -1.12 -3.60 35.67
N ILE A 123 -2.25 -4.13 35.21
CA ILE A 123 -2.49 -5.57 35.13
C ILE A 123 -2.47 -5.92 33.64
N LEU A 124 -1.48 -6.70 33.24
CA LEU A 124 -1.18 -6.88 31.82
C LEU A 124 -2.27 -7.70 31.14
N SER A 125 -2.66 -8.82 31.74
CA SER A 125 -3.74 -9.63 31.20
C SER A 125 -4.45 -10.31 32.35
N GLY A 126 -5.73 -10.61 32.15
CA GLY A 126 -6.57 -11.17 33.18
C GLY A 126 -7.44 -10.11 33.84
N GLY A 127 -8.51 -10.57 34.47
CA GLY A 127 -9.50 -9.72 35.09
C GLY A 127 -9.33 -9.61 36.59
N VAL A 128 -10.38 -9.10 37.25
CA VAL A 128 -10.40 -8.88 38.69
C VAL A 128 -11.69 -9.42 39.26
N TYR A 129 -11.61 -10.02 40.45
CA TYR A 129 -12.77 -10.62 41.12
C TYR A 129 -12.67 -10.35 42.62
N ILE A 130 -13.48 -9.40 43.11
CA ILE A 130 -13.50 -9.02 44.52
C ILE A 130 -14.93 -9.29 44.99
N GLU A 131 -15.13 -10.37 45.74
CA GLU A 131 -16.48 -10.73 46.17
C GLU A 131 -16.43 -11.37 47.55
N LYS A 132 -17.49 -11.13 48.32
CA LYS A 132 -17.69 -11.73 49.64
C LYS A 132 -16.55 -11.38 50.61
N ASN A 133 -16.27 -10.09 50.73
CA ASN A 133 -15.35 -9.55 51.73
C ASN A 133 -16.18 -8.63 52.61
N ASP A 134 -16.74 -9.18 53.69
CA ASP A 134 -17.82 -8.53 54.42
C ASP A 134 -17.42 -7.19 55.02
N LYS A 135 -16.13 -6.91 55.18
CA LYS A 135 -15.70 -5.65 55.77
C LYS A 135 -14.80 -4.84 54.83
N LEU A 136 -14.59 -5.31 53.59
CA LEU A 136 -13.72 -4.63 52.64
C LEU A 136 -14.51 -3.51 51.97
N CYS A 137 -13.95 -2.30 51.98
CA CYS A 137 -14.66 -1.14 51.47
C CYS A 137 -13.86 -0.48 50.35
N HIS A 138 -14.58 0.25 49.49
CA HIS A 138 -14.01 1.17 48.51
C HIS A 138 -13.34 0.45 47.35
N MET A 139 -13.92 -0.68 46.92
CA MET A 139 -13.47 -1.35 45.71
C MET A 139 -14.39 -1.13 44.53
N ASP A 140 -15.66 -0.76 44.78
CA ASP A 140 -16.51 -0.20 43.74
C ASP A 140 -16.10 1.23 43.42
N THR A 141 -15.23 1.84 44.23
CA THR A 141 -14.86 3.22 44.02
C THR A 141 -13.79 3.42 42.96
N ILE A 142 -13.07 2.39 42.57
CA ILE A 142 -11.88 2.53 41.73
C ILE A 142 -12.17 2.08 40.31
N ASP A 143 -11.62 2.81 39.36
CA ASP A 143 -11.76 2.51 37.94
C ASP A 143 -10.71 1.47 37.55
N TRP A 144 -11.14 0.23 37.31
CA TRP A 144 -10.22 -0.84 36.96
C TRP A 144 -9.75 -0.77 35.51
N ARG A 145 -10.45 -0.02 34.65
CA ARG A 145 -10.05 0.07 33.25
C ARG A 145 -8.79 0.90 33.06
N ASP A 146 -8.49 1.80 34.00
CA ASP A 146 -7.18 2.46 34.01
C ASP A 146 -6.07 1.42 34.08
N ILE A 147 -6.25 0.39 34.90
CA ILE A 147 -5.21 -0.58 35.19
C ILE A 147 -5.25 -1.75 34.22
N VAL A 148 -6.36 -2.49 34.23
CA VAL A 148 -6.47 -3.69 33.40
C VAL A 148 -6.29 -3.31 31.94
N ARG A 149 -5.33 -3.96 31.27
CA ARG A 149 -5.09 -3.67 29.86
C ARG A 149 -6.10 -4.38 28.97
N ASP A 150 -6.49 -5.59 29.34
CA ASP A 150 -7.50 -6.33 28.59
C ASP A 150 -8.87 -5.69 28.82
N ARG A 151 -9.39 -5.00 27.80
CA ARG A 151 -10.71 -4.41 27.92
C ARG A 151 -11.79 -5.47 28.04
N ASP A 152 -11.57 -6.63 27.43
CA ASP A 152 -12.53 -7.73 27.47
C ASP A 152 -12.39 -8.60 28.72
N ALA A 153 -11.40 -8.34 29.57
CA ALA A 153 -11.25 -9.10 30.79
C ALA A 153 -12.44 -8.85 31.71
N GLU A 154 -12.85 -9.89 32.42
CA GLU A 154 -14.05 -9.81 33.25
C GLU A 154 -13.73 -9.19 34.60
N ILE A 155 -14.53 -8.19 35.00
CA ILE A 155 -14.39 -7.53 36.29
C ILE A 155 -15.66 -7.79 37.10
N VAL A 156 -15.48 -8.32 38.30
CA VAL A 156 -16.58 -8.51 39.25
C VAL A 156 -16.16 -7.90 40.58
N VAL A 157 -16.97 -6.98 41.10
CA VAL A 157 -16.74 -6.39 42.41
C VAL A 157 -18.08 -6.27 43.12
N LYS A 158 -18.42 -7.27 43.94
CA LYS A 158 -19.75 -7.33 44.52
C LYS A 158 -19.70 -7.87 45.93
N ASP A 159 -20.67 -7.44 46.74
CA ASP A 159 -20.90 -7.96 48.09
C ASP A 159 -19.63 -7.88 48.95
N ASN A 160 -19.00 -6.72 48.92
CA ASN A 160 -17.82 -6.46 49.74
C ASN A 160 -18.19 -5.34 50.71
N GLY A 161 -18.66 -5.72 51.89
CA GLY A 161 -19.13 -4.73 52.84
C GLY A 161 -20.54 -4.28 52.55
N ARG A 162 -21.28 -3.92 53.60
CA ARG A 162 -22.66 -3.48 53.47
C ARG A 162 -22.85 -2.04 53.90
N SER A 163 -22.03 -1.54 54.83
CA SER A 163 -22.08 -0.15 55.27
C SER A 163 -20.65 0.33 55.42
N CYS A 164 -20.20 1.18 54.49
CA CYS A 164 -18.82 1.64 54.43
C CYS A 164 -18.81 3.16 54.34
N PRO A 165 -17.75 3.80 54.87
CA PRO A 165 -17.67 5.26 54.76
C PRO A 165 -17.50 5.69 53.32
N PRO A 166 -18.03 6.85 52.94
CA PRO A 166 -17.73 7.40 51.63
C PRO A 166 -16.25 7.73 51.48
N CYS A 167 -15.84 7.90 50.23
CA CYS A 167 -14.44 8.13 49.92
C CYS A 167 -14.01 9.55 50.31
N HIS A 168 -12.72 9.72 50.59
CA HIS A 168 -12.20 11.02 50.99
C HIS A 168 -12.37 12.04 49.86
N GLU A 169 -12.47 13.31 50.26
CA GLU A 169 -12.65 14.38 49.30
C GLU A 169 -11.49 14.47 48.32
N VAL A 170 -10.25 14.35 48.83
CA VAL A 170 -9.07 14.47 47.97
C VAL A 170 -9.13 13.46 46.84
N CYS A 171 -9.49 12.21 47.15
CA CYS A 171 -9.48 11.14 46.17
C CYS A 171 -10.48 11.37 45.04
N LYS A 172 -11.46 12.27 45.23
CA LYS A 172 -12.44 12.67 44.23
C LYS A 172 -13.41 11.54 43.90
N GLY A 173 -13.40 10.46 44.69
CA GLY A 173 -14.33 9.37 44.52
C GLY A 173 -13.71 8.06 44.09
N ARG A 174 -12.38 7.92 44.17
CA ARG A 174 -11.68 6.70 43.76
C ARG A 174 -10.55 6.48 44.75
N CYS A 175 -10.68 5.46 45.59
CA CYS A 175 -9.71 5.24 46.66
C CYS A 175 -9.59 3.77 46.98
N TRP A 176 -8.40 3.37 47.41
CA TRP A 176 -8.16 2.05 47.97
C TRP A 176 -8.43 2.00 49.46
N GLY A 177 -8.75 3.14 50.07
CA GLY A 177 -9.01 3.21 51.49
C GLY A 177 -9.71 4.50 51.89
N PRO A 178 -9.76 4.78 53.20
CA PRO A 178 -10.49 5.96 53.67
C PRO A 178 -9.68 7.24 53.64
N GLY A 179 -8.35 7.12 53.72
CA GLY A 179 -7.51 8.29 53.84
C GLY A 179 -7.34 9.07 52.55
N SER A 180 -6.82 10.29 52.70
CA SER A 180 -6.52 11.14 51.55
C SER A 180 -5.20 10.79 50.88
N GLU A 181 -4.37 9.98 51.51
CA GLU A 181 -3.20 9.39 50.85
C GLU A 181 -3.53 8.02 50.27
N ASP A 182 -4.79 7.63 50.27
CA ASP A 182 -5.25 6.33 49.77
C ASP A 182 -6.05 6.47 48.48
N CYS A 183 -5.72 7.47 47.67
CA CYS A 183 -6.49 7.79 46.48
C CYS A 183 -5.95 7.10 45.24
N GLN A 184 -6.85 6.55 44.43
CA GLN A 184 -6.45 6.05 43.13
C GLN A 184 -5.99 7.21 42.25
N THR A 185 -4.70 7.26 41.96
CA THR A 185 -4.12 8.34 41.16
C THR A 185 -4.28 7.99 39.69
N LEU A 186 -5.07 8.79 38.98
CA LEU A 186 -5.37 8.53 37.58
C LEU A 186 -4.29 9.15 36.69
N THR A 187 -3.84 8.37 35.72
CA THR A 187 -2.64 8.67 34.96
C THR A 187 -2.81 9.94 34.12
N LYS A 188 -1.81 10.82 34.17
CA LYS A 188 -1.75 12.01 33.33
C LYS A 188 -0.66 11.92 32.27
N THR A 189 -0.08 10.75 32.06
CA THR A 189 1.04 10.59 31.14
C THR A 189 0.54 10.72 29.72
N ILE A 190 0.65 11.91 29.17
CA ILE A 190 0.28 12.17 27.77
C ILE A 190 1.50 11.85 26.90
N CYS A 191 1.24 11.24 25.74
CA CYS A 191 2.30 10.83 24.84
C CYS A 191 1.92 11.19 23.41
N ALA A 192 2.93 11.47 22.60
CA ALA A 192 2.74 11.74 21.19
C ALA A 192 2.33 10.45 20.47
N PRO A 193 1.75 10.55 19.28
CA PRO A 193 1.40 9.34 18.53
C PRO A 193 2.60 8.46 18.19
N GLN A 194 3.80 9.03 18.13
CA GLN A 194 4.99 8.26 17.75
C GLN A 194 5.31 7.20 18.81
N CYS A 195 5.26 7.58 20.09
CA CYS A 195 5.53 6.62 21.16
C CYS A 195 4.63 5.40 21.10
N ASN A 196 3.54 5.46 20.33
CA ASN A 196 2.68 4.31 20.07
C ASN A 196 2.30 3.61 21.37
N GLY A 197 2.14 4.41 22.44
CA GLY A 197 1.93 3.89 23.77
C GLY A 197 2.58 4.76 24.83
N HIS A 198 3.23 4.12 25.79
CA HIS A 198 3.71 4.79 26.99
C HIS A 198 4.97 5.61 26.70
N CYS A 199 5.19 6.63 27.55
CA CYS A 199 6.33 7.56 27.34
C CYS A 199 6.83 8.12 28.66
N PHE A 200 8.08 8.59 28.71
CA PHE A 200 8.67 9.19 29.93
C PHE A 200 8.67 10.69 29.77
N GLY A 201 7.92 11.17 28.79
CA GLY A 201 7.86 12.61 28.51
C GLY A 201 6.80 12.89 27.48
N PRO A 202 6.34 14.14 27.35
CA PRO A 202 5.22 14.47 26.44
C PRO A 202 5.60 14.50 24.96
N ASN A 203 6.88 14.60 24.61
CA ASN A 203 7.26 14.84 23.23
C ASN A 203 7.58 13.54 22.51
N PRO A 204 7.59 13.54 21.17
CA PRO A 204 7.88 12.30 20.44
C PRO A 204 9.28 11.79 20.67
N ASN A 205 10.20 12.65 21.08
CA ASN A 205 11.57 12.22 21.38
C ASN A 205 11.68 11.48 22.70
N GLN A 206 10.57 11.32 23.44
CA GLN A 206 10.57 10.67 24.74
C GLN A 206 9.72 9.40 24.77
N CYS A 207 10.01 8.45 23.89
CA CYS A 207 9.25 7.21 23.83
C CYS A 207 9.94 6.10 24.63
N CYS A 208 9.13 5.28 25.29
CA CYS A 208 9.65 4.14 26.01
C CYS A 208 10.22 3.12 25.02
N HIS A 209 11.25 2.39 25.47
CA HIS A 209 11.82 1.33 24.66
C HIS A 209 10.74 0.36 24.22
N ASP A 210 10.89 -0.19 23.02
CA ASP A 210 9.89 -1.10 22.48
C ASP A 210 9.71 -2.32 23.37
N GLU A 211 10.76 -2.69 24.13
CA GLU A 211 10.70 -3.83 25.04
C GLU A 211 10.10 -3.48 26.40
N CYS A 212 9.69 -2.23 26.61
CA CYS A 212 9.13 -1.81 27.89
C CYS A 212 7.68 -2.27 28.03
N ALA A 213 7.40 -3.03 29.08
CA ALA A 213 6.02 -3.28 29.47
C ALA A 213 5.53 -2.09 30.29
N GLY A 214 4.50 -1.41 29.79
CA GLY A 214 4.04 -0.22 30.49
C GLY A 214 4.99 0.96 30.28
N GLY A 215 5.09 1.80 31.30
CA GLY A 215 5.87 3.01 31.22
C GLY A 215 7.36 2.76 31.42
N CYS A 216 8.09 3.87 31.55
CA CYS A 216 9.54 3.82 31.72
C CYS A 216 9.99 5.14 32.32
N SER A 217 11.26 5.17 32.75
CA SER A 217 11.90 6.38 33.24
C SER A 217 13.02 6.85 32.32
N GLY A 218 12.99 6.43 31.06
CA GLY A 218 14.00 6.78 30.09
C GLY A 218 13.84 5.96 28.82
N PRO A 219 14.59 6.29 27.78
CA PRO A 219 14.38 5.65 26.47
C PRO A 219 15.02 4.27 26.34
N GLN A 220 15.77 3.81 27.33
CA GLN A 220 16.56 2.60 27.21
C GLN A 220 15.77 1.37 27.66
N ASP A 221 16.31 0.19 27.34
CA ASP A 221 15.79 -1.05 27.88
C ASP A 221 16.16 -1.24 29.35
N THR A 222 17.06 -0.41 29.88
CA THR A 222 17.35 -0.40 31.31
C THR A 222 16.31 0.39 32.09
N ASP A 223 15.71 1.40 31.45
CA ASP A 223 14.81 2.32 32.12
C ASP A 223 13.39 1.81 32.27
N CYS A 224 13.05 0.67 31.66
CA CYS A 224 11.71 0.13 31.80
C CYS A 224 11.37 -0.11 33.27
N PHE A 225 10.08 0.01 33.59
CA PHE A 225 9.61 -0.46 34.88
C PHE A 225 9.45 -1.98 34.88
N ALA A 226 8.79 -2.52 33.85
CA ALA A 226 8.62 -3.95 33.68
C ALA A 226 8.89 -4.29 32.22
N CYS A 227 9.37 -5.52 32.00
CA CYS A 227 9.77 -5.96 30.67
C CYS A 227 8.66 -6.73 29.98
N ARG A 228 8.53 -6.51 28.67
CA ARG A 228 7.43 -7.14 27.90
C ARG A 228 7.72 -8.62 27.68
N HIS A 229 8.98 -9.03 27.79
CA HIS A 229 9.33 -10.44 27.49
C HIS A 229 10.31 -10.98 28.53
N PHE A 230 11.54 -10.46 28.59
CA PHE A 230 12.52 -11.07 29.52
C PHE A 230 13.34 -10.02 30.23
N ASN A 231 14.06 -10.42 31.28
CA ASN A 231 14.85 -9.47 32.08
C ASN A 231 16.28 -9.99 32.24
N ASP A 232 17.22 -9.39 31.55
CA ASP A 232 18.63 -9.78 31.62
C ASP A 232 19.39 -8.74 32.43
N SER A 233 19.56 -9.02 33.73
CA SER A 233 20.35 -8.19 34.64
C SER A 233 19.92 -6.72 34.56
N GLY A 234 18.61 -6.49 34.46
CA GLY A 234 18.06 -5.17 34.42
C GLY A 234 17.70 -4.67 33.03
N ALA A 235 18.09 -5.38 31.98
CA ALA A 235 17.80 -4.98 30.61
C ALA A 235 16.62 -5.78 30.08
N CYS A 236 15.58 -5.07 29.64
CA CYS A 236 14.47 -5.75 29.00
C CYS A 236 14.88 -6.25 27.62
N VAL A 237 14.85 -7.56 27.44
CA VAL A 237 15.36 -8.16 26.22
C VAL A 237 14.32 -9.10 25.61
N PRO A 238 14.35 -9.30 24.30
CA PRO A 238 13.39 -10.25 23.69
C PRO A 238 13.73 -11.69 23.98
N ARG A 239 15.02 -12.03 23.94
CA ARG A 239 15.50 -13.37 24.26
C ARG A 239 16.72 -13.27 25.17
N CYS A 240 16.90 -14.29 26.00
CA CYS A 240 18.09 -14.37 26.84
C CYS A 240 19.33 -14.59 25.97
N PRO A 241 20.53 -14.33 26.52
CA PRO A 241 21.76 -14.61 25.76
C PRO A 241 21.82 -16.04 25.24
N GLN A 242 21.84 -16.18 23.92
CA GLN A 242 21.80 -17.48 23.27
C GLN A 242 23.10 -18.25 23.55
N PRO A 243 23.05 -19.59 23.52
CA PRO A 243 24.24 -20.36 23.90
C PRO A 243 25.33 -20.39 22.85
N LEU A 244 25.00 -20.15 21.59
CA LEU A 244 25.98 -20.09 20.51
C LEU A 244 25.96 -18.71 19.87
N VAL A 245 27.12 -18.28 19.38
CA VAL A 245 27.28 -16.96 18.78
C VAL A 245 28.20 -17.09 17.59
N TYR A 246 27.94 -16.32 16.54
CA TYR A 246 28.70 -16.40 15.29
C TYR A 246 30.02 -15.65 15.44
N ASN A 247 31.12 -16.39 15.43
CA ASN A 247 32.45 -15.82 15.30
C ASN A 247 32.76 -15.60 13.82
N LYS A 248 33.15 -14.36 13.50
CA LYS A 248 33.46 -13.97 12.13
C LYS A 248 34.87 -14.36 11.72
N LEU A 249 35.78 -14.50 12.69
CA LEU A 249 37.15 -14.92 12.41
C LEU A 249 37.25 -16.41 12.15
N THR A 250 36.32 -17.20 12.68
CA THR A 250 36.24 -18.62 12.39
C THR A 250 35.07 -18.96 11.48
N PHE A 251 34.21 -17.98 11.17
CA PHE A 251 33.08 -18.16 10.27
C PHE A 251 32.14 -19.27 10.76
N GLN A 252 31.86 -19.28 12.07
CA GLN A 252 31.11 -20.41 12.61
C GLN A 252 30.55 -20.04 13.97
N LEU A 253 29.58 -20.84 14.41
CA LEU A 253 29.01 -20.67 15.74
C LEU A 253 29.92 -21.31 16.78
N GLU A 254 30.25 -20.56 17.81
CA GLU A 254 31.07 -20.98 18.93
C GLU A 254 30.31 -20.69 20.22
N PRO A 255 30.67 -21.36 21.32
CA PRO A 255 29.94 -21.14 22.57
C PRO A 255 29.99 -19.68 23.00
N ASN A 256 28.84 -19.19 23.47
CA ASN A 256 28.75 -17.83 23.98
C ASN A 256 29.37 -17.77 25.38
N PRO A 257 30.29 -16.83 25.63
CA PRO A 257 30.84 -16.66 26.98
C PRO A 257 29.77 -16.52 28.04
N HIS A 258 28.99 -15.44 27.98
CA HIS A 258 27.98 -15.16 29.01
C HIS A 258 26.60 -15.63 28.57
N THR A 259 26.51 -16.91 28.24
CA THR A 259 25.21 -17.51 27.96
C THR A 259 24.35 -17.52 29.23
N LYS A 260 23.05 -17.35 29.05
CA LYS A 260 22.12 -17.30 30.17
C LYS A 260 20.88 -18.10 29.82
N TYR A 261 20.20 -18.60 30.85
CA TYR A 261 19.06 -19.50 30.70
C TYR A 261 17.80 -18.84 31.23
N GLN A 262 16.65 -19.37 30.80
CA GLN A 262 15.35 -18.76 31.03
C GLN A 262 14.72 -19.31 32.30
N TYR A 263 14.70 -18.48 33.35
CA TYR A 263 13.96 -18.85 34.59
C TYR A 263 12.65 -18.07 34.48
N GLY A 264 11.76 -18.53 33.62
CA GLY A 264 10.48 -17.83 33.40
C GLY A 264 10.70 -16.61 32.55
N GLY A 265 11.06 -15.50 33.18
CA GLY A 265 11.30 -14.24 32.45
C GLY A 265 12.62 -13.65 32.88
N VAL A 266 13.21 -14.22 33.92
CA VAL A 266 14.55 -13.74 34.37
C VAL A 266 15.64 -14.56 33.68
N CYS A 267 16.57 -13.90 32.99
CA CYS A 267 17.72 -14.57 32.39
C CYS A 267 18.79 -14.72 33.45
N VAL A 268 19.17 -15.96 33.76
CA VAL A 268 20.08 -16.23 34.87
C VAL A 268 21.33 -16.91 34.36
N ALA A 269 22.43 -16.74 35.09
CA ALA A 269 23.66 -17.44 34.79
C ALA A 269 23.60 -18.89 35.29
N SER A 270 23.39 -19.06 36.59
CA SER A 270 23.15 -20.37 37.18
C SER A 270 21.67 -20.50 37.50
N CYS A 271 21.04 -21.57 37.01
CA CYS A 271 19.62 -21.82 37.25
C CYS A 271 19.32 -21.75 38.73
N PRO A 272 18.12 -21.32 39.13
CA PRO A 272 17.81 -21.19 40.56
C PRO A 272 17.90 -22.52 41.32
N HIS A 273 17.66 -22.45 42.62
CA HIS A 273 17.85 -23.61 43.50
C HIS A 273 17.03 -24.80 43.04
N ASN A 274 17.70 -25.96 42.92
CA ASN A 274 17.05 -27.24 42.61
C ASN A 274 16.44 -27.23 41.20
N PHE A 275 17.26 -26.86 40.22
CA PHE A 275 16.80 -26.76 38.85
C PHE A 275 17.84 -27.33 37.90
N VAL A 276 17.40 -27.66 36.70
CA VAL A 276 18.26 -28.19 35.65
C VAL A 276 17.91 -27.50 34.34
N VAL A 277 18.86 -27.51 33.42
CA VAL A 277 18.69 -26.89 32.11
C VAL A 277 18.21 -27.95 31.12
N ASP A 278 17.21 -27.60 30.32
CA ASP A 278 16.77 -28.48 29.22
C ASP A 278 17.55 -28.14 27.96
N GLN A 279 17.28 -26.96 27.38
CA GLN A 279 18.03 -26.47 26.24
C GLN A 279 18.45 -25.03 26.49
N THR A 280 17.46 -24.13 26.57
CA THR A 280 17.69 -22.74 26.92
C THR A 280 17.03 -22.33 28.24
N SER A 281 16.17 -23.17 28.80
CA SER A 281 15.32 -22.78 29.91
C SER A 281 15.60 -23.64 31.14
N CYS A 282 15.41 -23.03 32.32
CA CYS A 282 15.57 -23.74 33.58
C CYS A 282 14.31 -24.56 33.87
N VAL A 283 14.50 -25.84 34.20
CA VAL A 283 13.39 -26.73 34.54
C VAL A 283 13.75 -27.46 35.84
N ARG A 284 12.71 -28.03 36.46
CA ARG A 284 12.90 -28.70 37.74
C ARG A 284 13.42 -30.12 37.56
N ALA A 285 12.96 -30.82 36.53
CA ALA A 285 13.42 -32.17 36.24
C ALA A 285 13.64 -32.31 34.75
N CYS A 286 14.54 -33.23 34.38
CA CYS A 286 14.81 -33.46 32.97
C CYS A 286 13.58 -34.06 32.29
N PRO A 287 13.40 -33.79 31.00
CA PRO A 287 12.29 -34.41 30.23
C PRO A 287 12.47 -35.92 30.14
N PRO A 288 11.52 -36.67 29.54
CA PRO A 288 11.61 -38.14 29.62
C PRO A 288 12.82 -38.73 28.91
N ASP A 289 13.09 -38.31 27.67
CA ASP A 289 14.20 -38.84 26.89
C ASP A 289 15.49 -38.04 27.09
N LYS A 290 15.68 -37.46 28.27
CA LYS A 290 16.91 -36.74 28.56
C LYS A 290 17.38 -37.09 29.97
N MET A 291 18.66 -36.85 30.22
CA MET A 291 19.31 -37.26 31.46
C MET A 291 20.22 -36.15 31.95
N GLU A 292 20.43 -36.13 33.27
CA GLU A 292 21.23 -35.10 33.91
C GLU A 292 22.72 -35.41 33.79
N VAL A 293 23.50 -34.38 33.48
CA VAL A 293 24.96 -34.45 33.42
C VAL A 293 25.52 -33.25 34.17
N ASP A 294 26.61 -33.48 34.91
CA ASP A 294 27.16 -32.47 35.81
C ASP A 294 27.57 -31.21 35.04
N LYS A 295 28.45 -31.35 34.05
CA LYS A 295 28.84 -30.27 33.16
C LYS A 295 29.38 -29.06 33.94
N ASN A 296 30.35 -29.33 34.81
CA ASN A 296 31.02 -28.28 35.56
C ASN A 296 30.11 -27.51 36.49
N GLY A 297 29.33 -28.23 37.30
CA GLY A 297 28.40 -27.61 38.21
C GLY A 297 27.12 -27.10 37.57
N LEU A 298 27.05 -27.05 36.24
CA LEU A 298 25.86 -26.58 35.54
C LEU A 298 25.10 -27.79 35.04
N LYS A 299 24.02 -28.14 35.74
CA LYS A 299 23.27 -29.36 35.52
C LYS A 299 22.57 -29.29 34.16
N MET A 300 22.91 -30.21 33.24
CA MET A 300 22.37 -30.17 31.89
C MET A 300 21.56 -31.42 31.59
N CYS A 301 20.42 -31.23 30.92
CA CYS A 301 19.61 -32.35 30.43
C CYS A 301 20.05 -32.64 29.00
N GLU A 302 20.94 -33.60 28.84
CA GLU A 302 21.44 -34.02 27.54
C GLU A 302 20.70 -35.27 27.05
N PRO A 303 20.60 -35.50 25.74
CA PRO A 303 19.78 -36.62 25.25
C PRO A 303 20.20 -37.96 25.84
N CYS A 304 19.21 -38.80 26.14
CA CYS A 304 19.50 -40.11 26.78
C CYS A 304 19.99 -41.08 25.71
N GLY A 305 19.82 -40.74 24.44
CA GLY A 305 20.33 -41.61 23.37
C GLY A 305 19.65 -42.96 23.37
N GLY A 306 18.33 -42.96 23.17
CA GLY A 306 17.56 -44.22 23.10
C GLY A 306 17.14 -44.70 24.47
N LEU A 307 18.08 -45.15 25.30
CA LEU A 307 17.69 -45.75 26.61
C LEU A 307 18.31 -44.93 27.74
N CYS A 308 17.47 -44.58 28.72
CA CYS A 308 17.95 -43.75 29.86
C CYS A 308 18.59 -44.69 30.89
N PRO A 309 19.80 -44.38 31.39
CA PRO A 309 20.45 -45.23 32.40
C PRO A 309 19.49 -45.58 33.54
N LYS A 310 19.56 -46.84 33.96
CA LYS A 310 18.70 -47.35 35.02
C LYS A 310 19.50 -48.40 35.78
N ALA A 311 20.13 -47.99 36.88
CA ALA A 311 20.86 -48.93 37.70
C ALA A 311 19.88 -49.80 38.49
N CYS A 312 20.32 -51.01 38.81
CA CYS A 312 19.47 -51.99 39.48
C CYS A 312 20.35 -52.82 40.41
N GLU A 313 19.81 -53.21 41.56
CA GLU A 313 20.58 -54.04 42.48
C GLU A 313 20.82 -55.42 41.89
N GLY A 314 21.94 -56.03 42.29
CA GLY A 314 22.37 -57.30 41.73
C GLY A 314 21.97 -58.50 42.57
N THR A 315 22.41 -59.67 42.12
CA THR A 315 22.21 -60.93 42.81
C THR A 315 23.49 -61.32 43.55
N GLY A 316 23.41 -62.42 44.29
CA GLY A 316 24.58 -62.97 44.95
C GLY A 316 24.77 -62.46 46.36
N SER A 317 25.99 -62.64 46.86
CA SER A 317 26.33 -62.21 48.21
C SER A 317 26.11 -60.71 48.36
N GLY A 318 25.49 -60.32 49.46
CA GLY A 318 25.05 -58.95 49.65
C GLY A 318 23.72 -58.63 49.02
N SER A 319 23.00 -59.64 48.52
CA SER A 319 21.69 -59.45 47.92
C SER A 319 20.75 -60.53 48.42
N ARG A 320 19.47 -60.35 48.13
CA ARG A 320 18.40 -61.21 48.63
C ARG A 320 18.11 -62.35 47.68
N PHE A 321 18.87 -62.44 46.59
CA PHE A 321 18.62 -63.38 45.51
C PHE A 321 19.88 -64.23 45.36
N GLN A 322 19.72 -65.55 45.45
CA GLN A 322 20.86 -66.44 45.26
C GLN A 322 21.14 -66.70 43.78
N THR A 323 20.23 -66.31 42.89
CA THR A 323 20.39 -66.49 41.45
C THR A 323 19.30 -65.68 40.77
N VAL A 324 19.40 -65.60 39.45
CA VAL A 324 18.31 -65.07 38.64
C VAL A 324 17.29 -66.18 38.41
N ASP A 325 16.04 -65.93 38.79
CA ASP A 325 15.00 -66.93 38.62
C ASP A 325 13.76 -66.32 37.98
N SER A 326 12.66 -67.07 37.94
CA SER A 326 11.43 -66.60 37.33
C SER A 326 10.79 -65.46 38.10
N SER A 327 11.24 -65.18 39.32
CA SER A 327 10.74 -64.07 40.11
C SER A 327 11.69 -62.87 40.10
N ASN A 328 12.80 -62.96 39.37
CA ASN A 328 13.82 -61.91 39.32
C ASN A 328 13.86 -61.17 38.00
N ILE A 329 13.73 -61.89 36.89
CA ILE A 329 13.87 -61.31 35.56
C ILE A 329 13.05 -60.02 35.44
N ASP A 330 11.81 -60.06 35.94
CA ASP A 330 10.93 -58.90 35.88
C ASP A 330 11.55 -57.66 36.49
N GLY A 331 12.54 -57.81 37.38
CA GLY A 331 13.16 -56.68 38.03
C GLY A 331 14.45 -56.21 37.38
N PHE A 332 14.69 -56.63 36.14
CA PHE A 332 15.90 -56.26 35.41
C PHE A 332 15.61 -55.54 34.11
N VAL A 333 14.36 -55.16 33.85
CA VAL A 333 14.00 -54.56 32.57
C VAL A 333 14.64 -53.19 32.46
N ASN A 334 15.21 -52.90 31.29
CA ASN A 334 15.79 -51.60 30.94
C ASN A 334 16.95 -51.21 31.87
N CYS A 335 17.57 -52.17 32.55
CA CYS A 335 18.71 -51.85 33.40
C CYS A 335 19.95 -51.68 32.54
N THR A 336 20.69 -50.60 32.79
CA THR A 336 21.98 -50.37 32.13
C THR A 336 23.17 -50.77 32.99
N LYS A 337 23.11 -50.51 34.30
CA LYS A 337 24.10 -50.95 35.26
C LYS A 337 23.52 -52.07 36.13
N ILE A 338 24.34 -52.66 36.99
CA ILE A 338 23.91 -53.82 37.75
C ILE A 338 24.21 -53.66 39.24
N LEU A 339 25.09 -52.73 39.59
CA LEU A 339 25.37 -52.40 41.00
C LEU A 339 25.54 -53.66 41.85
N GLY A 340 26.39 -54.56 41.39
CA GLY A 340 26.55 -55.82 42.07
C GLY A 340 26.91 -56.90 41.05
N ASN A 341 26.28 -58.06 41.20
CA ASN A 341 26.64 -59.25 40.45
C ASN A 341 25.41 -59.81 39.75
N LEU A 342 25.66 -60.79 38.87
CA LEU A 342 24.61 -61.54 38.20
C LEU A 342 24.98 -63.01 38.27
N ASP A 343 24.12 -63.80 38.91
CA ASP A 343 24.31 -65.24 39.06
C ASP A 343 23.23 -65.98 38.29
N PHE A 344 23.63 -67.02 37.58
CA PHE A 344 22.71 -67.89 36.84
C PHE A 344 23.00 -69.32 37.25
N LEU A 345 22.22 -69.84 38.19
CA LEU A 345 22.41 -71.18 38.72
C LEU A 345 21.32 -72.11 38.18
N ILE A 346 21.62 -73.41 38.20
CA ILE A 346 20.69 -74.40 37.67
C ILE A 346 19.37 -74.35 38.42
N THR A 347 19.40 -74.01 39.71
CA THR A 347 18.16 -73.92 40.48
C THR A 347 17.28 -72.78 39.98
N GLY A 348 17.89 -71.67 39.59
CA GLY A 348 17.12 -70.56 39.05
C GLY A 348 16.64 -70.80 37.63
N LEU A 349 17.49 -71.45 36.83
CA LEU A 349 17.14 -71.71 35.44
C LEU A 349 16.04 -72.76 35.33
N ASN A 350 16.21 -73.88 36.03
CA ASN A 350 15.27 -75.00 35.95
C ASN A 350 14.20 -74.97 37.04
N GLY A 351 14.14 -73.92 37.84
CA GLY A 351 13.18 -73.83 38.91
C GLY A 351 13.63 -74.58 40.15
N ASP A 352 12.86 -74.39 41.23
CA ASP A 352 13.18 -74.95 42.54
C ASP A 352 11.91 -75.53 43.14
N PRO A 353 11.68 -76.83 43.00
CA PRO A 353 10.41 -77.42 43.50
C PRO A 353 10.31 -77.42 45.01
N TRP A 354 11.38 -77.08 45.73
CA TRP A 354 11.36 -77.04 47.19
C TRP A 354 10.98 -75.67 47.72
N HIS A 355 11.26 -74.62 46.95
CA HIS A 355 10.66 -73.31 47.16
C HIS A 355 9.44 -73.11 46.28
N LYS A 356 9.16 -74.07 45.38
CA LYS A 356 8.07 -73.98 44.41
C LYS A 356 8.17 -72.72 43.57
N ILE A 357 9.39 -72.40 43.15
CA ILE A 357 9.62 -71.39 42.12
C ILE A 357 9.56 -72.10 40.77
N PRO A 358 8.78 -71.62 39.81
CA PRO A 358 8.73 -72.25 38.49
C PRO A 358 10.02 -72.01 37.72
N ALA A 359 10.16 -72.76 36.63
CA ALA A 359 11.32 -72.58 35.76
C ALA A 359 11.22 -71.26 35.00
N LEU A 360 12.35 -70.82 34.47
CA LEU A 360 12.46 -69.51 33.84
C LEU A 360 12.24 -69.62 32.34
N ASP A 361 11.44 -68.71 31.80
CA ASP A 361 11.17 -68.66 30.36
C ASP A 361 12.39 -68.09 29.64
N PRO A 362 13.12 -68.89 28.86
CA PRO A 362 14.39 -68.43 28.29
C PRO A 362 14.32 -67.10 27.55
N GLU A 363 13.21 -66.81 26.88
CA GLU A 363 13.08 -65.53 26.18
C GLU A 363 13.34 -64.36 27.12
N LYS A 364 12.86 -64.46 28.36
CA LYS A 364 13.01 -63.38 29.32
C LYS A 364 14.47 -63.05 29.61
N LEU A 365 15.39 -63.98 29.36
CA LEU A 365 16.81 -63.66 29.53
C LEU A 365 17.21 -62.44 28.70
N ASN A 366 16.56 -62.23 27.55
CA ASN A 366 16.85 -61.09 26.69
C ASN A 366 16.75 -59.76 27.43
N VAL A 367 16.15 -59.78 28.62
CA VAL A 367 16.11 -58.58 29.47
C VAL A 367 17.49 -57.98 29.66
N PHE A 368 18.54 -58.80 29.62
CA PHE A 368 19.88 -58.31 29.89
C PHE A 368 20.55 -57.68 28.68
N ARG A 369 19.87 -57.61 27.53
CA ARG A 369 20.49 -57.00 26.35
C ARG A 369 20.77 -55.52 26.54
N THR A 370 20.19 -54.88 27.56
CA THR A 370 20.47 -53.49 27.85
C THR A 370 21.65 -53.30 28.80
N VAL A 371 22.07 -54.35 29.49
CA VAL A 371 23.10 -54.24 30.52
C VAL A 371 24.43 -53.87 29.86
N ARG A 372 24.95 -52.69 30.20
CA ARG A 372 26.22 -52.21 29.68
C ARG A 372 27.38 -52.44 30.64
N GLU A 373 27.12 -52.45 31.94
CA GLU A 373 28.16 -52.57 32.95
C GLU A 373 27.67 -53.44 34.10
N ILE A 374 28.53 -54.36 34.54
CA ILE A 374 28.30 -55.14 35.75
C ILE A 374 29.35 -54.73 36.76
N THR A 375 28.91 -54.32 37.94
CA THR A 375 29.81 -53.76 38.94
C THR A 375 30.68 -54.83 39.57
N GLY A 376 30.12 -55.99 39.87
CA GLY A 376 30.86 -57.04 40.51
C GLY A 376 31.24 -58.16 39.56
N TYR A 377 30.73 -59.36 39.81
CA TYR A 377 31.11 -60.53 39.03
C TYR A 377 29.93 -61.01 38.18
N LEU A 378 30.28 -61.81 37.18
CA LEU A 378 29.33 -62.54 36.36
C LEU A 378 29.58 -64.02 36.59
N ASN A 379 28.55 -64.73 37.06
CA ASN A 379 28.65 -66.14 37.41
C ASN A 379 27.60 -66.89 36.60
N ILE A 380 28.03 -67.73 35.67
CA ILE A 380 27.15 -68.46 34.78
C ILE A 380 27.50 -69.94 34.91
N GLN A 381 26.65 -70.68 35.63
CA GLN A 381 26.81 -72.11 35.80
C GLN A 381 25.71 -72.91 35.13
N SER A 382 24.62 -72.27 34.72
CA SER A 382 23.57 -72.90 33.94
C SER A 382 23.04 -71.89 32.94
N TRP A 383 22.70 -72.38 31.75
CA TRP A 383 22.24 -71.56 30.65
C TRP A 383 21.26 -72.39 29.84
N PRO A 384 20.26 -71.77 29.21
CA PRO A 384 19.33 -72.51 28.37
C PRO A 384 20.08 -73.33 27.32
N PRO A 385 19.63 -74.56 27.06
CA PRO A 385 20.42 -75.45 26.21
C PRO A 385 20.43 -75.05 24.74
N HIS A 386 19.35 -74.46 24.23
CA HIS A 386 19.35 -74.07 22.82
C HIS A 386 20.19 -72.82 22.58
N MET A 387 20.34 -71.96 23.59
CA MET A 387 21.13 -70.74 23.44
C MET A 387 22.61 -71.10 23.44
N HIS A 388 23.24 -71.02 22.28
CA HIS A 388 24.62 -71.45 22.10
C HIS A 388 25.64 -70.35 22.38
N ASN A 389 25.16 -69.19 22.80
CA ASN A 389 26.09 -68.09 23.13
C ASN A 389 25.49 -67.18 24.19
N PHE A 390 26.35 -66.46 24.90
CA PHE A 390 25.88 -65.45 25.83
C PHE A 390 25.66 -64.12 25.12
N SER A 391 25.00 -64.20 23.96
CA SER A 391 24.70 -63.00 23.17
C SER A 391 23.73 -62.07 23.90
N VAL A 392 22.99 -62.57 24.88
CA VAL A 392 22.11 -61.71 25.66
C VAL A 392 22.90 -60.63 26.38
N PHE A 393 24.17 -60.90 26.71
CA PHE A 393 25.06 -59.90 27.25
C PHE A 393 25.93 -59.25 26.17
N SER A 394 25.43 -59.20 24.93
CA SER A 394 26.21 -58.62 23.84
C SER A 394 26.61 -57.19 24.14
N ASN A 395 25.72 -56.44 24.80
CA ASN A 395 26.00 -55.00 25.03
C ASN A 395 26.76 -54.77 26.32
N LEU A 396 27.16 -55.84 27.01
CA LEU A 396 27.96 -55.68 28.22
C LEU A 396 29.39 -55.29 27.86
N THR A 397 29.88 -54.22 28.50
CA THR A 397 31.18 -53.65 28.16
C THR A 397 32.19 -53.67 29.28
N THR A 398 31.76 -53.87 30.53
CA THR A 398 32.66 -53.71 31.66
C THR A 398 32.21 -54.59 32.82
N ILE A 399 33.14 -55.37 33.37
CA ILE A 399 32.90 -56.16 34.57
C ILE A 399 33.82 -55.61 35.65
N GLY A 400 33.24 -54.93 36.63
CA GLY A 400 34.05 -54.23 37.60
C GLY A 400 34.81 -55.15 38.54
N GLY A 401 34.12 -56.14 39.09
CA GLY A 401 34.75 -57.01 40.06
C GLY A 401 34.98 -56.36 41.41
N ARG A 402 34.12 -55.41 41.79
CA ARG A 402 34.16 -54.87 43.15
C ARG A 402 33.84 -55.96 44.16
N SER A 403 32.76 -56.69 43.92
CA SER A 403 32.47 -57.94 44.60
C SER A 403 32.89 -59.10 43.69
N LEU A 404 33.36 -60.17 44.32
CA LEU A 404 33.94 -61.30 43.60
C LEU A 404 33.28 -62.59 44.08
N TYR A 405 33.48 -63.66 43.31
CA TYR A 405 32.81 -64.93 43.54
C TYR A 405 33.85 -66.01 43.80
N ASN A 406 33.64 -66.79 44.86
CA ASN A 406 34.47 -67.95 45.20
C ASN A 406 35.91 -67.48 45.40
N ARG A 407 36.88 -68.05 44.71
CA ARG A 407 38.30 -67.70 44.86
C ARG A 407 38.59 -66.43 44.05
N GLY A 408 37.96 -65.34 44.49
CA GLY A 408 38.15 -64.04 43.87
C GLY A 408 37.95 -64.01 42.36
N PHE A 409 36.80 -64.49 41.90
CA PHE A 409 36.48 -64.53 40.48
C PHE A 409 35.58 -63.37 40.12
N SER A 410 35.93 -62.67 39.04
CA SER A 410 35.07 -61.64 38.47
C SER A 410 34.24 -62.16 37.30
N LEU A 411 34.74 -63.16 36.58
CA LEU A 411 33.99 -63.80 35.50
C LEU A 411 34.16 -65.30 35.63
N LEU A 412 33.03 -66.00 35.72
CA LEU A 412 33.01 -67.44 35.94
C LEU A 412 32.03 -68.04 34.93
N ILE A 413 32.52 -68.89 34.03
CA ILE A 413 31.68 -69.60 33.08
C ILE A 413 31.97 -71.09 33.25
N MET A 414 30.98 -71.85 33.72
CA MET A 414 31.28 -73.19 34.20
C MET A 414 30.11 -74.14 33.91
N LYS A 415 30.44 -75.32 33.37
CA LYS A 415 29.50 -76.44 33.21
C LYS A 415 28.40 -76.15 32.19
N ASN A 416 28.65 -75.28 31.22
CA ASN A 416 27.65 -74.95 30.20
C ASN A 416 28.01 -75.72 28.94
N LEU A 417 27.28 -76.81 28.69
CA LEU A 417 27.67 -77.79 27.68
C LEU A 417 27.05 -77.55 26.32
N ASN A 418 26.16 -76.57 26.19
CA ASN A 418 25.54 -76.27 24.91
C ASN A 418 25.92 -74.90 24.37
N VAL A 419 26.83 -74.20 25.04
CA VAL A 419 27.39 -72.97 24.49
C VAL A 419 28.58 -73.35 23.62
N THR A 420 28.68 -72.68 22.46
CA THR A 420 29.79 -72.90 21.55
C THR A 420 30.64 -71.65 21.35
N SER A 421 30.29 -70.56 22.01
CA SER A 421 30.98 -69.28 21.90
C SER A 421 30.44 -68.36 22.98
N LEU A 422 31.32 -67.53 23.54
CA LEU A 422 30.90 -66.62 24.61
C LEU A 422 29.88 -65.61 24.08
N GLY A 423 30.30 -64.78 23.15
CA GLY A 423 29.41 -63.78 22.58
C GLY A 423 29.44 -62.43 23.26
N PHE A 424 30.42 -62.18 24.13
CA PHE A 424 30.58 -60.88 24.80
C PHE A 424 31.21 -59.90 23.82
N ARG A 425 30.44 -59.55 22.78
CA ARG A 425 31.02 -58.80 21.67
C ARG A 425 31.46 -57.40 22.09
N SER A 426 30.84 -56.84 23.13
CA SER A 426 31.17 -55.48 23.56
C SER A 426 32.05 -55.45 24.80
N LEU A 427 32.38 -56.60 25.38
CA LEU A 427 33.21 -56.61 26.58
C LEU A 427 34.61 -56.10 26.25
N LYS A 428 35.08 -55.12 27.03
CA LYS A 428 36.37 -54.52 26.81
C LYS A 428 37.18 -54.32 28.08
N GLU A 429 36.62 -54.60 29.26
CA GLU A 429 37.33 -54.31 30.51
C GLU A 429 36.74 -55.16 31.62
N ILE A 430 37.56 -56.04 32.20
CA ILE A 430 37.27 -56.66 33.48
C ILE A 430 38.20 -55.99 34.49
N SER A 431 37.64 -55.06 35.27
CA SER A 431 38.46 -54.12 36.02
C SER A 431 39.29 -54.80 37.10
N ALA A 432 38.79 -55.87 37.71
CA ALA A 432 39.51 -56.56 38.77
C ALA A 432 38.93 -57.95 38.93
N GLY A 433 39.76 -58.87 39.37
CA GLY A 433 39.35 -60.23 39.67
C GLY A 433 40.01 -61.24 38.75
N ARG A 434 39.63 -62.50 38.95
CA ARG A 434 40.14 -63.61 38.18
C ARG A 434 39.07 -64.14 37.24
N ILE A 435 39.51 -64.74 36.13
CA ILE A 435 38.63 -65.29 35.11
C ILE A 435 38.72 -66.81 35.18
N TYR A 436 37.57 -67.46 35.11
CA TYR A 436 37.49 -68.92 35.14
C TYR A 436 36.51 -69.38 34.08
N ILE A 437 37.01 -70.10 33.08
CA ILE A 437 36.20 -70.61 31.98
C ILE A 437 36.56 -72.08 31.82
N SER A 438 35.65 -72.95 32.23
CA SER A 438 35.99 -74.36 32.30
C SER A 438 34.74 -75.21 32.21
N ALA A 439 34.91 -76.40 31.62
CA ALA A 439 33.89 -77.43 31.49
C ALA A 439 32.80 -77.09 30.47
N ASN A 440 33.05 -76.11 29.59
CA ASN A 440 32.12 -75.80 28.52
C ASN A 440 32.57 -76.57 27.28
N ARG A 441 32.15 -77.84 27.23
CA ARG A 441 32.73 -78.81 26.31
C ARG A 441 32.57 -78.39 24.85
N GLN A 442 31.49 -77.70 24.51
CA GLN A 442 31.24 -77.32 23.12
C GLN A 442 31.75 -75.93 22.79
N LEU A 443 32.43 -75.26 23.72
CA LEU A 443 32.79 -73.85 23.56
C LEU A 443 34.09 -73.69 22.78
N CYS A 444 34.06 -72.82 21.77
CA CYS A 444 35.26 -72.48 21.00
C CYS A 444 35.43 -70.97 20.94
N TYR A 445 36.39 -70.51 20.12
CA TYR A 445 36.69 -69.12 19.78
C TYR A 445 37.40 -68.38 20.91
N HIS A 446 37.48 -68.93 22.12
CA HIS A 446 38.13 -68.28 23.25
C HIS A 446 39.62 -68.58 23.33
N HIS A 447 40.14 -69.46 22.47
CA HIS A 447 41.54 -69.87 22.58
C HIS A 447 42.48 -68.71 22.24
N SER A 448 42.13 -67.92 21.22
CA SER A 448 43.00 -66.86 20.73
C SER A 448 42.81 -65.54 21.46
N LEU A 449 41.88 -65.46 22.40
CA LEU A 449 41.54 -64.17 23.01
C LEU A 449 42.73 -63.62 23.80
N ASN A 450 43.09 -62.37 23.51
CA ASN A 450 44.15 -61.66 24.23
C ASN A 450 43.53 -61.03 25.46
N TRP A 451 43.41 -61.84 26.52
CA TRP A 451 42.80 -61.36 27.76
C TRP A 451 43.58 -60.21 28.39
N THR A 452 44.84 -60.00 27.99
CA THR A 452 45.59 -58.85 28.48
C THR A 452 44.92 -57.55 28.08
N LYS A 453 44.24 -57.52 26.93
CA LYS A 453 43.52 -56.32 26.52
C LYS A 453 42.29 -56.08 27.36
N VAL A 454 41.66 -57.13 27.89
CA VAL A 454 40.40 -57.03 28.59
C VAL A 454 40.60 -56.98 30.11
N LEU A 455 41.41 -57.90 30.64
CA LEU A 455 41.59 -58.00 32.08
C LEU A 455 42.57 -56.92 32.56
N ARG A 456 42.10 -56.02 33.42
CA ARG A 456 42.94 -54.95 33.92
C ARG A 456 43.88 -55.51 34.99
N GLY A 457 45.17 -55.46 34.71
CA GLY A 457 46.16 -56.00 35.62
C GLY A 457 46.96 -57.12 34.98
N PRO A 458 48.02 -57.55 35.67
CA PRO A 458 48.90 -58.57 35.10
C PRO A 458 48.19 -59.91 34.98
N THR A 459 48.33 -60.53 33.80
CA THR A 459 47.70 -61.82 33.51
C THR A 459 48.73 -62.90 33.89
N GLU A 460 48.68 -63.22 35.19
CA GLU A 460 49.58 -64.27 35.72
C GLU A 460 48.82 -64.94 36.87
N GLU A 461 48.48 -66.22 36.70
CA GLU A 461 47.74 -66.97 37.77
C GLU A 461 46.42 -66.27 38.05
N ARG A 462 45.85 -65.59 37.05
CA ARG A 462 44.54 -64.93 37.23
C ARG A 462 43.60 -65.44 36.13
N LEU A 463 44.08 -66.36 35.29
CA LEU A 463 43.27 -66.92 34.22
C LEU A 463 43.23 -68.42 34.39
N ASP A 464 42.04 -68.98 34.59
CA ASP A 464 41.83 -70.40 34.79
C ASP A 464 40.88 -70.86 33.69
N ILE A 465 41.42 -71.15 32.52
CA ILE A 465 40.64 -71.56 31.36
C ILE A 465 41.10 -72.95 30.97
N LYS A 466 40.21 -73.94 31.13
CA LYS A 466 40.61 -75.32 30.86
C LYS A 466 39.37 -76.16 30.60
N HIS A 467 39.59 -77.28 29.90
CA HIS A 467 38.55 -78.29 29.67
C HIS A 467 37.33 -77.71 28.95
N ASN A 468 37.58 -76.86 27.98
CA ASN A 468 36.61 -76.50 26.96
C ASN A 468 37.04 -77.17 25.66
N ARG A 469 36.16 -77.10 24.63
CA ARG A 469 36.39 -77.79 23.37
C ARG A 469 37.84 -77.62 22.94
N PRO A 470 38.63 -78.70 22.92
CA PRO A 470 40.06 -78.59 22.65
C PRO A 470 40.32 -77.84 21.35
N ARG A 471 41.39 -77.03 21.36
CA ARG A 471 41.63 -76.09 20.28
C ARG A 471 41.80 -76.81 18.94
N ARG A 472 42.42 -78.00 18.96
CA ARG A 472 42.61 -78.74 17.71
C ARG A 472 41.27 -79.06 17.04
N ASP A 473 40.28 -79.45 17.83
CA ASP A 473 38.98 -79.80 17.26
C ASP A 473 38.23 -78.56 16.76
N CYS A 474 38.30 -77.46 17.50
CA CYS A 474 37.71 -76.22 17.02
C CYS A 474 38.34 -75.79 15.70
N VAL A 475 39.67 -75.87 15.61
CA VAL A 475 40.38 -75.47 14.40
C VAL A 475 39.97 -76.36 13.22
N ALA A 476 40.06 -77.68 13.41
CA ALA A 476 39.68 -78.61 12.34
C ALA A 476 38.24 -78.39 11.90
N GLU A 477 37.33 -78.24 12.85
CA GLU A 477 35.93 -78.00 12.51
C GLU A 477 35.70 -76.59 11.94
N GLY A 478 36.67 -75.70 12.11
CA GLY A 478 36.62 -74.38 11.50
C GLY A 478 36.04 -73.27 12.35
N LYS A 479 35.88 -73.49 13.64
CA LYS A 479 35.43 -72.45 14.56
C LYS A 479 36.65 -71.64 14.97
N VAL A 480 37.00 -70.65 14.15
CA VAL A 480 38.12 -69.76 14.42
C VAL A 480 37.68 -68.32 14.12
N CYS A 481 38.48 -67.38 14.60
CA CYS A 481 38.16 -65.97 14.42
C CYS A 481 38.16 -65.61 12.94
N ASP A 482 37.27 -64.68 12.58
CA ASP A 482 37.12 -64.26 11.20
C ASP A 482 38.42 -63.64 10.70
N PRO A 483 38.77 -63.83 9.42
CA PRO A 483 40.00 -63.23 8.88
C PRO A 483 40.14 -61.74 9.15
N LEU A 484 39.04 -61.00 9.21
CA LEU A 484 39.10 -59.56 9.45
C LEU A 484 39.29 -59.20 10.92
N CYS A 485 39.32 -60.18 11.82
CA CYS A 485 39.70 -59.91 13.20
C CYS A 485 41.22 -59.78 13.30
N SER A 486 41.67 -59.15 14.38
CA SER A 486 43.09 -58.96 14.62
C SER A 486 43.65 -60.13 15.44
N SER A 487 44.88 -59.98 15.93
CA SER A 487 45.46 -61.00 16.79
C SER A 487 44.83 -61.05 18.17
N GLY A 488 44.04 -60.04 18.54
CA GLY A 488 43.38 -60.02 19.83
C GLY A 488 42.29 -61.06 20.00
N GLY A 489 41.88 -61.73 18.94
CA GLY A 489 40.90 -62.79 19.03
C GLY A 489 39.48 -62.30 18.80
N CYS A 490 38.53 -63.10 19.28
CA CYS A 490 37.13 -62.83 19.05
C CYS A 490 36.30 -63.53 20.12
N TRP A 491 35.04 -63.09 20.22
CA TRP A 491 34.05 -63.72 21.09
C TRP A 491 33.15 -64.68 20.33
N GLY A 492 33.57 -65.14 19.17
CA GLY A 492 32.76 -66.00 18.35
C GLY A 492 32.99 -65.76 16.87
N PRO A 493 32.11 -66.31 16.04
CA PRO A 493 32.33 -66.23 14.59
C PRO A 493 31.89 -64.90 14.01
N GLY A 494 32.52 -64.55 12.88
CA GLY A 494 32.12 -63.40 12.11
C GLY A 494 32.95 -62.16 12.37
N PRO A 495 32.70 -61.10 11.60
CA PRO A 495 33.41 -59.84 11.83
C PRO A 495 32.85 -59.00 12.96
N GLY A 496 31.63 -59.28 13.41
CA GLY A 496 31.06 -58.50 14.51
C GLY A 496 31.65 -58.87 15.86
N GLN A 497 32.13 -60.11 16.00
CA GLN A 497 32.59 -60.61 17.29
C GLN A 497 34.06 -60.32 17.57
N CYS A 498 34.76 -59.59 16.70
CA CYS A 498 36.17 -59.35 16.92
C CYS A 498 36.40 -58.46 18.13
N LEU A 499 37.58 -58.61 18.72
CA LEU A 499 38.02 -57.72 19.80
C LEU A 499 38.60 -56.43 19.22
N SER A 500 39.36 -56.55 18.13
CA SER A 500 39.84 -55.41 17.37
C SER A 500 39.99 -55.86 15.92
N CYS A 501 39.87 -54.91 15.00
CA CYS A 501 39.86 -55.22 13.58
C CYS A 501 41.26 -55.08 12.99
N ARG A 502 41.59 -55.98 12.06
CA ARG A 502 42.89 -55.91 11.41
C ARG A 502 43.02 -54.65 10.55
N ASN A 503 41.91 -54.16 10.00
CA ASN A 503 41.96 -53.00 9.12
C ASN A 503 41.07 -51.87 9.63
N TYR A 504 39.77 -51.92 9.33
CA TYR A 504 38.90 -50.83 9.77
C TYR A 504 37.65 -51.40 10.43
N SER A 505 36.92 -50.53 11.13
CA SER A 505 35.71 -50.93 11.85
C SER A 505 34.60 -49.94 11.55
N ARG A 506 33.47 -50.44 11.03
CA ARG A 506 32.27 -49.65 10.82
C ARG A 506 31.17 -50.20 11.71
N GLY A 507 30.66 -49.36 12.60
CA GLY A 507 29.54 -49.74 13.45
C GLY A 507 29.77 -50.99 14.28
N GLY A 508 30.96 -51.13 14.86
CA GLY A 508 31.27 -52.31 15.62
C GLY A 508 31.43 -53.58 14.80
N VAL A 509 31.53 -53.46 13.48
CA VAL A 509 31.71 -54.59 12.58
C VAL A 509 33.01 -54.38 11.82
N CYS A 510 33.88 -55.39 11.82
CA CYS A 510 35.15 -55.28 11.12
C CYS A 510 34.93 -55.27 9.62
N VAL A 511 35.71 -54.43 8.93
CA VAL A 511 35.62 -54.26 7.48
C VAL A 511 37.03 -54.06 6.92
N THR A 512 37.15 -54.42 5.63
CA THR A 512 38.43 -54.29 4.93
C THR A 512 38.80 -52.83 4.69
N HIS A 513 37.83 -51.97 4.45
CA HIS A 513 38.12 -50.55 4.20
C HIS A 513 36.88 -49.72 4.48
N CYS A 514 37.13 -48.44 4.83
CA CYS A 514 36.07 -47.47 4.89
C CYS A 514 35.57 -47.13 3.48
N ASN A 515 34.52 -46.34 3.43
CA ASN A 515 34.01 -45.86 2.14
C ASN A 515 34.66 -44.53 1.75
N PHE A 516 35.99 -44.49 1.75
CA PHE A 516 36.71 -43.41 1.12
C PHE A 516 37.04 -43.81 -0.31
N LEU A 517 36.84 -42.87 -1.24
CA LEU A 517 37.06 -42.97 -2.69
C LEU A 517 35.93 -43.72 -3.40
N ASN A 518 34.88 -44.16 -2.69
CA ASN A 518 33.71 -44.78 -3.30
C ASN A 518 32.69 -45.09 -2.20
N GLY A 519 31.43 -45.27 -2.61
CA GLY A 519 30.39 -45.79 -1.76
C GLY A 519 29.57 -44.70 -1.09
N GLU A 520 28.44 -45.12 -0.53
CA GLU A 520 27.55 -44.25 0.22
C GLU A 520 27.28 -44.89 1.59
N PRO A 521 27.49 -44.16 2.68
CA PRO A 521 27.94 -42.77 2.75
C PRO A 521 29.44 -42.65 2.52
N ARG A 522 29.93 -41.55 1.97
CA ARG A 522 31.37 -41.33 1.90
C ARG A 522 31.92 -41.14 3.31
N GLU A 523 33.05 -41.79 3.59
CA GLU A 523 33.57 -41.83 4.95
C GLU A 523 35.05 -41.45 4.97
N PHE A 524 35.53 -41.30 6.21
CA PHE A 524 36.93 -41.17 6.56
C PHE A 524 37.21 -42.09 7.74
N ALA A 525 38.46 -42.11 8.20
CA ALA A 525 38.87 -43.03 9.25
C ALA A 525 39.49 -42.25 10.41
N HIS A 526 39.04 -42.56 11.63
CA HIS A 526 39.63 -42.04 12.86
C HIS A 526 39.87 -43.20 13.80
N GLU A 527 41.13 -43.39 14.21
CA GLU A 527 41.53 -44.46 15.12
C GLU A 527 40.93 -45.80 14.69
N ALA A 528 41.12 -46.11 13.40
CA ALA A 528 40.71 -47.38 12.78
C ALA A 528 39.20 -47.59 12.75
N GLU A 529 38.41 -46.55 13.00
CA GLU A 529 36.97 -46.63 12.88
C GLU A 529 36.50 -45.75 11.73
N CYS A 530 35.49 -46.23 10.99
CA CYS A 530 34.94 -45.49 9.87
C CYS A 530 33.87 -44.53 10.34
N PHE A 531 33.89 -43.31 9.81
CA PHE A 531 32.89 -42.31 10.14
C PHE A 531 32.46 -41.59 8.87
N SER A 532 31.15 -41.42 8.71
CA SER A 532 30.61 -40.80 7.51
C SER A 532 31.08 -39.35 7.41
N CYS A 533 31.34 -38.92 6.17
CA CYS A 533 31.63 -37.52 5.94
C CYS A 533 30.42 -36.67 6.30
N HIS A 534 30.70 -35.47 6.78
CA HIS A 534 29.64 -34.53 7.13
C HIS A 534 28.75 -34.31 5.91
N PRO A 535 27.44 -34.21 6.08
CA PRO A 535 26.59 -33.72 4.99
C PRO A 535 27.13 -32.36 4.56
N GLU A 536 26.75 -31.93 3.36
CA GLU A 536 27.25 -30.72 2.70
C GLU A 536 28.67 -30.92 2.19
N CYS A 537 29.30 -32.09 2.40
CA CYS A 537 30.47 -32.46 1.62
C CYS A 537 29.99 -33.10 0.33
N GLN A 538 30.65 -32.75 -0.77
CA GLN A 538 30.27 -33.31 -2.06
C GLN A 538 31.03 -34.60 -2.31
N PRO A 539 30.35 -35.74 -2.49
CA PRO A 539 31.05 -36.99 -2.81
C PRO A 539 32.00 -36.83 -3.98
N MET A 540 33.29 -37.03 -3.71
CA MET A 540 34.32 -37.00 -4.74
C MET A 540 34.51 -38.41 -5.28
N GLU A 541 34.21 -38.61 -6.56
CA GLU A 541 34.59 -39.86 -7.21
C GLU A 541 36.09 -39.85 -7.46
N GLY A 542 36.79 -40.83 -6.88
CA GLY A 542 38.21 -40.99 -7.09
C GLY A 542 39.10 -40.42 -6.01
N THR A 543 38.55 -39.71 -5.02
CA THR A 543 39.38 -39.03 -4.03
C THR A 543 38.59 -38.93 -2.73
N ALA A 544 39.34 -38.85 -1.62
CA ALA A 544 38.80 -38.56 -0.30
C ALA A 544 37.78 -37.43 -0.34
N THR A 545 36.52 -37.75 -0.05
CA THR A 545 35.47 -36.74 0.00
C THR A 545 35.68 -35.77 1.15
N CYS A 546 36.29 -36.23 2.24
CA CYS A 546 36.56 -35.39 3.40
C CYS A 546 37.60 -36.10 4.27
N ASN A 547 38.44 -35.30 4.94
CA ASN A 547 39.45 -35.85 5.84
C ASN A 547 39.03 -35.81 7.29
N GLY A 548 37.76 -35.50 7.57
CA GLY A 548 37.24 -35.58 8.93
C GLY A 548 35.79 -35.17 8.93
N SER A 549 35.16 -35.38 10.08
CA SER A 549 33.81 -34.89 10.26
C SER A 549 33.83 -33.36 10.30
N GLY A 550 32.65 -32.76 10.17
CA GLY A 550 32.65 -31.32 10.20
C GLY A 550 32.79 -30.71 8.82
N SER A 551 32.21 -29.51 8.67
CA SER A 551 32.05 -28.90 7.36
C SER A 551 33.32 -28.22 6.84
N ASP A 552 34.32 -27.97 7.68
CA ASP A 552 35.55 -27.34 7.22
C ASP A 552 36.56 -28.34 6.65
N THR A 553 36.16 -29.60 6.51
CA THR A 553 37.07 -30.66 6.06
C THR A 553 36.72 -31.22 4.70
N CYS A 554 35.65 -30.76 4.06
CA CYS A 554 35.22 -31.33 2.79
C CYS A 554 36.19 -30.94 1.68
N ALA A 555 36.46 -31.89 0.78
CA ALA A 555 37.27 -31.58 -0.40
C ALA A 555 36.57 -30.56 -1.30
N GLN A 556 35.28 -30.79 -1.56
CA GLN A 556 34.47 -29.87 -2.35
C GLN A 556 33.13 -29.67 -1.67
N CYS A 557 32.67 -28.42 -1.62
CA CYS A 557 31.40 -28.09 -0.92
C CYS A 557 30.22 -28.32 -1.85
N ALA A 558 29.16 -28.92 -1.32
CA ALA A 558 27.97 -29.24 -2.14
C ALA A 558 27.24 -27.97 -2.53
N HIS A 559 26.80 -27.21 -1.54
CA HIS A 559 26.01 -25.99 -1.83
C HIS A 559 26.89 -24.75 -1.72
N PHE A 560 26.90 -24.08 -0.57
CA PHE A 560 27.63 -22.79 -0.48
C PHE A 560 28.88 -22.88 0.38
N ARG A 561 29.62 -21.76 0.48
CA ARG A 561 30.88 -21.72 1.23
C ARG A 561 30.88 -20.49 2.13
N ASP A 562 30.69 -20.68 3.43
CA ASP A 562 30.88 -19.62 4.41
C ASP A 562 32.25 -19.83 5.06
N GLY A 563 33.18 -18.94 4.76
CA GLY A 563 34.54 -19.08 5.23
C GLY A 563 35.15 -20.39 4.79
N PRO A 564 35.77 -21.11 5.73
CA PRO A 564 36.33 -22.43 5.41
C PRO A 564 35.32 -23.56 5.49
N HIS A 565 34.05 -23.27 5.72
CA HIS A 565 33.03 -24.28 5.96
C HIS A 565 32.12 -24.45 4.75
N CYS A 566 31.64 -25.68 4.56
CA CYS A 566 30.58 -25.97 3.60
C CYS A 566 29.23 -25.87 4.30
N VAL A 567 28.33 -25.06 3.75
CA VAL A 567 27.05 -24.81 4.39
C VAL A 567 25.93 -25.03 3.37
N SER A 568 24.74 -25.35 3.89
CA SER A 568 23.57 -25.47 3.04
C SER A 568 23.10 -24.12 2.54
N SER A 569 23.24 -23.08 3.35
CA SER A 569 22.82 -21.73 2.99
C SER A 569 23.64 -20.74 3.80
N CYS A 570 23.78 -19.53 3.25
CA CYS A 570 24.58 -18.51 3.90
C CYS A 570 23.89 -18.03 5.18
N PRO A 571 24.66 -17.57 6.17
CA PRO A 571 24.06 -17.06 7.41
C PRO A 571 23.12 -15.90 7.13
N HIS A 572 21.86 -16.06 7.53
CA HIS A 572 20.83 -15.02 7.40
C HIS A 572 20.08 -14.96 8.73
N GLY A 573 20.35 -13.94 9.52
CA GLY A 573 19.72 -13.79 10.81
C GLY A 573 20.41 -14.52 11.94
N VAL A 574 21.45 -15.32 11.64
CA VAL A 574 22.29 -15.87 12.69
C VAL A 574 22.85 -14.71 13.51
N LEU A 575 23.01 -14.93 14.82
CA LEU A 575 23.32 -13.87 15.75
C LEU A 575 24.79 -13.91 16.15
N GLY A 576 25.47 -12.78 15.94
CA GLY A 576 26.81 -12.59 16.44
C GLY A 576 26.84 -11.71 17.68
N ALA A 577 28.06 -11.36 18.10
CA ALA A 577 28.23 -10.57 19.31
C ALA A 577 27.74 -9.14 19.10
N LYS A 578 28.01 -8.55 17.94
CA LYS A 578 27.62 -7.18 17.67
C LYS A 578 26.18 -7.06 17.17
N GLY A 579 25.63 -8.11 16.56
CA GLY A 579 24.27 -8.08 16.08
C GLY A 579 23.95 -9.23 15.15
N PRO A 580 22.78 -9.16 14.51
CA PRO A 580 22.38 -10.22 13.58
C PRO A 580 23.21 -10.16 12.31
N ILE A 581 23.60 -11.34 11.82
CA ILE A 581 24.55 -11.47 10.73
C ILE A 581 23.82 -11.93 9.48
N TYR A 582 23.97 -11.18 8.40
CA TYR A 582 23.34 -11.48 7.12
C TYR A 582 24.41 -11.51 6.04
N LYS A 583 24.42 -12.55 5.23
CA LYS A 583 25.40 -12.72 4.17
C LYS A 583 24.69 -13.14 2.88
N TYR A 584 25.38 -12.95 1.76
CA TYR A 584 24.80 -13.29 0.47
C TYR A 584 25.73 -14.22 -0.31
N PRO A 585 25.17 -15.10 -1.13
CA PRO A 585 26.00 -15.95 -1.99
C PRO A 585 26.37 -15.21 -3.28
N ASP A 586 27.65 -15.28 -3.64
CA ASP A 586 28.11 -14.64 -4.86
C ASP A 586 28.10 -15.66 -6.01
N VAL A 587 28.50 -15.20 -7.21
CA VAL A 587 28.41 -16.03 -8.40
C VAL A 587 29.26 -17.28 -8.30
N GLN A 588 30.28 -17.29 -7.44
CA GLN A 588 31.05 -18.49 -7.16
C GLN A 588 30.55 -19.21 -5.92
N ASN A 589 29.37 -18.83 -5.41
CA ASN A 589 28.74 -19.54 -4.29
C ASN A 589 29.62 -19.50 -3.04
N GLU A 590 30.01 -18.30 -2.65
CA GLU A 590 30.76 -18.07 -1.41
CA GLU A 590 30.75 -18.07 -1.41
C GLU A 590 30.02 -17.01 -0.60
N CYS A 591 29.82 -17.27 0.68
CA CYS A 591 29.04 -16.39 1.54
C CYS A 591 29.85 -15.15 1.87
N ARG A 592 29.41 -14.00 1.38
CA ARG A 592 30.09 -12.74 1.57
C ARG A 592 29.26 -11.80 2.45
N PRO A 593 29.90 -10.94 3.24
CA PRO A 593 29.16 -10.04 4.11
C PRO A 593 28.20 -9.16 3.32
N CYS A 594 27.12 -8.75 4.00
CA CYS A 594 26.10 -7.90 3.43
C CYS A 594 26.36 -6.46 3.80
N HIS A 595 25.69 -5.55 3.09
CA HIS A 595 25.85 -4.13 3.35
C HIS A 595 25.48 -3.81 4.80
N GLU A 596 26.32 -3.01 5.44
CA GLU A 596 26.11 -2.66 6.84
C GLU A 596 24.70 -2.15 7.09
N ASN A 597 24.29 -1.12 6.34
CA ASN A 597 22.97 -0.53 6.49
C ASN A 597 21.90 -1.26 5.67
N CYS A 598 22.06 -2.56 5.47
CA CYS A 598 21.08 -3.32 4.71
C CYS A 598 19.87 -3.65 5.57
N THR A 599 18.68 -3.46 5.00
CA THR A 599 17.44 -3.78 5.71
C THR A 599 17.28 -5.29 5.76
N GLN A 600 17.31 -5.86 6.96
CA GLN A 600 17.29 -7.30 7.16
C GLN A 600 18.38 -7.96 6.31
N GLY A 601 17.99 -8.75 5.31
CA GLY A 601 18.93 -9.46 4.47
C GLY A 601 19.08 -8.83 3.10
N CYS A 602 19.79 -9.56 2.23
CA CYS A 602 20.09 -9.04 0.90
C CYS A 602 20.15 -10.19 -0.09
N LYS A 603 20.38 -9.82 -1.36
CA LYS A 603 20.77 -10.74 -2.41
C LYS A 603 22.05 -10.29 -3.10
N GLY A 604 22.69 -9.22 -2.60
CA GLY A 604 23.89 -8.68 -3.17
C GLY A 604 24.65 -7.82 -2.18
N PRO A 605 25.72 -7.16 -2.62
CA PRO A 605 26.60 -6.43 -1.70
C PRO A 605 26.28 -4.96 -1.48
N GLU A 606 25.46 -4.33 -2.31
CA GLU A 606 25.20 -2.90 -2.21
C GLU A 606 23.87 -2.65 -1.51
N LEU A 607 23.61 -1.37 -1.21
CA LEU A 607 22.33 -1.01 -0.62
C LEU A 607 21.20 -1.18 -1.61
N GLN A 608 21.51 -1.19 -2.91
CA GLN A 608 20.49 -1.34 -3.93
C GLN A 608 19.92 -2.75 -3.95
N ASP A 609 20.77 -3.77 -4.05
CA ASP A 609 20.30 -5.14 -4.11
C ASP A 609 19.94 -5.69 -2.73
N CYS A 610 20.09 -4.88 -1.68
CA CYS A 610 19.65 -5.26 -0.35
C CYS A 610 18.18 -5.69 -0.36
N LEU A 611 17.82 -6.58 0.57
CA LEU A 611 16.53 -7.31 0.60
C LEU A 611 16.49 -8.36 -0.50
N GLN B 7 65.18 31.13 10.29
CA GLN B 7 64.58 32.36 9.82
C GLN B 7 65.64 33.45 9.61
N ALA B 8 66.86 33.02 9.27
CA ALA B 8 67.95 33.96 9.02
C ALA B 8 67.93 34.37 7.54
N VAL B 9 66.90 35.13 7.19
CA VAL B 9 66.66 35.49 5.80
C VAL B 9 67.52 36.68 5.41
N CYS B 10 68.03 36.64 4.19
CA CYS B 10 68.96 37.61 3.63
C CYS B 10 68.46 37.94 2.23
N PRO B 11 69.01 38.98 1.57
CA PRO B 11 68.42 39.40 0.29
C PRO B 11 68.95 38.60 -0.90
N GLY B 12 68.53 38.98 -2.10
CA GLY B 12 68.97 38.30 -3.30
C GLY B 12 70.14 38.98 -3.98
N THR B 13 71.35 38.73 -3.47
CA THR B 13 72.59 39.29 -4.01
C THR B 13 72.52 40.82 -4.12
N LEU B 30 83.78 39.34 -0.99
CA LEU B 30 84.12 38.35 0.03
C LEU B 30 82.90 37.51 0.43
N TYR B 31 81.73 37.93 -0.06
CA TYR B 31 80.48 37.19 0.16
C TYR B 31 80.15 37.05 1.64
N LYS B 32 80.38 38.13 2.40
CA LYS B 32 80.15 38.09 3.84
C LYS B 32 78.77 38.58 4.24
N LEU B 33 78.02 39.21 3.32
CA LEU B 33 76.62 39.51 3.60
C LEU B 33 75.83 38.23 3.84
N TYR B 34 76.17 37.17 3.11
CA TYR B 34 75.62 35.84 3.35
C TYR B 34 76.42 35.14 4.45
N GLU B 35 76.28 35.64 5.66
CA GLU B 35 76.95 35.06 6.82
C GLU B 35 75.91 34.66 7.86
N ARG B 36 75.98 33.41 8.31
CA ARG B 36 74.99 32.84 9.22
C ARG B 36 73.58 33.01 8.67
N CYS B 37 73.46 33.14 7.35
CA CYS B 37 72.16 33.13 6.69
C CYS B 37 71.69 31.70 6.48
N GLU B 38 70.37 31.52 6.42
CA GLU B 38 69.77 30.23 6.17
C GLU B 38 68.87 30.22 4.95
N VAL B 39 68.17 31.33 4.67
CA VAL B 39 67.27 31.44 3.53
C VAL B 39 67.72 32.62 2.69
N VAL B 40 67.69 32.44 1.38
CA VAL B 40 68.02 33.49 0.43
C VAL B 40 66.71 33.87 -0.27
N MET B 41 66.10 34.96 0.17
CA MET B 41 64.96 35.52 -0.55
C MET B 41 65.51 36.25 -1.77
N GLY B 42 65.52 35.56 -2.90
CA GLY B 42 66.10 36.07 -4.12
C GLY B 42 66.89 35.00 -4.82
N ASN B 43 67.76 35.43 -5.72
CA ASN B 43 68.59 34.54 -6.51
C ASN B 43 70.02 34.56 -5.97
N LEU B 44 70.61 33.37 -5.85
CA LEU B 44 71.98 33.20 -5.37
C LEU B 44 72.90 33.13 -6.58
N GLU B 45 73.63 34.21 -6.83
CA GLU B 45 74.49 34.34 -8.01
C GLU B 45 75.95 34.38 -7.58
N ILE B 46 76.73 33.40 -8.02
CA ILE B 46 78.17 33.33 -7.80
C ILE B 46 78.83 33.47 -9.17
N VAL B 47 79.46 34.63 -9.38
CA VAL B 47 80.07 34.92 -10.72
C VAL B 47 81.47 35.49 -10.54
N LEU B 48 82.36 35.23 -11.49
CA LEU B 48 83.71 35.86 -11.48
C LEU B 48 84.32 35.82 -10.07
N THR B 49 84.55 34.62 -9.54
CA THR B 49 85.15 34.48 -8.21
C THR B 49 86.44 33.73 -8.34
N GLY B 50 87.50 34.20 -7.69
CA GLY B 50 88.79 33.56 -7.73
C GLY B 50 88.85 32.29 -6.89
N HIS B 51 89.99 31.61 -7.00
CA HIS B 51 90.18 30.36 -6.27
C HIS B 51 90.17 30.59 -4.77
N ASN B 52 90.83 31.64 -4.32
CA ASN B 52 91.06 31.91 -2.90
C ASN B 52 90.04 32.93 -2.41
N ALA B 53 88.79 32.50 -2.47
CA ALA B 53 87.66 33.26 -1.96
C ALA B 53 87.04 32.47 -0.82
N ASP B 54 86.63 33.19 0.22
CA ASP B 54 86.04 32.56 1.38
C ASP B 54 84.56 32.34 1.11
N LEU B 55 84.21 31.12 0.69
CA LEU B 55 82.81 30.73 0.54
C LEU B 55 82.25 30.06 1.78
N SER B 56 83.06 29.92 2.84
CA SER B 56 82.60 29.33 4.09
C SER B 56 81.40 30.06 4.68
N PHE B 57 81.10 31.27 4.21
CA PHE B 57 79.96 32.00 4.70
C PHE B 57 78.64 31.42 4.21
N LEU B 58 78.67 30.53 3.20
CA LEU B 58 77.48 29.98 2.59
C LEU B 58 77.03 28.64 3.17
N GLN B 59 77.84 27.99 4.01
CA GLN B 59 77.53 26.59 4.33
C GLN B 59 76.24 26.44 5.13
N TRP B 60 75.73 27.52 5.72
CA TRP B 60 74.47 27.43 6.47
C TRP B 60 73.24 27.69 5.59
N ILE B 61 73.42 28.01 4.31
CA ILE B 61 72.26 28.24 3.46
C ILE B 61 71.47 26.95 3.33
N ARG B 62 70.15 27.07 3.48
CA ARG B 62 69.22 25.96 3.49
C ARG B 62 68.28 25.95 2.30
N GLU B 63 67.89 27.13 1.84
CA GLU B 63 66.79 27.29 0.90
C GLU B 63 67.04 28.54 0.07
N VAL B 64 66.74 28.46 -1.22
CA VAL B 64 66.87 29.59 -2.13
C VAL B 64 65.52 29.78 -2.83
N THR B 65 64.94 30.96 -2.68
CA THR B 65 63.62 31.24 -3.25
C THR B 65 63.66 31.44 -4.77
N GLY B 66 64.80 31.86 -5.31
CA GLY B 66 64.92 32.04 -6.74
C GLY B 66 65.69 30.92 -7.41
N TYR B 67 66.72 31.27 -8.18
CA TYR B 67 67.57 30.28 -8.81
C TYR B 67 69.00 30.41 -8.29
N VAL B 68 69.78 29.37 -8.53
CA VAL B 68 71.20 29.33 -8.20
C VAL B 68 71.96 29.42 -9.52
N LEU B 69 72.85 30.41 -9.61
CA LEU B 69 73.65 30.65 -10.81
C LEU B 69 75.12 30.64 -10.41
N VAL B 70 75.94 29.89 -11.16
CA VAL B 70 77.36 29.73 -10.87
C VAL B 70 78.10 29.79 -12.20
N ALA B 71 78.82 30.89 -12.45
CA ALA B 71 79.45 31.08 -13.74
C ALA B 71 80.78 31.81 -13.58
N MET B 72 81.70 31.53 -14.51
CA MET B 72 83.00 32.20 -14.64
C MET B 72 83.84 32.13 -13.39
N ASN B 73 83.59 31.15 -12.52
CA ASN B 73 84.31 31.04 -11.27
C ASN B 73 85.54 30.14 -11.43
N GLU B 74 86.49 30.34 -10.52
CA GLU B 74 87.75 29.60 -10.57
C GLU B 74 87.97 28.69 -9.37
N PHE B 75 87.09 28.72 -8.36
CA PHE B 75 87.31 27.92 -7.17
C PHE B 75 86.99 26.45 -7.44
N SER B 76 87.66 25.57 -6.69
CA SER B 76 87.60 24.14 -6.99
C SER B 76 86.29 23.50 -6.52
N THR B 77 85.80 23.87 -5.34
CA THR B 77 84.59 23.27 -4.77
C THR B 77 83.63 24.33 -4.28
N LEU B 78 82.35 24.17 -4.60
CA LEU B 78 81.31 25.07 -4.14
C LEU B 78 80.67 24.46 -2.89
N PRO B 79 80.88 25.04 -1.71
CA PRO B 79 80.33 24.42 -0.49
C PRO B 79 78.94 24.88 -0.16
N LEU B 80 77.94 24.08 -0.53
CA LEU B 80 76.56 24.27 -0.08
C LEU B 80 76.05 22.98 0.54
N PRO B 81 76.71 22.48 1.59
CA PRO B 81 76.37 21.15 2.12
C PRO B 81 75.06 21.14 2.92
N ASN B 82 74.40 22.27 3.08
CA ASN B 82 73.13 22.30 3.80
C ASN B 82 71.97 22.82 2.95
N LEU B 83 72.22 23.19 1.70
CA LEU B 83 71.13 23.53 0.79
C LEU B 83 70.27 22.31 0.54
N ARG B 84 68.96 22.46 0.70
CA ARG B 84 68.03 21.34 0.54
C ARG B 84 66.92 21.69 -0.45
N VAL B 85 66.52 22.95 -0.50
CA VAL B 85 65.39 23.40 -1.32
C VAL B 85 65.81 24.57 -2.18
N VAL B 86 65.42 24.55 -3.46
CA VAL B 86 65.57 25.67 -4.38
C VAL B 86 64.21 25.85 -5.04
N ARG B 87 63.54 26.97 -4.74
CA ARG B 87 62.14 27.11 -5.10
C ARG B 87 61.92 27.50 -6.55
N GLY B 88 62.84 28.27 -7.14
CA GLY B 88 62.68 28.66 -8.52
C GLY B 88 61.48 29.54 -8.80
N THR B 89 61.03 30.33 -7.82
CA THR B 89 60.07 31.38 -8.11
C THR B 89 60.58 32.27 -9.23
N GLN B 90 61.89 32.44 -9.30
CA GLN B 90 62.59 33.09 -10.40
C GLN B 90 63.54 32.08 -11.04
N VAL B 91 63.56 32.04 -12.37
CA VAL B 91 64.36 31.07 -13.10
C VAL B 91 65.22 31.80 -14.13
N TYR B 92 66.37 31.21 -14.44
CA TYR B 92 67.34 31.77 -15.37
C TYR B 92 67.15 31.14 -16.75
N ASP B 93 67.25 31.95 -17.79
CA ASP B 93 67.00 31.57 -19.17
C ASP B 93 65.55 31.13 -19.41
N GLY B 94 64.67 31.37 -18.45
CA GLY B 94 63.28 30.97 -18.55
C GLY B 94 63.03 29.50 -18.29
N LYS B 95 64.06 28.70 -18.00
CA LYS B 95 63.90 27.26 -17.92
C LYS B 95 64.59 26.61 -16.74
N PHE B 96 65.43 27.31 -15.98
CA PHE B 96 66.38 26.65 -15.09
C PHE B 96 66.39 27.28 -13.71
N ALA B 97 66.34 26.42 -12.69
CA ALA B 97 66.50 26.82 -11.30
C ALA B 97 67.91 26.64 -10.78
N ILE B 98 68.70 25.78 -11.40
CA ILE B 98 70.14 25.67 -11.16
C ILE B 98 70.84 25.85 -12.49
N PHE B 99 71.94 26.61 -12.49
CA PHE B 99 72.58 27.02 -13.73
C PHE B 99 74.08 27.15 -13.48
N VAL B 100 74.85 26.16 -13.93
CA VAL B 100 76.28 26.09 -13.69
C VAL B 100 76.97 26.02 -15.04
N MET B 101 77.84 26.99 -15.32
CA MET B 101 78.49 26.99 -16.64
C MET B 101 79.78 27.78 -16.63
N LEU B 102 80.73 27.31 -17.45
CA LEU B 102 81.97 28.03 -17.75
C LEU B 102 82.75 28.36 -16.48
N ASN B 103 82.77 27.41 -15.55
CA ASN B 103 83.54 27.58 -14.30
C ASN B 103 84.89 26.89 -14.45
N TYR B 104 85.74 27.50 -15.27
CA TYR B 104 87.09 27.02 -15.53
C TYR B 104 87.83 28.08 -16.33
N ASN B 105 89.16 28.03 -16.24
CA ASN B 105 90.04 28.91 -16.99
C ASN B 105 91.03 28.08 -17.79
N THR B 106 91.34 28.55 -19.00
CA THR B 106 92.30 27.86 -19.85
C THR B 106 93.74 28.28 -19.55
N ASN B 107 93.97 29.59 -19.37
CA ASN B 107 95.31 30.07 -19.03
C ASN B 107 95.77 29.49 -17.69
N SER B 108 94.88 29.41 -16.72
CA SER B 108 95.18 28.84 -15.42
C SER B 108 94.74 27.38 -15.36
N SER B 109 95.24 26.67 -14.36
CA SER B 109 94.81 25.31 -14.05
C SER B 109 93.74 25.30 -12.96
N HIS B 110 92.90 26.32 -12.92
CA HIS B 110 91.91 26.51 -11.87
C HIS B 110 90.52 26.31 -12.45
N ALA B 111 89.71 25.51 -11.75
CA ALA B 111 88.40 25.15 -12.29
C ALA B 111 87.58 24.52 -11.19
N LEU B 112 86.27 24.49 -11.42
CA LEU B 112 85.33 23.87 -10.48
C LEU B 112 85.36 22.36 -10.66
N ARG B 113 85.68 21.64 -9.59
CA ARG B 113 85.81 20.20 -9.64
C ARG B 113 84.70 19.45 -8.90
N GLN B 114 83.93 20.12 -8.05
CA GLN B 114 82.95 19.44 -7.22
C GLN B 114 81.88 20.41 -6.76
N LEU B 115 80.61 20.04 -6.92
CA LEU B 115 79.48 20.76 -6.34
C LEU B 115 79.05 20.03 -5.08
N ARG B 116 79.34 20.60 -3.92
CA ARG B 116 78.92 20.02 -2.66
C ARG B 116 77.47 20.43 -2.39
N LEU B 117 76.55 19.79 -3.11
CA LEU B 117 75.12 19.95 -2.90
C LEU B 117 74.53 18.72 -2.22
N THR B 118 75.29 18.16 -1.27
CA THR B 118 75.00 16.82 -0.73
C THR B 118 73.55 16.70 -0.26
N GLN B 119 73.05 17.71 0.45
CA GLN B 119 71.72 17.62 1.04
C GLN B 119 70.62 18.21 0.17
N LEU B 120 70.92 18.54 -1.09
CA LEU B 120 69.87 19.05 -1.98
C LEU B 120 68.81 17.97 -2.19
N THR B 121 67.55 18.35 -1.98
CA THR B 121 66.45 17.39 -1.98
C THR B 121 65.41 17.69 -3.07
N GLU B 122 64.80 18.87 -3.04
CA GLU B 122 63.71 19.19 -3.96
C GLU B 122 63.98 20.53 -4.63
N ILE B 123 63.80 20.58 -5.94
CA ILE B 123 63.81 21.82 -6.72
C ILE B 123 62.37 22.03 -7.17
N LEU B 124 61.66 22.95 -6.50
CA LEU B 124 60.22 23.07 -6.69
C LEU B 124 59.87 23.37 -8.14
N SER B 125 60.35 24.50 -8.64
CA SER B 125 60.04 24.92 -10.01
C SER B 125 61.33 25.21 -10.75
N GLY B 126 61.34 24.90 -12.05
CA GLY B 126 62.50 25.10 -12.88
C GLY B 126 63.32 23.83 -13.03
N GLY B 127 64.20 23.84 -14.04
CA GLY B 127 65.05 22.72 -14.33
C GLY B 127 66.49 22.95 -13.95
N VAL B 128 67.37 22.09 -14.47
CA VAL B 128 68.79 22.10 -14.16
C VAL B 128 69.59 22.14 -15.46
N TYR B 129 70.62 22.99 -15.48
CA TYR B 129 71.51 23.12 -16.64
C TYR B 129 72.94 23.17 -16.14
N ILE B 130 73.75 22.18 -16.51
CA ILE B 130 75.15 22.08 -16.10
C ILE B 130 75.95 21.68 -17.34
N GLU B 131 76.64 22.66 -17.92
CA GLU B 131 77.39 22.47 -19.17
C GLU B 131 78.69 23.25 -19.12
N LYS B 132 79.68 22.76 -19.86
CA LYS B 132 80.93 23.48 -20.11
C LYS B 132 81.69 23.79 -18.82
N ASN B 133 81.75 22.80 -17.94
CA ASN B 133 82.55 22.86 -16.72
C ASN B 133 83.66 21.83 -16.85
N ASP B 134 84.80 22.28 -17.39
CA ASP B 134 85.84 21.37 -17.85
C ASP B 134 86.26 20.37 -16.78
N LYS B 135 86.31 20.78 -15.52
CA LYS B 135 86.84 19.96 -14.45
C LYS B 135 85.78 19.43 -13.50
N LEU B 136 84.50 19.71 -13.77
CA LEU B 136 83.44 19.37 -12.82
C LEU B 136 83.05 17.90 -12.95
N CYS B 137 82.98 17.21 -11.83
CA CYS B 137 82.75 15.77 -11.82
C CYS B 137 81.46 15.41 -11.11
N HIS B 138 80.93 14.25 -11.47
CA HIS B 138 79.89 13.47 -10.78
C HIS B 138 78.48 13.97 -11.02
N MET B 139 78.27 15.09 -11.74
CA MET B 139 76.91 15.54 -12.01
C MET B 139 76.20 14.61 -12.98
N ASP B 140 76.96 13.89 -13.80
CA ASP B 140 76.35 12.87 -14.66
C ASP B 140 75.69 11.77 -13.85
N THR B 141 76.23 11.46 -12.67
CA THR B 141 75.74 10.35 -11.88
C THR B 141 74.43 10.67 -11.17
N ILE B 142 74.23 11.93 -10.76
CA ILE B 142 73.06 12.28 -9.95
C ILE B 142 71.78 12.01 -10.72
N ASP B 143 70.78 11.47 -10.03
CA ASP B 143 69.43 11.34 -10.57
C ASP B 143 68.71 12.66 -10.33
N TRP B 144 68.74 13.54 -11.35
CA TRP B 144 68.16 14.87 -11.20
C TRP B 144 66.64 14.84 -11.22
N ARG B 145 66.03 13.82 -11.82
CA ARG B 145 64.58 13.71 -11.78
C ARG B 145 64.06 13.33 -10.40
N ASP B 146 64.96 13.00 -9.46
CA ASP B 146 64.58 12.82 -8.07
C ASP B 146 64.43 14.15 -7.35
N ILE B 147 65.03 15.21 -7.87
CA ILE B 147 65.01 16.52 -7.22
C ILE B 147 64.07 17.49 -7.92
N VAL B 148 64.03 17.45 -9.25
CA VAL B 148 63.21 18.37 -10.03
C VAL B 148 61.76 17.92 -9.98
N ARG B 149 60.88 18.76 -9.42
CA ARG B 149 59.48 18.39 -9.28
C ARG B 149 58.76 18.40 -10.63
N ASP B 150 58.96 19.47 -11.41
CA ASP B 150 58.34 19.57 -12.73
C ASP B 150 58.88 18.46 -13.63
N ARG B 151 58.02 17.53 -14.03
CA ARG B 151 58.44 16.45 -14.90
C ARG B 151 58.74 16.91 -16.32
N ASP B 152 58.24 18.09 -16.70
CA ASP B 152 58.51 18.66 -18.02
C ASP B 152 59.69 19.63 -18.03
N ALA B 153 60.31 19.88 -16.87
CA ALA B 153 61.42 20.82 -16.82
C ALA B 153 62.65 20.23 -17.50
N GLU B 154 63.43 21.11 -18.14
CA GLU B 154 64.58 20.68 -18.92
C GLU B 154 65.76 20.39 -18.00
N ILE B 155 66.34 19.20 -18.14
CA ILE B 155 67.51 18.78 -17.39
C ILE B 155 68.62 18.48 -18.39
N VAL B 156 69.60 19.38 -18.46
CA VAL B 156 70.76 19.22 -19.34
C VAL B 156 71.99 19.14 -18.46
N VAL B 157 72.75 18.05 -18.60
CA VAL B 157 73.99 17.85 -17.87
C VAL B 157 75.00 17.23 -18.81
N LYS B 158 75.86 18.05 -19.42
CA LYS B 158 76.76 17.52 -20.44
C LYS B 158 77.94 18.46 -20.63
N ASP B 159 78.95 17.96 -21.35
CA ASP B 159 80.17 18.70 -21.68
C ASP B 159 80.83 19.32 -20.44
N ASN B 160 80.54 18.78 -19.26
CA ASN B 160 81.00 19.35 -17.99
C ASN B 160 81.75 18.27 -17.22
N GLY B 161 82.99 18.03 -17.63
CA GLY B 161 83.86 17.16 -16.87
C GLY B 161 84.06 15.78 -17.44
N ARG B 162 85.33 15.43 -17.67
CA ARG B 162 85.73 14.12 -18.12
C ARG B 162 86.98 13.71 -17.34
N SER B 163 87.31 12.43 -17.39
CA SER B 163 88.39 11.86 -16.59
C SER B 163 88.13 12.12 -15.10
N CYS B 164 87.04 11.52 -14.61
CA CYS B 164 86.51 11.81 -13.29
C CYS B 164 86.65 10.61 -12.37
N PRO B 165 86.81 10.84 -11.07
CA PRO B 165 86.90 9.73 -10.11
C PRO B 165 85.62 8.92 -10.09
N PRO B 166 85.72 7.60 -9.97
CA PRO B 166 84.51 6.77 -9.88
C PRO B 166 83.70 7.10 -8.63
N CYS B 167 82.39 6.92 -8.75
CA CYS B 167 81.49 7.14 -7.63
C CYS B 167 81.68 6.04 -6.58
N HIS B 168 81.87 6.46 -5.33
CA HIS B 168 82.18 5.52 -4.24
C HIS B 168 81.15 4.38 -4.21
N GLU B 169 81.63 3.19 -3.85
CA GLU B 169 80.79 2.02 -3.62
C GLU B 169 79.50 2.34 -2.88
N VAL B 170 79.62 2.84 -1.65
CA VAL B 170 78.46 3.12 -0.79
C VAL B 170 77.40 3.89 -1.57
N CYS B 171 77.81 4.95 -2.26
CA CYS B 171 76.87 5.82 -2.96
C CYS B 171 76.09 5.10 -4.05
N LYS B 172 76.50 3.89 -4.44
CA LYS B 172 75.78 3.06 -5.39
C LYS B 172 75.59 3.78 -6.73
N GLY B 173 76.60 4.55 -7.12
CA GLY B 173 76.63 5.19 -8.42
C GLY B 173 76.09 6.60 -8.49
N ARG B 174 75.68 7.19 -7.36
CA ARG B 174 75.07 8.51 -7.33
C ARG B 174 75.73 9.33 -6.22
N CYS B 175 76.55 10.32 -6.58
CA CYS B 175 77.34 11.05 -5.60
C CYS B 175 77.67 12.44 -6.08
N TRP B 176 77.64 13.40 -5.15
CA TRP B 176 78.08 14.76 -5.43
C TRP B 176 79.60 14.92 -5.35
N GLY B 177 80.30 13.95 -4.76
CA GLY B 177 81.74 13.99 -4.64
C GLY B 177 82.33 12.60 -4.60
N PRO B 178 83.64 12.50 -4.42
CA PRO B 178 84.28 11.18 -4.48
C PRO B 178 84.03 10.31 -3.27
N GLY B 179 83.84 10.91 -2.09
CA GLY B 179 83.79 10.15 -0.87
C GLY B 179 82.50 9.37 -0.70
N SER B 180 82.40 8.70 0.46
CA SER B 180 81.21 7.96 0.85
C SER B 180 80.24 8.81 1.68
N GLU B 181 80.66 10.02 2.06
CA GLU B 181 79.76 10.95 2.78
C GLU B 181 79.29 11.99 1.77
N ASP B 182 79.52 11.74 0.48
CA ASP B 182 79.10 12.63 -0.59
C ASP B 182 78.12 11.94 -1.53
N CYS B 183 77.27 11.06 -1.01
CA CYS B 183 76.33 10.32 -1.82
C CYS B 183 75.03 11.09 -1.99
N GLN B 184 74.40 10.92 -3.16
CA GLN B 184 73.06 11.44 -3.34
C GLN B 184 72.07 10.53 -2.61
N THR B 185 71.29 11.13 -1.71
CA THR B 185 70.25 10.40 -0.98
C THR B 185 68.92 10.62 -1.70
N LEU B 186 68.43 9.57 -2.33
CA LEU B 186 67.18 9.65 -3.06
C LEU B 186 66.00 9.70 -2.09
N THR B 187 64.96 10.44 -2.49
CA THR B 187 63.83 10.66 -1.60
C THR B 187 62.48 10.70 -2.33
N LYS B 188 62.44 10.70 -3.66
CA LYS B 188 61.18 10.68 -4.39
C LYS B 188 61.03 9.47 -5.29
N THR B 189 62.07 9.10 -6.04
CA THR B 189 61.95 8.00 -6.99
C THR B 189 61.85 6.65 -6.28
N ILE B 190 62.53 6.49 -5.15
CA ILE B 190 62.46 5.23 -4.40
C ILE B 190 61.20 5.10 -3.57
N CYS B 191 60.30 6.08 -3.65
CA CYS B 191 59.07 6.04 -2.86
C CYS B 191 58.10 5.01 -3.43
N ALA B 192 57.00 4.82 -2.72
CA ALA B 192 55.95 3.92 -3.15
C ALA B 192 55.13 4.57 -4.27
N PRO B 193 54.48 3.75 -5.11
CA PRO B 193 53.74 4.32 -6.26
C PRO B 193 52.64 5.30 -5.88
N GLN B 194 52.01 5.12 -4.71
CA GLN B 194 50.91 6.00 -4.27
C GLN B 194 51.45 7.40 -3.92
N CYS B 195 52.77 7.52 -3.76
CA CYS B 195 53.36 8.80 -3.42
C CYS B 195 53.51 9.65 -4.68
N ASN B 196 52.84 10.80 -4.71
CA ASN B 196 52.98 11.75 -5.81
C ASN B 196 54.16 12.70 -5.61
N GLY B 197 54.96 12.48 -4.58
CA GLY B 197 56.12 13.31 -4.31
C GLY B 197 57.15 12.54 -3.53
N HIS B 198 57.73 13.18 -2.52
CA HIS B 198 58.73 12.55 -1.68
C HIS B 198 58.07 11.80 -0.53
N CYS B 199 58.86 10.99 0.17
CA CYS B 199 58.35 10.13 1.22
C CYS B 199 59.37 10.02 2.34
N PHE B 200 58.88 9.70 3.53
CA PHE B 200 59.70 9.45 4.70
C PHE B 200 59.79 7.96 5.04
N GLY B 201 59.40 7.09 4.11
CA GLY B 201 59.46 5.67 4.29
C GLY B 201 59.17 4.95 2.98
N PRO B 202 59.57 3.69 2.86
CA PRO B 202 59.43 2.98 1.58
C PRO B 202 58.02 2.52 1.26
N ASN B 203 57.10 2.58 2.21
CA ASN B 203 55.75 2.05 2.05
C ASN B 203 54.82 3.11 1.47
N PRO B 204 53.64 2.71 0.99
CA PRO B 204 52.61 3.71 0.66
C PRO B 204 52.02 4.36 1.90
N ASN B 205 52.37 3.87 3.09
CA ASN B 205 51.97 4.48 4.35
C ASN B 205 52.65 5.82 4.61
N GLN B 206 53.66 6.17 3.83
CA GLN B 206 54.65 7.15 4.27
C GLN B 206 54.88 8.24 3.23
N CYS B 207 53.82 8.67 2.54
CA CYS B 207 53.96 9.78 1.60
C CYS B 207 53.99 11.11 2.35
N CYS B 208 54.90 12.00 1.92
CA CYS B 208 54.94 13.35 2.46
C CYS B 208 53.65 14.09 2.12
N HIS B 209 53.34 15.11 2.93
CA HIS B 209 52.14 15.95 2.66
C HIS B 209 52.38 16.73 1.37
N ASP B 210 51.30 17.04 0.65
CA ASP B 210 51.43 17.74 -0.65
C ASP B 210 51.98 19.16 -0.42
N GLU B 211 51.78 19.69 0.78
CA GLU B 211 52.30 21.03 1.11
C GLU B 211 53.72 20.93 1.65
N CYS B 212 54.37 19.78 1.48
CA CYS B 212 55.76 19.66 1.90
C CYS B 212 56.70 20.05 0.77
N ALA B 213 57.84 20.63 1.13
CA ALA B 213 58.87 21.02 0.17
C ALA B 213 60.23 20.57 0.70
N GLY B 214 60.87 19.68 -0.05
CA GLY B 214 62.18 19.18 0.34
C GLY B 214 62.14 18.02 1.31
N GLY B 215 61.24 17.07 1.09
CA GLY B 215 61.12 15.93 1.97
C GLY B 215 60.39 16.25 3.26
N CYS B 216 60.17 15.21 4.06
CA CYS B 216 59.49 15.35 5.33
C CYS B 216 60.05 14.31 6.30
N SER B 217 59.59 14.37 7.55
CA SER B 217 59.94 13.40 8.58
C SER B 217 58.70 12.69 9.12
N GLY B 218 57.59 12.77 8.40
CA GLY B 218 56.32 12.24 8.83
C GLY B 218 55.25 12.65 7.86
N PRO B 219 54.02 12.17 8.06
CA PRO B 219 52.96 12.35 7.05
C PRO B 219 52.18 13.65 7.14
N GLN B 220 52.54 14.58 8.01
CA GLN B 220 51.66 15.67 8.39
C GLN B 220 52.12 17.01 7.81
N ASP B 221 51.24 18.01 7.99
CA ASP B 221 51.59 19.40 7.72
C ASP B 221 52.84 19.81 8.48
N THR B 222 52.93 19.38 9.74
CA THR B 222 53.99 19.83 10.64
C THR B 222 55.32 19.14 10.37
N ASP B 223 55.33 18.03 9.65
CA ASP B 223 56.54 17.23 9.48
C ASP B 223 57.33 17.59 8.23
N CYS B 224 56.92 18.61 7.48
CA CYS B 224 57.71 19.05 6.35
C CYS B 224 59.03 19.66 6.82
N PHE B 225 60.02 19.64 5.93
CA PHE B 225 61.24 20.40 6.17
C PHE B 225 61.04 21.87 5.84
N ALA B 226 60.41 22.14 4.70
CA ALA B 226 60.06 23.49 4.28
C ALA B 226 58.68 23.43 3.64
N CYS B 227 57.98 24.56 3.67
CA CYS B 227 56.61 24.60 3.18
C CYS B 227 56.56 25.00 1.71
N ARG B 228 55.72 24.27 0.95
CA ARG B 228 55.55 24.54 -0.47
C ARG B 228 54.97 25.93 -0.70
N HIS B 229 54.10 26.39 0.19
CA HIS B 229 53.56 27.73 0.11
C HIS B 229 53.77 28.49 1.43
N PHE B 230 52.84 28.37 2.37
CA PHE B 230 52.92 29.19 3.57
C PHE B 230 53.07 28.33 4.82
N ASN B 231 53.54 28.96 5.90
CA ASN B 231 53.84 28.30 7.16
C ASN B 231 53.01 28.98 8.24
N ASP B 232 51.99 28.28 8.74
CA ASP B 232 51.06 28.80 9.75
C ASP B 232 51.37 28.10 11.06
N SER B 233 52.15 28.77 11.91
CA SER B 233 52.51 28.28 13.25
C SER B 233 53.02 26.84 13.20
N GLY B 234 53.71 26.49 12.12
CA GLY B 234 54.30 25.18 11.95
C GLY B 234 53.66 24.32 10.88
N ALA B 235 52.42 24.62 10.49
CA ALA B 235 51.71 23.82 9.51
C ALA B 235 51.92 24.39 8.10
N CYS B 236 52.39 23.55 7.18
CA CYS B 236 52.56 23.96 5.80
C CYS B 236 51.19 23.98 5.13
N VAL B 237 50.73 25.17 4.77
CA VAL B 237 49.35 25.40 4.36
C VAL B 237 49.35 26.06 2.98
N PRO B 238 48.24 25.90 2.23
CA PRO B 238 48.19 26.43 0.86
C PRO B 238 47.98 27.93 0.83
N ARG B 239 47.20 28.41 1.79
CA ARG B 239 46.95 29.82 2.00
C ARG B 239 47.03 30.11 3.49
N CYS B 240 47.34 31.34 3.83
CA CYS B 240 47.21 31.76 5.21
C CYS B 240 45.73 31.83 5.56
N PRO B 241 45.38 31.71 6.86
CA PRO B 241 43.97 31.82 7.26
C PRO B 241 43.30 33.04 6.66
N GLN B 242 42.35 32.80 5.75
CA GLN B 242 41.86 33.84 4.85
C GLN B 242 41.17 34.96 5.64
N PRO B 243 41.01 36.14 5.02
CA PRO B 243 40.44 37.28 5.75
C PRO B 243 38.93 37.24 5.82
N LEU B 244 38.29 36.59 4.85
CA LEU B 244 36.84 36.49 4.78
C LEU B 244 36.44 35.03 4.64
N VAL B 245 35.44 34.60 5.42
CA VAL B 245 34.96 33.23 5.39
C VAL B 245 33.48 33.22 5.10
N TYR B 246 33.03 32.17 4.41
CA TYR B 246 31.62 32.05 4.05
C TYR B 246 30.89 31.36 5.20
N ASN B 247 30.14 32.13 5.98
CA ASN B 247 29.23 31.56 6.94
C ASN B 247 27.99 31.04 6.21
N LYS B 248 27.65 29.78 6.49
CA LYS B 248 26.51 29.11 5.89
C LYS B 248 25.19 29.48 6.56
N LEU B 249 25.23 30.00 7.79
CA LEU B 249 24.03 30.37 8.52
C LEU B 249 23.56 31.79 8.19
N THR B 250 24.47 32.65 7.74
CA THR B 250 24.12 33.95 7.19
C THR B 250 24.18 33.97 5.68
N PHE B 251 24.68 32.89 5.06
CA PHE B 251 24.73 32.75 3.61
C PHE B 251 25.59 33.84 2.96
N GLN B 252 26.77 34.09 3.55
CA GLN B 252 27.56 35.19 3.01
C GLN B 252 28.96 35.20 3.61
N LEU B 253 29.80 36.04 3.05
CA LEU B 253 31.16 36.24 3.54
C LEU B 253 31.16 37.20 4.71
N GLU B 254 31.74 36.77 5.82
CA GLU B 254 31.94 37.56 7.02
C GLU B 254 33.44 37.66 7.29
N PRO B 255 33.87 38.69 8.04
CA PRO B 255 35.26 38.74 8.47
C PRO B 255 35.63 37.49 9.25
N ASN B 256 36.89 37.08 9.11
CA ASN B 256 37.37 35.86 9.77
C ASN B 256 37.89 36.20 11.16
N PRO B 257 37.45 35.48 12.19
CA PRO B 257 38.06 35.63 13.52
C PRO B 257 39.58 35.48 13.48
N HIS B 258 40.06 34.35 12.97
CA HIS B 258 41.48 34.00 13.01
C HIS B 258 42.18 34.31 11.70
N THR B 259 41.94 35.48 11.11
CA THR B 259 42.70 35.89 9.94
C THR B 259 44.18 36.00 10.29
N LYS B 260 45.02 35.52 9.37
CA LYS B 260 46.46 35.73 9.44
C LYS B 260 46.93 36.29 8.10
N TYR B 261 48.02 37.05 8.14
CA TYR B 261 48.57 37.70 6.96
C TYR B 261 49.94 37.12 6.63
N GLN B 262 50.44 37.43 5.44
CA GLN B 262 51.66 36.82 4.94
C GLN B 262 52.84 37.80 5.10
N TYR B 263 53.79 37.43 5.95
CA TYR B 263 55.05 38.22 6.06
C TYR B 263 56.09 37.31 5.44
N GLY B 264 56.16 37.32 4.11
CA GLY B 264 57.07 36.42 3.42
C GLY B 264 56.40 35.08 3.16
N GLY B 265 56.82 34.05 3.88
CA GLY B 265 56.21 32.73 3.73
C GLY B 265 55.62 32.31 5.04
N VAL B 266 55.46 33.25 5.95
CA VAL B 266 54.97 32.88 7.31
C VAL B 266 53.70 33.68 7.65
N CYS B 267 52.64 32.98 8.03
CA CYS B 267 51.39 33.61 8.48
C CYS B 267 51.60 34.20 9.87
N VAL B 268 51.34 35.49 10.00
CA VAL B 268 51.46 36.22 11.26
C VAL B 268 50.13 36.86 11.60
N ALA B 269 49.84 36.97 12.89
CA ALA B 269 48.59 37.58 13.32
C ALA B 269 48.62 39.10 13.14
N SER B 270 49.76 39.72 13.44
CA SER B 270 49.95 41.14 13.22
C SER B 270 51.19 41.34 12.36
N CYS B 271 51.14 42.33 11.48
CA CYS B 271 52.28 42.60 10.61
C CYS B 271 53.47 43.05 11.46
N PRO B 272 54.65 42.55 11.17
CA PRO B 272 55.81 42.83 12.04
C PRO B 272 56.52 44.09 11.65
N HIS B 273 57.68 44.35 12.27
CA HIS B 273 58.50 45.54 12.00
C HIS B 273 57.58 46.75 12.06
N ASN B 274 57.54 47.59 11.02
CA ASN B 274 56.60 48.70 10.91
C ASN B 274 55.91 48.56 9.55
N PHE B 275 55.01 47.58 9.44
CA PHE B 275 54.39 47.21 8.18
C PHE B 275 52.89 47.44 8.24
N VAL B 276 52.24 47.28 7.07
CA VAL B 276 50.80 47.40 6.92
C VAL B 276 50.29 46.20 6.13
N VAL B 277 48.97 46.05 6.07
CA VAL B 277 48.31 44.96 5.37
C VAL B 277 47.73 45.50 4.08
N ASP B 278 48.16 44.94 2.95
CA ASP B 278 47.57 45.33 1.66
C ASP B 278 46.22 44.65 1.47
N GLN B 279 46.23 43.34 1.23
CA GLN B 279 44.99 42.57 1.16
C GLN B 279 45.10 41.35 2.06
N THR B 280 45.94 40.39 1.68
CA THR B 280 46.26 39.24 2.51
C THR B 280 47.64 39.30 3.12
N SER B 281 48.48 40.25 2.71
CA SER B 281 49.91 40.21 3.00
C SER B 281 50.38 41.48 3.67
N CYS B 282 51.50 41.36 4.38
CA CYS B 282 52.19 42.50 4.96
C CYS B 282 53.08 43.16 3.91
N VAL B 283 53.19 44.49 4.01
CA VAL B 283 54.01 45.28 3.10
C VAL B 283 54.50 46.52 3.84
N ARG B 284 55.62 47.07 3.36
CA ARG B 284 56.19 48.25 4.00
C ARG B 284 55.38 49.51 3.74
N ALA B 285 54.58 49.54 2.68
CA ALA B 285 53.77 50.71 2.36
C ALA B 285 52.68 50.28 1.38
N CYS B 286 51.57 51.02 1.42
CA CYS B 286 50.42 50.72 0.58
C CYS B 286 50.78 50.86 -0.90
N PRO B 287 49.96 50.28 -1.79
CA PRO B 287 50.24 50.36 -3.23
C PRO B 287 49.74 51.69 -3.78
N PRO B 288 49.85 51.95 -5.10
CA PRO B 288 49.50 53.31 -5.55
C PRO B 288 48.02 53.60 -5.50
N ASP B 289 47.17 52.65 -5.90
CA ASP B 289 45.75 52.88 -6.04
C ASP B 289 44.97 52.66 -4.74
N LYS B 290 45.65 52.44 -3.63
CA LYS B 290 45.01 52.24 -2.34
C LYS B 290 45.53 53.26 -1.32
N MET B 291 44.94 53.24 -0.13
CA MET B 291 45.25 54.19 0.92
C MET B 291 45.17 53.51 2.27
N GLU B 292 46.01 54.00 3.20
CA GLU B 292 45.98 53.52 4.57
C GLU B 292 44.74 54.02 5.28
N VAL B 293 43.93 53.09 5.78
CA VAL B 293 42.84 53.39 6.69
C VAL B 293 42.89 52.36 7.80
N ASP B 294 42.49 52.77 8.99
CA ASP B 294 42.65 51.94 10.17
C ASP B 294 41.47 50.98 10.29
N LYS B 295 41.78 49.69 10.33
CA LYS B 295 40.81 48.60 10.25
C LYS B 295 41.37 47.46 11.08
N ASN B 296 40.53 46.88 11.93
CA ASN B 296 40.94 45.79 12.84
C ASN B 296 42.07 46.24 13.77
N GLY B 297 42.11 47.52 14.10
CA GLY B 297 43.16 48.06 14.95
C GLY B 297 44.51 48.05 14.28
N LEU B 298 44.53 47.82 12.97
CA LEU B 298 45.75 47.77 12.19
C LEU B 298 45.62 48.67 10.96
N LYS B 299 46.74 49.22 10.52
CA LYS B 299 46.75 49.98 9.28
C LYS B 299 46.52 49.02 8.11
N MET B 300 45.48 49.27 7.32
CA MET B 300 45.15 48.40 6.19
C MET B 300 45.02 49.24 4.93
N CYS B 301 45.35 48.62 3.80
CA CYS B 301 45.33 49.30 2.50
C CYS B 301 43.99 49.04 1.82
N GLU B 302 43.03 49.99 1.98
CA GLU B 302 41.89 49.72 1.13
C GLU B 302 41.93 50.60 -0.11
N PRO B 303 41.31 50.19 -1.23
CA PRO B 303 41.44 50.98 -2.45
C PRO B 303 40.85 52.38 -2.30
N CYS B 304 41.58 53.37 -2.79
CA CYS B 304 41.11 54.76 -2.75
C CYS B 304 40.05 55.05 -3.79
N GLY B 305 39.68 54.07 -4.61
CA GLY B 305 38.64 54.24 -5.59
C GLY B 305 38.98 55.26 -6.66
N GLY B 306 38.25 56.39 -6.66
CA GLY B 306 38.45 57.37 -7.70
C GLY B 306 39.71 58.20 -7.49
N LEU B 307 39.87 58.77 -6.30
CA LEU B 307 40.93 59.74 -6.05
C LEU B 307 41.60 59.44 -4.73
N CYS B 308 42.91 59.21 -4.78
CA CYS B 308 43.71 59.01 -3.57
C CYS B 308 44.00 60.36 -2.92
N PRO B 309 43.78 60.51 -1.61
CA PRO B 309 44.08 61.79 -0.96
C PRO B 309 45.54 62.21 -1.16
N LYS B 310 45.75 63.51 -1.35
CA LYS B 310 47.08 64.03 -1.61
C LYS B 310 47.10 65.51 -1.20
N ALA B 311 47.76 65.80 -0.09
CA ALA B 311 47.87 67.18 0.37
C ALA B 311 48.91 67.94 -0.45
N CYS B 312 48.76 69.25 -0.50
CA CYS B 312 49.64 70.10 -1.29
C CYS B 312 49.83 71.43 -0.58
N GLU B 313 51.06 71.93 -0.59
CA GLU B 313 51.36 73.18 0.07
C GLU B 313 50.55 74.32 -0.52
N GLY B 314 50.07 75.22 0.35
CA GLY B 314 49.29 76.35 -0.09
C GLY B 314 50.15 77.49 -0.58
N THR B 315 49.47 78.60 -0.90
CA THR B 315 50.12 79.84 -1.30
C THR B 315 49.85 80.91 -0.25
N GLY B 316 50.43 82.09 -0.48
CA GLY B 316 50.24 83.19 0.44
C GLY B 316 51.26 83.17 1.57
N SER B 317 50.82 83.65 2.73
CA SER B 317 51.68 83.70 3.90
C SER B 317 52.11 82.28 4.29
N GLY B 318 53.40 82.12 4.57
CA GLY B 318 53.95 80.83 4.88
C GLY B 318 54.37 80.00 3.68
N SER B 319 54.45 80.61 2.50
CA SER B 319 54.88 79.93 1.29
C SER B 319 55.86 80.82 0.55
N ARG B 320 56.50 80.26 -0.48
CA ARG B 320 57.39 81.02 -1.34
C ARG B 320 56.67 81.69 -2.49
N PHE B 321 55.33 81.64 -2.49
CA PHE B 321 54.55 82.12 -3.61
C PHE B 321 53.28 82.78 -3.08
N GLN B 322 52.94 83.93 -3.66
CA GLN B 322 51.78 84.69 -3.22
C GLN B 322 50.61 84.57 -4.19
N THR B 323 50.81 83.86 -5.31
CA THR B 323 49.75 83.53 -6.25
C THR B 323 50.06 82.16 -6.86
N VAL B 324 49.04 81.49 -7.37
CA VAL B 324 49.24 80.31 -8.20
C VAL B 324 49.42 80.78 -9.64
N ASP B 325 50.51 80.35 -10.28
CA ASP B 325 50.82 80.86 -11.60
C ASP B 325 51.18 79.74 -12.56
N SER B 326 51.75 80.11 -13.71
CA SER B 326 52.11 79.12 -14.72
C SER B 326 53.17 78.16 -14.21
N SER B 327 53.99 78.59 -13.24
CA SER B 327 55.05 77.73 -12.74
C SER B 327 54.53 76.73 -11.72
N ASN B 328 53.65 77.17 -10.80
CA ASN B 328 53.21 76.34 -9.70
C ASN B 328 51.95 75.53 -9.99
N ILE B 329 51.24 75.85 -11.08
CA ILE B 329 49.98 75.17 -11.38
C ILE B 329 50.17 73.66 -11.42
N ASP B 330 51.19 73.20 -12.15
CA ASP B 330 51.43 71.78 -12.32
C ASP B 330 51.79 71.08 -11.02
N GLY B 331 52.16 71.83 -9.98
CA GLY B 331 52.39 71.25 -8.68
C GLY B 331 51.14 70.92 -7.90
N PHE B 332 49.95 71.21 -8.44
CA PHE B 332 48.70 70.99 -7.74
C PHE B 332 47.86 69.89 -8.35
N VAL B 333 48.40 69.11 -9.29
CA VAL B 333 47.61 68.06 -9.92
C VAL B 333 47.26 66.99 -8.90
N ASN B 334 45.98 66.63 -8.85
CA ASN B 334 45.48 65.54 -8.01
C ASN B 334 45.67 65.84 -6.52
N CYS B 335 45.47 67.09 -6.12
CA CYS B 335 45.45 67.42 -4.70
C CYS B 335 44.00 67.40 -4.20
N THR B 336 43.81 66.81 -3.03
CA THR B 336 42.51 66.78 -2.40
C THR B 336 42.36 67.82 -1.30
N LYS B 337 43.47 68.22 -0.68
CA LYS B 337 43.45 69.20 0.40
C LYS B 337 44.57 70.21 0.18
N ILE B 338 44.29 71.46 0.55
CA ILE B 338 45.27 72.54 0.52
C ILE B 338 45.46 72.99 1.95
N LEU B 339 46.59 72.64 2.55
CA LEU B 339 46.83 72.96 3.96
C LEU B 339 47.08 74.45 4.17
N GLY B 340 47.43 75.19 3.12
CA GLY B 340 47.63 76.62 3.24
C GLY B 340 46.47 77.40 2.67
N ASN B 341 46.77 78.29 1.71
CA ASN B 341 45.78 79.13 1.08
C ASN B 341 45.96 79.07 -0.43
N LEU B 342 44.94 79.53 -1.14
CA LEU B 342 44.97 79.61 -2.59
C LEU B 342 44.72 81.04 -3.00
N ASP B 343 45.64 81.59 -3.81
CA ASP B 343 45.62 82.97 -4.25
C ASP B 343 45.62 83.00 -5.77
N PHE B 344 44.73 83.80 -6.35
CA PHE B 344 44.65 83.97 -7.81
C PHE B 344 44.65 85.47 -8.10
N LEU B 345 45.81 86.03 -8.42
CA LEU B 345 45.91 87.44 -8.71
C LEU B 345 46.34 87.65 -10.16
N ILE B 346 46.16 88.88 -10.64
CA ILE B 346 46.35 89.20 -12.05
C ILE B 346 47.77 88.88 -12.50
N THR B 347 48.75 89.03 -11.61
CA THR B 347 50.13 88.70 -11.95
C THR B 347 50.26 87.26 -12.40
N GLY B 348 49.62 86.33 -11.68
CA GLY B 348 49.74 84.93 -12.04
C GLY B 348 48.97 84.58 -13.28
N LEU B 349 47.74 85.08 -13.41
CA LEU B 349 46.89 84.67 -14.52
C LEU B 349 47.37 85.25 -15.84
N ASN B 350 47.70 86.54 -15.85
CA ASN B 350 48.15 87.20 -17.07
C ASN B 350 49.67 87.25 -17.20
N GLY B 351 50.40 86.76 -16.20
CA GLY B 351 51.85 86.65 -16.32
C GLY B 351 52.56 87.91 -15.86
N ASP B 352 53.82 87.73 -15.44
CA ASP B 352 54.70 88.83 -15.03
C ASP B 352 55.81 88.98 -16.06
N PRO B 353 55.64 89.86 -17.05
CA PRO B 353 56.73 90.09 -18.02
C PRO B 353 58.10 90.38 -17.42
N TRP B 354 58.18 91.24 -16.39
CA TRP B 354 59.49 91.62 -15.86
C TRP B 354 60.27 90.38 -15.41
N HIS B 355 59.62 89.50 -14.67
CA HIS B 355 60.22 88.21 -14.33
C HIS B 355 60.19 87.23 -15.49
N LYS B 356 59.48 87.56 -16.58
CA LYS B 356 59.34 86.73 -17.78
C LYS B 356 58.57 85.44 -17.50
N ILE B 357 57.71 85.43 -16.49
CA ILE B 357 56.87 84.27 -16.20
C ILE B 357 55.67 84.36 -17.13
N PRO B 358 55.51 83.44 -18.07
CA PRO B 358 54.40 83.54 -19.04
C PRO B 358 53.06 83.38 -18.37
N ALA B 359 52.01 83.65 -19.14
CA ALA B 359 50.66 83.58 -18.63
C ALA B 359 50.21 82.14 -18.48
N LEU B 360 49.28 81.92 -17.54
CA LEU B 360 48.75 80.59 -17.30
C LEU B 360 47.78 80.19 -18.42
N ASP B 361 47.72 78.88 -18.69
CA ASP B 361 46.68 78.33 -19.55
C ASP B 361 45.43 78.12 -18.72
N PRO B 362 44.29 78.70 -19.10
CA PRO B 362 43.08 78.56 -18.27
C PRO B 362 42.65 77.12 -18.03
N GLU B 363 42.84 76.23 -19.01
CA GLU B 363 42.43 74.85 -18.85
C GLU B 363 43.15 74.17 -17.68
N LYS B 364 44.41 74.56 -17.42
CA LYS B 364 45.14 73.99 -16.29
C LYS B 364 44.45 74.25 -14.97
N LEU B 365 43.58 75.26 -14.89
CA LEU B 365 42.84 75.50 -13.66
C LEU B 365 41.94 74.32 -13.30
N ASN B 366 41.54 73.51 -14.27
CA ASN B 366 40.78 72.29 -13.97
C ASN B 366 41.52 71.40 -12.97
N VAL B 367 42.83 71.61 -12.81
CA VAL B 367 43.62 70.91 -11.80
C VAL B 367 42.95 70.95 -10.43
N PHE B 368 42.22 72.02 -10.14
CA PHE B 368 41.65 72.20 -8.81
C PHE B 368 40.32 71.45 -8.62
N ARG B 369 39.82 70.78 -9.66
CA ARG B 369 38.56 70.06 -9.50
C ARG B 369 38.65 68.96 -8.46
N THR B 370 39.85 68.45 -8.19
CA THR B 370 40.04 67.42 -7.19
C THR B 370 40.11 67.97 -5.77
N VAL B 371 40.19 69.29 -5.60
CA VAL B 371 40.34 69.88 -4.26
C VAL B 371 39.02 69.78 -3.52
N ARG B 372 39.06 69.25 -2.30
CA ARG B 372 37.88 69.06 -1.48
C ARG B 372 37.85 69.93 -0.23
N GLU B 373 39.00 70.43 0.22
CA GLU B 373 39.06 71.23 1.44
C GLU B 373 40.23 72.19 1.36
N ILE B 374 40.04 73.39 1.91
CA ILE B 374 41.10 74.39 2.01
C ILE B 374 41.20 74.80 3.48
N THR B 375 42.37 74.56 4.08
CA THR B 375 42.53 74.80 5.51
C THR B 375 42.48 76.28 5.86
N GLY B 376 42.98 77.15 4.98
CA GLY B 376 42.98 78.57 5.25
C GLY B 376 41.92 79.32 4.48
N TYR B 377 42.34 80.25 3.62
CA TYR B 377 41.42 81.09 2.88
C TYR B 377 41.48 80.79 1.39
N LEU B 378 40.48 81.31 0.68
CA LEU B 378 40.44 81.32 -0.77
C LEU B 378 40.37 82.78 -1.23
N ASN B 379 41.27 83.15 -2.15
CA ASN B 379 41.43 84.54 -2.58
C ASN B 379 41.41 84.57 -4.09
N ILE B 380 40.37 85.19 -4.67
CA ILE B 380 40.20 85.28 -6.11
C ILE B 380 40.02 86.75 -6.44
N GLN B 381 41.07 87.39 -6.93
CA GLN B 381 41.04 88.74 -7.45
C GLN B 381 41.18 88.80 -8.96
N SER B 382 41.46 87.67 -9.60
CA SER B 382 41.53 87.58 -11.05
C SER B 382 41.07 86.20 -11.47
N TRP B 383 40.39 86.14 -12.62
CA TRP B 383 39.88 84.88 -13.15
C TRP B 383 39.78 85.03 -14.66
N PRO B 384 40.05 83.98 -15.44
CA PRO B 384 39.97 84.10 -16.91
C PRO B 384 38.61 84.64 -17.33
N PRO B 385 38.59 85.51 -18.35
CA PRO B 385 37.32 86.16 -18.71
C PRO B 385 36.24 85.18 -19.16
N HIS B 386 36.58 84.17 -19.95
CA HIS B 386 35.55 83.28 -20.47
C HIS B 386 35.02 82.30 -19.43
N MET B 387 35.68 82.17 -18.28
CA MET B 387 35.18 81.33 -17.19
C MET B 387 34.21 82.16 -16.37
N HIS B 388 32.92 81.95 -16.58
CA HIS B 388 31.87 82.71 -15.91
C HIS B 388 31.49 82.11 -14.56
N ASN B 389 32.18 81.07 -14.11
CA ASN B 389 31.89 80.44 -12.84
C ASN B 389 33.18 79.91 -12.26
N PHE B 390 33.20 79.75 -10.93
CA PHE B 390 34.30 79.07 -10.26
C PHE B 390 34.05 77.58 -10.17
N SER B 391 33.71 76.99 -11.32
CA SER B 391 33.35 75.58 -11.37
C SER B 391 34.53 74.68 -11.02
N VAL B 392 35.76 75.14 -11.24
CA VAL B 392 36.91 74.29 -10.96
C VAL B 392 37.04 74.00 -9.47
N PHE B 393 36.44 74.83 -8.62
CA PHE B 393 36.32 74.55 -7.19
C PHE B 393 34.96 73.97 -6.84
N SER B 394 34.35 73.27 -7.79
CA SER B 394 33.03 72.69 -7.60
C SER B 394 33.01 71.77 -6.38
N ASN B 395 33.88 70.76 -6.37
CA ASN B 395 33.90 69.79 -5.30
C ASN B 395 34.46 70.33 -3.99
N LEU B 396 34.83 71.61 -3.93
CA LEU B 396 35.27 72.19 -2.66
C LEU B 396 34.15 72.11 -1.65
N THR B 397 34.42 71.47 -0.51
CA THR B 397 33.41 71.24 0.51
C THR B 397 33.57 72.13 1.73
N THR B 398 34.79 72.40 2.16
CA THR B 398 35.03 73.12 3.41
C THR B 398 36.22 74.04 3.29
N ILE B 399 36.12 75.22 3.90
CA ILE B 399 37.20 76.18 3.97
C ILE B 399 37.46 76.47 5.44
N GLY B 400 38.65 76.07 5.92
CA GLY B 400 38.89 76.06 7.35
C GLY B 400 39.13 77.45 7.92
N GLY B 401 39.82 78.30 7.17
CA GLY B 401 40.09 79.63 7.67
C GLY B 401 41.01 79.65 8.87
N ARG B 402 42.01 78.77 8.90
CA ARG B 402 43.03 78.86 9.93
C ARG B 402 43.95 80.04 9.67
N SER B 403 44.31 80.26 8.40
CA SER B 403 45.06 81.44 7.98
C SER B 403 44.16 82.27 7.07
N LEU B 404 44.14 83.58 7.31
CA LEU B 404 43.20 84.50 6.68
C LEU B 404 43.95 85.51 5.81
N TYR B 405 43.18 86.44 5.22
CA TYR B 405 43.71 87.39 4.25
C TYR B 405 43.12 88.76 4.50
N ASN B 406 43.98 89.79 4.48
CA ASN B 406 43.58 91.19 4.62
C ASN B 406 42.89 91.37 5.96
N ARG B 407 41.66 91.87 6.02
CA ARG B 407 40.98 92.12 7.30
C ARG B 407 40.28 90.85 7.80
N GLY B 408 41.08 89.81 7.96
CA GLY B 408 40.60 88.54 8.50
C GLY B 408 39.57 87.84 7.64
N PHE B 409 39.87 87.64 6.37
CA PHE B 409 38.92 87.09 5.41
C PHE B 409 39.29 85.66 5.04
N SER B 410 38.30 84.77 5.11
CA SER B 410 38.48 83.38 4.72
C SER B 410 38.08 83.14 3.28
N LEU B 411 37.19 83.95 2.72
CA LEU B 411 36.85 83.90 1.30
C LEU B 411 36.77 85.32 0.79
N LEU B 412 37.50 85.59 -0.29
CA LEU B 412 37.58 86.91 -0.89
C LEU B 412 37.39 86.74 -2.40
N ILE B 413 36.31 87.29 -2.93
CA ILE B 413 36.04 87.29 -4.37
C ILE B 413 35.84 88.73 -4.78
N MET B 414 36.76 89.25 -5.60
CA MET B 414 36.76 90.68 -5.85
C MET B 414 37.18 90.98 -7.29
N LYS B 415 36.55 92.00 -7.87
CA LYS B 415 36.96 92.57 -9.16
C LYS B 415 36.90 91.54 -10.29
N ASN B 416 35.95 90.62 -10.23
CA ASN B 416 35.82 89.57 -11.23
C ASN B 416 34.63 89.93 -12.13
N LEU B 417 34.92 90.64 -13.21
CA LEU B 417 33.90 91.32 -13.98
C LEU B 417 33.27 90.43 -15.04
N ASN B 418 33.78 89.22 -15.23
CA ASN B 418 33.20 88.26 -16.15
C ASN B 418 32.63 87.04 -15.46
N VAL B 419 32.62 87.03 -14.13
CA VAL B 419 32.04 85.94 -13.35
C VAL B 419 30.56 86.24 -13.14
N THR B 420 29.69 85.33 -13.59
CA THR B 420 28.25 85.51 -13.48
C THR B 420 27.61 84.66 -12.40
N SER B 421 28.34 83.70 -11.84
CA SER B 421 27.83 82.85 -10.77
C SER B 421 29.01 82.22 -10.06
N LEU B 422 28.91 82.12 -8.73
CA LEU B 422 30.03 81.59 -7.95
C LEU B 422 30.33 80.14 -8.35
N GLY B 423 29.36 79.25 -8.17
CA GLY B 423 29.53 77.87 -8.57
C GLY B 423 30.11 76.95 -7.53
N PHE B 424 30.27 77.41 -6.29
CA PHE B 424 30.76 76.56 -5.21
C PHE B 424 29.68 75.56 -4.80
N ARG B 425 29.35 74.61 -5.68
CA ARG B 425 28.17 73.79 -5.44
C ARG B 425 28.36 72.84 -4.26
N SER B 426 29.56 72.28 -4.09
CA SER B 426 29.78 71.33 -3.01
C SER B 426 30.19 71.99 -1.70
N LEU B 427 30.34 73.31 -1.67
CA LEU B 427 30.69 73.98 -0.42
C LEU B 427 29.58 73.82 0.59
N LYS B 428 29.95 73.45 1.82
CA LYS B 428 28.97 73.26 2.89
C LYS B 428 29.35 73.89 4.22
N GLU B 429 30.63 74.12 4.51
CA GLU B 429 31.02 74.71 5.78
C GLU B 429 32.21 75.65 5.62
N ILE B 430 32.13 76.80 6.29
CA ILE B 430 33.24 77.72 6.46
C ILE B 430 33.60 77.70 7.93
N SER B 431 34.74 77.08 8.26
CA SER B 431 35.06 76.83 9.66
C SER B 431 35.35 78.12 10.43
N ALA B 432 35.95 79.11 9.78
CA ALA B 432 36.28 80.38 10.45
C ALA B 432 36.70 81.40 9.41
N GLY B 433 36.40 82.66 9.68
CA GLY B 433 36.84 83.78 8.86
C GLY B 433 35.68 84.60 8.35
N ARG B 434 36.03 85.66 7.62
CA ARG B 434 35.08 86.61 7.06
C ARG B 434 34.84 86.34 5.57
N ILE B 435 33.73 86.88 5.06
CA ILE B 435 33.32 86.71 3.68
C ILE B 435 33.27 88.08 3.01
N TYR B 436 33.81 88.17 1.79
CA TYR B 436 33.78 89.40 1.00
C TYR B 436 33.46 89.06 -0.44
N ILE B 437 32.38 89.64 -0.97
CA ILE B 437 32.01 89.47 -2.36
C ILE B 437 31.66 90.85 -2.89
N SER B 438 32.52 91.41 -3.73
CA SER B 438 32.33 92.80 -4.13
C SER B 438 33.01 93.05 -5.47
N ALA B 439 32.44 93.99 -6.23
CA ALA B 439 32.98 94.47 -7.50
C ALA B 439 33.00 93.36 -8.56
N ASN B 440 32.03 92.45 -8.51
CA ASN B 440 31.85 91.45 -9.55
C ASN B 440 30.59 91.84 -10.32
N ARG B 441 30.73 92.82 -11.22
CA ARG B 441 29.57 93.50 -11.80
C ARG B 441 28.58 92.59 -12.49
N GLN B 442 29.01 91.39 -12.91
CA GLN B 442 28.11 90.49 -13.63
C GLN B 442 27.63 89.34 -12.75
N LEU B 443 27.91 89.37 -11.45
CA LEU B 443 27.67 88.24 -10.57
C LEU B 443 26.23 88.26 -10.06
N CYS B 444 25.55 87.13 -10.21
CA CYS B 444 24.22 86.92 -9.64
C CYS B 444 24.22 85.62 -8.85
N TYR B 445 23.05 85.29 -8.28
CA TYR B 445 22.71 84.07 -7.58
C TYR B 445 23.15 84.04 -6.12
N HIS B 446 23.89 85.05 -5.64
CA HIS B 446 24.27 85.08 -4.23
C HIS B 446 23.32 85.89 -3.37
N HIS B 447 22.34 86.56 -3.98
CA HIS B 447 21.46 87.45 -3.21
C HIS B 447 20.49 86.69 -2.33
N SER B 448 20.23 85.43 -2.61
CA SER B 448 19.30 84.62 -1.82
C SER B 448 19.98 83.62 -0.92
N LEU B 449 21.31 83.59 -0.90
CA LEU B 449 22.04 82.57 -0.18
C LEU B 449 21.90 82.74 1.33
N ASN B 450 21.62 81.64 2.02
CA ASN B 450 21.53 81.62 3.48
C ASN B 450 22.90 81.23 4.03
N TRP B 451 23.76 82.24 4.21
CA TRP B 451 25.13 81.98 4.63
C TRP B 451 25.18 81.32 6.01
N THR B 452 24.24 81.68 6.89
CA THR B 452 24.19 81.10 8.22
C THR B 452 24.19 79.57 8.16
N LYS B 453 23.53 79.02 7.14
CA LYS B 453 23.52 77.57 6.95
C LYS B 453 24.90 77.04 6.58
N VAL B 454 25.67 77.80 5.82
CA VAL B 454 26.99 77.37 5.40
C VAL B 454 28.05 77.71 6.45
N LEU B 455 27.90 78.83 7.14
CA LEU B 455 28.96 79.41 7.93
C LEU B 455 28.82 79.13 9.43
N THR B 459 27.81 85.77 12.48
CA THR B 459 26.64 85.64 11.63
C THR B 459 26.35 86.96 10.91
N GLU B 460 26.59 88.08 11.60
CA GLU B 460 26.34 89.41 11.06
C GLU B 460 27.59 90.24 10.86
N GLU B 461 28.74 89.82 11.40
CA GLU B 461 29.97 90.60 11.35
C GLU B 461 30.89 90.19 10.20
N ARG B 462 30.56 89.11 9.48
CA ARG B 462 31.49 88.52 8.52
C ARG B 462 30.94 88.48 7.10
N LEU B 463 30.14 89.47 6.72
CA LEU B 463 29.57 89.54 5.38
C LEU B 463 29.80 90.94 4.83
N ASP B 464 30.72 91.05 3.87
CA ASP B 464 31.00 92.30 3.15
C ASP B 464 30.70 92.03 1.68
N ILE B 465 29.41 92.00 1.36
CA ILE B 465 28.93 91.67 0.02
C ILE B 465 28.25 92.91 -0.53
N LYS B 466 28.89 93.57 -1.49
CA LYS B 466 28.39 94.84 -1.99
C LYS B 466 28.92 95.09 -3.39
N HIS B 467 28.13 95.81 -4.19
CA HIS B 467 28.55 96.29 -5.51
C HIS B 467 28.78 95.15 -6.50
N ASN B 468 27.94 94.14 -6.46
CA ASN B 468 27.85 93.16 -7.53
C ASN B 468 26.62 93.49 -8.37
N ARG B 469 26.37 92.68 -9.39
CA ARG B 469 25.21 92.90 -10.26
C ARG B 469 23.95 93.03 -9.41
N PRO B 470 23.29 94.18 -9.41
CA PRO B 470 22.16 94.40 -8.50
C PRO B 470 21.11 93.30 -8.63
N ARG B 471 20.40 93.05 -7.53
CA ARG B 471 19.42 91.98 -7.52
C ARG B 471 18.36 92.16 -8.60
N ARG B 472 17.89 93.40 -8.78
CA ARG B 472 16.82 93.65 -9.75
C ARG B 472 17.24 93.24 -11.16
N ASP B 473 18.46 93.60 -11.56
CA ASP B 473 18.97 93.20 -12.88
C ASP B 473 18.97 91.68 -13.02
N CYS B 474 19.46 90.98 -12.00
CA CYS B 474 19.47 89.52 -12.03
C CYS B 474 18.07 88.95 -12.18
N VAL B 475 17.17 89.35 -11.28
CA VAL B 475 15.77 88.90 -11.32
C VAL B 475 15.19 89.08 -12.72
N ALA B 476 15.29 90.31 -13.24
CA ALA B 476 14.70 90.60 -14.53
C ALA B 476 15.31 89.75 -15.64
N GLU B 477 16.64 89.59 -15.63
CA GLU B 477 17.28 88.77 -16.66
C GLU B 477 17.05 87.29 -16.47
N GLY B 478 16.41 86.87 -15.37
CA GLY B 478 16.08 85.49 -15.13
C GLY B 478 17.05 84.72 -14.27
N LYS B 479 18.18 85.32 -13.91
CA LYS B 479 19.20 84.65 -13.11
C LYS B 479 18.71 84.52 -11.68
N VAL B 480 18.24 83.32 -11.32
CA VAL B 480 17.70 83.06 -9.98
C VAL B 480 17.74 81.55 -9.78
N CYS B 481 17.76 81.13 -8.51
CA CYS B 481 17.90 79.71 -8.17
C CYS B 481 16.83 78.87 -8.86
N ASP B 482 17.15 77.60 -9.05
CA ASP B 482 16.23 76.66 -9.67
C ASP B 482 15.07 76.38 -8.72
N PRO B 483 13.85 76.17 -9.24
CA PRO B 483 12.70 75.94 -8.34
C PRO B 483 12.92 74.80 -7.35
N LEU B 484 13.59 73.73 -7.76
CA LEU B 484 13.85 72.61 -6.86
C LEU B 484 14.85 72.94 -5.75
N CYS B 485 15.41 74.16 -5.75
CA CYS B 485 16.26 74.59 -4.63
C CYS B 485 15.39 74.94 -3.42
N SER B 486 16.02 74.87 -2.25
CA SER B 486 15.34 75.20 -1.00
C SER B 486 15.38 76.71 -0.78
N SER B 487 15.02 77.14 0.43
CA SER B 487 15.17 78.55 0.80
C SER B 487 16.62 78.94 1.02
N GLY B 488 17.50 77.96 1.21
CA GLY B 488 18.89 78.27 1.54
C GLY B 488 19.61 79.06 0.47
N GLY B 489 19.20 78.92 -0.77
CA GLY B 489 19.83 79.61 -1.88
C GLY B 489 20.59 78.64 -2.78
N CYS B 490 21.43 79.22 -3.63
CA CYS B 490 22.15 78.43 -4.61
C CYS B 490 23.46 79.12 -4.98
N TRP B 491 24.34 78.35 -5.61
CA TRP B 491 25.62 78.83 -6.11
C TRP B 491 25.59 79.11 -7.62
N GLY B 492 24.41 79.16 -8.21
CA GLY B 492 24.29 79.37 -9.63
C GLY B 492 23.02 78.77 -10.19
N PRO B 493 22.89 78.78 -11.51
CA PRO B 493 21.64 78.32 -12.13
C PRO B 493 21.50 76.80 -12.06
N GLY B 494 20.26 76.35 -12.15
CA GLY B 494 19.98 74.94 -12.30
C GLY B 494 19.93 74.18 -10.99
N PRO B 495 19.55 72.90 -11.07
CA PRO B 495 19.31 72.13 -9.84
C PRO B 495 20.56 71.56 -9.20
N GLY B 496 21.67 71.47 -9.94
CA GLY B 496 22.92 71.01 -9.32
C GLY B 496 23.56 72.02 -8.41
N GLN B 497 23.18 73.29 -8.52
CA GLN B 497 23.81 74.38 -7.78
C GLN B 497 23.08 74.73 -6.48
N CYS B 498 22.03 73.99 -6.14
CA CYS B 498 21.27 74.31 -4.93
C CYS B 498 22.11 74.08 -3.68
N LEU B 499 21.75 74.79 -2.61
CA LEU B 499 22.29 74.48 -1.29
C LEU B 499 21.63 73.24 -0.72
N SER B 500 20.30 73.23 -0.69
CA SER B 500 19.53 72.05 -0.29
C SER B 500 18.34 71.91 -1.24
N CYS B 501 17.82 70.70 -1.33
CA CYS B 501 16.73 70.39 -2.23
C CYS B 501 15.39 70.36 -1.49
N ARG B 502 14.34 70.79 -2.19
CA ARG B 502 13.00 70.75 -1.60
C ARG B 502 12.56 69.31 -1.35
N ASN B 503 12.92 68.39 -2.23
CA ASN B 503 12.46 67.02 -2.06
C ASN B 503 13.61 66.01 -2.09
N TYR B 504 14.12 65.64 -3.27
CA TYR B 504 15.15 64.61 -3.27
C TYR B 504 16.40 65.10 -4.00
N SER B 505 17.52 64.46 -3.70
CA SER B 505 18.80 64.77 -4.30
C SER B 505 19.41 63.49 -4.86
N ARG B 506 19.65 63.49 -6.18
CA ARG B 506 20.39 62.41 -6.83
C ARG B 506 21.73 62.99 -7.27
N GLY B 507 22.81 62.50 -6.66
CA GLY B 507 24.14 62.97 -6.98
C GLY B 507 24.31 64.47 -6.87
N GLY B 508 23.79 65.07 -5.79
CA GLY B 508 23.85 66.50 -5.61
C GLY B 508 22.93 67.31 -6.49
N VAL B 509 22.13 66.66 -7.33
CA VAL B 509 21.20 67.35 -8.22
C VAL B 509 19.80 67.24 -7.63
N CYS B 510 19.14 68.38 -7.47
CA CYS B 510 17.79 68.39 -6.90
C CYS B 510 16.78 67.84 -7.91
N VAL B 511 15.91 66.97 -7.42
CA VAL B 511 14.95 66.25 -8.25
C VAL B 511 13.67 66.08 -7.47
N THR B 512 12.55 66.00 -8.21
CA THR B 512 11.24 65.81 -7.60
C THR B 512 11.16 64.47 -6.87
N HIS B 513 11.65 63.41 -7.49
CA HIS B 513 11.51 62.08 -6.95
C HIS B 513 12.64 61.18 -7.43
N CYS B 514 13.00 60.20 -6.61
CA CYS B 514 13.91 59.16 -7.03
C CYS B 514 13.22 58.23 -8.03
N ASN B 515 14.02 57.45 -8.75
CA ASN B 515 13.44 56.49 -9.72
C ASN B 515 12.94 55.30 -8.92
N PHE B 516 11.85 55.46 -8.18
CA PHE B 516 11.37 54.36 -7.30
C PHE B 516 10.53 53.37 -8.10
N LEU B 517 9.31 53.76 -8.49
CA LEU B 517 8.40 52.80 -9.16
C LEU B 517 8.71 52.72 -10.66
N ASN B 518 9.73 53.44 -11.12
CA ASN B 518 10.15 53.40 -12.54
C ASN B 518 11.39 54.29 -12.69
N GLY B 519 12.32 53.91 -13.55
CA GLY B 519 13.48 54.73 -13.80
C GLY B 519 14.56 53.97 -14.53
N GLU B 520 15.53 54.74 -15.04
CA GLU B 520 16.70 54.10 -15.66
C GLU B 520 17.49 53.33 -14.61
N PRO B 521 18.05 53.98 -13.56
CA PRO B 521 18.52 53.18 -12.42
C PRO B 521 17.46 53.08 -11.36
N ARG B 522 17.05 51.87 -10.98
CA ARG B 522 16.07 51.73 -9.92
C ARG B 522 16.69 52.13 -8.59
N GLU B 523 16.00 53.00 -7.85
CA GLU B 523 16.57 53.61 -6.66
C GLU B 523 15.62 53.49 -5.48
N PHE B 524 16.18 53.82 -4.31
CA PHE B 524 15.45 54.02 -3.07
C PHE B 524 15.92 55.34 -2.47
N ALA B 525 15.35 55.71 -1.33
CA ALA B 525 15.61 56.98 -0.69
C ALA B 525 16.17 56.78 0.72
N HIS B 526 17.21 57.56 1.05
CA HIS B 526 17.80 57.55 2.38
C HIS B 526 18.28 58.96 2.68
N GLU B 527 17.79 59.53 3.78
CA GLU B 527 18.06 60.92 4.14
C GLU B 527 17.79 61.84 2.96
N ALA B 528 16.67 61.62 2.28
CA ALA B 528 16.21 62.40 1.13
C ALA B 528 17.19 62.37 -0.04
N GLU B 529 18.20 61.52 0.00
CA GLU B 529 19.09 61.30 -1.14
C GLU B 529 18.68 60.02 -1.86
N CYS B 530 18.80 60.03 -3.18
CA CYS B 530 18.51 58.84 -3.97
C CYS B 530 19.74 57.95 -4.01
N PHE B 531 19.51 56.63 -3.99
CA PHE B 531 20.58 55.66 -4.11
C PHE B 531 20.09 54.49 -4.95
N SER B 532 20.86 54.14 -5.98
CA SER B 532 20.44 53.09 -6.90
C SER B 532 20.40 51.74 -6.20
N CYS B 533 19.41 50.93 -6.56
CA CYS B 533 19.27 49.60 -5.98
C CYS B 533 20.45 48.73 -6.36
N HIS B 534 20.69 47.69 -5.55
CA HIS B 534 21.75 46.74 -5.84
C HIS B 534 21.56 46.16 -7.23
N PRO B 535 22.65 45.89 -7.97
CA PRO B 535 22.48 45.44 -9.37
C PRO B 535 21.69 44.16 -9.52
N GLU B 536 21.81 43.22 -8.58
CA GLU B 536 21.13 41.93 -8.71
C GLU B 536 19.66 41.98 -8.33
N CYS B 537 19.08 43.17 -8.13
CA CYS B 537 17.63 43.28 -7.97
C CYS B 537 16.98 43.27 -9.35
N GLN B 538 15.81 42.64 -9.44
CA GLN B 538 15.03 42.69 -10.67
C GLN B 538 14.22 43.99 -10.71
N PRO B 539 14.29 44.76 -11.80
CA PRO B 539 13.58 46.04 -11.84
C PRO B 539 12.07 45.88 -11.85
N MET B 540 11.43 46.23 -10.72
CA MET B 540 10.00 46.00 -10.54
C MET B 540 9.20 47.16 -11.09
N GLU B 541 8.38 46.89 -12.11
CA GLU B 541 7.51 47.90 -12.69
C GLU B 541 6.21 47.95 -11.89
N GLY B 542 6.03 49.04 -11.14
CA GLY B 542 4.85 49.23 -10.32
C GLY B 542 5.09 49.15 -8.83
N THR B 543 6.29 48.78 -8.40
CA THR B 543 6.58 48.60 -6.98
C THR B 543 8.06 48.90 -6.76
N ALA B 544 8.39 49.26 -5.52
CA ALA B 544 9.78 49.41 -5.12
C ALA B 544 10.61 48.22 -5.58
N THR B 545 11.71 48.51 -6.26
CA THR B 545 12.66 47.48 -6.68
C THR B 545 13.55 47.04 -5.51
N CYS B 546 13.65 47.85 -4.46
CA CYS B 546 14.46 47.50 -3.30
C CYS B 546 14.09 48.42 -2.14
N ASN B 547 14.27 47.91 -0.92
CA ASN B 547 14.12 48.71 0.29
C ASN B 547 15.41 49.40 0.70
N GLY B 548 16.48 49.20 -0.04
CA GLY B 548 17.75 49.83 0.28
C GLY B 548 18.88 49.23 -0.54
N SER B 549 20.09 49.65 -0.19
CA SER B 549 21.27 49.05 -0.79
C SER B 549 21.50 47.66 -0.20
N GLY B 550 22.18 46.82 -0.96
CA GLY B 550 22.42 45.49 -0.46
C GLY B 550 21.57 44.46 -1.18
N SER B 551 22.12 43.26 -1.32
CA SER B 551 21.46 42.22 -2.09
C SER B 551 20.19 41.71 -1.41
N ASP B 552 20.12 41.78 -0.09
CA ASP B 552 19.00 41.20 0.65
C ASP B 552 17.76 42.09 0.65
N THR B 553 17.88 43.35 0.22
CA THR B 553 16.76 44.28 0.24
C THR B 553 15.98 44.32 -1.07
N CYS B 554 16.32 43.47 -2.03
CA CYS B 554 15.60 43.45 -3.29
C CYS B 554 14.21 42.84 -3.12
N ALA B 555 13.24 43.38 -3.85
CA ALA B 555 11.91 42.76 -3.89
C ALA B 555 11.97 41.40 -4.55
N GLN B 556 12.61 41.32 -5.71
CA GLN B 556 12.81 40.06 -6.42
C GLN B 556 14.24 39.99 -6.92
N CYS B 557 14.85 38.81 -6.80
CA CYS B 557 16.24 38.61 -7.24
C CYS B 557 16.25 38.40 -8.76
N ALA B 558 17.04 39.17 -9.48
CA ALA B 558 17.02 39.08 -10.96
C ALA B 558 17.56 37.72 -11.41
N HIS B 559 18.70 37.31 -10.85
CA HIS B 559 19.35 36.04 -11.28
C HIS B 559 19.07 34.96 -10.23
N PHE B 560 20.05 34.65 -9.40
CA PHE B 560 19.88 33.55 -8.40
C PHE B 560 19.86 34.14 -7.00
N ARG B 561 19.54 33.31 -6.01
CA ARG B 561 19.48 33.76 -4.62
C ARG B 561 20.14 32.73 -3.72
N ASP B 562 21.19 33.12 -3.03
CA ASP B 562 21.85 32.31 -2.01
C ASP B 562 21.38 32.83 -0.65
N GLY B 563 20.49 32.07 -0.01
CA GLY B 563 19.88 32.51 1.22
C GLY B 563 18.99 33.72 1.00
N PRO B 564 19.11 34.73 1.87
CA PRO B 564 18.32 35.95 1.71
C PRO B 564 18.88 36.92 0.68
N HIS B 565 20.01 36.60 0.05
CA HIS B 565 20.70 37.52 -0.84
C HIS B 565 20.42 37.20 -2.30
N CYS B 566 20.39 38.24 -3.12
CA CYS B 566 20.38 38.10 -4.56
C CYS B 566 21.82 38.10 -5.06
N VAL B 567 22.17 37.09 -5.86
CA VAL B 567 23.54 36.90 -6.33
C VAL B 567 23.53 36.66 -7.83
N SER B 568 24.70 36.83 -8.44
CA SER B 568 24.88 36.56 -9.86
C SER B 568 25.17 35.10 -10.15
N SER B 569 25.75 34.37 -9.19
CA SER B 569 26.05 32.97 -9.38
C SER B 569 26.12 32.29 -8.02
N CYS B 570 25.72 31.02 -7.99
CA CYS B 570 25.78 30.24 -6.76
C CYS B 570 27.24 30.02 -6.35
N PRO B 571 27.50 29.80 -5.06
CA PRO B 571 28.89 29.60 -4.62
C PRO B 571 29.50 28.34 -5.22
N HIS B 572 30.65 28.51 -5.86
CA HIS B 572 31.45 27.42 -6.42
C HIS B 572 32.87 27.64 -5.91
N GLY B 573 33.19 27.02 -4.78
CA GLY B 573 34.53 27.04 -4.25
C GLY B 573 34.79 28.03 -3.13
N VAL B 574 33.76 28.74 -2.64
CA VAL B 574 33.97 29.69 -1.57
C VAL B 574 34.48 28.95 -0.33
N LEU B 575 35.41 29.59 0.38
CA LEU B 575 36.32 28.87 1.27
C LEU B 575 35.60 28.35 2.51
N GLY B 576 34.79 29.19 3.15
CA GLY B 576 34.12 28.72 4.37
C GLY B 576 35.10 28.43 5.50
N ALA B 577 34.53 27.90 6.59
CA ALA B 577 35.30 27.62 7.79
C ALA B 577 35.72 26.16 7.92
N LYS B 578 34.94 25.23 7.35
CA LYS B 578 35.24 23.80 7.44
C LYS B 578 35.76 23.23 6.13
N GLY B 579 35.67 23.97 5.03
CA GLY B 579 36.12 23.50 3.74
C GLY B 579 35.43 24.24 2.62
N PRO B 580 36.00 24.17 1.42
CA PRO B 580 35.41 24.89 0.28
C PRO B 580 33.95 24.51 0.07
N ILE B 581 33.15 25.51 -0.26
CA ILE B 581 31.70 25.35 -0.34
C ILE B 581 31.27 25.34 -1.80
N TYR B 582 30.34 24.44 -2.13
CA TYR B 582 29.82 24.29 -3.48
C TYR B 582 28.31 24.19 -3.41
N LYS B 583 27.62 25.02 -4.20
CA LYS B 583 26.16 25.03 -4.25
C LYS B 583 25.70 24.99 -5.70
N TYR B 584 24.53 24.40 -5.92
CA TYR B 584 23.94 24.29 -7.25
C TYR B 584 22.71 25.18 -7.36
N PRO B 585 22.42 25.70 -8.55
CA PRO B 585 21.16 26.44 -8.76
C PRO B 585 19.99 25.48 -8.93
N ASP B 586 18.92 25.75 -8.18
CA ASP B 586 17.68 25.00 -8.22
C ASP B 586 16.85 25.46 -9.41
N VAL B 587 15.94 24.58 -9.85
CA VAL B 587 15.08 24.90 -11.00
C VAL B 587 14.25 26.16 -10.78
N GLN B 588 14.13 26.60 -9.53
CA GLN B 588 13.54 27.90 -9.21
C GLN B 588 14.61 28.97 -8.97
N ASN B 589 15.87 28.67 -9.28
CA ASN B 589 16.98 29.60 -9.11
C ASN B 589 17.16 30.00 -7.64
N GLU B 590 17.23 28.99 -6.78
CA GLU B 590 17.54 29.15 -5.36
C GLU B 590 18.73 28.26 -5.04
N CYS B 591 19.88 28.89 -4.75
CA CYS B 591 21.10 28.13 -4.51
C CYS B 591 20.92 27.15 -3.35
N ARG B 592 21.23 25.89 -3.60
CA ARG B 592 21.04 24.82 -2.63
C ARG B 592 22.32 24.01 -2.49
N PRO B 593 22.58 23.45 -1.30
CA PRO B 593 23.89 22.84 -1.05
C PRO B 593 24.08 21.54 -1.81
N CYS B 594 25.34 21.24 -2.09
CA CYS B 594 25.70 20.03 -2.82
C CYS B 594 25.82 18.84 -1.86
N HIS B 595 25.97 17.65 -2.45
CA HIS B 595 26.11 16.43 -1.66
C HIS B 595 27.38 16.50 -0.82
N GLU B 596 27.29 16.00 0.42
CA GLU B 596 28.44 16.03 1.32
C GLU B 596 29.67 15.40 0.68
N ASN B 597 29.51 14.19 0.14
CA ASN B 597 30.64 13.48 -0.46
C ASN B 597 31.09 14.13 -1.75
N CYS B 598 30.17 14.75 -2.49
CA CYS B 598 30.53 15.41 -3.73
C CYS B 598 31.56 16.50 -3.48
N THR B 599 32.67 16.43 -4.21
CA THR B 599 33.78 17.36 -4.06
C THR B 599 34.11 17.94 -5.43
N GLN B 600 34.49 19.22 -5.45
CA GLN B 600 34.86 20.04 -6.61
C GLN B 600 33.65 20.64 -7.31
N GLY B 601 32.43 20.34 -6.86
CA GLY B 601 31.25 20.98 -7.44
C GLY B 601 30.18 20.01 -7.89
N CYS B 602 28.96 20.52 -8.06
CA CYS B 602 27.83 19.69 -8.44
C CYS B 602 26.79 20.54 -9.17
N LYS B 603 26.18 19.95 -10.20
CA LYS B 603 25.08 20.59 -10.91
C LYS B 603 23.72 20.13 -10.42
N GLY B 604 23.67 19.31 -9.35
CA GLY B 604 22.42 18.83 -8.81
C GLY B 604 22.60 18.24 -7.43
N PRO B 605 21.49 17.97 -6.74
CA PRO B 605 21.57 17.58 -5.33
C PRO B 605 21.96 16.13 -5.09
N GLU B 606 21.87 15.27 -6.11
CA GLU B 606 22.17 13.86 -5.95
C GLU B 606 23.62 13.57 -6.36
N LEU B 607 24.19 12.52 -5.78
CA LEU B 607 25.59 12.18 -6.03
C LEU B 607 25.86 11.88 -7.49
N GLN B 608 24.84 11.48 -8.26
CA GLN B 608 25.03 11.28 -9.69
C GLN B 608 25.37 12.59 -10.40
N ASP B 609 24.83 13.71 -9.91
CA ASP B 609 25.05 15.01 -10.53
C ASP B 609 26.34 15.68 -10.11
N CYS B 610 27.18 15.01 -9.33
CA CYS B 610 28.45 15.59 -8.92
C CYS B 610 29.34 15.82 -10.14
N LEU B 611 29.84 17.04 -10.28
CA LEU B 611 30.67 17.41 -11.42
C LEU B 611 32.14 17.27 -11.07
N GLY B 612 32.96 17.02 -12.10
CA GLY B 612 34.38 16.82 -11.87
C GLY B 612 34.68 15.71 -10.89
N GLN B 613 33.89 14.63 -10.93
CA GLN B 613 33.99 13.53 -9.99
C GLN B 613 33.85 14.00 -8.55
N ALA C 8 17.54 -81.58 61.67
CA ALA C 8 17.33 -82.69 60.75
C ALA C 8 17.33 -82.23 59.30
N VAL C 9 16.56 -81.18 59.01
CA VAL C 9 16.31 -80.72 57.65
C VAL C 9 17.25 -79.59 57.31
N CYS C 10 17.55 -79.45 56.00
CA CYS C 10 18.34 -78.34 55.50
C CYS C 10 18.19 -78.13 54.00
N PRO C 11 17.69 -76.97 53.57
CA PRO C 11 17.77 -76.64 52.15
C PRO C 11 19.21 -76.67 51.65
N GLY C 12 19.40 -77.28 50.49
CA GLY C 12 20.72 -77.45 49.93
C GLY C 12 21.13 -76.29 49.04
N THR C 13 22.36 -76.39 48.54
CA THR C 13 22.94 -75.40 47.64
C THR C 13 22.03 -75.10 46.45
N TYR C 31 34.13 -73.69 52.94
CA TYR C 31 32.80 -73.03 52.88
C TYR C 31 32.00 -73.39 54.13
N LYS C 32 32.59 -74.14 55.06
CA LYS C 32 31.91 -74.46 56.35
C LYS C 32 30.65 -75.27 56.04
N LEU C 33 29.71 -75.40 56.99
CA LEU C 33 28.48 -76.13 56.61
C LEU C 33 27.40 -76.08 57.68
N TYR C 34 26.19 -75.66 57.28
CA TYR C 34 25.03 -75.75 58.20
C TYR C 34 24.43 -77.09 57.89
N GLU C 35 25.32 -78.05 57.67
CA GLU C 35 24.85 -79.38 57.21
C GLU C 35 25.04 -80.44 58.28
N ARG C 36 24.91 -80.08 59.56
CA ARG C 36 24.93 -81.17 60.57
C ARG C 36 23.50 -81.64 60.38
N CYS C 37 23.24 -82.19 59.20
CA CYS C 37 21.87 -82.54 58.78
C CYS C 37 21.78 -84.03 58.51
N GLU C 38 20.57 -84.53 58.34
CA GLU C 38 20.37 -85.95 57.99
C GLU C 38 19.64 -85.99 56.63
N VAL C 39 18.79 -84.99 56.36
CA VAL C 39 18.15 -84.97 55.04
C VAL C 39 18.30 -83.56 54.47
N VAL C 40 18.66 -83.49 53.20
CA VAL C 40 18.82 -82.24 52.48
C VAL C 40 17.66 -82.13 51.51
N MET C 41 16.67 -81.29 51.83
CA MET C 41 15.51 -81.10 50.95
C MET C 41 15.93 -80.22 49.78
N GLY C 42 16.77 -80.79 48.92
CA GLY C 42 17.29 -80.08 47.79
C GLY C 42 18.43 -80.86 47.14
N ASN C 43 19.24 -80.15 46.37
CA ASN C 43 20.43 -80.73 45.77
C ASN C 43 21.65 -80.42 46.64
N LEU C 44 22.60 -81.35 46.64
CA LEU C 44 23.89 -81.16 47.26
C LEU C 44 24.90 -80.90 46.14
N GLU C 45 25.32 -79.65 46.00
CA GLU C 45 26.33 -79.26 45.02
C GLU C 45 27.63 -78.92 45.75
N ILE C 46 28.70 -79.63 45.41
CA ILE C 46 30.04 -79.33 45.90
C ILE C 46 30.87 -78.97 44.67
N VAL C 47 31.28 -77.69 44.58
CA VAL C 47 31.98 -77.17 43.43
C VAL C 47 33.04 -76.18 43.90
N LEU C 48 34.17 -76.16 43.17
CA LEU C 48 35.25 -75.20 43.40
C LEU C 48 35.70 -75.17 44.85
N THR C 49 35.84 -76.36 45.44
CA THR C 49 36.30 -76.50 46.82
C THR C 49 37.77 -76.90 46.83
N GLY C 50 38.54 -76.25 47.69
CA GLY C 50 39.95 -76.56 47.83
C GLY C 50 40.20 -77.78 48.70
N HIS C 51 41.48 -78.10 48.86
CA HIS C 51 41.85 -79.23 49.71
C HIS C 51 41.50 -78.96 51.17
N ASN C 52 41.55 -77.70 51.60
CA ASN C 52 41.42 -77.34 53.01
C ASN C 52 39.98 -76.94 53.31
N ALA C 53 39.11 -77.92 53.22
CA ALA C 53 37.69 -77.73 53.51
C ALA C 53 37.27 -78.74 54.56
N ASP C 54 36.66 -78.25 55.64
CA ASP C 54 36.08 -79.11 56.66
C ASP C 54 34.80 -79.71 56.09
N LEU C 55 34.96 -80.80 55.34
CA LEU C 55 33.84 -81.56 54.81
C LEU C 55 33.30 -82.56 55.81
N SER C 56 33.60 -82.38 57.10
CA SER C 56 33.14 -83.25 58.16
C SER C 56 31.74 -82.93 58.64
N PHE C 57 31.22 -81.74 58.30
CA PHE C 57 29.87 -81.36 58.68
C PHE C 57 28.80 -82.05 57.82
N LEU C 58 29.22 -82.88 56.87
CA LEU C 58 28.32 -83.62 55.99
C LEU C 58 28.12 -85.06 56.41
N GLN C 59 29.00 -85.59 57.27
CA GLN C 59 28.96 -87.00 57.65
C GLN C 59 27.56 -87.46 58.03
N TRP C 60 26.80 -86.58 58.67
CA TRP C 60 25.50 -86.95 59.22
C TRP C 60 24.42 -87.13 58.17
N ILE C 61 24.66 -86.67 56.93
CA ILE C 61 23.64 -86.73 55.89
C ILE C 61 23.37 -88.17 55.49
N ARG C 62 22.09 -88.53 55.36
CA ARG C 62 21.76 -89.85 54.84
C ARG C 62 20.52 -89.85 53.95
N GLU C 63 20.10 -88.68 53.44
CA GLU C 63 19.12 -88.63 52.36
C GLU C 63 19.32 -87.34 51.58
N VAL C 64 19.36 -87.46 50.25
CA VAL C 64 19.47 -86.32 49.35
C VAL C 64 18.30 -86.39 48.39
N THR C 65 17.40 -85.42 48.46
CA THR C 65 16.18 -85.46 47.67
C THR C 65 16.38 -84.99 46.25
N GLY C 66 17.40 -84.18 45.99
CA GLY C 66 17.82 -83.87 44.64
C GLY C 66 18.91 -84.81 44.18
N TYR C 67 19.84 -84.27 43.39
CA TYR C 67 21.02 -85.01 42.97
C TYR C 67 22.21 -84.63 43.83
N VAL C 68 23.31 -85.33 43.63
CA VAL C 68 24.60 -84.98 44.20
C VAL C 68 25.53 -84.59 43.05
N LEU C 69 26.18 -83.45 43.20
CA LEU C 69 27.08 -82.90 42.19
C LEU C 69 28.43 -82.64 42.83
N VAL C 70 29.49 -83.12 42.20
CA VAL C 70 30.85 -82.99 42.73
C VAL C 70 31.79 -82.64 41.59
N ALA C 71 32.14 -81.35 41.47
CA ALA C 71 32.88 -80.92 40.30
C ALA C 71 33.89 -79.83 40.66
N MET C 72 35.03 -79.87 39.99
CA MET C 72 36.07 -78.83 40.18
C MET C 72 36.49 -78.79 41.65
N ASN C 73 36.74 -79.97 42.25
CA ASN C 73 37.17 -80.00 43.63
C ASN C 73 38.57 -80.56 43.76
N GLU C 74 39.32 -80.02 44.73
CA GLU C 74 40.70 -80.42 44.96
C GLU C 74 40.87 -81.33 46.18
N PHE C 75 39.83 -81.53 46.98
CA PHE C 75 40.00 -82.35 48.18
C PHE C 75 40.10 -83.82 47.81
N SER C 76 40.81 -84.57 48.65
CA SER C 76 41.20 -85.94 48.31
C SER C 76 40.04 -86.92 48.47
N THR C 77 39.36 -86.87 49.62
CA THR C 77 38.26 -87.77 49.91
C THR C 77 36.98 -86.98 50.14
N LEU C 78 35.86 -87.58 49.74
CA LEU C 78 34.53 -87.01 49.95
C LEU C 78 33.84 -87.77 51.05
N PRO C 79 33.89 -87.31 52.31
CA PRO C 79 33.24 -88.05 53.40
C PRO C 79 31.73 -87.89 53.44
N LEU C 80 31.01 -88.92 52.99
CA LEU C 80 29.57 -89.05 53.21
C LEU C 80 29.27 -90.46 53.73
N PRO C 81 29.87 -90.84 54.86
CA PRO C 81 29.82 -92.26 55.27
C PRO C 81 28.45 -92.75 55.68
N ASN C 82 27.49 -91.86 55.92
CA ASN C 82 26.15 -92.27 56.33
C ASN C 82 25.11 -92.12 55.25
N LEU C 83 25.43 -91.53 54.10
CA LEU C 83 24.48 -91.40 53.02
C LEU C 83 24.02 -92.78 52.56
N ARG C 84 22.69 -92.98 52.56
CA ARG C 84 22.09 -94.23 52.09
C ARG C 84 21.19 -94.05 50.88
N VAL C 85 20.55 -92.90 50.74
CA VAL C 85 19.47 -92.72 49.79
C VAL C 85 19.64 -91.39 49.07
N VAL C 86 19.55 -91.41 47.74
CA VAL C 86 19.52 -90.22 46.91
C VAL C 86 18.27 -90.33 46.05
N ARG C 87 17.29 -89.48 46.33
CA ARG C 87 15.99 -89.64 45.67
C ARG C 87 16.02 -89.22 44.22
N GLY C 88 16.67 -88.10 43.91
CA GLY C 88 16.67 -87.62 42.55
C GLY C 88 15.35 -87.07 42.07
N THR C 89 14.59 -86.42 42.97
CA THR C 89 13.43 -85.62 42.53
C THR C 89 13.84 -84.68 41.42
N GLN C 90 15.07 -84.15 41.50
CA GLN C 90 15.72 -83.43 40.43
C GLN C 90 17.00 -84.17 40.05
N VAL C 91 17.26 -84.29 38.76
CA VAL C 91 18.45 -84.97 38.28
C VAL C 91 19.27 -83.99 37.45
N TYR C 92 20.58 -84.24 37.42
CA TYR C 92 21.52 -83.38 36.68
C TYR C 92 21.64 -83.88 35.25
N ASP C 93 21.69 -82.93 34.31
CA ASP C 93 21.70 -83.23 32.87
C ASP C 93 20.47 -84.03 32.45
N GLY C 94 19.39 -83.95 33.22
CA GLY C 94 18.21 -84.73 32.93
C GLY C 94 18.44 -86.22 32.89
N LYS C 95 19.53 -86.71 33.49
CA LYS C 95 19.88 -88.13 33.43
C LYS C 95 20.44 -88.69 34.74
N PHE C 96 21.10 -87.90 35.57
CA PHE C 96 21.98 -88.44 36.59
C PHE C 96 21.60 -87.94 37.98
N ALA C 97 21.44 -88.86 38.92
CA ALA C 97 21.23 -88.53 40.31
C ALA C 97 22.56 -88.33 41.05
N ILE C 98 23.65 -88.90 40.56
CA ILE C 98 24.99 -88.61 41.03
C ILE C 98 25.80 -88.12 39.83
N PHE C 99 26.68 -87.16 40.07
CA PHE C 99 27.51 -86.59 39.02
C PHE C 99 28.84 -86.19 39.65
N VAL C 100 29.94 -86.78 39.19
CA VAL C 100 31.26 -86.52 39.74
C VAL C 100 32.22 -86.33 38.57
N MET C 101 32.84 -85.15 38.49
CA MET C 101 33.59 -84.83 37.27
C MET C 101 34.66 -83.78 37.56
N LEU C 102 35.83 -83.98 36.93
CA LEU C 102 36.90 -82.98 36.88
C LEU C 102 37.35 -82.53 38.26
N ASN C 103 37.43 -83.48 39.20
CA ASN C 103 37.88 -83.19 40.56
C ASN C 103 39.39 -83.43 40.67
N TYR C 104 40.15 -82.60 39.96
CA TYR C 104 41.60 -82.70 40.00
C TYR C 104 42.24 -81.45 39.41
N ASN C 105 43.46 -81.16 39.87
CA ASN C 105 44.31 -80.11 39.34
C ASN C 105 45.60 -80.74 38.82
N THR C 106 46.10 -80.22 37.70
CA THR C 106 47.35 -80.71 37.16
C THR C 106 48.55 -80.04 37.83
N ASN C 107 48.52 -78.70 37.92
CA ASN C 107 49.60 -77.97 38.56
C ASN C 107 49.76 -78.38 40.02
N SER C 108 48.65 -78.44 40.76
CA SER C 108 48.73 -78.61 42.21
C SER C 108 49.09 -80.02 42.62
N SER C 109 48.69 -81.03 41.83
CA SER C 109 48.76 -82.45 42.16
C SER C 109 47.77 -82.84 43.26
N HIS C 110 46.82 -81.97 43.59
CA HIS C 110 45.73 -82.30 44.50
C HIS C 110 44.52 -82.74 43.69
N ALA C 111 43.82 -83.75 44.18
CA ALA C 111 42.75 -84.36 43.40
C ALA C 111 41.91 -85.26 44.28
N LEU C 112 40.69 -85.52 43.83
CA LEU C 112 39.82 -86.50 44.47
C LEU C 112 40.37 -87.90 44.26
N ARG C 113 40.43 -88.68 45.34
CA ARG C 113 40.91 -90.06 45.26
C ARG C 113 39.93 -91.09 45.76
N GLN C 114 38.94 -90.69 46.56
CA GLN C 114 37.96 -91.64 47.08
C GLN C 114 36.62 -90.94 47.24
N LEU C 115 35.54 -91.68 46.96
CA LEU C 115 34.19 -91.28 47.30
C LEU C 115 33.76 -92.16 48.48
N ARG C 116 33.67 -91.53 49.66
CA ARG C 116 33.28 -92.27 50.88
C ARG C 116 31.77 -92.47 50.89
N LEU C 117 31.29 -93.35 50.02
CA LEU C 117 29.87 -93.65 49.97
C LEU C 117 29.68 -95.11 50.40
N THR C 118 30.27 -95.46 51.54
CA THR C 118 30.25 -96.84 52.01
C THR C 118 28.82 -97.34 52.18
N GLN C 119 27.95 -96.49 52.69
CA GLN C 119 26.63 -96.89 53.14
C GLN C 119 25.54 -96.63 52.11
N LEU C 120 25.88 -96.00 50.99
CA LEU C 120 24.91 -95.74 49.94
C LEU C 120 24.17 -97.00 49.53
N THR C 121 22.84 -96.96 49.61
CA THR C 121 22.00 -98.11 49.35
C THR C 121 21.16 -97.98 48.09
N GLU C 122 20.37 -96.91 47.99
CA GLU C 122 19.37 -96.79 46.95
C GLU C 122 19.42 -95.42 46.29
N ILE C 123 19.42 -95.42 44.96
CA ILE C 123 19.23 -94.22 44.16
C ILE C 123 17.87 -94.37 43.48
N LEU C 124 16.85 -93.75 44.07
CA LEU C 124 15.47 -93.98 43.62
C LEU C 124 15.31 -93.64 42.14
N SER C 125 15.68 -92.42 41.75
CA SER C 125 15.48 -91.95 40.39
C SER C 125 16.77 -91.33 39.87
N GLY C 126 17.15 -91.69 38.65
CA GLY C 126 18.30 -91.11 38.00
C GLY C 126 19.47 -92.09 37.94
N GLY C 127 20.41 -91.77 37.06
CA GLY C 127 21.57 -92.59 36.82
C GLY C 127 22.80 -92.13 37.60
N VAL C 128 23.97 -92.54 37.09
CA VAL C 128 25.25 -92.22 37.72
C VAL C 128 26.25 -91.83 36.63
N TYR C 129 27.08 -90.83 36.91
CA TYR C 129 28.07 -90.36 35.96
C TYR C 129 29.34 -89.97 36.72
N ILE C 130 30.44 -90.66 36.41
CA ILE C 130 31.75 -90.43 37.04
C ILE C 130 32.81 -90.47 35.96
N GLU C 131 33.29 -89.29 35.53
CA GLU C 131 34.19 -89.16 34.41
C GLU C 131 35.19 -88.04 34.66
N LYS C 132 36.44 -88.28 34.23
CA LYS C 132 37.50 -87.27 34.21
C LYS C 132 37.89 -86.81 35.62
N ASN C 133 38.10 -87.77 36.51
CA ASN C 133 38.63 -87.53 37.85
C ASN C 133 39.98 -88.26 37.91
N ASP C 134 41.05 -87.52 37.57
CA ASP C 134 42.31 -88.16 37.20
C ASP C 134 42.87 -89.08 38.28
N LYS C 135 42.63 -88.77 39.55
CA LYS C 135 43.19 -89.57 40.63
C LYS C 135 42.12 -90.28 41.46
N LEU C 136 40.87 -90.30 41.02
CA LEU C 136 39.82 -91.01 41.73
C LEU C 136 39.83 -92.47 41.35
N CYS C 137 39.88 -93.35 42.34
CA CYS C 137 39.97 -94.78 42.11
C CYS C 137 38.75 -95.52 42.64
N HIS C 138 38.55 -96.72 42.12
CA HIS C 138 37.67 -97.78 42.61
C HIS C 138 36.19 -97.56 42.29
N MET C 139 35.82 -96.45 41.64
CA MET C 139 34.42 -96.27 41.25
C MET C 139 33.99 -97.32 40.23
N ASP C 140 34.94 -97.81 39.43
CA ASP C 140 34.64 -98.85 38.45
C ASP C 140 34.33 -100.20 39.10
N THR C 141 34.77 -100.41 40.33
CA THR C 141 34.64 -101.72 40.96
C THR C 141 33.21 -102.02 41.36
N ILE C 142 32.52 -101.04 41.96
CA ILE C 142 31.27 -101.35 42.61
C ILE C 142 30.20 -101.73 41.59
N ASP C 143 29.13 -102.35 42.09
CA ASP C 143 27.97 -102.72 41.27
C ASP C 143 26.92 -101.64 41.47
N TRP C 144 26.63 -100.88 40.41
CA TRP C 144 25.64 -99.83 40.50
C TRP C 144 24.20 -100.34 40.36
N ARG C 145 24.01 -101.53 39.80
CA ARG C 145 22.63 -102.02 39.58
C ARG C 145 22.01 -102.40 40.94
N ASP C 146 22.85 -102.73 41.92
CA ASP C 146 22.35 -102.97 43.27
C ASP C 146 21.74 -101.73 43.90
N ILE C 147 22.06 -100.55 43.37
CA ILE C 147 21.68 -99.28 43.98
C ILE C 147 20.64 -98.54 43.13
N VAL C 148 21.00 -98.19 41.88
CA VAL C 148 20.04 -97.48 41.04
C VAL C 148 18.82 -98.36 40.81
N ARG C 149 17.64 -97.76 40.91
CA ARG C 149 16.42 -98.52 40.68
C ARG C 149 16.11 -98.60 39.19
N ASP C 150 15.97 -97.44 38.53
CA ASP C 150 15.78 -97.38 37.10
C ASP C 150 16.92 -98.08 36.39
N ARG C 151 16.67 -99.27 35.84
CA ARG C 151 17.72 -99.96 35.08
C ARG C 151 17.91 -99.34 33.71
N ASP C 152 16.90 -98.65 33.18
CA ASP C 152 17.09 -97.88 31.96
C ASP C 152 17.89 -96.60 32.20
N ALA C 153 18.22 -96.29 33.46
CA ALA C 153 19.00 -95.10 33.76
C ALA C 153 20.44 -95.28 33.30
N GLU C 154 20.99 -94.22 32.73
CA GLU C 154 22.34 -94.26 32.18
C GLU C 154 23.38 -94.27 33.29
N ILE C 155 24.41 -95.09 33.13
CA ILE C 155 25.48 -95.22 34.12
C ILE C 155 26.80 -95.20 33.38
N VAL C 156 27.58 -94.14 33.57
CA VAL C 156 28.86 -93.95 32.90
C VAL C 156 29.93 -93.80 33.97
N VAL C 157 30.95 -94.65 33.91
CA VAL C 157 32.06 -94.59 34.86
C VAL C 157 33.36 -94.82 34.08
N LYS C 158 33.99 -93.74 33.64
CA LYS C 158 35.13 -93.93 32.74
C LYS C 158 36.07 -92.74 32.80
N ASP C 159 37.32 -92.98 32.39
CA ASP C 159 38.35 -91.93 32.27
C ASP C 159 38.56 -91.20 33.59
N ASN C 160 38.63 -91.93 34.69
CA ASN C 160 38.85 -91.30 35.99
C ASN C 160 39.64 -92.27 36.86
N GLY C 161 40.97 -92.20 36.76
CA GLY C 161 41.82 -92.99 37.62
C GLY C 161 42.46 -94.19 36.96
N ARG C 162 43.64 -93.99 36.39
CA ARG C 162 44.54 -95.07 36.02
C ARG C 162 45.67 -95.15 37.03
N SER C 163 46.47 -96.20 36.91
CA SER C 163 47.50 -96.52 37.92
C SER C 163 46.87 -96.61 39.30
N CYS C 164 45.65 -97.16 39.32
CA CYS C 164 44.87 -97.21 40.59
C CYS C 164 45.18 -98.47 41.39
N PRO C 165 45.20 -98.38 42.74
CA PRO C 165 45.47 -99.54 43.57
C PRO C 165 44.43 -100.59 43.33
N PRO C 166 44.76 -101.89 43.46
CA PRO C 166 43.77 -102.94 43.34
C PRO C 166 42.95 -102.91 44.61
N CYS C 167 41.86 -103.68 44.64
CA CYS C 167 40.95 -103.60 45.81
C CYS C 167 41.35 -104.63 46.88
N HIS C 168 40.91 -104.43 48.10
CA HIS C 168 41.23 -105.35 49.20
C HIS C 168 40.58 -106.70 48.97
N GLU C 169 41.18 -107.70 49.59
CA GLU C 169 40.66 -109.07 49.50
C GLU C 169 39.28 -109.18 50.12
N VAL C 170 39.09 -108.59 51.30
CA VAL C 170 37.82 -108.72 52.01
C VAL C 170 36.67 -108.17 51.19
N CYS C 171 36.90 -107.04 50.51
CA CYS C 171 35.86 -106.45 49.66
C CYS C 171 35.47 -107.36 48.51
N LYS C 172 36.32 -108.30 48.13
CA LYS C 172 36.05 -109.26 47.05
C LYS C 172 35.71 -108.54 45.75
N GLY C 173 36.40 -107.43 45.49
CA GLY C 173 36.32 -106.74 44.23
C GLY C 173 35.43 -105.52 44.19
N ARG C 174 34.61 -105.29 45.22
CA ARG C 174 33.66 -104.18 45.22
C ARG C 174 33.99 -103.26 46.40
N CYS C 175 34.37 -102.02 46.11
CA CYS C 175 34.84 -101.16 47.18
C CYS C 175 34.63 -99.69 46.86
N TRP C 176 34.43 -98.90 47.93
CA TRP C 176 34.46 -97.45 47.90
C TRP C 176 35.80 -96.89 48.34
N GLY C 177 36.84 -97.73 48.39
CA GLY C 177 38.15 -97.32 48.84
C GLY C 177 39.09 -98.50 49.00
N PRO C 178 40.39 -98.21 49.15
CA PRO C 178 41.37 -99.32 49.22
C PRO C 178 41.15 -100.27 50.39
N GLY C 179 40.78 -99.76 51.56
CA GLY C 179 40.76 -100.59 52.75
C GLY C 179 39.68 -101.66 52.72
N SER C 180 39.71 -102.50 53.77
CA SER C 180 38.75 -103.59 53.93
C SER C 180 37.45 -103.13 54.60
N GLU C 181 37.46 -101.96 55.23
CA GLU C 181 36.27 -101.29 55.73
C GLU C 181 35.58 -100.47 54.66
N ASP C 182 36.13 -100.45 53.45
CA ASP C 182 35.58 -99.68 52.35
C ASP C 182 35.00 -100.60 51.28
N CYS C 183 34.09 -101.50 51.65
CA CYS C 183 33.50 -102.45 50.71
C CYS C 183 32.03 -102.15 50.51
N GLN C 184 31.55 -102.34 49.28
CA GLN C 184 30.14 -102.23 48.97
C GLN C 184 29.41 -103.43 49.56
N THR C 185 28.54 -103.18 50.54
CA THR C 185 27.79 -104.24 51.20
C THR C 185 26.65 -104.68 50.27
N LEU C 186 27.03 -105.50 49.29
CA LEU C 186 26.10 -106.02 48.28
C LEU C 186 25.49 -107.29 48.82
N THR C 187 24.36 -107.14 49.51
CA THR C 187 23.71 -108.26 50.22
C THR C 187 22.35 -108.51 49.59
N LYS C 188 22.26 -109.54 48.74
CA LYS C 188 21.04 -109.83 48.00
C LYS C 188 19.85 -110.03 48.93
N THR C 189 18.74 -109.36 48.62
CA THR C 189 17.50 -109.44 49.39
C THR C 189 16.44 -110.13 48.53
N ILE C 190 16.38 -111.45 48.64
CA ILE C 190 15.33 -112.21 47.97
C ILE C 190 14.05 -112.11 48.77
N CYS C 191 13.26 -111.07 48.50
CA CYS C 191 12.00 -110.90 49.20
C CYS C 191 10.97 -111.92 48.71
N ALA C 192 9.93 -112.10 49.51
CA ALA C 192 8.95 -113.13 49.23
C ALA C 192 7.86 -112.61 48.29
N PRO C 193 7.19 -113.52 47.56
CA PRO C 193 5.99 -113.17 46.79
C PRO C 193 5.01 -112.21 47.46
N GLN C 194 4.46 -112.54 48.65
CA GLN C 194 3.49 -111.64 49.26
C GLN C 194 4.08 -110.26 49.47
N CYS C 195 5.35 -110.20 49.89
CA CYS C 195 6.04 -108.92 49.97
C CYS C 195 6.01 -108.24 48.61
N ASN C 196 5.44 -107.03 48.52
CA ASN C 196 5.35 -106.34 47.23
C ASN C 196 6.70 -106.00 46.64
N GLY C 197 7.81 -106.38 47.29
CA GLY C 197 9.13 -106.25 46.72
C GLY C 197 10.17 -105.70 47.66
N HIS C 198 9.74 -105.09 48.75
CA HIS C 198 10.64 -104.55 49.76
C HIS C 198 10.37 -105.32 51.05
N CYS C 199 11.42 -105.82 51.67
CA CYS C 199 11.27 -106.62 52.89
C CYS C 199 12.45 -106.35 53.81
N PHE C 200 12.24 -106.64 55.10
CA PHE C 200 13.30 -106.64 56.08
C PHE C 200 13.68 -108.05 56.50
N GLY C 201 13.17 -109.06 55.80
CA GLY C 201 13.48 -110.45 56.07
C GLY C 201 13.06 -111.33 54.91
N PRO C 202 13.43 -112.62 54.95
CA PRO C 202 13.24 -113.47 53.77
C PRO C 202 11.82 -113.98 53.54
N ASN C 203 11.08 -114.28 54.60
CA ASN C 203 9.80 -114.96 54.48
C ASN C 203 8.67 -113.95 54.38
N PRO C 204 7.45 -114.39 54.05
CA PRO C 204 6.33 -113.45 53.91
C PRO C 204 5.96 -112.72 55.19
N ASN C 205 6.51 -113.11 56.35
CA ASN C 205 6.20 -112.44 57.60
C ASN C 205 6.73 -111.02 57.66
N GLN C 206 7.63 -110.64 56.76
CA GLN C 206 8.48 -109.48 56.96
C GLN C 206 8.45 -108.54 55.75
N CYS C 207 7.26 -108.13 55.34
CA CYS C 207 7.12 -107.22 54.21
C CYS C 207 7.12 -105.77 54.68
N CYS C 208 7.91 -104.94 54.00
CA CYS C 208 7.93 -103.51 54.32
C CYS C 208 6.56 -102.90 54.06
N HIS C 209 6.26 -101.83 54.81
CA HIS C 209 5.01 -101.12 54.61
C HIS C 209 4.95 -100.55 53.19
N ASP C 210 3.73 -100.36 52.70
CA ASP C 210 3.55 -99.88 51.33
C ASP C 210 4.11 -98.47 51.15
N GLU C 211 4.21 -97.70 52.23
CA GLU C 211 4.70 -96.33 52.14
C GLU C 211 6.22 -96.24 52.19
N CYS C 212 6.92 -97.34 52.41
CA CYS C 212 8.38 -97.31 52.38
C CYS C 212 8.86 -97.14 50.95
N ALA C 213 9.83 -96.24 50.76
CA ALA C 213 10.42 -96.04 49.44
C ALA C 213 11.34 -97.20 49.10
N GLY C 214 12.45 -97.31 49.83
CA GLY C 214 13.31 -98.47 49.70
C GLY C 214 12.84 -99.59 50.61
N GLY C 215 13.79 -100.30 51.23
CA GLY C 215 13.42 -101.33 52.18
C GLY C 215 12.95 -100.75 53.51
N CYS C 216 13.19 -101.47 54.60
CA CYS C 216 12.81 -101.02 55.93
C CYS C 216 13.51 -101.92 56.94
N SER C 217 13.37 -101.54 58.21
CA SER C 217 13.89 -102.32 59.33
C SER C 217 12.77 -102.84 60.22
N GLY C 218 11.59 -103.04 59.63
CA GLY C 218 10.41 -103.44 60.37
C GLY C 218 9.16 -103.17 59.57
N PRO C 219 8.02 -103.69 60.02
CA PRO C 219 6.82 -103.68 59.19
C PRO C 219 5.93 -102.45 59.35
N GLN C 220 6.46 -101.36 59.90
CA GLN C 220 5.64 -100.21 60.24
C GLN C 220 5.97 -99.01 59.34
N ASP C 221 5.17 -97.95 59.51
CA ASP C 221 5.44 -96.69 58.85
C ASP C 221 6.76 -96.10 59.31
N THR C 222 7.08 -96.27 60.60
CA THR C 222 8.26 -95.63 61.17
C THR C 222 9.56 -96.33 60.76
N ASP C 223 9.47 -97.58 60.29
CA ASP C 223 10.66 -98.39 60.05
C ASP C 223 11.29 -98.19 58.67
N CYS C 224 10.65 -97.44 57.78
CA CYS C 224 11.22 -97.23 56.46
C CYS C 224 12.54 -96.48 56.55
N PHE C 225 13.45 -96.79 55.62
CA PHE C 225 14.65 -95.98 55.49
C PHE C 225 14.33 -94.63 54.86
N ALA C 226 13.49 -94.64 53.81
CA ALA C 226 13.07 -93.43 53.12
C ALA C 226 11.59 -93.58 52.78
N CYS C 227 10.89 -92.46 52.77
CA CYS C 227 9.44 -92.47 52.56
C CYS C 227 9.11 -92.33 51.07
N ARG C 228 8.05 -93.02 50.65
CA ARG C 228 7.62 -92.94 49.26
C ARG C 228 6.97 -91.60 48.95
N HIS C 229 6.32 -90.97 49.94
CA HIS C 229 5.68 -89.69 49.72
C HIS C 229 6.13 -88.66 50.75
N PHE C 230 5.54 -88.65 51.94
CA PHE C 230 5.84 -87.61 52.92
C PHE C 230 6.31 -88.23 54.23
N ASN C 231 7.09 -87.43 54.98
CA ASN C 231 7.59 -87.83 56.30
C ASN C 231 7.00 -86.90 57.34
N ASP C 232 6.11 -87.41 58.17
CA ASP C 232 5.49 -86.68 59.27
C ASP C 232 6.15 -87.15 60.56
N SER C 233 7.17 -86.40 61.02
CA SER C 233 7.82 -86.63 62.30
C SER C 233 8.24 -88.09 62.47
N GLY C 234 8.74 -88.70 61.39
CA GLY C 234 9.23 -90.06 61.40
C GLY C 234 8.32 -91.05 60.70
N ALA C 235 7.02 -90.77 60.65
CA ALA C 235 6.06 -91.68 60.06
C ALA C 235 5.90 -91.37 58.57
N CYS C 236 6.12 -92.37 57.72
CA CYS C 236 5.93 -92.18 56.29
C CYS C 236 4.43 -92.22 55.99
N VAL C 237 3.93 -91.14 55.39
CA VAL C 237 2.49 -90.93 55.19
C VAL C 237 2.25 -90.56 53.73
N PRO C 238 1.03 -90.82 53.23
CA PRO C 238 0.72 -90.51 51.82
C PRO C 238 0.52 -89.02 51.60
N ARG C 239 -0.12 -88.39 52.58
CA ARG C 239 -0.40 -86.97 52.57
C ARG C 239 0.00 -86.38 53.90
N CYS C 240 0.68 -85.23 53.86
CA CYS C 240 0.92 -84.50 55.08
C CYS C 240 -0.41 -84.18 55.75
N PRO C 241 -0.42 -84.01 57.08
CA PRO C 241 -1.69 -83.67 57.77
C PRO C 241 -2.42 -82.54 57.08
N GLN C 242 -3.61 -82.84 56.56
CA GLN C 242 -4.34 -81.92 55.71
C GLN C 242 -4.88 -80.74 56.54
N PRO C 243 -5.27 -79.64 55.88
CA PRO C 243 -5.70 -78.45 56.64
C PRO C 243 -7.11 -78.59 57.22
N LEU C 244 -8.05 -79.08 56.43
CA LEU C 244 -9.41 -79.37 56.85
C LEU C 244 -9.62 -80.88 56.84
N VAL C 245 -10.42 -81.35 57.79
CA VAL C 245 -10.63 -82.83 57.93
C VAL C 245 -12.07 -83.10 58.39
N TYR C 246 -12.62 -84.26 57.99
CA TYR C 246 -13.95 -84.68 58.52
C TYR C 246 -13.64 -85.35 59.83
N ASN C 247 -13.06 -84.61 60.79
CA ASN C 247 -12.59 -85.21 62.07
C ASN C 247 -13.77 -85.63 62.95
N LYS C 248 -14.98 -85.47 62.45
CA LYS C 248 -16.19 -85.82 63.25
C LYS C 248 -16.31 -84.81 64.40
N LEU C 249 -15.35 -83.91 64.57
CA LEU C 249 -15.54 -82.87 65.58
C LEU C 249 -16.91 -82.21 65.42
N THR C 250 -17.32 -82.04 64.17
CA THR C 250 -18.69 -81.57 63.88
C THR C 250 -19.21 -82.53 62.85
N PHE C 251 -18.49 -83.64 62.67
CA PHE C 251 -18.86 -84.61 61.61
C PHE C 251 -18.80 -83.87 60.30
N GLN C 252 -17.76 -83.04 60.11
CA GLN C 252 -17.67 -82.21 58.88
C GLN C 252 -16.29 -81.56 58.76
N LEU C 253 -16.14 -80.59 57.86
CA LEU C 253 -14.84 -79.92 57.61
C LEU C 253 -14.39 -79.15 58.85
N GLU C 254 -13.32 -79.60 59.51
CA GLU C 254 -12.83 -78.98 60.77
C GLU C 254 -11.35 -78.68 60.69
N PRO C 255 -10.84 -77.73 61.50
CA PRO C 255 -9.42 -77.44 61.52
C PRO C 255 -8.66 -78.38 62.42
N ASN C 256 -8.44 -79.62 61.97
CA ASN C 256 -7.60 -80.54 62.77
C ASN C 256 -6.47 -79.71 63.38
N PRO C 257 -6.45 -79.44 64.70
CA PRO C 257 -5.41 -78.60 65.26
C PRO C 257 -4.12 -79.23 64.80
N HIS C 258 -4.10 -80.56 64.77
CA HIS C 258 -2.90 -81.28 64.29
C HIS C 258 -2.81 -81.13 62.78
N THR C 259 -2.46 -79.93 62.32
CA THR C 259 -2.24 -79.73 60.89
C THR C 259 -0.78 -79.44 60.63
N LYS C 260 -0.31 -79.88 59.46
CA LYS C 260 1.10 -79.74 59.11
C LYS C 260 1.22 -79.31 57.66
N TYR C 261 2.33 -78.64 57.35
CA TYR C 261 2.60 -78.12 56.03
C TYR C 261 3.73 -78.91 55.38
N GLN C 262 3.71 -78.96 54.05
CA GLN C 262 4.73 -79.66 53.29
C GLN C 262 5.94 -78.76 53.10
N TYR C 263 7.08 -79.12 53.67
CA TYR C 263 8.34 -78.56 53.20
C TYR C 263 8.90 -79.53 52.15
N GLY C 264 8.24 -79.54 51.00
CA GLY C 264 8.61 -80.44 49.93
C GLY C 264 8.11 -81.86 50.16
N GLY C 265 8.72 -82.55 51.13
CA GLY C 265 8.36 -83.93 51.41
C GLY C 265 8.41 -84.28 52.88
N VAL C 266 8.66 -83.28 53.72
CA VAL C 266 8.67 -83.46 55.17
C VAL C 266 7.57 -82.59 55.76
N CYS C 267 6.67 -83.22 56.51
CA CYS C 267 5.62 -82.48 57.18
C CYS C 267 6.19 -81.75 58.39
N VAL C 268 5.90 -80.46 58.48
CA VAL C 268 6.38 -79.64 59.59
C VAL C 268 5.20 -78.89 60.19
N ALA C 269 5.27 -78.69 61.52
CA ALA C 269 4.23 -77.89 62.18
C ALA C 269 4.40 -76.41 61.85
N SER C 270 5.62 -75.92 61.85
CA SER C 270 5.93 -74.53 61.52
C SER C 270 7.03 -74.52 60.47
N CYS C 271 6.79 -73.80 59.37
CA CYS C 271 7.78 -73.67 58.31
C CYS C 271 9.11 -73.18 58.92
N PRO C 272 10.19 -73.94 58.79
CA PRO C 272 11.45 -73.50 59.38
C PRO C 272 12.16 -72.48 58.50
N HIS C 273 13.39 -72.11 58.87
CA HIS C 273 14.21 -71.18 58.10
C HIS C 273 13.47 -69.85 58.01
N ASN C 274 13.11 -69.36 56.81
CA ASN C 274 12.38 -68.12 56.64
C ASN C 274 11.40 -68.31 55.47
N PHE C 275 10.39 -69.14 55.69
CA PHE C 275 9.40 -69.48 54.69
C PHE C 275 8.05 -68.87 55.06
N VAL C 276 7.03 -69.15 54.27
CA VAL C 276 5.65 -68.72 54.53
C VAL C 276 4.73 -69.82 54.05
N VAL C 277 3.57 -69.94 54.69
CA VAL C 277 2.67 -71.07 54.35
C VAL C 277 1.69 -70.64 53.26
N ASP C 278 1.92 -71.06 52.01
CA ASP C 278 0.93 -70.76 50.95
C ASP C 278 -0.05 -71.93 50.88
N GLN C 279 -1.22 -71.77 51.49
CA GLN C 279 -2.24 -72.83 51.49
C GLN C 279 -1.64 -74.11 52.10
N THR C 280 -1.63 -75.21 51.35
CA THR C 280 -1.18 -76.51 51.88
C THR C 280 0.28 -76.54 52.25
N SER C 281 1.15 -75.87 51.50
CA SER C 281 2.60 -76.08 51.75
C SER C 281 3.46 -74.84 52.00
N CYS C 282 4.63 -75.07 52.60
CA CYS C 282 5.64 -74.02 52.78
C CYS C 282 6.17 -73.56 51.42
N VAL C 283 6.52 -72.27 51.35
CA VAL C 283 7.14 -71.66 50.17
C VAL C 283 8.10 -70.57 50.65
N ARG C 284 8.95 -70.10 49.73
CA ARG C 284 9.89 -69.05 50.11
C ARG C 284 9.27 -67.66 50.07
N ALA C 285 8.16 -67.48 49.37
CA ALA C 285 7.46 -66.20 49.31
C ALA C 285 6.07 -66.44 48.72
N CYS C 286 5.11 -65.63 49.16
CA CYS C 286 3.74 -65.74 48.69
C CYS C 286 3.68 -65.59 47.17
N PRO C 287 2.63 -66.10 46.53
CA PRO C 287 2.50 -65.98 45.08
C PRO C 287 2.01 -64.60 44.69
N PRO C 288 1.87 -64.30 43.39
CA PRO C 288 1.54 -62.92 43.00
C PRO C 288 0.20 -62.42 43.53
N ASP C 289 -0.85 -63.24 43.50
CA ASP C 289 -2.19 -62.79 43.85
C ASP C 289 -2.52 -63.01 45.33
N LYS C 290 -1.51 -63.07 46.19
CA LYS C 290 -1.73 -63.28 47.63
C LYS C 290 -0.80 -62.36 48.42
N MET C 291 -1.05 -62.27 49.72
CA MET C 291 -0.24 -61.42 50.59
C MET C 291 -0.08 -62.08 51.96
N GLU C 292 0.93 -61.60 52.68
CA GLU C 292 1.25 -62.11 54.00
C GLU C 292 0.31 -61.54 55.06
N VAL C 293 -0.14 -62.40 55.97
CA VAL C 293 -0.99 -62.01 57.08
C VAL C 293 -0.52 -62.74 58.34
N ASP C 294 -0.57 -62.04 59.47
CA ASP C 294 -0.27 -62.64 60.77
C ASP C 294 -1.52 -63.37 61.25
N LYS C 295 -1.53 -64.69 61.07
CA LYS C 295 -2.70 -65.51 61.40
C LYS C 295 -2.23 -66.81 62.04
N ASN C 296 -2.89 -67.20 63.12
CA ASN C 296 -2.58 -68.42 63.87
C ASN C 296 -1.16 -68.40 64.44
N GLY C 297 -0.66 -67.20 64.75
CA GLY C 297 0.72 -67.08 65.17
C GLY C 297 1.74 -67.40 64.09
N LEU C 298 1.30 -67.53 62.85
CA LEU C 298 2.19 -67.82 61.72
C LEU C 298 1.97 -66.77 60.64
N LYS C 299 2.88 -66.80 59.66
CA LYS C 299 2.78 -65.90 58.50
C LYS C 299 2.11 -66.72 57.39
N MET C 300 0.94 -66.31 56.96
CA MET C 300 0.19 -67.09 55.98
C MET C 300 -0.11 -66.24 54.75
N CYS C 301 -0.19 -66.90 53.60
CA CYS C 301 -0.53 -66.24 52.35
C CYS C 301 -2.05 -66.33 52.17
N GLU C 302 -2.73 -65.20 52.34
CA GLU C 302 -4.16 -65.06 52.08
C GLU C 302 -4.36 -64.34 50.75
N PRO C 303 -5.38 -64.71 49.96
CA PRO C 303 -5.53 -64.11 48.63
C PRO C 303 -5.73 -62.59 48.69
N CYS C 304 -5.17 -61.90 47.70
CA CYS C 304 -5.12 -60.44 47.73
C CYS C 304 -6.51 -59.81 47.62
N GLY C 305 -7.49 -60.52 47.09
CA GLY C 305 -8.81 -59.95 46.92
C GLY C 305 -8.82 -58.92 45.82
N GLY C 306 -9.15 -57.67 46.15
CA GLY C 306 -9.09 -56.60 45.19
C GLY C 306 -7.73 -56.45 44.55
N LEU C 307 -6.76 -56.02 45.37
CA LEU C 307 -5.38 -55.88 44.87
C LEU C 307 -4.44 -55.96 46.07
N CYS C 308 -3.22 -56.42 45.83
CA CYS C 308 -2.24 -56.58 46.94
C CYS C 308 -1.88 -55.20 47.48
N PRO C 309 -1.53 -55.07 48.76
CA PRO C 309 -1.23 -53.78 49.34
C PRO C 309 -0.02 -53.18 48.69
N LYS C 310 -0.12 -51.91 48.30
CA LYS C 310 1.04 -51.21 47.71
C LYS C 310 1.11 -49.80 48.29
N ALA C 311 2.09 -49.54 49.14
CA ALA C 311 2.25 -48.20 49.66
C ALA C 311 3.07 -47.35 48.70
N CYS C 312 2.83 -46.04 48.73
CA CYS C 312 3.48 -45.11 47.81
C CYS C 312 3.65 -43.78 48.51
N GLU C 313 4.91 -43.37 48.70
CA GLU C 313 5.21 -42.12 49.40
C GLU C 313 4.37 -40.95 48.87
N GLY C 314 3.89 -40.12 49.79
CA GLY C 314 2.95 -39.06 49.45
C GLY C 314 3.64 -37.78 49.05
N THR C 315 2.85 -36.71 49.03
CA THR C 315 3.29 -35.38 48.66
C THR C 315 3.37 -34.49 49.90
N GLY C 316 3.86 -33.26 49.70
CA GLY C 316 3.98 -32.29 50.77
C GLY C 316 4.94 -32.71 51.87
N SER C 317 5.23 -31.78 52.78
CA SER C 317 6.00 -32.05 54.01
C SER C 317 7.35 -32.68 53.60
N GLY C 318 7.72 -33.83 54.16
CA GLY C 318 9.00 -34.46 53.86
C GLY C 318 9.15 -34.93 52.42
N SER C 319 8.07 -34.92 51.64
CA SER C 319 8.18 -35.26 50.23
C SER C 319 8.87 -34.13 49.47
N ARG C 320 9.44 -34.50 48.32
CA ARG C 320 10.05 -33.53 47.43
C ARG C 320 9.03 -32.86 46.52
N PHE C 321 7.76 -33.23 46.64
CA PHE C 321 6.69 -32.74 45.78
C PHE C 321 5.72 -31.92 46.62
N GLN C 322 5.51 -30.67 46.25
CA GLN C 322 4.59 -29.82 47.01
C GLN C 322 3.14 -30.08 46.63
N THR C 323 2.89 -30.57 45.42
CA THR C 323 1.55 -30.95 44.99
C THR C 323 1.68 -32.14 44.05
N VAL C 324 0.54 -32.76 43.74
CA VAL C 324 0.49 -33.72 42.66
C VAL C 324 0.41 -32.94 41.35
N ASP C 325 1.27 -33.30 40.40
CA ASP C 325 1.24 -32.67 39.08
C ASP C 325 1.31 -33.73 38.00
N SER C 326 1.57 -33.32 36.77
CA SER C 326 1.67 -34.27 35.67
C SER C 326 2.91 -35.15 35.73
N SER C 327 3.81 -34.91 36.70
CA SER C 327 4.98 -35.76 36.88
C SER C 327 4.79 -36.81 37.96
N ASN C 328 3.91 -36.56 38.93
CA ASN C 328 3.73 -37.45 40.07
C ASN C 328 2.58 -38.42 39.91
N ILE C 329 1.59 -38.11 39.05
CA ILE C 329 0.34 -38.87 39.03
C ILE C 329 0.61 -40.34 38.73
N ASP C 330 1.48 -40.62 37.76
CA ASP C 330 1.80 -41.99 37.39
C ASP C 330 2.64 -42.70 38.44
N GLY C 331 3.04 -42.01 39.51
CA GLY C 331 3.69 -42.66 40.61
C GLY C 331 2.75 -43.26 41.63
N PHE C 332 1.44 -43.07 41.46
CA PHE C 332 0.44 -43.55 42.40
C PHE C 332 -0.42 -44.68 41.84
N VAL C 333 0.05 -45.37 40.80
CA VAL C 333 -0.75 -46.43 40.20
C VAL C 333 -0.75 -47.65 41.11
N ASN C 334 -1.96 -48.16 41.39
CA ASN C 334 -2.15 -49.36 42.22
C ASN C 334 -1.65 -49.15 43.64
N CYS C 335 -1.94 -47.99 44.22
CA CYS C 335 -1.58 -47.70 45.60
C CYS C 335 -2.78 -47.86 46.51
N THR C 336 -2.58 -48.50 47.65
CA THR C 336 -3.61 -48.68 48.65
C THR C 336 -3.42 -47.78 49.87
N LYS C 337 -2.16 -47.53 50.25
CA LYS C 337 -1.83 -46.58 51.29
C LYS C 337 -0.93 -45.49 50.71
N ILE C 338 -1.01 -44.30 51.29
CA ILE C 338 -0.26 -43.15 50.77
C ILE C 338 1.02 -42.89 51.56
N LEU C 339 1.18 -43.48 52.75
CA LEU C 339 2.43 -43.37 53.50
C LEU C 339 2.83 -41.90 53.69
N GLY C 340 1.83 -41.02 53.69
CA GLY C 340 2.06 -39.57 53.71
C GLY C 340 0.77 -38.84 53.34
N ASN C 341 0.96 -37.67 52.75
CA ASN C 341 -0.22 -36.82 52.49
C ASN C 341 -0.49 -36.72 51.00
N LEU C 342 -1.59 -36.07 50.66
CA LEU C 342 -1.98 -35.83 49.28
C LEU C 342 -2.44 -34.38 49.17
N ASP C 343 -1.84 -33.65 48.22
CA ASP C 343 -2.14 -32.25 47.99
C ASP C 343 -2.58 -32.06 46.54
N PHE C 344 -3.65 -31.31 46.34
CA PHE C 344 -4.14 -30.99 45.00
C PHE C 344 -4.21 -29.47 44.89
N LEU C 345 -3.11 -28.86 44.45
CA LEU C 345 -2.99 -27.42 44.35
C LEU C 345 -3.13 -26.98 42.89
N ILE C 346 -3.66 -25.77 42.71
CA ILE C 346 -3.93 -25.24 41.37
C ILE C 346 -2.68 -25.22 40.52
N THR C 347 -1.50 -25.09 41.14
CA THR C 347 -0.26 -25.15 40.38
C THR C 347 -0.02 -26.55 39.82
N GLY C 348 -0.48 -27.58 40.52
CA GLY C 348 -0.36 -28.94 40.02
C GLY C 348 -1.44 -29.29 39.02
N LEU C 349 -2.66 -28.79 39.27
CA LEU C 349 -3.77 -29.08 38.37
C LEU C 349 -3.59 -28.37 37.03
N ASN C 350 -3.42 -27.06 37.06
CA ASN C 350 -3.33 -26.25 35.84
C ASN C 350 -1.91 -26.10 35.32
N GLY C 351 -0.93 -26.73 35.96
CA GLY C 351 0.44 -26.67 35.49
C GLY C 351 1.21 -25.50 36.06
N ASP C 352 2.50 -25.49 35.73
CA ASP C 352 3.45 -24.52 36.28
C ASP C 352 4.42 -24.08 35.19
N PRO C 353 4.36 -22.84 34.72
CA PRO C 353 5.28 -22.41 33.65
C PRO C 353 6.66 -22.01 34.15
N TRP C 354 6.81 -21.75 35.45
CA TRP C 354 8.10 -21.43 36.04
C TRP C 354 8.86 -22.69 36.43
N HIS C 355 8.21 -23.85 36.40
CA HIS C 355 8.85 -25.15 36.50
C HIS C 355 8.78 -25.94 35.20
N LYS C 356 7.94 -25.49 34.25
CA LYS C 356 7.64 -26.22 33.02
C LYS C 356 7.08 -27.61 33.31
N ILE C 357 6.19 -27.68 34.29
CA ILE C 357 5.35 -28.85 34.52
C ILE C 357 4.08 -28.64 33.71
N PRO C 358 3.70 -29.58 32.84
CA PRO C 358 2.47 -29.39 32.05
C PRO C 358 1.23 -29.63 32.91
N ALA C 359 0.08 -29.32 32.31
CA ALA C 359 -1.19 -29.46 33.01
C ALA C 359 -1.58 -30.94 33.12
N LEU C 360 -2.56 -31.21 33.98
CA LEU C 360 -2.99 -32.56 34.31
C LEU C 360 -4.29 -32.88 33.57
N ASP C 361 -4.33 -34.07 32.97
CA ASP C 361 -5.52 -34.57 32.26
C ASP C 361 -6.45 -35.22 33.28
N PRO C 362 -7.72 -34.78 33.39
CA PRO C 362 -8.53 -35.17 34.55
C PRO C 362 -8.69 -36.67 34.70
N GLU C 363 -8.70 -37.41 33.59
CA GLU C 363 -8.92 -38.85 33.65
C GLU C 363 -7.88 -39.54 34.53
N LYS C 364 -6.64 -39.06 34.50
CA LYS C 364 -5.58 -39.65 35.30
C LYS C 364 -5.91 -39.65 36.79
N LEU C 365 -6.80 -38.75 37.24
CA LEU C 365 -7.17 -38.72 38.65
C LEU C 365 -7.80 -40.03 39.10
N ASN C 366 -8.41 -40.78 38.16
CA ASN C 366 -8.96 -42.10 38.48
C ASN C 366 -7.93 -43.01 39.14
N VAL C 367 -6.64 -42.69 39.00
CA VAL C 367 -5.56 -43.43 39.66
C VAL C 367 -5.85 -43.60 41.15
N PHE C 368 -6.60 -42.68 41.75
CA PHE C 368 -6.83 -42.70 43.19
C PHE C 368 -8.05 -43.53 43.59
N ARG C 369 -8.65 -44.29 42.68
CA ARG C 369 -9.79 -45.11 43.07
C ARG C 369 -9.39 -46.34 43.86
N THR C 370 -8.10 -46.67 43.90
CA THR C 370 -7.59 -47.80 44.67
C THR C 370 -7.09 -47.40 46.05
N VAL C 371 -7.08 -46.11 46.37
CA VAL C 371 -6.55 -45.63 47.63
C VAL C 371 -7.57 -45.88 48.74
N ARG C 372 -7.16 -46.59 49.79
CA ARG C 372 -8.02 -46.89 50.92
C ARG C 372 -7.58 -46.22 52.21
N GLU C 373 -6.33 -45.80 52.31
CA GLU C 373 -5.81 -45.19 53.53
C GLU C 373 -4.82 -44.08 53.18
N ILE C 374 -4.87 -42.99 53.94
CA ILE C 374 -3.92 -41.89 53.84
C ILE C 374 -3.35 -41.65 55.23
N THR C 375 -2.02 -41.73 55.35
CA THR C 375 -1.38 -41.63 56.67
C THR C 375 -1.50 -40.24 57.25
N GLY C 376 -1.22 -39.21 56.45
CA GLY C 376 -1.30 -37.86 56.92
C GLY C 376 -2.62 -37.19 56.61
N TYR C 377 -2.58 -36.12 55.83
CA TYR C 377 -3.75 -35.31 55.53
C TYR C 377 -4.15 -35.47 54.06
N LEU C 378 -5.36 -35.00 53.76
CA LEU C 378 -5.84 -34.83 52.40
C LEU C 378 -6.22 -33.37 52.21
N ASN C 379 -5.63 -32.72 51.20
CA ASN C 379 -5.84 -31.30 50.96
C ASN C 379 -6.24 -31.11 49.50
N ILE C 380 -7.43 -30.52 49.30
CA ILE C 380 -7.99 -30.30 47.98
C ILE C 380 -8.39 -28.83 47.89
N GLN C 381 -7.60 -28.04 47.17
CA GLN C 381 -7.92 -26.65 46.89
C GLN C 381 -8.31 -26.41 45.44
N SER C 382 -8.11 -27.40 44.57
CA SER C 382 -8.43 -27.27 43.16
C SER C 382 -8.82 -28.62 42.62
N TRP C 383 -9.71 -28.62 41.63
CA TRP C 383 -10.29 -29.84 41.10
C TRP C 383 -10.83 -29.54 39.71
N PRO C 384 -10.79 -30.49 38.79
CA PRO C 384 -11.33 -30.24 37.44
C PRO C 384 -12.78 -29.79 37.51
N PRO C 385 -13.08 -28.62 36.95
CA PRO C 385 -14.45 -28.08 37.04
C PRO C 385 -15.54 -29.06 36.61
N HIS C 386 -15.29 -29.91 35.61
CA HIS C 386 -16.32 -30.86 35.20
C HIS C 386 -16.62 -31.88 36.29
N MET C 387 -15.61 -32.26 37.07
CA MET C 387 -15.81 -33.27 38.12
C MET C 387 -16.64 -32.68 39.24
N HIS C 388 -17.89 -33.11 39.34
CA HIS C 388 -18.83 -32.62 40.36
C HIS C 388 -18.83 -33.47 41.61
N ASN C 389 -17.83 -34.34 41.75
CA ASN C 389 -17.79 -35.27 42.91
C ASN C 389 -16.37 -35.81 43.07
N PHE C 390 -15.84 -35.82 44.30
CA PHE C 390 -14.51 -36.40 44.55
C PHE C 390 -14.68 -37.91 44.70
N SER C 391 -15.40 -38.53 43.76
CA SER C 391 -15.69 -39.98 43.84
C SER C 391 -14.44 -40.81 43.50
N VAL C 392 -13.44 -40.20 42.88
CA VAL C 392 -12.20 -40.95 42.66
C VAL C 392 -11.60 -41.37 44.00
N PHE C 393 -11.90 -40.62 45.06
CA PHE C 393 -11.52 -40.99 46.42
C PHE C 393 -12.67 -41.68 47.16
N SER C 394 -13.50 -42.42 46.43
CA SER C 394 -14.65 -43.08 47.04
C SER C 394 -14.20 -44.10 48.08
N ASN C 395 -13.35 -45.05 47.66
CA ASN C 395 -12.88 -46.13 48.53
C ASN C 395 -11.93 -45.65 49.62
N LEU C 396 -11.67 -44.36 49.82
CA LEU C 396 -10.87 -43.93 50.95
C LEU C 396 -11.60 -44.25 52.24
N THR C 397 -10.93 -44.96 53.15
CA THR C 397 -11.55 -45.42 54.39
C THR C 397 -10.98 -44.78 55.65
N THR C 398 -9.75 -44.30 55.62
CA THR C 398 -9.08 -43.81 56.83
C THR C 398 -8.09 -42.74 56.46
N ILE C 399 -8.15 -41.61 57.18
CA ILE C 399 -7.16 -40.55 57.08
C ILE C 399 -6.45 -40.49 58.43
N GLY C 400 -5.18 -40.89 58.46
CA GLY C 400 -4.49 -41.00 59.73
C GLY C 400 -4.24 -39.65 60.38
N GLY C 401 -3.72 -38.70 59.61
CA GLY C 401 -3.44 -37.38 60.14
C GLY C 401 -2.23 -37.30 61.04
N ARG C 402 -1.26 -38.21 60.86
CA ARG C 402 -0.04 -38.13 61.66
C ARG C 402 0.84 -36.96 61.22
N SER C 403 0.72 -36.54 59.97
CA SER C 403 1.23 -35.26 59.51
C SER C 403 0.04 -34.40 59.10
N LEU C 404 0.12 -33.10 59.37
CA LEU C 404 -1.03 -32.22 59.21
C LEU C 404 -0.67 -30.99 58.37
N TYR C 405 -1.73 -30.27 57.97
CA TYR C 405 -1.63 -29.14 57.06
C TYR C 405 -2.14 -27.89 57.77
N ASN C 406 -1.46 -26.76 57.50
CA ASN C 406 -1.85 -25.45 58.03
C ASN C 406 -1.95 -25.51 59.56
N ARG C 407 -3.12 -25.15 60.11
CA ARG C 407 -3.27 -25.10 61.56
C ARG C 407 -3.81 -26.44 62.09
N GLY C 408 -3.07 -27.51 61.76
CA GLY C 408 -3.35 -28.83 62.27
C GLY C 408 -4.54 -29.51 61.60
N PHE C 409 -4.57 -29.48 60.27
CA PHE C 409 -5.72 -29.96 59.52
C PHE C 409 -5.40 -31.33 58.92
N SER C 410 -6.31 -32.28 59.13
CA SER C 410 -6.19 -33.60 58.51
C SER C 410 -6.99 -33.72 57.21
N LEU C 411 -8.09 -32.99 57.10
CA LEU C 411 -8.88 -32.94 55.87
C LEU C 411 -9.21 -31.48 55.58
N LEU C 412 -8.87 -31.02 54.39
CA LEU C 412 -9.13 -29.64 53.98
C LEU C 412 -9.68 -29.64 52.56
N ILE C 413 -10.89 -29.11 52.39
CA ILE C 413 -11.54 -28.99 51.09
C ILE C 413 -11.95 -27.54 50.93
N MET C 414 -11.26 -26.80 50.05
CA MET C 414 -11.43 -25.36 49.98
C MET C 414 -11.50 -24.89 48.53
N LYS C 415 -12.32 -23.84 48.31
CA LYS C 415 -12.33 -23.08 47.05
C LYS C 415 -12.63 -23.95 45.84
N ASN C 416 -13.60 -24.85 45.97
CA ASN C 416 -14.00 -25.74 44.89
C ASN C 416 -15.42 -25.37 44.46
N LEU C 417 -15.52 -24.55 43.42
CA LEU C 417 -16.78 -23.92 43.04
C LEU C 417 -17.51 -24.68 41.95
N ASN C 418 -17.07 -25.89 41.62
CA ASN C 418 -17.76 -26.74 40.67
C ASN C 418 -18.11 -28.10 41.24
N VAL C 419 -17.75 -28.37 42.49
CA VAL C 419 -18.06 -29.63 43.15
C VAL C 419 -19.41 -29.49 43.86
N THR C 420 -20.21 -30.56 43.82
CA THR C 420 -21.55 -30.55 44.38
C THR C 420 -21.81 -31.62 45.42
N SER C 421 -20.89 -32.58 45.59
CA SER C 421 -21.05 -33.65 46.56
C SER C 421 -19.67 -34.18 46.92
N LEU C 422 -19.47 -34.51 48.19
CA LEU C 422 -18.16 -34.95 48.66
C LEU C 422 -17.79 -36.31 48.05
N GLY C 423 -18.70 -37.28 48.14
CA GLY C 423 -18.50 -38.55 47.47
C GLY C 423 -17.56 -39.52 48.16
N PHE C 424 -17.14 -39.23 49.40
CA PHE C 424 -16.29 -40.15 50.16
C PHE C 424 -17.11 -41.30 50.71
N ARG C 425 -17.67 -42.09 49.78
CA ARG C 425 -18.67 -43.10 50.14
C ARG C 425 -18.14 -44.13 51.14
N SER C 426 -16.83 -44.31 51.24
CA SER C 426 -16.26 -45.34 52.10
C SER C 426 -15.44 -44.77 53.25
N LEU C 427 -15.44 -43.46 53.45
CA LEU C 427 -14.71 -42.88 54.57
C LEU C 427 -15.41 -43.20 55.88
N LYS C 428 -14.63 -43.68 56.86
CA LYS C 428 -15.19 -44.04 58.15
C LYS C 428 -14.34 -43.56 59.33
N GLU C 429 -13.10 -43.13 59.13
CA GLU C 429 -12.25 -42.72 60.23
C GLU C 429 -11.29 -41.62 59.78
N ILE C 430 -11.18 -40.59 60.61
CA ILE C 430 -10.11 -39.60 60.52
C ILE C 430 -9.39 -39.66 61.86
N SER C 431 -8.27 -40.38 61.91
CA SER C 431 -7.68 -40.79 63.18
C SER C 431 -7.24 -39.60 64.04
N ALA C 432 -6.87 -38.49 63.41
CA ALA C 432 -6.42 -37.32 64.16
C ALA C 432 -6.42 -36.11 63.24
N GLY C 433 -6.59 -34.94 63.83
CA GLY C 433 -6.49 -33.69 63.12
C GLY C 433 -7.82 -32.94 63.09
N ARG C 434 -7.80 -31.82 62.39
CA ARG C 434 -8.98 -30.96 62.22
C ARG C 434 -9.54 -31.12 60.81
N ILE C 435 -10.74 -30.58 60.64
CA ILE C 435 -11.52 -30.74 59.42
C ILE C 435 -11.94 -29.36 58.95
N TYR C 436 -11.80 -29.09 57.65
CA TYR C 436 -12.09 -27.78 57.07
C TYR C 436 -12.72 -27.96 55.71
N ILE C 437 -13.98 -27.54 55.58
CA ILE C 437 -14.70 -27.55 54.30
C ILE C 437 -15.33 -26.17 54.15
N SER C 438 -14.75 -25.34 53.30
CA SER C 438 -15.28 -23.99 53.16
C SER C 438 -15.08 -23.48 51.74
N ALA C 439 -16.06 -22.68 51.28
CA ALA C 439 -16.03 -21.96 50.01
C ALA C 439 -16.23 -22.87 48.81
N ASN C 440 -16.94 -23.97 48.98
CA ASN C 440 -17.34 -24.81 47.86
C ASN C 440 -18.80 -24.44 47.54
N ARG C 441 -18.95 -23.34 46.80
CA ARG C 441 -20.23 -22.65 46.71
C ARG C 441 -21.34 -23.52 46.13
N GLN C 442 -21.02 -24.61 45.44
CA GLN C 442 -22.04 -25.46 44.85
C GLN C 442 -22.18 -26.80 45.57
N LEU C 443 -21.54 -26.98 46.71
CA LEU C 443 -21.50 -28.26 47.40
C LEU C 443 -22.70 -28.42 48.32
N CYS C 444 -23.33 -29.60 48.27
CA CYS C 444 -24.45 -29.93 49.15
C CYS C 444 -24.18 -31.25 49.88
N TYR C 445 -25.21 -31.75 50.58
CA TYR C 445 -25.24 -33.10 51.15
C TYR C 445 -24.31 -33.29 52.35
N HIS C 446 -23.51 -32.29 52.66
CA HIS C 446 -22.60 -32.39 53.79
C HIS C 446 -23.18 -31.84 55.08
N HIS C 447 -24.26 -31.04 54.99
CA HIS C 447 -24.89 -30.48 56.17
C HIS C 447 -25.27 -31.58 57.16
N SER C 448 -26.10 -32.51 56.72
CA SER C 448 -26.46 -33.69 57.52
C SER C 448 -25.31 -34.66 57.43
N LEU C 449 -24.38 -34.58 58.38
CA LEU C 449 -23.28 -35.53 58.47
C LEU C 449 -22.80 -35.56 59.91
N ASN C 450 -22.97 -36.71 60.56
CA ASN C 450 -22.48 -36.93 61.91
C ASN C 450 -20.98 -37.19 61.82
N TRP C 451 -20.20 -36.11 61.87
CA TRP C 451 -18.75 -36.23 61.86
C TRP C 451 -18.21 -36.92 63.12
N THR C 452 -18.97 -36.90 64.22
CA THR C 452 -18.57 -37.63 65.42
C THR C 452 -18.41 -39.11 65.15
N LYS C 453 -19.10 -39.64 64.13
CA LYS C 453 -18.91 -41.03 63.73
C LYS C 453 -17.54 -41.23 63.08
N VAL C 454 -17.14 -40.31 62.21
CA VAL C 454 -15.94 -40.48 61.40
C VAL C 454 -14.69 -40.01 62.13
N LEU C 455 -14.74 -38.83 62.74
CA LEU C 455 -13.57 -38.25 63.38
C LEU C 455 -13.34 -38.91 64.74
N ARG C 456 -12.09 -39.31 64.99
CA ARG C 456 -11.72 -39.91 66.26
C ARG C 456 -11.37 -38.83 67.28
N GLY C 457 -12.05 -38.85 68.42
CA GLY C 457 -11.82 -37.88 69.46
C GLY C 457 -12.95 -36.87 69.54
N PRO C 458 -12.90 -35.99 70.53
CA PRO C 458 -13.93 -34.96 70.65
C PRO C 458 -13.91 -34.03 69.44
N THR C 459 -15.09 -33.79 68.87
CA THR C 459 -15.19 -32.89 67.72
C THR C 459 -15.30 -31.48 68.24
N GLU C 460 -14.50 -31.14 69.25
CA GLU C 460 -14.60 -29.79 69.89
C GLU C 460 -13.78 -28.76 69.12
N GLU C 461 -14.45 -27.75 68.56
CA GLU C 461 -13.70 -26.67 67.87
C GLU C 461 -12.67 -27.34 66.96
N ARG C 462 -13.08 -28.38 66.24
CA ARG C 462 -12.16 -29.11 65.36
C ARG C 462 -12.81 -29.16 63.98
N LEU C 463 -14.00 -28.57 63.86
CA LEU C 463 -14.67 -28.52 62.57
C LEU C 463 -14.77 -27.07 62.13
N ASP C 464 -14.35 -26.81 60.88
CA ASP C 464 -14.37 -25.49 60.27
C ASP C 464 -15.07 -25.66 58.92
N ILE C 465 -16.39 -25.70 58.95
CA ILE C 465 -17.21 -25.92 57.77
C ILE C 465 -18.01 -24.65 57.53
N LYS C 466 -17.64 -23.89 56.51
CA LYS C 466 -18.23 -22.59 56.25
C LYS C 466 -18.51 -22.41 54.77
N HIS C 467 -19.42 -21.48 54.47
CA HIS C 467 -19.58 -20.89 53.14
C HIS C 467 -19.61 -21.93 52.00
N ASN C 468 -20.28 -23.04 52.24
CA ASN C 468 -20.68 -23.93 51.15
C ASN C 468 -22.10 -23.57 50.75
N ARG C 469 -22.60 -24.20 49.69
CA ARG C 469 -23.94 -23.90 49.21
C ARG C 469 -24.92 -24.00 50.38
N PRO C 470 -25.61 -22.92 50.74
CA PRO C 470 -26.42 -22.92 51.95
C PRO C 470 -27.49 -24.00 51.92
N ARG C 471 -27.78 -24.54 53.11
CA ARG C 471 -28.76 -25.61 53.28
C ARG C 471 -30.04 -25.37 52.49
N ARG C 472 -30.54 -24.13 52.53
CA ARG C 472 -31.85 -23.82 51.94
C ARG C 472 -31.82 -24.03 50.43
N ASP C 473 -30.78 -23.53 49.76
CA ASP C 473 -30.69 -23.72 48.31
C ASP C 473 -30.63 -25.19 47.96
N CYS C 474 -29.90 -25.98 48.76
CA CYS C 474 -29.78 -27.41 48.49
C CYS C 474 -31.13 -28.11 48.62
N VAL C 475 -31.85 -27.86 49.71
CA VAL C 475 -33.14 -28.53 49.88
C VAL C 475 -34.13 -28.07 48.82
N ALA C 476 -34.08 -26.80 48.44
CA ALA C 476 -34.98 -26.29 47.41
C ALA C 476 -34.72 -26.96 46.07
N GLU C 477 -33.44 -27.07 45.68
CA GLU C 477 -33.11 -27.72 44.41
C GLU C 477 -33.06 -29.24 44.52
N GLY C 478 -33.55 -29.82 45.62
CA GLY C 478 -33.69 -31.25 45.75
C GLY C 478 -32.48 -31.98 46.27
N LYS C 479 -31.41 -31.26 46.61
CA LYS C 479 -30.15 -31.90 46.96
C LYS C 479 -30.15 -32.29 48.44
N VAL C 480 -30.64 -33.51 48.73
CA VAL C 480 -30.71 -34.05 50.08
C VAL C 480 -30.39 -35.55 50.08
N CYS C 481 -30.00 -36.05 51.25
CA CYS C 481 -29.66 -37.47 51.39
C CYS C 481 -30.83 -38.36 51.00
N ASP C 482 -30.50 -39.56 50.52
CA ASP C 482 -31.54 -40.52 50.14
C ASP C 482 -32.33 -40.93 51.38
N PRO C 483 -33.64 -41.13 51.26
CA PRO C 483 -34.44 -41.49 52.44
C PRO C 483 -33.90 -42.64 53.28
N LEU C 484 -33.23 -43.62 52.67
CA LEU C 484 -32.72 -44.74 53.44
C LEU C 484 -31.42 -44.43 54.15
N CYS C 485 -30.80 -43.29 53.90
CA CYS C 485 -29.65 -42.92 54.72
C CYS C 485 -30.14 -42.62 56.13
N SER C 486 -29.41 -43.13 57.12
CA SER C 486 -29.74 -42.85 58.51
C SER C 486 -29.40 -41.40 58.84
N SER C 487 -29.64 -41.02 60.09
CA SER C 487 -29.27 -39.68 60.53
C SER C 487 -27.78 -39.41 60.40
N GLY C 488 -26.96 -40.47 60.35
CA GLY C 488 -25.53 -40.29 60.16
C GLY C 488 -25.19 -39.41 58.98
N GLY C 489 -26.04 -39.41 57.96
CA GLY C 489 -25.88 -38.54 56.82
C GLY C 489 -25.51 -39.28 55.56
N CYS C 490 -24.88 -38.56 54.64
CA CYS C 490 -24.49 -39.15 53.37
C CYS C 490 -23.37 -38.31 52.76
N TRP C 491 -22.67 -38.92 51.80
CA TRP C 491 -21.63 -38.26 51.03
C TRP C 491 -22.11 -37.88 49.64
N GLY C 492 -23.41 -37.75 49.46
CA GLY C 492 -23.99 -37.45 48.17
C GLY C 492 -25.37 -38.07 47.97
N PRO C 493 -25.97 -37.92 46.77
CA PRO C 493 -27.30 -38.43 46.56
C PRO C 493 -27.24 -39.91 46.39
N GLY C 494 -28.40 -40.54 46.41
CA GLY C 494 -28.49 -41.95 46.17
C GLY C 494 -28.33 -42.77 47.43
N PRO C 495 -28.77 -44.03 47.37
CA PRO C 495 -28.62 -44.92 48.53
C PRO C 495 -27.20 -45.42 48.74
N GLY C 496 -26.34 -45.35 47.71
CA GLY C 496 -24.98 -45.78 47.83
C GLY C 496 -24.02 -44.78 48.45
N GLN C 497 -24.51 -43.58 48.77
CA GLN C 497 -23.69 -42.53 49.36
C GLN C 497 -23.96 -42.32 50.84
N CYS C 498 -24.78 -43.17 51.45
CA CYS C 498 -25.14 -42.99 52.85
C CYS C 498 -23.98 -43.36 53.77
N LEU C 499 -23.93 -42.70 54.94
CA LEU C 499 -22.99 -43.10 55.98
C LEU C 499 -23.46 -44.39 56.64
N SER C 500 -24.72 -44.43 57.09
CA SER C 500 -25.31 -45.62 57.65
C SER C 500 -26.73 -45.76 57.10
N CYS C 501 -27.19 -47.01 57.03
CA CYS C 501 -28.51 -47.31 56.49
C CYS C 501 -29.56 -47.29 57.60
N ARG C 502 -30.74 -46.77 57.26
CA ARG C 502 -31.83 -46.72 58.23
C ARG C 502 -32.26 -48.12 58.66
N ASN C 503 -32.37 -49.04 57.71
CA ASN C 503 -32.87 -50.38 58.01
C ASN C 503 -31.79 -51.43 57.80
N TYR C 504 -31.60 -51.87 56.56
CA TYR C 504 -30.63 -52.90 56.23
C TYR C 504 -29.79 -52.49 55.03
N SER C 505 -28.65 -53.17 54.88
CA SER C 505 -27.63 -52.82 53.89
C SER C 505 -27.45 -53.97 52.91
N ARG C 506 -27.88 -53.76 51.66
CA ARG C 506 -27.57 -54.65 50.55
C ARG C 506 -26.28 -54.14 49.92
N GLY C 507 -25.16 -54.64 50.41
CA GLY C 507 -23.88 -54.14 49.97
C GLY C 507 -23.78 -52.64 50.20
N GLY C 508 -23.08 -51.97 49.29
CA GLY C 508 -22.99 -50.52 49.36
C GLY C 508 -24.32 -49.81 49.25
N VAL C 509 -25.35 -50.50 48.76
CA VAL C 509 -26.66 -49.90 48.58
C VAL C 509 -27.49 -50.11 49.84
N CYS C 510 -27.92 -49.03 50.47
CA CYS C 510 -28.94 -49.14 51.49
C CYS C 510 -30.20 -49.74 50.87
N VAL C 511 -30.74 -50.79 51.47
CA VAL C 511 -31.91 -51.45 50.91
C VAL C 511 -33.02 -51.51 51.96
N THR C 512 -34.27 -51.51 51.49
CA THR C 512 -35.42 -51.41 52.37
C THR C 512 -35.94 -52.77 52.83
N HIS C 513 -35.78 -53.82 52.01
CA HIS C 513 -36.20 -55.17 52.35
C HIS C 513 -34.98 -56.04 52.61
N CYS C 514 -35.22 -57.32 52.88
CA CYS C 514 -34.10 -58.24 53.05
C CYS C 514 -34.36 -59.65 52.55
N ASN C 515 -35.54 -59.94 52.00
CA ASN C 515 -35.85 -61.25 51.41
C ASN C 515 -35.64 -62.39 52.40
N PHE C 516 -35.77 -62.10 53.69
CA PHE C 516 -35.62 -63.16 54.69
C PHE C 516 -36.72 -64.21 54.55
N LEU C 517 -37.96 -63.77 54.36
CA LEU C 517 -39.09 -64.67 54.26
C LEU C 517 -39.52 -64.81 52.81
N ASN C 518 -40.19 -63.79 52.30
CA ASN C 518 -40.73 -63.80 50.95
C ASN C 518 -39.79 -63.08 49.98
N GLU C 523 -32.12 -65.43 51.64
CA GLU C 523 -31.48 -64.13 52.01
C GLU C 523 -31.57 -63.96 53.53
N PHE C 524 -30.46 -64.16 54.24
CA PHE C 524 -30.43 -64.00 55.70
C PHE C 524 -29.87 -62.62 56.04
N ALA C 525 -29.85 -62.31 57.34
CA ALA C 525 -29.38 -61.03 57.81
C ALA C 525 -28.59 -61.19 59.10
N HIS C 526 -27.58 -60.33 59.26
CA HIS C 526 -26.74 -60.31 60.45
C HIS C 526 -26.08 -58.94 60.52
N GLU C 527 -26.05 -58.37 61.72
CA GLU C 527 -25.51 -57.03 61.94
C GLU C 527 -26.17 -56.00 61.01
N ALA C 528 -27.44 -56.21 60.68
CA ALA C 528 -28.20 -55.32 59.81
C ALA C 528 -27.56 -55.26 58.41
N GLU C 529 -27.10 -56.40 57.93
CA GLU C 529 -26.56 -56.50 56.59
C GLU C 529 -27.25 -57.70 55.93
N CYS C 530 -27.72 -57.53 54.69
CA CYS C 530 -28.46 -58.57 53.98
C CYS C 530 -27.49 -59.41 53.15
N PHE C 531 -27.46 -60.73 53.41
CA PHE C 531 -26.54 -61.62 52.70
C PHE C 531 -27.30 -62.77 52.06
N SER C 532 -26.61 -63.41 51.11
CA SER C 532 -27.09 -64.64 50.51
C SER C 532 -26.78 -65.83 51.42
N CYS C 533 -27.49 -66.93 51.19
CA CYS C 533 -27.45 -68.10 52.04
C CYS C 533 -26.77 -69.25 51.32
N HIS C 534 -26.03 -70.05 52.08
CA HIS C 534 -25.25 -71.21 51.65
C HIS C 534 -26.03 -72.09 50.70
N PRO C 535 -25.37 -72.76 49.76
CA PRO C 535 -26.07 -73.76 48.94
C PRO C 535 -26.75 -74.79 49.82
N GLU C 536 -27.87 -75.32 49.32
CA GLU C 536 -28.73 -76.32 49.95
C GLU C 536 -29.59 -75.72 51.06
N CYS C 537 -29.53 -74.41 51.31
CA CYS C 537 -30.51 -73.79 52.20
C CYS C 537 -31.85 -73.75 51.49
N GLN C 538 -32.67 -74.77 51.73
CA GLN C 538 -33.90 -74.99 50.99
C GLN C 538 -34.73 -73.70 50.93
N PRO C 539 -35.05 -73.20 49.75
CA PRO C 539 -35.98 -72.07 49.66
C PRO C 539 -37.35 -72.49 50.15
N MET C 540 -37.84 -71.74 51.15
CA MET C 540 -39.13 -72.11 51.79
C MET C 540 -40.10 -70.92 51.68
N GLU C 541 -41.26 -71.13 51.06
CA GLU C 541 -42.22 -70.07 50.82
C GLU C 541 -42.94 -69.69 52.10
N GLY C 542 -42.91 -68.41 52.43
CA GLY C 542 -43.60 -67.89 53.60
C GLY C 542 -42.86 -68.01 54.91
N THR C 543 -41.73 -68.72 54.94
CA THR C 543 -40.97 -68.88 56.19
C THR C 543 -39.49 -68.63 55.96
N ALA C 544 -38.68 -68.84 57.00
CA ALA C 544 -37.25 -68.53 56.92
C ALA C 544 -36.54 -69.51 55.99
N THR C 545 -35.82 -68.97 55.02
CA THR C 545 -35.06 -69.77 54.06
C THR C 545 -33.66 -70.10 54.56
N CYS C 546 -33.13 -69.32 55.51
CA CYS C 546 -31.73 -69.46 55.88
C CYS C 546 -31.52 -69.58 57.39
N ASN C 547 -32.10 -68.65 58.16
CA ASN C 547 -31.78 -68.52 59.59
C ASN C 547 -30.27 -68.39 59.79
N GLY C 548 -29.60 -67.80 58.81
CA GLY C 548 -28.15 -67.81 58.73
C GLY C 548 -27.68 -68.53 57.49
N SER C 549 -26.42 -68.35 57.10
CA SER C 549 -25.86 -69.00 55.92
C SER C 549 -24.79 -70.01 56.35
N GLY C 550 -24.95 -71.25 55.91
CA GLY C 550 -23.99 -72.29 56.21
C GLY C 550 -24.62 -73.65 56.05
N SER C 551 -23.78 -74.67 56.13
CA SER C 551 -24.28 -76.03 56.16
C SER C 551 -25.02 -76.30 57.47
N ASP C 552 -24.55 -75.71 58.56
CA ASP C 552 -25.19 -75.84 59.86
C ASP C 552 -26.38 -74.91 60.03
N THR C 553 -26.58 -73.97 59.11
CA THR C 553 -27.66 -73.00 59.21
C THR C 553 -28.82 -73.28 58.28
N CYS C 554 -28.56 -73.88 57.12
CA CYS C 554 -29.59 -74.19 56.13
C CYS C 554 -30.81 -74.80 56.81
N ALA C 555 -31.97 -74.17 56.61
CA ALA C 555 -33.16 -74.51 57.37
C ALA C 555 -33.70 -75.90 57.06
N LYS C 583 -19.75 -92.34 50.79
CA LYS C 583 -21.04 -91.90 51.31
C LYS C 583 -22.18 -92.68 50.65
N TYR C 584 -22.93 -93.41 51.49
CA TYR C 584 -24.05 -94.26 50.98
C TYR C 584 -25.35 -93.82 51.62
N PRO C 585 -25.93 -92.67 51.24
CA PRO C 585 -27.12 -92.13 51.91
C PRO C 585 -28.42 -92.74 51.41
N ASP C 586 -29.53 -92.09 51.73
CA ASP C 586 -30.86 -92.57 51.35
C ASP C 586 -31.33 -91.92 50.05
N GLN D 7 1.78 35.11 -4.50
CA GLN D 7 2.06 34.75 -5.88
C GLN D 7 2.89 35.84 -6.56
N ALA D 8 4.00 35.43 -7.17
CA ALA D 8 4.85 36.37 -7.89
C ALA D 8 4.04 37.08 -8.97
N VAL D 9 3.96 38.40 -8.86
CA VAL D 9 3.09 39.21 -9.69
C VAL D 9 3.94 40.04 -10.64
N CYS D 10 3.61 39.99 -11.93
CA CYS D 10 4.30 40.80 -12.93
C CYS D 10 3.27 41.32 -13.93
N PRO D 11 3.17 42.63 -14.12
CA PRO D 11 2.26 43.16 -15.14
C PRO D 11 2.85 43.00 -16.53
N GLY D 12 1.96 42.82 -17.50
CA GLY D 12 2.37 42.71 -18.88
C GLY D 12 2.74 44.04 -19.49
N THR D 13 4.04 44.30 -19.69
CA THR D 13 4.49 45.62 -20.12
C THR D 13 5.53 45.46 -21.23
N LEU D 14 6.18 46.57 -21.55
CA LEU D 14 7.10 46.67 -22.67
C LEU D 14 8.55 46.44 -22.24
N ASN D 15 9.42 46.28 -23.23
CA ASN D 15 10.85 46.02 -23.03
C ASN D 15 11.12 44.96 -21.97
N THR D 29 16.03 38.65 -27.84
CA THR D 29 15.91 37.32 -27.26
C THR D 29 15.96 37.37 -25.73
N LEU D 30 15.29 38.36 -25.15
CA LEU D 30 15.29 38.54 -23.71
C LEU D 30 13.91 38.97 -23.22
N TYR D 31 13.37 38.24 -22.25
CA TYR D 31 12.13 38.61 -21.58
C TYR D 31 12.40 38.90 -20.10
N LYS D 32 12.65 37.87 -19.30
CA LYS D 32 13.17 38.00 -17.94
C LYS D 32 12.18 38.67 -16.98
N LEU D 33 11.55 39.77 -17.39
CA LEU D 33 10.56 40.41 -16.53
C LEU D 33 9.42 39.45 -16.18
N TYR D 34 9.19 38.43 -16.99
CA TYR D 34 8.26 37.36 -16.67
C TYR D 34 8.96 36.12 -16.13
N GLU D 35 10.29 36.13 -16.04
CA GLU D 35 10.99 35.03 -15.39
C GLU D 35 10.59 34.99 -13.93
N ARG D 36 10.28 33.79 -13.43
CA ARG D 36 9.74 33.59 -12.09
C ARG D 36 8.43 34.35 -11.89
N CYS D 37 7.69 34.58 -12.97
CA CYS D 37 6.38 35.19 -12.90
C CYS D 37 5.32 34.11 -13.06
N GLU D 38 4.31 34.15 -12.21
CA GLU D 38 3.20 33.19 -12.25
C GLU D 38 1.90 33.81 -12.74
N VAL D 39 1.60 35.04 -12.33
CA VAL D 39 0.37 35.73 -12.72
C VAL D 39 0.75 37.01 -13.45
N VAL D 40 0.04 37.30 -14.53
CA VAL D 40 0.22 38.53 -15.30
C VAL D 40 -0.99 39.40 -15.05
N MET D 41 -0.81 40.46 -14.24
CA MET D 41 -1.89 41.41 -13.95
C MET D 41 -1.95 42.42 -15.10
N GLY D 42 -2.65 42.03 -16.14
CA GLY D 42 -2.73 42.76 -17.39
C GLY D 42 -2.79 41.79 -18.54
N ASN D 43 -2.43 42.28 -19.72
CA ASN D 43 -2.50 41.50 -20.94
C ASN D 43 -1.11 41.01 -21.32
N LEU D 44 -1.06 39.78 -21.84
CA LEU D 44 0.19 39.18 -22.31
C LEU D 44 0.22 39.29 -23.83
N GLU D 45 0.95 40.27 -24.33
CA GLU D 45 1.01 40.57 -25.76
C GLU D 45 2.40 40.25 -26.29
N ILE D 46 2.47 39.35 -27.25
CA ILE D 46 3.71 38.95 -27.90
C ILE D 46 3.56 39.24 -29.39
N VAL D 47 4.32 40.20 -29.89
CA VAL D 47 4.18 40.68 -31.27
C VAL D 47 5.55 40.95 -31.87
N LEU D 48 5.63 40.82 -33.20
CA LEU D 48 6.84 41.12 -33.98
C LEU D 48 8.08 40.46 -33.41
N THR D 49 7.94 39.27 -32.84
CA THR D 49 9.08 38.59 -32.24
C THR D 49 9.77 37.70 -33.27
N GLY D 50 11.09 37.65 -33.20
CA GLY D 50 11.85 36.81 -34.09
C GLY D 50 11.83 35.35 -33.66
N HIS D 51 12.31 34.49 -34.57
CA HIS D 51 12.36 33.06 -34.28
C HIS D 51 13.33 32.76 -33.14
N ASN D 52 14.47 33.45 -33.11
CA ASN D 52 15.49 33.20 -32.09
C ASN D 52 15.20 34.03 -30.84
N ALA D 53 14.08 33.68 -30.19
CA ALA D 53 13.60 34.38 -29.02
C ALA D 53 13.56 33.43 -27.84
N ASP D 54 14.17 33.84 -26.72
CA ASP D 54 14.14 33.05 -25.49
C ASP D 54 12.79 33.29 -24.82
N LEU D 55 11.84 32.41 -25.11
CA LEU D 55 10.53 32.42 -24.48
C LEU D 55 10.45 31.47 -23.29
N SER D 56 11.56 30.83 -22.93
CA SER D 56 11.60 29.99 -21.73
C SER D 56 11.16 30.77 -20.50
N PHE D 57 11.41 32.07 -20.47
CA PHE D 57 11.08 32.90 -19.32
C PHE D 57 9.58 32.97 -19.05
N LEU D 58 8.75 32.48 -19.97
CA LEU D 58 7.31 32.60 -19.82
C LEU D 58 6.67 31.36 -19.21
N GLN D 59 7.38 30.23 -19.17
CA GLN D 59 6.79 28.96 -18.78
C GLN D 59 6.03 29.07 -17.46
N TRP D 60 6.64 29.70 -16.46
CA TRP D 60 6.07 29.73 -15.12
C TRP D 60 4.72 30.42 -15.07
N ILE D 61 4.38 31.21 -16.09
CA ILE D 61 3.10 31.92 -16.10
C ILE D 61 1.96 30.94 -15.90
N ARG D 62 1.00 31.35 -15.09
CA ARG D 62 -0.09 30.49 -14.65
C ARG D 62 -1.45 31.14 -14.81
N GLU D 63 -1.54 32.46 -14.87
CA GLU D 63 -2.77 33.21 -14.91
C GLU D 63 -2.53 34.49 -15.68
N VAL D 64 -3.54 34.94 -16.43
CA VAL D 64 -3.46 36.18 -17.20
C VAL D 64 -4.78 36.92 -17.00
N THR D 65 -4.72 38.03 -16.26
CA THR D 65 -5.94 38.76 -15.91
C THR D 65 -6.59 39.43 -17.11
N GLY D 66 -5.84 39.70 -18.16
CA GLY D 66 -6.38 40.28 -19.38
C GLY D 66 -6.58 39.23 -20.45
N TYR D 67 -6.29 39.60 -21.68
CA TYR D 67 -6.30 38.66 -22.79
C TYR D 67 -4.87 38.29 -23.17
N VAL D 68 -4.74 37.21 -23.94
CA VAL D 68 -3.47 36.77 -24.49
C VAL D 68 -3.49 37.06 -25.99
N LEU D 69 -2.40 37.66 -26.49
CA LEU D 69 -2.31 38.05 -27.89
C LEU D 69 -0.97 37.60 -28.46
N VAL D 70 -1.02 36.93 -29.61
CA VAL D 70 0.16 36.53 -30.37
C VAL D 70 -0.08 36.93 -31.82
N ALA D 71 0.77 37.82 -32.35
CA ALA D 71 0.57 38.31 -33.71
C ALA D 71 1.90 38.73 -34.33
N MET D 72 2.04 38.46 -35.65
CA MET D 72 3.17 38.91 -36.46
C MET D 72 4.50 38.33 -36.00
N ASN D 73 4.44 37.11 -35.47
CA ASN D 73 5.65 36.49 -34.90
C ASN D 73 6.29 35.52 -35.90
N GLU D 74 7.52 35.10 -35.62
CA GLU D 74 8.23 34.16 -36.47
C GLU D 74 8.68 32.91 -35.74
N PHE D 75 8.46 32.80 -34.43
CA PHE D 75 8.93 31.63 -33.69
C PHE D 75 7.98 30.46 -33.88
N SER D 76 8.53 29.25 -33.72
CA SER D 76 7.81 28.03 -34.06
C SER D 76 6.99 27.45 -32.92
N THR D 77 7.32 27.77 -31.68
CA THR D 77 6.59 27.25 -30.53
C THR D 77 6.44 28.33 -29.47
N LEU D 78 5.25 28.42 -28.88
CA LEU D 78 5.01 29.33 -27.78
C LEU D 78 5.09 28.53 -26.47
N PRO D 79 6.20 28.60 -25.75
CA PRO D 79 6.32 27.85 -24.48
C PRO D 79 5.59 28.54 -23.34
N LEU D 80 4.27 28.36 -23.32
CA LEU D 80 3.42 28.78 -22.21
C LEU D 80 2.74 27.56 -21.60
N PRO D 81 3.50 26.57 -21.09
CA PRO D 81 2.89 25.36 -20.57
C PRO D 81 1.96 25.65 -19.43
N ASN D 82 2.48 26.19 -18.33
CA ASN D 82 1.68 26.35 -17.08
C ASN D 82 0.52 27.33 -17.19
N LEU D 83 0.29 27.95 -18.34
CA LEU D 83 -0.92 28.83 -18.41
C LEU D 83 -2.16 27.95 -18.23
N ARG D 84 -2.94 28.21 -17.18
CA ARG D 84 -4.16 27.45 -16.95
C ARG D 84 -5.43 28.31 -16.98
N VAL D 85 -5.35 29.58 -16.60
CA VAL D 85 -6.52 30.45 -16.53
C VAL D 85 -6.20 31.77 -17.24
N VAL D 86 -7.14 32.21 -18.07
CA VAL D 86 -7.10 33.53 -18.70
C VAL D 86 -8.42 34.22 -18.37
N ARG D 87 -8.34 35.35 -17.65
CA ARG D 87 -9.55 35.94 -17.10
C ARG D 87 -10.36 36.68 -18.15
N GLY D 88 -9.73 37.59 -18.87
CA GLY D 88 -10.45 38.42 -19.82
C GLY D 88 -11.11 39.64 -19.22
N THR D 89 -10.66 40.09 -18.05
CA THR D 89 -11.11 41.38 -17.53
C THR D 89 -10.96 42.46 -18.57
N GLN D 90 -9.93 42.36 -19.40
CA GLN D 90 -9.82 43.09 -20.66
C GLN D 90 -9.81 42.09 -21.80
N VAL D 91 -10.57 42.38 -22.85
CA VAL D 91 -10.63 41.52 -24.02
C VAL D 91 -10.20 42.32 -25.24
N TYR D 92 -9.61 41.63 -26.21
CA TYR D 92 -9.14 42.25 -27.44
C TYR D 92 -10.29 42.33 -28.44
N ASP D 93 -10.38 43.47 -29.12
CA ASP D 93 -11.42 43.75 -30.11
C ASP D 93 -12.81 43.83 -29.48
N GLY D 94 -12.87 43.99 -28.16
CA GLY D 94 -14.15 43.94 -27.48
C GLY D 94 -14.81 42.57 -27.51
N LYS D 95 -14.07 41.53 -27.87
CA LYS D 95 -14.68 40.22 -28.12
C LYS D 95 -13.87 39.04 -27.60
N PHE D 96 -12.55 39.13 -27.51
CA PHE D 96 -11.70 37.94 -27.44
C PHE D 96 -10.72 38.01 -26.28
N ALA D 97 -10.67 36.93 -25.49
CA ALA D 97 -9.67 36.76 -24.47
C ALA D 97 -8.40 36.08 -24.96
N ILE D 98 -8.45 35.46 -26.14
CA ILE D 98 -7.25 34.94 -26.81
C ILE D 98 -7.32 35.29 -28.28
N PHE D 99 -6.22 35.83 -28.80
CA PHE D 99 -6.17 36.38 -30.15
C PHE D 99 -4.83 35.99 -30.74
N VAL D 100 -4.84 35.06 -31.70
CA VAL D 100 -3.63 34.50 -32.29
C VAL D 100 -3.79 34.56 -33.80
N MET D 101 -2.90 35.28 -34.47
CA MET D 101 -3.20 35.58 -35.87
C MET D 101 -1.96 36.14 -36.58
N LEU D 102 -1.84 35.81 -37.88
CA LEU D 102 -0.76 36.26 -38.75
C LEU D 102 0.62 35.96 -38.17
N ASN D 103 0.78 34.76 -37.62
CA ASN D 103 2.07 34.31 -37.10
C ASN D 103 2.80 33.46 -38.14
N TYR D 104 3.05 34.08 -39.28
CA TYR D 104 3.80 33.42 -40.34
C TYR D 104 4.49 34.48 -41.19
N ASN D 105 5.68 34.13 -41.67
CA ASN D 105 6.39 34.94 -42.65
C ASN D 105 6.31 34.24 -44.00
N THR D 106 6.16 35.03 -45.06
CA THR D 106 6.04 34.46 -46.40
C THR D 106 7.40 34.22 -47.04
N ASN D 107 8.33 35.17 -46.90
CA ASN D 107 9.66 35.01 -47.47
C ASN D 107 10.38 33.82 -46.86
N SER D 108 10.45 33.78 -45.53
CA SER D 108 11.07 32.68 -44.81
C SER D 108 10.01 31.75 -44.24
N SER D 109 10.37 30.48 -44.08
CA SER D 109 9.48 29.52 -43.43
C SER D 109 9.57 29.58 -41.90
N HIS D 110 9.63 30.79 -41.35
CA HIS D 110 9.66 31.01 -39.90
C HIS D 110 8.24 31.32 -39.45
N ALA D 111 7.54 30.30 -38.96
CA ALA D 111 6.14 30.44 -38.61
C ALA D 111 5.83 29.65 -37.34
N LEU D 112 4.70 29.98 -36.74
CA LEU D 112 4.23 29.30 -35.53
C LEU D 112 3.63 27.95 -35.90
N ARG D 113 4.01 26.91 -35.16
CA ARG D 113 3.55 25.56 -35.43
C ARG D 113 2.84 24.90 -34.27
N GLN D 114 3.10 25.32 -33.03
CA GLN D 114 2.40 24.79 -31.86
C GLN D 114 2.06 25.91 -30.90
N LEU D 115 0.89 25.82 -30.29
CA LEU D 115 0.52 26.61 -29.13
C LEU D 115 0.53 25.64 -27.94
N ARG D 116 1.68 25.54 -27.28
CA ARG D 116 1.85 24.60 -26.17
C ARG D 116 1.15 25.15 -24.93
N LEU D 117 -0.18 25.19 -25.01
CA LEU D 117 -1.06 25.57 -23.92
C LEU D 117 -1.63 24.35 -23.21
N THR D 118 -0.79 23.32 -23.03
CA THR D 118 -1.23 21.99 -22.62
C THR D 118 -2.12 22.02 -21.38
N GLN D 119 -2.02 23.04 -20.54
CA GLN D 119 -2.75 23.07 -19.28
C GLN D 119 -3.75 24.21 -19.19
N LEU D 120 -4.07 24.88 -20.30
CA LEU D 120 -5.16 25.85 -20.28
C LEU D 120 -6.48 25.15 -19.98
N THR D 121 -7.23 25.71 -19.04
CA THR D 121 -8.44 25.06 -18.54
C THR D 121 -9.68 25.93 -18.61
N GLU D 122 -9.58 27.21 -18.25
CA GLU D 122 -10.73 28.10 -18.27
C GLU D 122 -10.37 29.43 -18.89
N ILE D 123 -11.33 30.00 -19.61
CA ILE D 123 -11.28 31.36 -20.15
C ILE D 123 -12.47 32.06 -19.53
N LEU D 124 -12.27 32.71 -18.38
CA LEU D 124 -13.39 33.20 -17.58
C LEU D 124 -14.34 34.04 -18.42
N SER D 125 -13.85 35.15 -18.97
CA SER D 125 -14.66 36.00 -19.83
C SER D 125 -13.94 36.23 -21.15
N GLY D 126 -14.72 36.40 -22.21
CA GLY D 126 -14.19 36.61 -23.54
C GLY D 126 -14.17 35.34 -24.37
N GLY D 127 -13.95 35.52 -25.66
CA GLY D 127 -13.94 34.44 -26.62
C GLY D 127 -12.54 34.11 -27.12
N VAL D 128 -12.51 33.35 -28.22
CA VAL D 128 -11.26 32.86 -28.81
C VAL D 128 -11.26 33.20 -30.30
N TYR D 129 -10.10 33.64 -30.80
CA TYR D 129 -9.93 33.96 -32.21
C TYR D 129 -8.54 33.52 -32.64
N ILE D 130 -8.49 32.52 -33.53
CA ILE D 130 -7.23 32.00 -34.06
C ILE D 130 -7.42 31.90 -35.57
N GLU D 131 -6.86 32.83 -36.33
CA GLU D 131 -7.07 32.86 -37.78
C GLU D 131 -5.80 33.29 -38.50
N LYS D 132 -5.57 32.67 -39.67
CA LYS D 132 -4.50 33.05 -40.60
C LYS D 132 -3.12 32.77 -40.02
N ASN D 133 -2.93 31.57 -39.50
CA ASN D 133 -1.62 31.09 -39.07
C ASN D 133 -1.28 29.90 -39.96
N ASP D 134 -0.49 30.17 -41.01
CA ASP D 134 -0.36 29.25 -42.13
C ASP D 134 0.18 27.88 -41.71
N LYS D 135 1.00 27.81 -40.67
CA LYS D 135 1.66 26.56 -40.30
C LYS D 135 1.38 26.13 -38.87
N LEU D 136 0.49 26.82 -38.15
CA LEU D 136 0.06 26.34 -36.85
C LEU D 136 -0.92 25.18 -37.02
N CYS D 137 -0.91 24.28 -36.04
CA CYS D 137 -1.74 23.08 -36.12
C CYS D 137 -2.39 22.79 -34.78
N HIS D 138 -3.38 21.90 -34.83
CA HIS D 138 -4.01 21.19 -33.72
C HIS D 138 -5.02 22.03 -32.93
N MET D 139 -5.19 23.31 -33.24
CA MET D 139 -6.20 24.10 -32.55
C MET D 139 -7.61 23.82 -33.05
N ASP D 140 -7.76 23.05 -34.12
CA ASP D 140 -9.07 22.63 -34.58
C ASP D 140 -9.58 21.39 -33.84
N THR D 141 -8.73 20.75 -33.06
CA THR D 141 -9.12 19.56 -32.30
C THR D 141 -9.70 19.88 -30.93
N ILE D 142 -9.49 21.09 -30.44
CA ILE D 142 -9.75 21.41 -29.04
C ILE D 142 -11.18 21.91 -28.87
N ASP D 143 -11.87 21.36 -27.87
CA ASP D 143 -13.20 21.81 -27.51
C ASP D 143 -13.07 23.11 -26.72
N TRP D 144 -13.24 24.24 -27.40
CA TRP D 144 -13.13 25.53 -26.74
C TRP D 144 -14.35 25.86 -25.88
N ARG D 145 -15.49 25.19 -26.12
CA ARG D 145 -16.64 25.34 -25.25
C ARG D 145 -16.45 24.62 -23.92
N ASP D 146 -15.30 23.99 -23.71
CA ASP D 146 -14.90 23.44 -22.42
C ASP D 146 -14.00 24.39 -21.64
N ILE D 147 -13.36 25.34 -22.33
CA ILE D 147 -12.48 26.31 -21.70
C ILE D 147 -13.15 27.68 -21.56
N VAL D 148 -14.15 27.98 -22.37
CA VAL D 148 -14.80 29.29 -22.39
C VAL D 148 -16.09 29.21 -21.59
N ARG D 149 -16.21 30.07 -20.57
CA ARG D 149 -17.39 30.04 -19.70
C ARG D 149 -18.59 30.70 -20.36
N ASP D 150 -18.40 31.82 -21.04
CA ASP D 150 -19.50 32.56 -21.66
C ASP D 150 -19.97 31.79 -22.89
N ARG D 151 -21.18 31.23 -22.81
CA ARG D 151 -21.72 30.46 -23.94
C ARG D 151 -22.15 31.35 -25.10
N ASP D 152 -22.31 32.65 -24.87
CA ASP D 152 -22.58 33.59 -25.94
C ASP D 152 -21.30 34.16 -26.54
N ALA D 153 -20.13 33.74 -26.05
CA ALA D 153 -18.87 34.24 -26.57
C ALA D 153 -18.54 33.57 -27.90
N GLU D 154 -17.88 34.33 -28.77
CA GLU D 154 -17.56 33.87 -30.11
C GLU D 154 -16.25 33.10 -30.11
N ILE D 155 -16.24 31.93 -30.77
CA ILE D 155 -15.05 31.13 -30.94
C ILE D 155 -14.83 30.96 -32.44
N VAL D 156 -13.73 31.52 -32.95
CA VAL D 156 -13.39 31.48 -34.36
C VAL D 156 -12.00 30.84 -34.46
N VAL D 157 -11.94 29.59 -34.91
CA VAL D 157 -10.69 28.89 -35.12
C VAL D 157 -10.68 28.40 -36.56
N LYS D 158 -9.99 29.16 -37.41
CA LYS D 158 -10.03 28.83 -38.85
C LYS D 158 -8.82 29.38 -39.59
N ASP D 159 -8.58 28.84 -40.76
CA ASP D 159 -7.45 29.23 -41.61
C ASP D 159 -6.13 29.08 -40.85
N ASN D 160 -5.97 27.95 -40.17
CA ASN D 160 -4.86 27.72 -39.25
C ASN D 160 -4.20 26.38 -39.57
N GLY D 161 -3.47 26.33 -40.68
CA GLY D 161 -2.74 25.13 -41.02
C GLY D 161 -3.56 24.10 -41.76
N ARG D 162 -2.95 23.47 -42.76
CA ARG D 162 -3.69 22.57 -43.64
C ARG D 162 -2.99 21.21 -43.77
N SER D 163 -1.67 21.20 -43.62
CA SER D 163 -0.90 19.95 -43.65
C SER D 163 -0.55 19.52 -42.23
N CYS D 164 -1.58 19.30 -41.42
CA CYS D 164 -1.40 19.02 -40.01
C CYS D 164 -1.47 17.53 -39.72
N PRO D 165 -0.68 17.04 -38.79
CA PRO D 165 -0.76 15.63 -38.40
C PRO D 165 -1.88 15.39 -37.40
N PRO D 166 -2.65 14.32 -37.57
CA PRO D 166 -3.69 14.00 -36.58
C PRO D 166 -3.10 13.86 -35.18
N CYS D 167 -3.94 14.08 -34.18
CA CYS D 167 -3.49 13.98 -32.79
C CYS D 167 -3.03 12.56 -32.48
N HIS D 168 -2.20 12.45 -31.44
CA HIS D 168 -1.74 11.16 -30.95
C HIS D 168 -2.94 10.29 -30.57
N GLU D 169 -2.69 8.98 -30.55
CA GLU D 169 -3.72 8.02 -30.12
C GLU D 169 -4.25 8.39 -28.73
N VAL D 170 -3.34 8.60 -27.78
CA VAL D 170 -3.72 8.77 -26.38
C VAL D 170 -4.60 10.00 -26.20
N CYS D 171 -4.32 11.07 -26.94
CA CYS D 171 -5.05 12.31 -26.77
C CYS D 171 -6.51 12.22 -27.20
N LYS D 172 -6.89 11.17 -27.93
CA LYS D 172 -8.28 10.91 -28.30
C LYS D 172 -8.88 12.09 -29.08
N GLY D 173 -8.17 12.52 -30.12
CA GLY D 173 -8.67 13.51 -31.04
C GLY D 173 -8.65 14.95 -30.56
N ARG D 174 -8.03 15.22 -29.41
CA ARG D 174 -7.96 16.57 -28.87
C ARG D 174 -6.59 16.79 -28.27
N CYS D 175 -5.82 17.72 -28.82
CA CYS D 175 -4.44 17.89 -28.39
C CYS D 175 -3.96 19.31 -28.70
N TRP D 176 -3.02 19.79 -27.87
CA TRP D 176 -2.29 21.02 -28.12
C TRP D 176 -1.01 20.79 -28.90
N GLY D 177 -0.77 19.56 -29.36
CA GLY D 177 0.44 19.23 -30.05
C GLY D 177 0.50 17.77 -30.45
N PRO D 178 1.56 17.39 -31.18
CA PRO D 178 1.59 16.02 -31.75
C PRO D 178 1.83 14.94 -30.71
N GLY D 179 2.55 15.25 -29.64
CA GLY D 179 2.93 14.23 -28.68
C GLY D 179 1.77 13.67 -27.90
N SER D 180 2.05 12.58 -27.18
CA SER D 180 1.07 11.94 -26.31
C SER D 180 0.97 12.61 -24.95
N GLU D 181 1.90 13.48 -24.60
CA GLU D 181 1.80 14.33 -23.42
C GLU D 181 1.30 15.73 -23.77
N ASP D 182 0.64 15.88 -24.92
CA ASP D 182 0.18 17.16 -25.43
C ASP D 182 -1.34 17.18 -25.59
N CYS D 183 -2.06 16.44 -24.76
CA CYS D 183 -3.49 16.26 -24.94
C CYS D 183 -4.29 17.27 -24.13
N GLN D 184 -5.51 17.54 -24.59
CA GLN D 184 -6.44 18.41 -23.87
C GLN D 184 -7.23 17.59 -22.88
N THR D 185 -7.20 18.02 -21.62
CA THR D 185 -7.96 17.38 -20.55
C THR D 185 -9.26 18.16 -20.34
N LEU D 186 -10.39 17.52 -20.62
CA LEU D 186 -11.68 18.17 -20.51
C LEU D 186 -12.12 18.25 -19.05
N THR D 187 -12.72 19.38 -18.68
CA THR D 187 -13.03 19.67 -17.29
C THR D 187 -14.38 20.32 -17.07
N LYS D 188 -15.13 20.63 -18.13
CA LYS D 188 -16.46 21.20 -17.94
C LYS D 188 -17.55 20.43 -18.65
N THR D 189 -17.27 19.91 -19.85
CA THR D 189 -18.30 19.19 -20.60
C THR D 189 -18.43 17.74 -20.15
N ILE D 190 -17.35 17.15 -19.62
CA ILE D 190 -17.40 15.77 -19.13
C ILE D 190 -18.01 15.66 -17.75
N CYS D 191 -18.35 16.78 -17.11
CA CYS D 191 -18.88 16.77 -15.76
C CYS D 191 -20.32 16.30 -15.75
N ALA D 192 -20.87 16.18 -14.55
CA ALA D 192 -22.28 15.83 -14.41
C ALA D 192 -23.15 17.05 -14.69
N PRO D 193 -24.38 16.83 -15.18
CA PRO D 193 -25.23 17.97 -15.54
C PRO D 193 -25.48 18.94 -14.40
N GLN D 194 -25.56 18.47 -13.15
CA GLN D 194 -25.77 19.37 -12.03
C GLN D 194 -24.66 20.41 -11.93
N CYS D 195 -23.45 20.06 -12.33
CA CYS D 195 -22.34 21.01 -12.36
C CYS D 195 -22.57 22.03 -13.46
N ASN D 196 -22.79 23.29 -13.09
CA ASN D 196 -22.88 24.34 -14.09
C ASN D 196 -21.52 24.88 -14.51
N GLY D 197 -20.45 24.48 -13.83
CA GLY D 197 -19.11 24.88 -14.20
C GLY D 197 -18.19 23.71 -14.41
N HIS D 198 -17.01 23.74 -13.79
CA HIS D 198 -16.06 22.65 -13.90
C HIS D 198 -16.30 21.64 -12.77
N CYS D 199 -15.52 20.57 -12.77
CA CYS D 199 -15.64 19.55 -11.74
C CYS D 199 -14.28 18.94 -11.45
N PHE D 200 -14.20 18.26 -10.31
CA PHE D 200 -13.04 17.46 -9.94
C PHE D 200 -13.37 15.97 -9.90
N GLY D 201 -14.48 15.58 -10.53
CA GLY D 201 -14.92 14.21 -10.57
C GLY D 201 -16.09 14.05 -11.52
N PRO D 202 -16.42 12.81 -11.90
CA PRO D 202 -17.47 12.61 -12.90
C PRO D 202 -18.89 12.59 -12.35
N ASN D 203 -19.08 12.46 -11.04
CA ASN D 203 -20.40 12.36 -10.44
C ASN D 203 -20.95 13.74 -10.10
N PRO D 204 -22.28 13.88 -9.93
CA PRO D 204 -22.84 15.20 -9.60
C PRO D 204 -22.44 15.69 -8.23
N ASN D 205 -22.02 14.80 -7.34
CA ASN D 205 -21.57 15.19 -6.02
C ASN D 205 -20.18 15.81 -6.05
N GLN D 206 -19.58 15.99 -7.22
CA GLN D 206 -18.21 16.43 -7.35
C GLN D 206 -18.09 17.67 -8.23
N CYS D 207 -18.99 18.63 -8.06
CA CYS D 207 -18.88 19.88 -8.81
C CYS D 207 -17.89 20.82 -8.14
N CYS D 208 -17.17 21.59 -8.95
CA CYS D 208 -16.34 22.66 -8.42
C CYS D 208 -17.22 23.71 -7.75
N HIS D 209 -16.68 24.35 -6.73
CA HIS D 209 -17.41 25.44 -6.09
C HIS D 209 -17.68 26.55 -7.10
N ASP D 210 -18.82 27.22 -6.94
CA ASP D 210 -19.20 28.29 -7.86
C ASP D 210 -18.17 29.42 -7.90
N GLU D 211 -17.36 29.56 -6.86
CA GLU D 211 -16.35 30.61 -6.78
C GLU D 211 -15.01 30.19 -7.35
N CYS D 212 -14.90 28.99 -7.93
CA CYS D 212 -13.63 28.48 -8.42
C CYS D 212 -13.36 28.97 -9.84
N ALA D 213 -12.16 29.48 -10.07
CA ALA D 213 -11.67 29.77 -11.41
C ALA D 213 -10.77 28.62 -11.86
N GLY D 214 -10.94 28.21 -13.11
CA GLY D 214 -10.27 26.98 -13.50
C GLY D 214 -10.97 25.80 -12.84
N GLY D 215 -10.27 24.68 -12.84
CA GLY D 215 -10.75 23.53 -12.11
C GLY D 215 -10.55 23.70 -10.61
N CYS D 216 -10.69 22.59 -9.90
CA CYS D 216 -10.51 22.57 -8.46
C CYS D 216 -9.99 21.20 -8.07
N SER D 217 -9.64 21.05 -6.79
CA SER D 217 -9.27 19.76 -6.23
C SER D 217 -10.27 19.31 -5.16
N GLY D 218 -11.48 19.85 -5.20
CA GLY D 218 -12.50 19.54 -4.23
C GLY D 218 -13.68 20.48 -4.37
N PRO D 219 -14.70 20.33 -3.50
CA PRO D 219 -15.93 21.11 -3.64
C PRO D 219 -15.97 22.41 -2.86
N GLN D 220 -14.94 22.72 -2.06
CA GLN D 220 -14.96 23.89 -1.20
C GLN D 220 -14.33 25.10 -1.90
N ASP D 221 -14.37 26.26 -1.25
CA ASP D 221 -13.70 27.45 -1.75
C ASP D 221 -12.22 27.48 -1.42
N THR D 222 -11.73 26.51 -0.64
CA THR D 222 -10.31 26.34 -0.36
C THR D 222 -9.65 25.39 -1.36
N ASP D 223 -10.44 24.61 -2.09
CA ASP D 223 -9.91 23.66 -3.06
C ASP D 223 -9.76 24.23 -4.46
N CYS D 224 -10.27 25.44 -4.71
CA CYS D 224 -10.09 26.05 -6.02
C CYS D 224 -8.60 26.21 -6.31
N PHE D 225 -8.26 26.09 -7.58
CA PHE D 225 -6.90 26.41 -7.99
C PHE D 225 -6.72 27.93 -8.07
N ALA D 226 -7.62 28.60 -8.79
CA ALA D 226 -7.63 30.05 -8.82
C ALA D 226 -9.01 30.54 -8.42
N CYS D 227 -9.07 31.78 -7.91
CA CYS D 227 -10.32 32.36 -7.45
C CYS D 227 -10.91 33.23 -8.55
N ARG D 228 -12.21 33.04 -8.82
CA ARG D 228 -12.88 33.82 -9.85
C ARG D 228 -12.91 35.30 -9.50
N HIS D 229 -12.98 35.63 -8.21
CA HIS D 229 -12.96 37.02 -7.78
C HIS D 229 -11.80 37.27 -6.82
N PHE D 230 -11.96 36.91 -5.55
CA PHE D 230 -10.98 37.25 -4.54
C PHE D 230 -10.65 36.05 -3.65
N ASN D 231 -9.47 36.12 -3.04
CA ASN D 231 -8.90 35.05 -2.22
C ASN D 231 -8.66 35.63 -0.83
N ASP D 232 -9.53 35.31 0.11
CA ASP D 232 -9.37 35.75 1.50
C ASP D 232 -8.75 34.61 2.29
N SER D 233 -7.43 34.69 2.47
CA SER D 233 -6.69 33.75 3.32
C SER D 233 -6.97 32.30 2.95
N GLY D 234 -7.03 32.03 1.64
CA GLY D 234 -7.19 30.69 1.11
C GLY D 234 -8.55 30.39 0.53
N ALA D 235 -9.59 31.09 0.97
CA ALA D 235 -10.94 30.85 0.49
C ALA D 235 -11.26 31.77 -0.69
N CYS D 236 -11.76 31.18 -1.77
CA CYS D 236 -12.22 31.97 -2.91
C CYS D 236 -13.58 32.55 -2.58
N VAL D 237 -13.67 33.88 -2.57
CA VAL D 237 -14.86 34.57 -2.06
C VAL D 237 -15.34 35.59 -3.09
N PRO D 238 -16.65 35.91 -3.12
CA PRO D 238 -17.13 36.87 -4.11
C PRO D 238 -16.70 38.29 -3.82
N ARG D 239 -16.72 38.67 -2.55
CA ARG D 239 -16.30 39.99 -2.10
C ARG D 239 -15.38 39.83 -0.90
N CYS D 240 -14.41 40.72 -0.79
CA CYS D 240 -13.62 40.78 0.43
C CYS D 240 -14.55 41.13 1.60
N PRO D 241 -14.17 40.75 2.83
CA PRO D 241 -14.97 41.17 3.99
C PRO D 241 -15.28 42.65 3.95
N GLN D 242 -16.56 42.94 3.76
CA GLN D 242 -17.02 44.27 3.41
C GLN D 242 -16.78 45.25 4.55
N PRO D 243 -16.54 46.54 4.24
CA PRO D 243 -16.28 47.50 5.31
C PRO D 243 -17.49 47.74 6.20
N LEU D 244 -18.68 47.74 5.63
CA LEU D 244 -19.92 47.94 6.37
C LEU D 244 -20.86 46.78 6.09
N VAL D 245 -21.44 46.21 7.14
CA VAL D 245 -22.35 45.08 7.03
C VAL D 245 -23.62 45.41 7.80
N TYR D 246 -24.75 44.94 7.27
CA TYR D 246 -26.06 45.24 7.84
C TYR D 246 -26.33 44.29 9.01
N ASN D 247 -26.42 44.85 10.21
CA ASN D 247 -26.82 44.10 11.40
C ASN D 247 -28.34 44.13 11.49
N LYS D 248 -28.94 42.94 11.65
CA LYS D 248 -30.40 42.85 11.74
C LYS D 248 -30.95 43.25 13.11
N LEU D 249 -30.10 43.26 14.14
CA LEU D 249 -30.54 43.62 15.48
C LEU D 249 -30.51 45.13 15.74
N THR D 250 -29.74 45.88 14.95
CA THR D 250 -29.82 47.33 14.98
C THR D 250 -30.43 47.91 13.70
N PHE D 251 -30.73 47.06 12.72
CA PHE D 251 -31.48 47.45 11.52
C PHE D 251 -30.73 48.52 10.72
N GLN D 252 -29.42 48.31 10.54
CA GLN D 252 -28.61 49.29 9.84
C GLN D 252 -27.23 48.71 9.55
N LEU D 253 -26.50 49.41 8.69
CA LEU D 253 -25.12 49.06 8.39
C LEU D 253 -24.21 49.55 9.51
N GLU D 254 -23.38 48.66 10.02
CA GLU D 254 -22.40 48.97 11.04
C GLU D 254 -21.01 48.63 10.52
N PRO D 255 -19.97 49.27 11.06
CA PRO D 255 -18.60 48.89 10.68
C PRO D 255 -18.37 47.41 10.97
N ASN D 256 -17.67 46.75 10.06
CA ASN D 256 -17.43 45.32 10.18
C ASN D 256 -16.12 45.08 10.90
N PRO D 257 -16.14 44.48 12.10
CA PRO D 257 -14.87 44.25 12.82
C PRO D 257 -13.88 43.40 12.04
N HIS D 258 -14.38 42.54 11.15
CA HIS D 258 -13.58 41.57 10.42
C HIS D 258 -13.29 42.03 8.99
N THR D 259 -13.22 43.35 8.77
CA THR D 259 -13.09 43.86 7.41
C THR D 259 -11.69 43.58 6.84
N LYS D 260 -11.65 43.45 5.52
CA LYS D 260 -10.40 43.30 4.79
C LYS D 260 -10.50 44.13 3.52
N TYR D 261 -9.34 44.52 2.99
CA TYR D 261 -9.28 45.35 1.80
C TYR D 261 -8.69 44.57 0.63
N GLN D 262 -8.94 45.08 -0.58
CA GLN D 262 -8.48 44.44 -1.80
C GLN D 262 -7.12 45.00 -2.18
N TYR D 263 -6.10 44.14 -2.16
CA TYR D 263 -4.84 44.38 -2.87
C TYR D 263 -4.83 43.43 -4.06
N GLY D 264 -4.95 43.99 -5.26
CA GLY D 264 -5.07 43.17 -6.45
C GLY D 264 -6.26 42.23 -6.37
N GLY D 265 -5.99 40.93 -6.27
CA GLY D 265 -7.05 39.95 -6.19
C GLY D 265 -7.06 39.18 -4.89
N VAL D 266 -6.49 39.77 -3.84
CA VAL D 266 -6.38 39.13 -2.54
C VAL D 266 -6.86 40.10 -1.47
N CYS D 267 -7.53 39.57 -0.45
CA CYS D 267 -7.99 40.37 0.69
C CYS D 267 -6.90 40.40 1.74
N VAL D 268 -6.57 41.60 2.22
CA VAL D 268 -5.53 41.79 3.21
C VAL D 268 -6.08 42.59 4.37
N ALA D 269 -5.57 42.29 5.58
CA ALA D 269 -5.94 43.08 6.75
C ALA D 269 -5.32 44.47 6.67
N SER D 270 -4.08 44.55 6.21
CA SER D 270 -3.37 45.82 6.07
C SER D 270 -2.81 45.93 4.66
N CYS D 271 -2.81 47.15 4.14
CA CYS D 271 -2.22 47.38 2.83
C CYS D 271 -0.70 47.48 2.94
N PRO D 272 0.03 47.19 1.86
CA PRO D 272 1.49 47.34 1.89
C PRO D 272 1.89 48.77 2.21
N HIS D 273 3.21 48.97 2.36
CA HIS D 273 3.74 50.27 2.69
C HIS D 273 3.28 51.32 1.68
N ASN D 274 2.89 52.49 2.20
CA ASN D 274 2.45 53.61 1.37
C ASN D 274 1.31 53.21 0.44
N PHE D 275 0.28 52.60 1.02
CA PHE D 275 -0.91 52.18 0.28
C PHE D 275 -2.13 52.52 1.11
N VAL D 276 -2.86 53.55 0.70
CA VAL D 276 -4.06 54.01 1.40
C VAL D 276 -5.22 53.10 1.00
N VAL D 277 -6.31 53.16 1.75
CA VAL D 277 -7.54 52.41 1.46
C VAL D 277 -8.55 53.38 0.85
N ASP D 278 -8.82 53.20 -0.45
CA ASP D 278 -9.91 53.97 -1.08
C ASP D 278 -11.12 53.04 -1.11
N GLN D 279 -11.99 53.17 -0.12
CA GLN D 279 -13.22 52.35 -0.03
C GLN D 279 -12.84 50.90 0.29
N THR D 280 -13.01 50.00 -0.66
CA THR D 280 -12.79 48.58 -0.39
C THR D 280 -11.47 48.12 -0.90
N SER D 281 -10.60 49.05 -1.32
CA SER D 281 -9.40 48.57 -1.99
C SER D 281 -8.18 49.40 -1.62
N CYS D 282 -7.04 48.72 -1.54
CA CYS D 282 -5.75 49.39 -1.37
C CYS D 282 -5.34 50.08 -2.66
N VAL D 283 -4.71 51.25 -2.53
CA VAL D 283 -4.26 52.04 -3.67
C VAL D 283 -2.95 52.72 -3.29
N ARG D 284 -2.15 53.05 -4.31
CA ARG D 284 -0.90 53.75 -4.05
C ARG D 284 -1.13 55.21 -3.67
N ALA D 285 -2.24 55.81 -4.12
CA ALA D 285 -2.51 57.21 -3.82
C ALA D 285 -4.00 57.47 -3.93
N CYS D 286 -4.44 58.55 -3.27
CA CYS D 286 -5.83 58.96 -3.26
C CYS D 286 -6.31 59.29 -4.68
N PRO D 287 -7.62 59.17 -4.93
CA PRO D 287 -8.16 59.56 -6.24
C PRO D 287 -8.27 61.07 -6.34
N PRO D 288 -8.66 61.62 -7.52
CA PRO D 288 -8.69 63.09 -7.68
C PRO D 288 -9.68 63.79 -6.76
N ASP D 289 -10.92 63.30 -6.69
CA ASP D 289 -11.98 63.95 -5.93
C ASP D 289 -12.09 63.41 -4.50
N LYS D 290 -11.00 62.91 -3.92
CA LYS D 290 -11.02 62.43 -2.56
C LYS D 290 -9.74 62.89 -1.85
N MET D 291 -9.72 62.73 -0.53
CA MET D 291 -8.63 63.24 0.29
C MET D 291 -8.34 62.24 1.40
N GLU D 292 -7.16 62.39 2.00
CA GLU D 292 -6.70 61.47 3.05
C GLU D 292 -7.36 61.85 4.37
N VAL D 293 -8.50 61.23 4.65
CA VAL D 293 -9.17 61.39 5.93
C VAL D 293 -8.60 60.37 6.91
N ASP D 294 -8.95 60.48 8.18
CA ASP D 294 -8.44 59.63 9.24
C ASP D 294 -9.55 58.73 9.75
N LYS D 295 -9.31 57.42 9.74
CA LYS D 295 -10.30 56.46 10.22
C LYS D 295 -9.62 55.12 10.48
N ASN D 296 -10.03 54.47 11.57
CA ASN D 296 -9.55 53.13 11.94
C ASN D 296 -8.03 53.10 12.09
N GLY D 297 -7.48 54.12 12.73
CA GLY D 297 -6.04 54.22 12.92
C GLY D 297 -5.26 54.15 11.62
N LEU D 298 -5.94 54.42 10.52
CA LEU D 298 -5.37 54.33 9.19
C LEU D 298 -5.78 55.56 8.39
N LYS D 299 -4.96 55.89 7.40
CA LYS D 299 -5.26 56.97 6.48
C LYS D 299 -6.08 56.42 5.33
N MET D 300 -7.30 56.93 5.15
CA MET D 300 -8.21 56.46 4.12
C MET D 300 -8.63 57.61 3.22
N CYS D 301 -9.03 57.27 1.99
CA CYS D 301 -9.48 58.26 1.00
C CYS D 301 -11.00 58.35 1.07
N GLU D 302 -11.50 59.43 1.67
CA GLU D 302 -12.91 59.76 1.64
C GLU D 302 -13.14 60.99 0.76
N PRO D 303 -14.37 61.26 0.33
CA PRO D 303 -14.59 62.31 -0.67
C PRO D 303 -14.52 63.71 -0.06
N CYS D 304 -13.71 64.57 -0.67
CA CYS D 304 -13.62 65.95 -0.21
C CYS D 304 -14.83 66.78 -0.58
N GLY D 305 -15.68 66.30 -1.48
CA GLY D 305 -16.79 67.09 -1.97
C GLY D 305 -16.40 67.88 -3.19
N GLY D 306 -16.81 69.14 -3.26
CA GLY D 306 -16.46 69.99 -4.38
C GLY D 306 -15.02 70.48 -4.33
N LEU D 307 -14.57 70.85 -3.12
CA LEU D 307 -13.24 71.42 -2.93
C LEU D 307 -12.43 70.52 -2.01
N CYS D 308 -11.23 70.13 -2.48
CA CYS D 308 -10.22 69.29 -1.85
C CYS D 308 -9.13 70.14 -1.22
N PRO D 309 -8.49 69.67 -0.16
CA PRO D 309 -7.37 70.42 0.42
C PRO D 309 -6.21 70.58 -0.56
N LYS D 310 -5.42 71.61 -0.32
CA LYS D 310 -4.23 71.90 -1.10
C LYS D 310 -3.29 72.71 -0.23
N ALA D 311 -2.16 73.12 -0.81
CA ALA D 311 -1.19 73.93 -0.10
C ALA D 311 -0.34 74.67 -1.12
N CYS D 312 -0.01 75.92 -0.82
CA CYS D 312 0.64 76.79 -1.80
C CYS D 312 1.63 77.69 -1.08
N GLU D 313 2.85 77.77 -1.60
CA GLU D 313 3.88 78.60 -1.00
C GLU D 313 3.47 80.06 -1.04
N GLY D 314 3.84 80.80 0.03
CA GLY D 314 3.45 82.19 0.17
C GLY D 314 4.42 83.15 -0.49
N THR D 315 4.12 84.43 -0.34
CA THR D 315 4.91 85.52 -0.89
C THR D 315 5.69 86.20 0.23
N GLY D 316 6.44 87.25 -0.16
CA GLY D 316 7.15 88.07 0.80
C GLY D 316 8.50 87.52 1.23
N SER D 317 8.84 87.72 2.50
CA SER D 317 10.11 87.25 3.02
C SER D 317 10.20 85.73 2.93
N GLY D 318 11.34 85.24 2.45
CA GLY D 318 11.54 83.83 2.26
C GLY D 318 10.93 83.26 1.00
N SER D 319 10.52 84.13 0.06
CA SER D 319 9.95 83.68 -1.20
C SER D 319 10.53 84.52 -2.33
N ARG D 320 10.40 84.02 -3.55
CA ARG D 320 10.80 84.75 -4.74
C ARG D 320 9.78 85.79 -5.17
N PHE D 321 8.75 86.02 -4.36
CA PHE D 321 7.64 86.90 -4.70
C PHE D 321 7.57 88.03 -3.67
N GLN D 322 7.76 89.27 -4.13
CA GLN D 322 7.61 90.40 -3.25
C GLN D 322 6.14 90.75 -3.03
N THR D 323 5.30 90.59 -4.05
CA THR D 323 3.85 90.74 -3.93
C THR D 323 3.19 89.71 -4.82
N VAL D 324 1.87 89.60 -4.69
CA VAL D 324 1.08 88.87 -5.67
C VAL D 324 0.84 89.79 -6.86
N ASP D 325 1.07 89.28 -8.07
CA ASP D 325 0.92 90.09 -9.27
C ASP D 325 0.30 89.23 -10.36
N SER D 326 0.17 89.81 -11.55
CA SER D 326 -0.49 89.14 -12.66
C SER D 326 0.10 87.77 -12.96
N SER D 327 1.37 87.57 -12.62
CA SER D 327 2.02 86.29 -12.90
C SER D 327 1.79 85.27 -11.80
N ASN D 328 1.70 85.71 -10.54
CA ASN D 328 1.56 84.80 -9.41
C ASN D 328 0.12 84.40 -9.13
N ILE D 329 -0.86 85.12 -9.68
CA ILE D 329 -2.25 84.93 -9.27
C ILE D 329 -2.70 83.49 -9.55
N ASP D 330 -2.54 83.04 -10.80
CA ASP D 330 -3.01 81.72 -11.22
C ASP D 330 -2.25 80.59 -10.56
N GLY D 331 -1.28 80.88 -9.70
CA GLY D 331 -0.63 79.85 -8.92
C GLY D 331 -1.28 79.58 -7.59
N PHE D 332 -2.31 80.34 -7.23
CA PHE D 332 -3.00 80.19 -5.96
C PHE D 332 -4.40 79.60 -6.13
N VAL D 333 -4.70 79.01 -7.28
CA VAL D 333 -6.04 78.49 -7.54
C VAL D 333 -6.27 77.25 -6.69
N ASN D 334 -7.36 77.27 -5.92
CA ASN D 334 -7.84 76.12 -5.14
C ASN D 334 -6.87 75.76 -4.01
N CYS D 335 -6.22 76.75 -3.40
CA CYS D 335 -5.43 76.53 -2.20
C CYS D 335 -6.29 76.76 -0.97
N THR D 336 -6.13 75.89 0.02
CA THR D 336 -6.78 76.05 1.32
C THR D 336 -5.84 76.59 2.38
N LYS D 337 -4.57 76.21 2.34
CA LYS D 337 -3.55 76.71 3.25
C LYS D 337 -2.54 77.55 2.47
N ILE D 338 -1.80 78.36 3.22
CA ILE D 338 -0.75 79.19 2.64
C ILE D 338 0.52 78.98 3.46
N LEU D 339 1.57 78.50 2.79
CA LEU D 339 2.87 78.29 3.44
C LEU D 339 3.65 79.60 3.37
N GLY D 340 3.34 80.48 4.32
CA GLY D 340 4.02 81.76 4.38
C GLY D 340 3.10 82.94 4.54
N ASN D 341 3.28 83.97 3.72
CA ASN D 341 2.57 85.22 3.86
C ASN D 341 1.94 85.62 2.52
N LEU D 342 1.01 86.58 2.60
CA LEU D 342 0.41 87.20 1.43
C LEU D 342 0.71 88.69 1.47
N ASP D 343 1.16 89.23 0.34
CA ASP D 343 1.45 90.65 0.20
C ASP D 343 0.68 91.20 -1.00
N PHE D 344 0.04 92.35 -0.80
CA PHE D 344 -0.77 92.99 -1.84
C PHE D 344 -0.35 94.46 -1.96
N LEU D 345 0.87 94.70 -2.46
CA LEU D 345 1.35 96.04 -2.67
C LEU D 345 0.94 96.55 -4.04
N ILE D 346 1.10 97.86 -4.25
CA ILE D 346 0.51 98.51 -5.43
C ILE D 346 1.16 97.99 -6.71
N THR D 347 2.47 97.68 -6.66
CA THR D 347 3.10 97.03 -7.80
C THR D 347 2.52 95.62 -7.96
N GLY D 348 2.06 95.32 -9.17
CA GLY D 348 1.37 94.07 -9.39
C GLY D 348 -0.13 94.24 -9.38
N LEU D 349 -0.66 94.88 -8.33
CA LEU D 349 -2.06 95.27 -8.33
C LEU D 349 -2.35 96.23 -9.49
N ASN D 350 -1.44 97.16 -9.74
CA ASN D 350 -1.53 98.07 -10.87
C ASN D 350 -0.42 97.92 -11.88
N GLY D 351 0.65 97.19 -11.54
CA GLY D 351 1.75 96.97 -12.47
C GLY D 351 3.06 97.57 -12.01
N ASP D 352 4.16 97.02 -12.52
CA ASP D 352 5.50 97.52 -12.26
C ASP D 352 6.18 97.85 -13.60
N PRO D 353 6.84 99.00 -13.71
CA PRO D 353 7.38 99.42 -15.01
C PRO D 353 8.79 98.94 -15.31
N TRP D 354 9.66 98.90 -14.29
CA TRP D 354 11.01 98.39 -14.50
C TRP D 354 10.99 96.88 -14.75
N HIS D 355 10.25 96.16 -13.92
CA HIS D 355 10.13 94.71 -14.06
C HIS D 355 9.15 94.32 -15.15
N LYS D 356 8.41 95.29 -15.71
CA LYS D 356 7.51 95.06 -16.84
C LYS D 356 6.46 94.00 -16.51
N ILE D 357 5.90 94.08 -15.31
CA ILE D 357 4.87 93.15 -14.85
C ILE D 357 3.50 93.73 -15.21
N PRO D 358 2.67 93.01 -15.97
CA PRO D 358 1.37 93.56 -16.35
C PRO D 358 0.44 93.68 -15.16
N ALA D 359 -0.67 94.39 -15.37
CA ALA D 359 -1.67 94.57 -14.34
C ALA D 359 -2.47 93.30 -14.11
N LEU D 360 -3.17 93.26 -12.98
CA LEU D 360 -3.96 92.10 -12.57
C LEU D 360 -5.43 92.37 -12.83
N ASP D 361 -6.14 91.34 -13.30
CA ASP D 361 -7.59 91.38 -13.44
C ASP D 361 -8.26 91.22 -12.08
N PRO D 362 -8.94 92.26 -11.58
CA PRO D 362 -9.49 92.19 -10.21
C PRO D 362 -10.30 90.94 -9.90
N GLU D 363 -11.08 90.45 -10.87
CA GLU D 363 -11.89 89.26 -10.65
C GLU D 363 -11.02 88.08 -10.20
N LYS D 364 -9.80 88.00 -10.72
CA LYS D 364 -8.90 86.89 -10.38
C LYS D 364 -8.62 86.82 -8.89
N LEU D 365 -8.77 87.91 -8.15
CA LEU D 365 -8.52 87.87 -6.71
C LEU D 365 -9.50 86.95 -5.99
N ASN D 366 -10.68 86.70 -6.57
CA ASN D 366 -11.59 85.72 -6.00
C ASN D 366 -10.97 84.34 -5.85
N VAL D 367 -9.82 84.10 -6.49
CA VAL D 367 -9.09 82.84 -6.36
C VAL D 367 -8.82 82.49 -4.90
N PHE D 368 -8.78 83.48 -4.02
CA PHE D 368 -8.45 83.26 -2.62
C PHE D 368 -9.64 82.87 -1.76
N ARG D 369 -10.85 82.85 -2.31
CA ARG D 369 -12.02 82.51 -1.50
C ARG D 369 -11.93 81.12 -0.90
N THR D 370 -11.07 80.26 -1.44
CA THR D 370 -10.87 78.93 -0.88
C THR D 370 -9.88 78.92 0.27
N VAL D 371 -9.10 80.01 0.43
CA VAL D 371 -8.10 80.05 1.50
C VAL D 371 -8.79 80.04 2.85
N ARG D 372 -8.23 79.27 3.79
CA ARG D 372 -8.77 79.19 5.14
C ARG D 372 -7.73 79.31 6.25
N GLU D 373 -6.45 79.16 5.96
CA GLU D 373 -5.42 79.43 6.94
C GLU D 373 -4.22 80.06 6.24
N ILE D 374 -3.65 81.08 6.87
CA ILE D 374 -2.39 81.68 6.45
C ILE D 374 -1.41 81.50 7.61
N THR D 375 -0.28 80.86 7.32
CA THR D 375 0.67 80.55 8.40
C THR D 375 1.42 81.79 8.87
N GLY D 376 1.71 82.72 7.97
CA GLY D 376 2.45 83.91 8.34
C GLY D 376 1.56 85.13 8.51
N TYR D 377 1.89 86.22 7.83
CA TYR D 377 1.15 87.45 7.95
C TYR D 377 0.30 87.71 6.72
N LEU D 378 -0.58 88.69 6.85
CA LEU D 378 -1.39 89.20 5.73
C LEU D 378 -1.13 90.70 5.64
N ASN D 379 -0.67 91.15 4.48
CA ASN D 379 -0.26 92.53 4.28
C ASN D 379 -0.99 93.07 3.06
N ILE D 380 -1.88 94.04 3.29
CA ILE D 380 -2.69 94.63 2.23
C ILE D 380 -2.45 96.13 2.24
N GLN D 381 -1.76 96.61 1.20
CA GLN D 381 -1.52 98.03 1.02
C GLN D 381 -2.16 98.57 -0.25
N SER D 382 -2.75 97.71 -1.07
CA SER D 382 -3.51 98.13 -2.25
C SER D 382 -4.61 97.10 -2.50
N TRP D 383 -5.63 97.53 -3.22
CA TRP D 383 -6.83 96.73 -3.43
C TRP D 383 -7.65 97.36 -4.54
N PRO D 384 -8.33 96.56 -5.36
CA PRO D 384 -9.17 97.12 -6.43
C PRO D 384 -10.18 98.10 -5.86
N PRO D 385 -10.30 99.30 -6.45
CA PRO D 385 -11.14 100.33 -5.83
C PRO D 385 -12.62 99.99 -5.77
N HIS D 386 -13.11 99.11 -6.63
CA HIS D 386 -14.52 98.75 -6.57
C HIS D 386 -14.82 97.71 -5.50
N MET D 387 -13.82 96.98 -5.03
CA MET D 387 -14.01 95.96 -4.01
C MET D 387 -13.97 96.64 -2.66
N HIS D 388 -15.15 96.87 -2.07
CA HIS D 388 -15.28 97.63 -0.84
C HIS D 388 -14.98 96.81 0.41
N ASN D 389 -14.69 95.53 0.23
CA ASN D 389 -14.49 94.65 1.39
C ASN D 389 -13.45 93.58 1.07
N PHE D 390 -12.82 93.04 2.10
CA PHE D 390 -11.90 91.92 1.91
C PHE D 390 -12.62 90.59 1.98
N SER D 391 -13.84 90.56 1.45
CA SER D 391 -14.65 89.33 1.47
C SER D 391 -13.96 88.17 0.77
N VAL D 392 -13.04 88.46 -0.16
CA VAL D 392 -12.29 87.40 -0.83
C VAL D 392 -11.62 86.47 0.18
N PHE D 393 -11.33 86.98 1.38
CA PHE D 393 -10.84 86.15 2.47
C PHE D 393 -11.93 85.80 3.47
N SER D 394 -13.20 85.81 3.04
CA SER D 394 -14.28 85.46 3.95
C SER D 394 -14.08 84.08 4.57
N ASN D 395 -13.52 83.15 3.80
CA ASN D 395 -13.30 81.80 4.31
C ASN D 395 -12.11 81.72 5.26
N LEU D 396 -11.16 82.65 5.18
CA LEU D 396 -9.97 82.63 6.04
C LEU D 396 -10.37 82.45 7.49
N THR D 397 -9.71 81.51 8.16
CA THR D 397 -10.03 81.16 9.54
C THR D 397 -8.92 81.49 10.52
N THR D 398 -7.66 81.33 10.13
CA THR D 398 -6.56 81.45 11.08
C THR D 398 -5.34 82.05 10.42
N ILE D 399 -4.76 83.06 11.05
CA ILE D 399 -3.51 83.68 10.62
C ILE D 399 -2.45 83.30 11.65
N GLY D 400 -1.49 82.47 11.24
CA GLY D 400 -0.50 81.97 12.20
C GLY D 400 0.46 83.05 12.64
N GLY D 401 1.02 83.80 11.70
CA GLY D 401 1.95 84.86 12.04
C GLY D 401 3.31 84.37 12.49
N ARG D 402 3.76 83.22 11.99
CA ARG D 402 5.12 82.78 12.28
C ARG D 402 6.14 83.67 11.58
N SER D 403 5.82 84.14 10.38
CA SER D 403 6.58 85.17 9.69
C SER D 403 5.80 86.47 9.74
N LEU D 404 6.52 87.58 9.97
CA LEU D 404 5.89 88.85 10.28
C LEU D 404 6.38 89.92 9.30
N TYR D 405 5.71 91.07 9.31
CA TYR D 405 5.94 92.14 8.36
C TYR D 405 6.16 93.46 9.09
N ASN D 406 7.14 94.23 8.63
CA ASN D 406 7.44 95.57 9.15
C ASN D 406 7.68 95.46 10.65
N ARG D 407 6.93 96.17 11.48
CA ARG D 407 7.19 96.17 12.93
C ARG D 407 6.48 94.98 13.57
N GLY D 408 6.94 93.79 13.19
CA GLY D 408 6.40 92.55 13.70
C GLY D 408 4.90 92.48 13.59
N PHE D 409 4.39 92.72 12.39
CA PHE D 409 2.95 92.74 12.15
C PHE D 409 2.52 91.41 11.54
N SER D 410 1.46 90.82 12.10
CA SER D 410 0.83 89.65 11.51
C SER D 410 -0.34 90.01 10.59
N LEU D 411 -0.92 91.19 10.77
CA LEU D 411 -1.96 91.70 9.91
C LEU D 411 -1.74 93.18 9.72
N LEU D 412 -1.64 93.61 8.47
CA LEU D 412 -1.45 95.02 8.13
C LEU D 412 -2.45 95.41 7.06
N ILE D 413 -3.29 96.41 7.37
CA ILE D 413 -4.26 96.93 6.36
C ILE D 413 -4.08 98.45 6.32
N MET D 414 -3.57 99.00 5.21
CA MET D 414 -3.27 100.46 5.18
C MET D 414 -3.51 101.05 3.78
N LYS D 415 -3.86 102.34 3.72
CA LYS D 415 -4.02 103.04 2.43
C LYS D 415 -5.09 102.40 1.55
N ASN D 416 -6.09 101.74 2.15
CA ASN D 416 -7.20 101.23 1.34
C ASN D 416 -8.38 102.16 1.52
N LEU D 417 -8.46 103.16 0.63
CA LEU D 417 -9.44 104.24 0.75
C LEU D 417 -10.80 103.89 0.14
N ASN D 418 -10.91 102.76 -0.55
CA ASN D 418 -12.19 102.31 -1.09
C ASN D 418 -12.72 101.10 -0.34
N VAL D 419 -12.14 100.77 0.81
CA VAL D 419 -12.60 99.69 1.67
C VAL D 419 -13.49 100.29 2.75
N THR D 420 -14.70 99.76 2.88
CA THR D 420 -15.66 100.25 3.86
C THR D 420 -15.87 99.30 5.03
N SER D 421 -15.43 98.06 4.91
CA SER D 421 -15.56 97.06 5.96
C SER D 421 -14.57 95.94 5.68
N LEU D 422 -13.99 95.36 6.73
CA LEU D 422 -12.91 94.36 6.52
C LEU D 422 -13.44 93.13 5.74
N GLY D 423 -14.30 92.30 6.33
CA GLY D 423 -14.89 91.17 5.59
C GLY D 423 -14.35 89.81 6.00
N PHE D 424 -13.48 89.76 7.00
CA PHE D 424 -12.89 88.48 7.44
C PHE D 424 -13.88 87.79 8.35
N ARG D 425 -15.00 87.29 7.80
CA ARG D 425 -16.08 86.72 8.64
C ARG D 425 -15.60 85.44 9.35
N SER D 426 -14.91 84.56 8.64
CA SER D 426 -14.54 83.30 9.26
C SER D 426 -13.26 83.38 10.07
N LEU D 427 -12.56 84.52 10.05
CA LEU D 427 -11.35 84.67 10.85
C LEU D 427 -11.69 84.58 12.33
N LYS D 428 -11.00 83.69 13.05
CA LYS D 428 -11.28 83.50 14.47
C LYS D 428 -9.99 83.57 15.31
N GLU D 429 -8.87 83.11 14.76
CA GLU D 429 -7.63 83.04 15.52
C GLU D 429 -6.49 83.70 14.74
N ILE D 430 -5.91 84.74 15.31
CA ILE D 430 -4.60 85.23 14.90
C ILE D 430 -3.60 84.73 15.93
N SER D 431 -2.73 83.81 15.52
CA SER D 431 -1.95 83.05 16.49
C SER D 431 -0.86 83.89 17.15
N ALA D 432 -0.27 84.83 16.42
CA ALA D 432 0.81 85.65 16.98
C ALA D 432 1.09 86.82 16.04
N GLY D 433 1.43 87.98 16.64
CA GLY D 433 1.86 89.14 15.91
C GLY D 433 1.13 90.39 16.33
N ARG D 434 1.39 91.48 15.62
CA ARG D 434 0.75 92.76 15.84
C ARG D 434 -0.21 93.08 14.69
N ILE D 435 -1.19 93.94 14.98
CA ILE D 435 -2.24 94.27 14.03
C ILE D 435 -2.17 95.75 13.71
N TYR D 436 -2.05 96.08 12.42
CA TYR D 436 -1.97 97.46 11.95
C TYR D 436 -3.15 97.72 11.02
N ILE D 437 -4.00 98.68 11.39
CA ILE D 437 -5.12 99.09 10.55
C ILE D 437 -5.23 100.61 10.57
N SER D 438 -4.72 101.25 9.52
CA SER D 438 -4.71 102.71 9.48
C SER D 438 -4.86 103.19 8.05
N ALA D 439 -5.38 104.42 7.92
CA ALA D 439 -5.48 105.18 6.68
C ALA D 439 -6.54 104.67 5.73
N ASN D 440 -7.46 103.81 6.19
CA ASN D 440 -8.53 103.33 5.33
C ASN D 440 -9.73 104.24 5.57
N ARG D 441 -9.69 105.42 4.94
CA ARG D 441 -10.68 106.49 5.23
C ARG D 441 -12.13 106.02 5.31
N GLN D 442 -12.55 105.15 4.42
CA GLN D 442 -13.96 104.79 4.38
C GLN D 442 -14.31 103.62 5.28
N LEU D 443 -13.32 103.02 5.95
CA LEU D 443 -13.53 101.77 6.66
C LEU D 443 -14.30 101.98 7.95
N CYS D 444 -15.36 101.20 8.14
CA CYS D 444 -16.14 101.19 9.37
C CYS D 444 -16.19 99.76 9.91
N TYR D 445 -16.99 99.56 10.97
CA TYR D 445 -17.32 98.29 11.59
C TYR D 445 -16.18 97.68 12.37
N HIS D 446 -14.99 98.29 12.38
CA HIS D 446 -13.85 97.75 13.11
C HIS D 446 -13.73 98.29 14.53
N HIS D 447 -14.54 99.30 14.89
CA HIS D 447 -14.40 99.92 16.21
C HIS D 447 -14.91 98.99 17.30
N SER D 448 -16.12 98.45 17.14
CA SER D 448 -16.75 97.63 18.15
C SER D 448 -16.05 96.29 18.37
N LEU D 449 -14.97 96.01 17.66
CA LEU D 449 -14.42 94.67 17.65
C LEU D 449 -13.60 94.39 18.90
N ASN D 450 -13.79 93.19 19.44
CA ASN D 450 -13.03 92.68 20.58
C ASN D 450 -11.87 91.86 20.05
N TRP D 451 -10.77 92.56 19.73
CA TRP D 451 -9.58 91.89 19.23
C TRP D 451 -9.03 90.86 20.20
N THR D 452 -9.35 91.00 21.50
CA THR D 452 -8.88 90.03 22.49
C THR D 452 -9.40 88.64 22.20
N LYS D 453 -10.60 88.53 21.62
CA LYS D 453 -11.13 87.23 21.25
C LYS D 453 -10.33 86.59 20.14
N VAL D 454 -9.97 87.37 19.12
CA VAL D 454 -9.30 86.82 17.94
C VAL D 454 -7.81 86.63 18.20
N LEU D 455 -7.16 87.64 18.76
CA LEU D 455 -5.72 87.63 18.93
C LEU D 455 -5.32 86.74 20.10
N ARG D 456 -4.41 85.79 19.84
CA ARG D 456 -3.94 84.87 20.86
C ARG D 456 -2.92 85.59 21.74
N GLY D 457 -3.31 85.91 22.97
CA GLY D 457 -2.46 86.61 23.90
C GLY D 457 -3.09 87.91 24.37
N PRO D 458 -2.37 88.66 25.19
CA PRO D 458 -2.88 89.97 25.63
C PRO D 458 -2.71 91.02 24.54
N THR D 459 -3.74 91.83 24.35
CA THR D 459 -3.74 92.88 23.34
C THR D 459 -3.05 94.16 23.80
N GLU D 460 -2.23 94.08 24.84
CA GLU D 460 -1.56 95.27 25.37
C GLU D 460 -0.50 95.74 24.39
N GLU D 461 -0.72 96.92 23.79
CA GLU D 461 0.23 97.55 22.86
C GLU D 461 0.46 96.70 21.62
N ARG D 462 -0.53 95.90 21.22
CA ARG D 462 -0.45 95.09 20.02
C ARG D 462 -1.34 95.59 18.90
N LEU D 463 -1.98 96.74 19.09
CA LEU D 463 -2.99 97.24 18.16
C LEU D 463 -2.63 98.67 17.75
N ASP D 464 -2.33 98.85 16.46
CA ASP D 464 -2.06 100.17 15.90
C ASP D 464 -3.18 100.48 14.90
N ILE D 465 -4.29 101.03 15.41
CA ILE D 465 -5.48 101.29 14.63
C ILE D 465 -5.79 102.78 14.75
N LYS D 466 -5.72 103.51 13.63
CA LYS D 466 -5.94 104.94 13.66
C LYS D 466 -6.23 105.46 12.26
N HIS D 467 -6.88 106.62 12.21
CA HIS D 467 -7.11 107.38 10.97
C HIS D 467 -7.91 106.60 9.93
N ASN D 468 -8.86 105.81 10.42
CA ASN D 468 -9.83 105.16 9.51
C ASN D 468 -11.13 105.92 9.76
N ARG D 469 -12.16 105.73 8.94
CA ARG D 469 -13.42 106.53 9.11
C ARG D 469 -13.70 106.68 10.59
N PRO D 470 -13.96 107.91 11.08
CA PRO D 470 -14.19 108.12 12.50
C PRO D 470 -15.40 107.34 13.01
N ARG D 471 -15.31 106.80 14.23
CA ARG D 471 -16.44 106.07 14.78
C ARG D 471 -17.73 106.88 14.64
N ARG D 472 -17.66 108.18 14.95
CA ARG D 472 -18.84 109.03 14.95
C ARG D 472 -19.51 109.05 13.58
N ASP D 473 -18.72 109.18 12.51
CA ASP D 473 -19.28 109.14 11.17
C ASP D 473 -19.94 107.80 10.89
N CYS D 474 -19.29 106.71 11.31
CA CYS D 474 -19.88 105.38 11.12
C CYS D 474 -21.21 105.26 11.84
N VAL D 475 -21.21 105.53 13.15
CA VAL D 475 -22.42 105.32 13.95
C VAL D 475 -23.56 106.20 13.44
N ALA D 476 -23.24 107.41 12.98
CA ALA D 476 -24.28 108.30 12.47
C ALA D 476 -24.90 107.75 11.20
N GLU D 477 -24.07 107.33 10.25
CA GLU D 477 -24.55 106.82 8.97
C GLU D 477 -25.17 105.44 9.07
N GLY D 478 -25.20 104.83 10.25
CA GLY D 478 -25.76 103.51 10.41
C GLY D 478 -24.80 102.36 10.21
N LYS D 479 -23.50 102.64 10.08
CA LYS D 479 -22.50 101.59 9.92
C LYS D 479 -22.12 101.09 11.31
N VAL D 480 -22.87 100.09 11.78
CA VAL D 480 -22.65 99.52 13.11
C VAL D 480 -23.10 98.08 13.07
N CYS D 481 -22.54 97.26 13.96
CA CYS D 481 -22.80 95.83 13.97
C CYS D 481 -24.29 95.53 14.07
N ASP D 482 -24.69 94.43 13.43
CA ASP D 482 -26.08 94.00 13.44
C ASP D 482 -26.52 93.69 14.87
N PRO D 483 -27.80 93.91 15.18
CA PRO D 483 -28.27 93.60 16.55
C PRO D 483 -28.09 92.15 16.96
N LEU D 484 -28.22 91.20 16.03
CA LEU D 484 -28.05 89.79 16.39
C LEU D 484 -26.60 89.43 16.65
N CYS D 485 -25.65 90.28 16.30
CA CYS D 485 -24.25 90.07 16.67
C CYS D 485 -24.09 90.05 18.18
N SER D 486 -22.97 89.51 18.64
CA SER D 486 -22.63 89.53 20.05
C SER D 486 -21.90 90.83 20.37
N SER D 487 -21.30 90.91 21.56
CA SER D 487 -20.51 92.08 21.94
C SER D 487 -19.15 92.10 21.25
N GLY D 488 -18.67 90.94 20.78
CA GLY D 488 -17.36 90.87 20.17
C GLY D 488 -17.19 91.72 18.93
N GLY D 489 -18.29 92.19 18.34
CA GLY D 489 -18.23 93.02 17.17
C GLY D 489 -18.52 92.26 15.90
N CYS D 490 -18.15 92.88 14.78
CA CYS D 490 -18.44 92.32 13.47
C CYS D 490 -17.31 92.67 12.51
N TRP D 491 -17.33 92.00 11.36
CA TRP D 491 -16.42 92.30 10.26
C TRP D 491 -17.13 93.08 9.15
N GLY D 492 -18.27 93.67 9.44
CA GLY D 492 -19.03 94.40 8.45
C GLY D 492 -20.51 94.39 8.76
N PRO D 493 -21.32 94.80 7.78
CA PRO D 493 -22.76 94.92 8.01
C PRO D 493 -23.47 93.57 7.92
N GLY D 494 -24.53 93.44 8.73
CA GLY D 494 -25.43 92.32 8.60
C GLY D 494 -25.17 91.21 9.61
N PRO D 495 -26.00 90.16 9.55
CA PRO D 495 -25.87 89.05 10.50
C PRO D 495 -24.79 88.05 10.14
N GLY D 496 -24.35 88.01 8.88
CA GLY D 496 -23.32 87.07 8.47
C GLY D 496 -21.90 87.49 8.77
N GLN D 497 -21.69 88.74 9.18
CA GLN D 497 -20.37 89.27 9.45
C GLN D 497 -20.03 89.30 10.94
N CYS D 498 -20.81 88.60 11.76
CA CYS D 498 -20.60 88.67 13.20
C CYS D 498 -19.38 87.83 13.62
N LEU D 499 -18.85 88.19 14.79
CA LEU D 499 -17.85 87.35 15.45
C LEU D 499 -18.53 86.16 16.11
N SER D 500 -19.46 86.42 17.02
CA SER D 500 -20.31 85.41 17.62
C SER D 500 -21.74 85.94 17.64
N CYS D 501 -22.69 85.03 17.79
CA CYS D 501 -24.10 85.40 17.78
C CYS D 501 -24.68 85.39 19.18
N ARG D 502 -25.75 86.17 19.35
CA ARG D 502 -26.41 86.24 20.65
C ARG D 502 -27.08 84.91 20.99
N ASN D 503 -27.95 84.43 20.11
CA ASN D 503 -28.71 83.22 20.41
C ASN D 503 -28.29 82.04 19.53
N TYR D 504 -28.70 82.03 18.26
CA TYR D 504 -28.44 80.89 17.39
C TYR D 504 -27.75 81.34 16.11
N SER D 505 -27.17 80.37 15.40
CA SER D 505 -26.47 80.62 14.15
C SER D 505 -26.72 79.47 13.18
N ARG D 506 -26.94 79.82 11.91
CA ARG D 506 -27.14 78.84 10.85
C ARG D 506 -26.13 79.13 9.74
N GLY D 507 -25.26 78.16 9.47
CA GLY D 507 -24.27 78.28 8.42
C GLY D 507 -23.43 79.54 8.53
N GLY D 508 -23.11 79.94 9.76
CA GLY D 508 -22.35 81.15 9.97
C GLY D 508 -23.12 82.43 9.80
N VAL D 509 -24.45 82.40 9.95
CA VAL D 509 -25.29 83.58 9.88
C VAL D 509 -26.13 83.63 11.14
N CYS D 510 -26.05 84.73 11.87
CA CYS D 510 -26.74 84.84 13.15
C CYS D 510 -28.25 84.92 12.95
N VAL D 511 -28.99 84.25 13.83
CA VAL D 511 -30.44 84.13 13.69
C VAL D 511 -31.06 84.08 15.08
N THR D 512 -32.33 84.48 15.16
CA THR D 512 -33.05 84.47 16.43
C THR D 512 -33.42 83.07 16.87
N HIS D 513 -33.72 82.18 15.92
CA HIS D 513 -34.15 80.83 16.26
C HIS D 513 -33.84 79.90 15.10
N CYS D 514 -33.62 78.63 15.42
CA CYS D 514 -33.55 77.61 14.38
C CYS D 514 -34.94 77.37 13.80
N ASN D 515 -35.01 76.52 12.79
CA ASN D 515 -36.30 76.13 12.19
C ASN D 515 -36.89 74.95 12.97
N PHE D 516 -37.07 75.17 14.27
CA PHE D 516 -37.52 74.11 15.16
C PHE D 516 -38.91 73.62 14.76
N LEU D 517 -39.88 74.53 14.68
CA LEU D 517 -41.28 74.16 14.56
C LEU D 517 -41.89 74.54 13.21
N ASN D 518 -41.11 75.16 12.32
CA ASN D 518 -41.57 75.62 11.02
C ASN D 518 -40.37 76.18 10.28
N GLY D 519 -40.44 76.18 8.95
CA GLY D 519 -39.35 76.67 8.13
C GLY D 519 -38.88 75.65 7.12
N GLU D 520 -38.36 76.10 5.99
CA GLU D 520 -38.10 75.19 4.86
C GLU D 520 -37.17 74.05 5.24
N PRO D 521 -35.93 74.28 5.72
CA PRO D 521 -35.17 73.16 6.28
C PRO D 521 -35.47 73.02 7.77
N ARG D 522 -36.21 71.98 8.15
CA ARG D 522 -36.52 71.79 9.56
C ARG D 522 -35.24 71.42 10.31
N GLU D 523 -34.99 72.10 11.43
CA GLU D 523 -33.69 72.04 12.07
C GLU D 523 -33.83 71.72 13.56
N PHE D 524 -32.68 71.42 14.16
CA PHE D 524 -32.49 71.31 15.59
C PHE D 524 -31.25 72.10 15.96
N ALA D 525 -30.88 72.10 17.24
CA ALA D 525 -29.79 72.92 17.73
C ALA D 525 -28.81 72.12 18.56
N HIS D 526 -27.53 72.41 18.39
CA HIS D 526 -26.46 71.83 19.19
C HIS D 526 -25.32 72.84 19.25
N GLU D 527 -24.86 73.14 20.47
CA GLU D 527 -23.80 74.12 20.70
C GLU D 527 -24.15 75.47 20.08
N ALA D 528 -25.41 75.87 20.23
CA ALA D 528 -25.96 77.14 19.73
C ALA D 528 -25.94 77.25 18.22
N GLU D 529 -25.59 76.17 17.52
CA GLU D 529 -25.57 76.16 16.05
C GLU D 529 -26.77 75.39 15.53
N CYS D 530 -27.42 75.95 14.52
CA CYS D 530 -28.57 75.30 13.90
C CYS D 530 -28.09 74.26 12.88
N PHE D 531 -28.66 73.06 12.96
CA PHE D 531 -28.34 71.98 12.05
C PHE D 531 -29.63 71.39 11.51
N SER D 532 -29.66 71.12 10.20
CA SER D 532 -30.87 70.65 9.56
C SER D 532 -31.18 69.22 9.98
N CYS D 533 -32.46 68.95 10.23
CA CYS D 533 -32.90 67.59 10.52
C CYS D 533 -32.60 66.68 9.33
N HIS D 534 -32.33 65.42 9.64
CA HIS D 534 -32.05 64.44 8.59
C HIS D 534 -33.20 64.42 7.59
N PRO D 535 -32.92 64.32 6.30
CA PRO D 535 -33.97 63.93 5.35
C PRO D 535 -34.56 62.60 5.78
N GLU D 536 -35.75 62.29 5.29
CA GLU D 536 -36.57 61.15 5.69
C GLU D 536 -37.28 61.42 7.01
N CYS D 537 -37.01 62.53 7.69
CA CYS D 537 -37.86 62.99 8.77
C CYS D 537 -39.10 63.64 8.19
N GLN D 538 -40.26 63.33 8.75
CA GLN D 538 -41.47 63.99 8.29
C GLN D 538 -41.54 65.39 8.86
N PRO D 539 -41.71 66.43 8.04
CA PRO D 539 -41.91 67.77 8.58
C PRO D 539 -43.09 67.83 9.55
N MET D 540 -42.79 68.10 10.81
CA MET D 540 -43.81 68.20 11.84
C MET D 540 -44.23 69.65 11.99
N GLU D 541 -45.53 69.90 12.01
CA GLU D 541 -46.05 71.25 12.20
C GLU D 541 -46.41 71.45 13.66
N GLY D 542 -45.84 72.50 14.26
CA GLY D 542 -46.03 72.79 15.67
C GLY D 542 -45.15 72.01 16.62
N THR D 543 -44.35 71.07 16.11
CA THR D 543 -43.57 70.17 16.96
C THR D 543 -42.24 69.88 16.30
N ALA D 544 -41.23 69.63 17.13
CA ALA D 544 -39.89 69.29 16.64
C ALA D 544 -39.94 68.15 15.63
N THR D 545 -39.29 68.39 14.48
CA THR D 545 -39.19 67.37 13.44
C THR D 545 -38.12 66.33 13.78
N CYS D 546 -37.15 66.68 14.60
CA CYS D 546 -36.09 65.77 15.02
C CYS D 546 -35.39 66.39 16.21
N ASN D 547 -34.68 65.54 16.97
CA ASN D 547 -33.80 66.02 18.02
C ASN D 547 -32.33 65.69 17.73
N GLY D 548 -32.01 65.41 16.47
CA GLY D 548 -30.65 65.14 16.07
C GLY D 548 -30.58 64.98 14.56
N SER D 549 -29.37 64.75 14.07
CA SER D 549 -29.13 64.67 12.63
C SER D 549 -29.17 63.24 12.09
N GLY D 550 -29.59 62.27 12.90
CA GLY D 550 -29.64 60.89 12.47
C GLY D 550 -31.02 60.47 11.94
N SER D 551 -31.06 59.30 11.32
CA SER D 551 -32.33 58.75 10.87
C SER D 551 -33.15 58.22 12.05
N ASP D 552 -32.48 57.75 13.10
CA ASP D 552 -33.15 57.27 14.31
C ASP D 552 -33.59 58.42 15.21
N THR D 553 -33.56 59.66 14.70
CA THR D 553 -33.86 60.83 15.54
C THR D 553 -35.08 61.59 15.07
N CYS D 554 -35.77 61.15 14.01
CA CYS D 554 -36.98 61.81 13.57
C CYS D 554 -38.10 61.58 14.58
N ALA D 555 -38.96 62.59 14.72
CA ALA D 555 -40.21 62.38 15.43
C ALA D 555 -41.10 61.38 14.69
N GLN D 556 -41.15 61.50 13.36
CA GLN D 556 -42.00 60.66 12.54
C GLN D 556 -41.33 60.46 11.19
N CYS D 557 -41.28 59.21 10.73
CA CYS D 557 -40.61 58.92 9.48
C CYS D 557 -41.42 59.43 8.29
N ALA D 558 -40.73 60.03 7.32
CA ALA D 558 -41.40 60.57 6.15
C ALA D 558 -41.96 59.46 5.28
N HIS D 559 -41.15 58.43 4.98
CA HIS D 559 -41.57 57.36 4.10
C HIS D 559 -41.65 56.08 4.92
N PHE D 560 -40.62 55.25 4.94
CA PHE D 560 -40.67 53.95 5.57
C PHE D 560 -39.79 53.91 6.82
N ARG D 561 -40.03 52.90 7.64
CA ARG D 561 -39.35 52.73 8.92
C ARG D 561 -38.73 51.34 8.95
N ASP D 562 -37.42 51.27 8.89
CA ASP D 562 -36.68 50.02 9.07
C ASP D 562 -36.10 50.05 10.48
N GLY D 563 -36.70 49.29 11.39
CA GLY D 563 -36.35 49.35 12.78
C GLY D 563 -36.60 50.74 13.34
N PRO D 564 -35.60 51.31 14.01
CA PRO D 564 -35.74 52.66 14.54
C PRO D 564 -35.39 53.75 13.54
N HIS D 565 -34.88 53.40 12.37
CA HIS D 565 -34.42 54.38 11.40
C HIS D 565 -35.51 54.67 10.38
N CYS D 566 -35.52 55.92 9.92
CA CYS D 566 -36.37 56.32 8.80
C CYS D 566 -35.58 56.16 7.50
N VAL D 567 -36.17 55.45 6.54
CA VAL D 567 -35.51 55.16 5.28
C VAL D 567 -36.48 55.45 4.14
N SER D 568 -35.91 55.78 2.98
CA SER D 568 -36.72 55.99 1.79
C SER D 568 -37.22 54.68 1.19
N SER D 569 -36.43 53.62 1.32
CA SER D 569 -36.81 52.31 0.81
C SER D 569 -36.47 51.26 1.85
N CYS D 570 -37.07 50.08 1.69
CA CYS D 570 -36.73 48.96 2.56
C CYS D 570 -35.44 48.31 2.07
N PRO D 571 -34.64 47.75 2.98
CA PRO D 571 -33.38 47.10 2.58
C PRO D 571 -33.60 45.99 1.57
N HIS D 572 -33.10 46.18 0.36
CA HIS D 572 -33.25 45.22 -0.73
C HIS D 572 -31.85 44.97 -1.29
N GLY D 573 -31.27 43.82 -0.96
CA GLY D 573 -29.95 43.47 -1.47
C GLY D 573 -28.81 44.09 -0.73
N VAL D 574 -28.99 44.42 0.55
CA VAL D 574 -27.91 45.00 1.34
C VAL D 574 -27.10 43.88 1.98
N LEU D 575 -25.82 44.14 2.18
CA LEU D 575 -24.87 43.11 2.58
C LEU D 575 -25.07 42.71 4.04
N GLY D 576 -25.18 41.40 4.27
CA GLY D 576 -25.23 40.84 5.60
C GLY D 576 -24.03 39.95 5.87
N ALA D 577 -24.01 39.41 7.09
CA ALA D 577 -22.95 38.49 7.46
C ALA D 577 -23.20 37.08 6.91
N LYS D 578 -24.46 36.71 6.72
CA LYS D 578 -24.84 35.39 6.24
C LYS D 578 -25.52 35.43 4.89
N GLY D 579 -25.72 36.61 4.31
CA GLY D 579 -26.38 36.72 3.04
C GLY D 579 -27.01 38.08 2.83
N PRO D 580 -27.34 38.40 1.59
CA PRO D 580 -28.11 39.61 1.30
C PRO D 580 -29.39 39.70 2.11
N ILE D 581 -29.79 40.93 2.41
CA ILE D 581 -30.94 41.27 3.23
C ILE D 581 -32.02 41.80 2.32
N TYR D 582 -33.15 41.10 2.27
CA TYR D 582 -34.28 41.50 1.42
C TYR D 582 -35.49 41.73 2.32
N LYS D 583 -36.07 42.92 2.24
CA LYS D 583 -37.18 43.30 3.12
C LYS D 583 -38.30 43.93 2.31
N TYR D 584 -39.50 43.87 2.87
CA TYR D 584 -40.71 44.39 2.24
C TYR D 584 -41.42 45.36 3.18
N PRO D 585 -42.08 46.38 2.64
CA PRO D 585 -42.85 47.30 3.49
C PRO D 585 -44.29 46.84 3.68
N ASP D 586 -44.77 46.83 4.92
CA ASP D 586 -46.09 46.33 5.23
C ASP D 586 -47.13 47.44 5.08
N VAL D 587 -48.35 47.22 5.57
CA VAL D 587 -49.40 48.22 5.47
C VAL D 587 -49.19 49.37 6.45
N GLN D 588 -48.47 49.14 7.55
CA GLN D 588 -48.08 50.24 8.44
C GLN D 588 -46.74 50.85 8.06
N ASN D 589 -46.21 50.50 6.88
CA ASN D 589 -45.03 51.10 6.30
C ASN D 589 -43.76 50.79 7.09
N GLU D 590 -43.72 49.62 7.74
CA GLU D 590 -42.55 49.15 8.46
C GLU D 590 -41.85 48.06 7.66
N CYS D 591 -40.53 48.16 7.56
CA CYS D 591 -39.76 47.18 6.80
C CYS D 591 -39.70 45.87 7.58
N ARG D 592 -40.22 44.80 6.97
CA ARG D 592 -40.25 43.49 7.59
C ARG D 592 -39.49 42.48 6.73
N PRO D 593 -38.96 41.41 7.34
CA PRO D 593 -38.12 40.48 6.58
C PRO D 593 -38.89 39.75 5.48
N CYS D 594 -38.20 39.50 4.37
CA CYS D 594 -38.73 38.64 3.33
C CYS D 594 -38.72 37.19 3.81
N HIS D 595 -39.61 36.39 3.22
CA HIS D 595 -39.60 34.95 3.47
C HIS D 595 -38.19 34.41 3.28
N GLU D 596 -37.82 33.44 4.12
CA GLU D 596 -36.44 32.96 4.14
C GLU D 596 -35.96 32.57 2.74
N ASN D 597 -36.75 31.78 2.03
CA ASN D 597 -36.37 31.29 0.71
C ASN D 597 -36.64 32.28 -0.41
N CYS D 598 -37.15 33.47 -0.11
CA CYS D 598 -37.23 34.53 -1.12
C CYS D 598 -35.82 34.79 -1.67
N THR D 599 -35.65 34.57 -2.97
CA THR D 599 -34.31 34.51 -3.55
C THR D 599 -33.80 35.85 -4.07
N GLN D 600 -34.68 36.79 -4.42
CA GLN D 600 -34.23 38.08 -4.96
C GLN D 600 -35.17 39.18 -4.51
N GLY D 601 -35.53 39.20 -3.23
CA GLY D 601 -36.46 40.17 -2.71
C GLY D 601 -37.90 39.72 -2.80
N CYS D 602 -38.78 40.52 -2.18
CA CYS D 602 -40.19 40.18 -2.12
C CYS D 602 -41.02 41.43 -1.95
N LYS D 603 -42.33 41.25 -1.96
CA LYS D 603 -43.28 42.29 -1.62
C LYS D 603 -44.21 41.87 -0.49
N GLY D 604 -43.99 40.69 0.10
CA GLY D 604 -44.81 40.20 1.18
C GLY D 604 -44.08 39.12 1.96
N PRO D 605 -44.67 38.69 3.08
CA PRO D 605 -43.94 37.80 4.00
C PRO D 605 -43.95 36.34 3.62
N GLU D 606 -44.97 35.89 2.88
CA GLU D 606 -45.10 34.48 2.56
C GLU D 606 -44.26 34.12 1.34
N LEU D 607 -44.18 32.81 1.07
CA LEU D 607 -43.39 32.34 -0.07
C LEU D 607 -43.96 32.85 -1.39
N GLN D 608 -45.28 32.83 -1.53
CA GLN D 608 -45.96 33.27 -2.77
C GLN D 608 -45.49 34.66 -3.21
N ASP D 609 -45.11 35.50 -2.26
CA ASP D 609 -44.77 36.89 -2.55
C ASP D 609 -43.31 37.07 -2.94
N CYS D 610 -42.52 35.99 -3.00
CA CYS D 610 -41.12 36.11 -3.33
C CYS D 610 -40.93 36.57 -4.77
N LEU D 611 -39.67 36.85 -5.11
CA LEU D 611 -39.30 37.33 -6.45
C LEU D 611 -40.09 38.57 -6.85
N ASP E 1 5.71 -29.57 -10.62
CA ASP E 1 5.50 -30.45 -9.48
C ASP E 1 6.81 -31.02 -8.96
N ILE E 2 7.47 -31.81 -9.81
CA ILE E 2 8.71 -32.48 -9.40
C ILE E 2 9.81 -31.45 -9.28
N VAL E 3 10.42 -31.36 -8.09
CA VAL E 3 11.56 -30.48 -7.86
C VAL E 3 12.84 -31.24 -8.12
N MET E 4 13.71 -30.67 -8.95
CA MET E 4 15.01 -31.25 -9.27
C MET E 4 16.12 -30.44 -8.61
N THR E 5 17.11 -31.13 -8.04
CA THR E 5 18.13 -30.47 -7.25
C THR E 5 19.50 -31.04 -7.61
N GLN E 6 20.37 -30.19 -8.15
CA GLN E 6 21.72 -30.61 -8.50
C GLN E 6 22.63 -30.25 -7.33
N THR E 7 23.51 -31.18 -6.97
CA THR E 7 24.22 -31.00 -5.71
C THR E 7 25.51 -30.21 -5.83
N PRO E 8 26.48 -30.57 -6.69
CA PRO E 8 27.64 -29.68 -6.79
C PRO E 8 27.18 -28.43 -7.49
N LEU E 9 26.98 -27.35 -6.73
CA LEU E 9 26.51 -26.12 -7.34
C LEU E 9 27.57 -25.51 -8.25
N SER E 10 28.84 -25.81 -7.97
CA SER E 10 29.95 -25.37 -8.78
C SER E 10 31.02 -26.46 -8.70
N LEU E 11 31.88 -26.49 -9.71
CA LEU E 11 32.86 -27.57 -9.80
C LEU E 11 34.09 -27.07 -10.53
N SER E 12 35.26 -27.37 -9.99
CA SER E 12 36.52 -27.00 -10.61
C SER E 12 37.42 -28.22 -10.60
N VAL E 13 37.83 -28.67 -11.79
CA VAL E 13 38.62 -29.88 -11.94
C VAL E 13 39.79 -29.62 -12.88
N THR E 14 40.94 -30.14 -12.50
CA THR E 14 42.10 -30.19 -13.37
C THR E 14 41.80 -31.15 -14.51
N PRO E 15 42.28 -30.86 -15.73
CA PRO E 15 42.07 -31.84 -16.81
C PRO E 15 42.75 -33.17 -16.47
N GLY E 16 42.03 -34.26 -16.75
CA GLY E 16 42.50 -35.60 -16.45
C GLY E 16 41.97 -36.19 -15.17
N GLN E 17 41.45 -35.37 -14.26
CA GLN E 17 40.86 -35.84 -13.02
C GLN E 17 39.39 -36.16 -13.23
N PRO E 18 38.77 -36.96 -12.33
CA PRO E 18 37.36 -37.23 -12.48
C PRO E 18 36.43 -36.14 -11.99
N ALA E 19 35.14 -36.32 -12.24
CA ALA E 19 34.08 -35.40 -11.84
C ALA E 19 32.82 -36.18 -11.52
N SER E 20 32.03 -35.62 -10.59
CA SER E 20 30.75 -36.20 -10.20
C SER E 20 29.75 -35.07 -9.96
N ILE E 21 28.55 -35.23 -10.52
CA ILE E 21 27.43 -34.33 -10.32
C ILE E 21 26.23 -35.17 -9.94
N SER E 22 25.40 -34.63 -9.04
CA SER E 22 24.27 -35.43 -8.51
C SER E 22 22.93 -34.71 -8.68
N CYS E 23 21.90 -35.45 -9.09
CA CYS E 23 20.55 -34.94 -9.26
C CYS E 23 19.63 -35.71 -8.31
N LYS E 24 19.07 -35.01 -7.33
CA LYS E 24 18.11 -35.56 -6.40
C LYS E 24 16.73 -35.01 -6.72
N SER E 25 15.74 -35.90 -6.70
CA SER E 25 14.36 -35.51 -7.08
C SER E 25 13.45 -35.51 -5.85
N SER E 26 12.40 -34.70 -5.89
CA SER E 26 11.44 -34.63 -4.79
C SER E 26 10.56 -35.86 -4.75
N GLN E 27 10.26 -36.46 -5.90
CA GLN E 27 9.50 -37.71 -5.98
C GLN E 27 10.22 -38.63 -6.94
N SER E 28 9.94 -39.93 -6.81
CA SER E 28 10.60 -40.93 -7.64
C SER E 28 10.34 -40.68 -9.13
N LEU E 29 11.40 -40.83 -9.92
CA LEU E 29 11.34 -40.63 -11.37
C LEU E 29 10.95 -41.91 -12.10
N LEU E 30 10.33 -42.85 -11.38
CA LEU E 30 9.92 -44.13 -11.94
C LEU E 30 8.52 -43.98 -12.53
N HIS E 31 8.41 -44.06 -13.85
CA HIS E 31 7.11 -44.05 -14.52
C HIS E 31 6.46 -45.43 -14.44
N SER E 32 7.19 -46.45 -14.88
CA SER E 32 6.76 -47.85 -14.84
C SER E 32 8.01 -48.69 -14.70
N TYR E 33 7.81 -49.98 -14.38
CA TYR E 33 8.94 -50.86 -14.13
C TYR E 33 9.99 -50.76 -15.21
N GLY E 34 11.22 -50.45 -14.81
CA GLY E 34 12.30 -50.32 -15.75
C GLY E 34 12.20 -49.12 -16.66
N ASN E 35 11.48 -48.08 -16.24
CA ASN E 35 11.29 -46.87 -17.03
C ASN E 35 11.55 -45.67 -16.12
N THR E 36 12.78 -45.18 -16.12
CA THR E 36 13.18 -44.01 -15.35
C THR E 36 13.81 -43.02 -16.33
N TYR E 37 13.07 -41.95 -16.66
CA TYR E 37 13.50 -41.02 -17.70
C TYR E 37 14.31 -39.88 -17.09
N LEU E 38 15.47 -40.23 -16.55
CA LEU E 38 16.42 -39.23 -16.12
C LEU E 38 17.41 -38.96 -17.24
N GLU E 39 17.60 -37.68 -17.56
CA GLU E 39 18.50 -37.26 -18.61
C GLU E 39 19.49 -36.24 -18.06
N TRP E 40 20.69 -36.27 -18.61
CA TRP E 40 21.74 -35.30 -18.31
C TRP E 40 22.10 -34.56 -19.59
N TYR E 41 22.06 -33.22 -19.51
CA TYR E 41 22.35 -32.29 -20.58
C TYR E 41 23.57 -31.45 -20.24
N LEU E 42 24.27 -31.00 -21.29
CA LEU E 42 25.37 -30.05 -21.14
C LEU E 42 25.12 -28.86 -22.04
N GLN E 43 25.18 -27.66 -21.47
CA GLN E 43 25.11 -26.41 -22.21
C GLN E 43 26.48 -25.75 -22.12
N LYS E 44 27.19 -25.72 -23.25
CA LYS E 44 28.47 -25.05 -23.33
C LYS E 44 28.24 -23.54 -23.44
N PRO E 45 29.25 -22.72 -23.13
CA PRO E 45 29.05 -21.26 -23.12
C PRO E 45 28.52 -20.74 -24.45
N GLY E 46 27.30 -20.19 -24.41
CA GLY E 46 26.72 -19.59 -25.59
C GLY E 46 26.25 -20.58 -26.64
N GLN E 47 25.78 -21.75 -26.22
CA GLN E 47 25.29 -22.77 -27.14
C GLN E 47 23.95 -23.29 -26.67
N SER E 48 23.34 -24.15 -27.49
CA SER E 48 22.14 -24.81 -27.01
C SER E 48 22.50 -26.06 -26.23
N PRO E 49 21.68 -26.47 -25.27
CA PRO E 49 22.01 -27.67 -24.49
C PRO E 49 22.09 -28.89 -25.39
N GLN E 50 23.08 -29.74 -25.11
CA GLN E 50 23.20 -31.03 -25.77
C GLN E 50 22.74 -32.12 -24.82
N LEU E 51 22.07 -33.12 -25.37
CA LEU E 51 21.72 -34.30 -24.59
C LEU E 51 22.95 -35.19 -24.45
N LEU E 52 23.29 -35.52 -23.21
CA LEU E 52 24.42 -36.42 -22.96
C LEU E 52 23.95 -37.82 -22.63
N ILE E 53 23.06 -37.97 -21.66
CA ILE E 53 22.63 -39.30 -21.24
C ILE E 53 21.11 -39.32 -21.07
N TYR E 54 20.50 -40.43 -21.49
CA TYR E 54 19.07 -40.66 -21.38
C TYR E 54 18.83 -41.97 -20.63
N ARG E 55 17.66 -42.07 -20.01
CA ARG E 55 17.27 -43.26 -19.26
C ARG E 55 18.33 -43.62 -18.22
N VAL E 56 18.84 -42.60 -17.54
CA VAL E 56 19.77 -42.70 -16.43
C VAL E 56 21.18 -43.10 -16.88
N SER E 57 21.31 -44.19 -17.65
CA SER E 57 22.62 -44.80 -17.83
C SER E 57 23.00 -45.06 -19.29
N ASN E 58 22.33 -44.46 -20.26
CA ASN E 58 22.57 -44.74 -21.67
C ASN E 58 23.13 -43.50 -22.37
N ARG E 59 24.37 -43.59 -22.83
CA ARG E 59 24.99 -42.48 -23.56
C ARG E 59 24.32 -42.29 -24.92
N PHE E 60 24.00 -41.04 -25.23
CA PHE E 60 23.41 -40.67 -26.52
C PHE E 60 24.46 -40.75 -27.62
N SER E 61 23.98 -40.89 -28.86
CA SER E 61 24.87 -41.06 -30.01
C SER E 61 25.90 -39.94 -30.09
N GLY E 62 27.17 -40.30 -29.99
CA GLY E 62 28.26 -39.36 -30.11
C GLY E 62 28.91 -38.95 -28.80
N VAL E 63 28.22 -39.12 -27.68
CA VAL E 63 28.79 -38.73 -26.38
C VAL E 63 29.99 -39.60 -26.07
N PRO E 64 31.16 -39.02 -25.75
CA PRO E 64 32.36 -39.83 -25.52
C PRO E 64 32.21 -40.71 -24.28
N ASP E 65 33.17 -41.63 -24.13
CA ASP E 65 33.05 -42.70 -23.14
C ASP E 65 33.12 -42.18 -21.71
N ARG E 66 33.82 -41.07 -21.48
CA ARG E 66 34.05 -40.61 -20.11
C ARG E 66 32.78 -40.19 -19.38
N PHE E 67 31.69 -39.93 -20.09
CA PHE E 67 30.43 -39.54 -19.47
C PHE E 67 29.65 -40.80 -19.09
N SER E 68 29.29 -40.93 -17.82
CA SER E 68 28.56 -42.08 -17.32
C SER E 68 27.42 -41.63 -16.43
N GLY E 69 26.40 -42.48 -16.32
CA GLY E 69 25.24 -42.14 -15.53
C GLY E 69 24.74 -43.30 -14.70
N SER E 70 24.58 -43.08 -13.41
CA SER E 70 24.03 -44.07 -12.50
C SER E 70 22.84 -43.46 -11.75
N GLY E 71 22.07 -44.31 -11.10
CA GLY E 71 21.02 -43.77 -10.25
C GLY E 71 19.73 -44.55 -10.29
N SER E 72 18.86 -44.28 -9.32
CA SER E 72 17.51 -44.91 -9.29
C SER E 72 16.60 -44.10 -8.37
N GLY E 73 15.30 -44.07 -8.65
CA GLY E 73 14.34 -43.42 -7.76
C GLY E 73 14.49 -41.92 -7.68
N THR E 74 15.02 -41.42 -6.58
CA THR E 74 15.13 -39.97 -6.38
C THR E 74 16.57 -39.54 -6.46
N ASP E 75 17.51 -40.46 -6.68
CA ASP E 75 18.94 -40.09 -6.60
C ASP E 75 19.71 -40.61 -7.81
N PHE E 76 20.41 -39.72 -8.52
CA PHE E 76 21.13 -40.06 -9.73
C PHE E 76 22.44 -39.28 -9.77
N THR E 77 23.40 -39.79 -10.54
CA THR E 77 24.74 -39.22 -10.56
C THR E 77 25.33 -39.33 -11.96
N LEU E 78 25.85 -38.22 -12.46
CA LEU E 78 26.66 -38.17 -13.67
C LEU E 78 28.13 -38.16 -13.28
N LYS E 79 28.93 -38.91 -14.01
CA LYS E 79 30.34 -39.09 -13.70
C LYS E 79 31.17 -38.87 -14.95
N ILE E 80 32.14 -37.96 -14.88
CA ILE E 80 33.08 -37.73 -15.96
C ILE E 80 34.41 -38.36 -15.55
N SER E 81 34.85 -39.36 -16.30
CA SER E 81 36.05 -40.08 -15.91
C SER E 81 37.29 -39.19 -16.00
N ARG E 82 37.59 -38.68 -17.19
CA ARG E 82 38.74 -37.82 -17.41
C ARG E 82 38.24 -36.48 -17.95
N VAL E 83 38.01 -35.52 -17.04
CA VAL E 83 37.55 -34.21 -17.48
C VAL E 83 38.51 -33.63 -18.50
N GLU E 84 37.98 -33.21 -19.63
CA GLU E 84 38.75 -32.58 -20.70
C GLU E 84 38.43 -31.09 -20.74
N ALA E 85 39.18 -30.37 -21.57
CA ALA E 85 39.00 -28.93 -21.65
C ALA E 85 37.68 -28.57 -22.30
N GLU E 86 37.14 -29.45 -23.14
CA GLU E 86 35.89 -29.20 -23.84
C GLU E 86 34.66 -29.41 -22.95
N ASP E 87 34.81 -30.02 -21.77
CA ASP E 87 33.68 -30.34 -20.92
C ASP E 87 33.16 -29.18 -20.08
N VAL E 88 33.86 -28.05 -20.02
CA VAL E 88 33.40 -26.91 -19.22
C VAL E 88 32.03 -26.43 -19.70
N GLY E 89 31.22 -25.95 -18.77
CA GLY E 89 29.89 -25.46 -19.11
C GLY E 89 28.96 -25.66 -17.94
N VAL E 90 27.66 -25.73 -18.24
CA VAL E 90 26.66 -25.97 -17.20
C VAL E 90 25.94 -27.28 -17.50
N TYR E 91 25.89 -28.15 -16.50
CA TYR E 91 25.25 -29.45 -16.63
C TYR E 91 23.88 -29.39 -15.98
N TYR E 92 22.87 -29.87 -16.69
CA TYR E 92 21.48 -29.85 -16.24
C TYR E 92 20.96 -31.27 -16.15
N CYS E 93 20.19 -31.57 -15.13
CA CYS E 93 19.45 -32.83 -15.10
C CYS E 93 17.99 -32.57 -15.42
N PHE E 94 17.32 -33.61 -15.91
CA PHE E 94 15.98 -33.45 -16.44
C PHE E 94 15.18 -34.73 -16.26
N GLN E 95 13.92 -34.59 -15.89
CA GLN E 95 13.01 -35.72 -15.73
C GLN E 95 11.94 -35.66 -16.80
N GLY E 96 11.65 -36.82 -17.41
CA GLY E 96 10.64 -36.91 -18.45
C GLY E 96 9.57 -37.91 -18.13
N SER E 97 9.46 -38.28 -16.84
CA SER E 97 8.55 -39.32 -16.40
C SER E 97 7.19 -38.80 -15.95
N HIS E 98 7.15 -37.52 -15.57
CA HIS E 98 5.90 -36.99 -14.95
C HIS E 98 5.40 -35.79 -15.74
N VAL E 99 4.12 -35.45 -15.59
CA VAL E 99 3.48 -34.40 -16.44
C VAL E 99 4.29 -33.10 -16.50
N PRO E 100 4.56 -32.35 -15.43
CA PRO E 100 5.32 -31.12 -15.59
C PRO E 100 6.74 -31.59 -15.70
N PHE E 101 7.28 -31.56 -16.92
CA PHE E 101 8.70 -31.92 -17.14
C PHE E 101 9.54 -30.84 -16.48
N THR E 102 10.62 -31.22 -15.79
CA THR E 102 11.35 -30.26 -15.00
C THR E 102 12.84 -30.46 -15.16
N PHE E 103 13.58 -29.35 -15.05
CA PHE E 103 15.02 -29.33 -15.14
C PHE E 103 15.65 -29.09 -13.78
N GLY E 104 16.94 -29.41 -13.69
CA GLY E 104 17.71 -29.01 -12.52
C GLY E 104 18.13 -27.57 -12.57
N GLN E 105 18.43 -27.03 -11.39
CA GLN E 105 18.92 -25.66 -11.26
C GLN E 105 20.18 -25.42 -12.08
N GLY E 106 20.97 -26.46 -12.30
CA GLY E 106 22.20 -26.35 -13.05
C GLY E 106 23.43 -26.55 -12.18
N THR E 107 24.52 -26.96 -12.83
CA THR E 107 25.78 -27.21 -12.15
C THR E 107 26.88 -26.64 -13.04
N LYS E 108 27.53 -25.57 -12.59
CA LYS E 108 28.59 -24.95 -13.37
C LYS E 108 29.88 -25.75 -13.16
N LEU E 109 30.32 -26.44 -14.21
CA LEU E 109 31.61 -27.11 -14.22
C LEU E 109 32.62 -26.19 -14.88
N GLU E 110 33.63 -25.79 -14.11
CA GLU E 110 34.74 -24.98 -14.57
C GLU E 110 35.99 -25.84 -14.72
N ILE E 111 36.99 -25.26 -15.40
CA ILE E 111 38.24 -25.93 -15.70
C ILE E 111 39.31 -25.31 -14.83
N LYS E 112 40.22 -26.14 -14.33
CA LYS E 112 41.34 -25.69 -13.50
C LYS E 112 42.60 -25.89 -14.31
N ARG E 113 43.00 -24.82 -15.02
CA ARG E 113 44.15 -24.92 -15.94
C ARG E 113 45.39 -25.33 -15.17
N ARG E 114 46.15 -26.25 -15.75
CA ARG E 114 47.34 -26.76 -15.09
C ARG E 114 48.35 -25.64 -14.85
N THR E 115 48.82 -24.99 -15.91
CA THR E 115 49.76 -23.88 -15.85
C THR E 115 49.03 -22.55 -15.67
N VAL E 116 49.68 -21.60 -15.05
CA VAL E 116 49.09 -20.27 -14.94
C VAL E 116 49.37 -19.46 -16.21
N ALA E 117 48.41 -18.64 -16.63
CA ALA E 117 48.54 -17.78 -17.81
C ALA E 117 48.38 -16.32 -17.40
N ALA E 118 49.21 -15.44 -17.96
CA ALA E 118 49.28 -14.01 -17.67
C ALA E 118 48.38 -13.21 -18.62
N PRO E 119 47.65 -12.22 -18.08
CA PRO E 119 46.77 -11.41 -18.93
C PRO E 119 47.57 -10.45 -19.82
N SER E 120 47.38 -10.59 -21.13
CA SER E 120 47.97 -9.64 -22.08
C SER E 120 47.12 -8.38 -22.14
N VAL E 121 47.70 -7.24 -21.79
CA VAL E 121 46.96 -5.99 -21.59
C VAL E 121 47.08 -5.08 -22.80
N PHE E 122 45.96 -4.45 -23.16
CA PHE E 122 45.91 -3.47 -24.25
C PHE E 122 44.98 -2.33 -23.85
N ILE E 123 45.36 -1.10 -24.17
CA ILE E 123 44.54 0.06 -23.86
C ILE E 123 44.02 0.66 -25.16
N PHE E 124 42.78 1.13 -25.13
CA PHE E 124 42.12 1.69 -26.31
C PHE E 124 41.57 3.06 -25.94
N PRO E 125 42.00 4.12 -26.64
CA PRO E 125 41.48 5.45 -26.36
C PRO E 125 40.17 5.69 -27.08
N PRO E 126 39.36 6.63 -26.62
CA PRO E 126 38.08 6.91 -27.28
C PRO E 126 38.29 7.42 -28.70
N SER E 127 37.48 6.89 -29.61
CA SER E 127 37.53 7.30 -31.01
C SER E 127 37.06 8.75 -31.16
N ASP E 128 37.65 9.45 -32.12
CA ASP E 128 37.18 10.80 -32.43
C ASP E 128 35.71 10.81 -32.81
N GLU E 129 35.26 9.77 -33.51
CA GLU E 129 33.85 9.66 -33.88
C GLU E 129 32.96 9.69 -32.63
N GLN E 130 33.37 8.99 -31.57
CA GLN E 130 32.61 9.02 -30.33
C GLN E 130 32.70 10.39 -29.66
N LEU E 131 33.92 10.95 -29.58
CA LEU E 131 34.09 12.25 -28.95
C LEU E 131 33.26 13.32 -29.61
N LYS E 132 32.95 13.16 -30.91
CA LYS E 132 32.00 14.07 -31.55
C LYS E 132 30.64 13.99 -30.86
N SER E 133 30.22 12.78 -30.46
CA SER E 133 28.91 12.62 -29.85
C SER E 133 28.80 13.38 -28.54
N GLY E 134 29.87 13.42 -27.76
CA GLY E 134 29.88 14.11 -26.48
C GLY E 134 30.27 13.27 -25.30
N THR E 135 30.51 11.97 -25.49
CA THR E 135 30.94 11.07 -24.42
C THR E 135 32.25 10.40 -24.82
N ALA E 136 33.01 9.96 -23.82
CA ALA E 136 34.30 9.33 -24.04
C ALA E 136 34.32 8.02 -23.30
N SER E 137 34.62 6.94 -24.03
CA SER E 137 34.73 5.60 -23.46
C SER E 137 36.14 5.09 -23.71
N VAL E 138 36.90 4.90 -22.62
CA VAL E 138 38.22 4.28 -22.67
C VAL E 138 38.05 2.81 -22.36
N VAL E 139 38.81 1.94 -23.03
CA VAL E 139 38.62 0.51 -22.87
C VAL E 139 39.98 -0.15 -22.59
N CYS E 140 40.10 -0.80 -21.44
CA CYS E 140 41.26 -1.63 -21.11
C CYS E 140 40.87 -3.09 -21.29
N LEU E 141 41.76 -3.85 -21.94
CA LEU E 141 41.50 -5.24 -22.28
C LEU E 141 42.58 -6.11 -21.67
N LEU E 142 42.15 -7.10 -20.89
CA LEU E 142 43.06 -8.10 -20.30
C LEU E 142 42.74 -9.38 -21.05
N ASN E 143 43.72 -10.00 -21.69
CA ASN E 143 43.39 -11.14 -22.59
C ASN E 143 43.97 -12.49 -22.18
N ASN E 144 43.13 -13.52 -22.21
CA ASN E 144 43.60 -14.92 -22.00
C ASN E 144 44.37 -15.09 -20.68
N PHE E 145 43.67 -14.96 -19.55
CA PHE E 145 44.30 -15.22 -18.23
C PHE E 145 43.61 -16.43 -17.61
N TYR E 146 44.40 -17.34 -17.03
CA TYR E 146 43.82 -18.56 -16.39
C TYR E 146 43.33 -18.21 -15.00
N PRO E 147 44.17 -17.77 -14.04
CA PRO E 147 43.60 -17.49 -12.74
C PRO E 147 42.65 -16.37 -13.06
N ARG E 148 41.35 -16.66 -13.14
CA ARG E 148 40.33 -15.63 -13.46
C ARG E 148 40.54 -14.47 -12.49
N GLU E 149 41.07 -14.78 -11.33
CA GLU E 149 41.26 -13.73 -10.32
C GLU E 149 42.15 -12.66 -10.96
N ALA E 150 41.57 -11.50 -11.24
CA ALA E 150 42.37 -10.40 -11.82
C ALA E 150 41.73 -9.09 -11.43
N LYS E 151 42.56 -8.07 -11.24
CA LYS E 151 42.03 -6.76 -10.83
C LYS E 151 42.66 -5.66 -11.67
N VAL E 152 41.88 -4.64 -11.99
CA VAL E 152 42.36 -3.50 -12.76
C VAL E 152 41.99 -2.22 -12.02
N GLN E 153 42.90 -1.26 -12.05
CA GLN E 153 42.70 0.04 -11.44
C GLN E 153 42.91 1.11 -12.50
N TRP E 154 41.90 1.97 -12.67
CA TRP E 154 41.99 3.08 -13.61
C TRP E 154 42.67 4.26 -12.93
N LYS E 155 43.54 4.94 -13.67
CA LYS E 155 44.17 6.13 -13.13
C LYS E 155 44.29 7.19 -14.20
N VAL E 156 43.78 8.37 -13.85
CA VAL E 156 43.90 9.53 -14.77
C VAL E 156 44.84 10.52 -14.07
N ASP E 157 45.98 10.79 -14.68
CA ASP E 157 47.01 11.65 -14.07
C ASP E 157 47.35 11.15 -12.67
N ASN E 158 47.59 9.84 -12.57
CA ASN E 158 47.92 9.17 -11.31
C ASN E 158 46.84 9.40 -10.25
N ALA E 159 45.59 9.58 -10.69
CA ALA E 159 44.46 9.69 -9.79
C ALA E 159 43.57 8.48 -9.98
N LEU E 160 43.35 7.72 -8.91
CA LEU E 160 42.59 6.50 -8.99
C LEU E 160 41.12 6.83 -9.13
N GLN E 161 40.49 6.29 -10.18
CA GLN E 161 39.12 6.63 -10.53
C GLN E 161 38.18 5.58 -9.94
N SER E 162 37.12 6.06 -9.27
CA SER E 162 36.19 5.19 -8.58
C SER E 162 34.79 5.45 -9.10
N GLY E 163 34.04 4.39 -9.33
CA GLY E 163 32.67 4.53 -9.79
C GLY E 163 32.54 4.97 -11.22
N ASN E 164 33.61 4.91 -12.01
CA ASN E 164 33.59 5.33 -13.40
C ASN E 164 33.92 4.20 -14.36
N SER E 165 34.01 2.97 -13.87
CA SER E 165 34.37 1.84 -14.71
C SER E 165 33.36 0.72 -14.53
N GLN E 166 33.15 -0.04 -15.61
CA GLN E 166 32.37 -1.26 -15.58
C GLN E 166 33.20 -2.38 -16.20
N GLU E 167 33.00 -3.60 -15.71
CA GLU E 167 33.77 -4.72 -16.21
C GLU E 167 32.87 -5.77 -16.84
N SER E 168 33.43 -6.52 -17.77
CA SER E 168 32.77 -7.65 -18.40
C SER E 168 33.78 -8.78 -18.55
N VAL E 169 33.34 -10.00 -18.25
CA VAL E 169 34.21 -11.17 -18.26
C VAL E 169 33.60 -12.23 -19.15
N THR E 170 34.43 -12.84 -19.99
CA THR E 170 34.01 -13.95 -20.83
C THR E 170 33.80 -15.21 -19.99
N GLU E 171 33.28 -16.25 -20.63
CA GLU E 171 33.25 -17.55 -19.97
C GLU E 171 34.54 -18.30 -20.28
N GLN E 172 34.84 -19.29 -19.44
CA GLN E 172 36.07 -20.06 -19.60
C GLN E 172 36.16 -20.66 -20.99
N ASP E 173 37.34 -20.56 -21.60
CA ASP E 173 37.51 -21.04 -22.96
C ASP E 173 37.53 -22.56 -22.96
N SER E 174 36.72 -23.18 -23.81
CA SER E 174 36.70 -24.65 -23.83
C SER E 174 37.84 -25.26 -24.63
N LYS E 175 38.81 -24.47 -25.08
CA LYS E 175 40.05 -25.00 -25.64
C LYS E 175 41.25 -24.71 -24.76
N ASP E 176 41.46 -23.45 -24.37
CA ASP E 176 42.61 -23.07 -23.55
C ASP E 176 42.28 -22.92 -22.08
N SER E 177 40.99 -22.84 -21.71
CA SER E 177 40.58 -22.65 -20.32
C SER E 177 41.03 -21.31 -19.76
N THR E 178 41.07 -20.29 -20.61
CA THR E 178 41.48 -18.95 -20.22
C THR E 178 40.28 -18.01 -20.21
N TYR E 179 40.43 -16.90 -19.53
CA TYR E 179 39.39 -15.89 -19.42
C TYR E 179 39.87 -14.59 -20.05
N SER E 180 38.91 -13.70 -20.32
CA SER E 180 39.22 -12.37 -20.82
C SER E 180 38.30 -11.36 -20.16
N LEU E 181 38.81 -10.15 -19.98
CA LEU E 181 38.10 -9.13 -19.22
C LEU E 181 38.27 -7.77 -19.88
N SER E 182 37.17 -7.04 -19.99
CA SER E 182 37.19 -5.68 -20.52
C SER E 182 36.69 -4.74 -19.45
N SER E 183 37.51 -3.76 -19.10
CA SER E 183 37.12 -2.67 -18.22
C SER E 183 36.89 -1.43 -19.07
N THR E 184 35.77 -0.75 -18.82
CA THR E 184 35.37 0.41 -19.62
C THR E 184 35.18 1.60 -18.69
N LEU E 185 35.95 2.66 -18.94
CA LEU E 185 35.88 3.90 -18.20
C LEU E 185 35.05 4.90 -19.01
N THR E 186 33.98 5.41 -18.42
CA THR E 186 33.04 6.28 -19.11
C THR E 186 33.11 7.69 -18.51
N LEU E 187 33.58 8.65 -19.30
CA LEU E 187 33.67 10.04 -18.89
C LEU E 187 32.92 10.92 -19.88
N SER E 188 32.57 12.12 -19.41
CA SER E 188 32.04 13.14 -20.30
C SER E 188 33.18 13.74 -21.11
N LYS E 189 32.86 14.14 -22.34
CA LYS E 189 33.87 14.66 -23.26
C LYS E 189 34.72 15.75 -22.59
N ALA E 190 34.07 16.67 -21.88
CA ALA E 190 34.79 17.75 -21.22
C ALA E 190 35.76 17.22 -20.18
N ASP E 191 35.29 16.34 -19.29
CA ASP E 191 36.17 15.76 -18.28
C ASP E 191 37.31 14.97 -18.94
N TYR E 192 37.03 14.31 -20.06
CA TYR E 192 38.09 13.60 -20.76
C TYR E 192 39.17 14.56 -21.25
N GLU E 193 38.75 15.68 -21.84
CA GLU E 193 39.72 16.67 -22.31
C GLU E 193 40.37 17.43 -21.18
N LYS E 194 39.82 17.36 -19.96
CA LYS E 194 40.38 18.07 -18.83
C LYS E 194 41.71 17.47 -18.39
N HIS E 195 41.84 16.15 -18.45
CA HIS E 195 43.03 15.44 -18.03
C HIS E 195 43.79 14.96 -19.28
N LYS E 196 44.93 14.30 -19.07
CA LYS E 196 45.75 13.91 -20.22
C LYS E 196 46.39 12.52 -20.13
N VAL E 197 46.57 11.93 -18.96
CA VAL E 197 47.24 10.63 -18.83
C VAL E 197 46.22 9.61 -18.37
N TYR E 198 45.94 8.62 -19.22
CA TYR E 198 44.97 7.57 -18.90
C TYR E 198 45.69 6.25 -18.86
N ALA E 199 45.51 5.49 -17.77
CA ALA E 199 46.25 4.24 -17.64
C ALA E 199 45.39 3.23 -16.88
N CYS E 200 45.52 1.97 -17.28
CA CYS E 200 44.92 0.87 -16.53
C CYS E 200 46.05 0.00 -16.00
N GLU E 201 46.00 -0.28 -14.71
CA GLU E 201 46.99 -1.08 -14.01
C GLU E 201 46.38 -2.42 -13.69
N VAL E 202 47.04 -3.50 -14.12
CA VAL E 202 46.52 -4.85 -13.99
C VAL E 202 47.35 -5.57 -12.94
N THR E 203 46.66 -6.10 -11.93
CA THR E 203 47.24 -6.89 -10.85
C THR E 203 46.69 -8.30 -11.00
N HIS E 204 47.57 -9.22 -11.40
CA HIS E 204 47.20 -10.61 -11.61
C HIS E 204 48.26 -11.52 -11.01
N GLN E 205 47.83 -12.69 -10.55
CA GLN E 205 48.72 -13.70 -10.00
C GLN E 205 49.90 -13.97 -10.92
N GLY E 206 49.63 -14.35 -12.17
CA GLY E 206 50.67 -14.68 -13.13
C GLY E 206 51.60 -13.53 -13.46
N LEU E 207 51.30 -12.36 -12.92
CA LEU E 207 52.13 -11.16 -13.18
C LEU E 207 52.94 -10.85 -11.92
N SER E 208 54.26 -10.96 -12.01
CA SER E 208 55.14 -10.65 -10.86
C SER E 208 54.99 -9.18 -10.48
N SER E 209 54.70 -8.34 -11.46
CA SER E 209 54.60 -6.88 -11.20
C SER E 209 53.35 -6.32 -11.88
N PRO E 210 52.76 -5.24 -11.36
CA PRO E 210 51.56 -4.67 -11.96
C PRO E 210 51.80 -4.17 -13.37
N VAL E 211 51.13 -4.81 -14.34
CA VAL E 211 51.22 -4.32 -15.75
C VAL E 211 50.32 -3.10 -15.89
N THR E 212 50.83 -2.05 -16.51
CA THR E 212 50.11 -0.79 -16.70
C THR E 212 50.25 -0.41 -18.16
N LYS E 213 49.11 -0.23 -18.81
CA LYS E 213 49.08 0.24 -20.19
C LYS E 213 48.39 1.59 -20.21
N SER E 214 48.96 2.55 -20.94
CA SER E 214 48.57 3.94 -20.81
C SER E 214 48.65 4.64 -22.15
N PHE E 215 48.04 5.82 -22.19
CA PHE E 215 48.09 6.69 -23.36
C PHE E 215 47.84 8.12 -22.91
N ASN E 216 48.27 9.06 -23.77
CA ASN E 216 47.99 10.48 -23.60
C ASN E 216 47.05 10.94 -24.69
N ARG E 217 46.24 11.95 -24.36
CA ARG E 217 45.06 12.29 -25.16
C ARG E 217 45.40 12.51 -26.63
N GLY E 218 46.45 13.26 -26.90
CA GLY E 218 46.76 13.65 -28.27
C GLY E 218 47.66 12.72 -29.06
N GLU E 219 48.22 11.70 -28.42
CA GLU E 219 49.14 10.81 -29.10
C GLU E 219 48.46 10.13 -30.28
N CYS E 220 49.25 9.85 -31.33
CA CYS E 220 48.71 9.16 -32.52
C CYS E 220 49.39 7.79 -32.68
N ASP F 1 -9.85 -9.94 -57.61
CA ASP F 1 -10.33 -10.53 -56.32
C ASP F 1 -9.43 -10.03 -55.18
N ILE F 2 -9.71 -8.82 -54.67
CA ILE F 2 -8.93 -8.28 -53.56
C ILE F 2 -8.77 -9.34 -52.48
N VAL F 3 -7.53 -9.56 -52.06
CA VAL F 3 -7.22 -10.51 -51.00
C VAL F 3 -7.29 -9.79 -49.66
N MET F 4 -8.02 -10.36 -48.72
CA MET F 4 -8.12 -9.86 -47.35
C MET F 4 -7.37 -10.81 -46.43
N THR F 5 -6.62 -10.27 -45.49
CA THR F 5 -5.76 -11.08 -44.63
C THR F 5 -5.91 -10.60 -43.19
N GLN F 6 -6.45 -11.48 -42.34
CA GLN F 6 -6.68 -11.15 -40.94
C GLN F 6 -5.56 -11.73 -40.07
N THR F 7 -5.06 -10.90 -39.16
CA THR F 7 -4.04 -11.27 -38.21
C THR F 7 -4.55 -10.91 -36.81
N PRO F 8 -4.48 -11.80 -35.83
CA PRO F 8 -4.17 -13.24 -35.86
C PRO F 8 -5.38 -14.11 -36.20
N LEU F 9 -5.17 -15.31 -36.75
CA LEU F 9 -6.29 -16.20 -37.05
C LEU F 9 -7.00 -16.70 -35.79
N SER F 10 -6.35 -16.67 -34.63
CA SER F 10 -6.95 -17.16 -33.39
C SER F 10 -6.55 -16.26 -32.23
N LEU F 11 -7.38 -16.29 -31.19
CA LEU F 11 -7.29 -15.37 -30.07
C LEU F 11 -7.85 -16.01 -28.80
N SER F 12 -7.20 -15.74 -27.67
CA SER F 12 -7.69 -16.16 -26.36
C SER F 12 -7.63 -14.96 -25.43
N VAL F 13 -8.77 -14.59 -24.84
CA VAL F 13 -8.85 -13.36 -24.05
C VAL F 13 -9.57 -13.65 -22.73
N THR F 14 -8.98 -13.17 -21.64
CA THR F 14 -9.67 -13.15 -20.36
C THR F 14 -10.73 -12.04 -20.38
N PRO F 15 -11.91 -12.29 -19.82
CA PRO F 15 -12.92 -11.22 -19.76
C PRO F 15 -12.41 -10.03 -18.95
N GLY F 16 -12.64 -8.84 -19.49
CA GLY F 16 -12.16 -7.61 -18.89
C GLY F 16 -10.91 -7.07 -19.54
N GLN F 17 -10.17 -7.88 -20.27
CA GLN F 17 -8.99 -7.46 -21.01
C GLN F 17 -9.38 -7.04 -22.42
N PRO F 18 -8.50 -6.35 -23.13
CA PRO F 18 -8.81 -5.91 -24.50
C PRO F 18 -8.44 -6.96 -25.55
N ALA F 19 -8.93 -6.72 -26.77
CA ALA F 19 -8.63 -7.56 -27.92
C ALA F 19 -8.48 -6.68 -29.16
N SER F 20 -7.65 -7.15 -30.10
CA SER F 20 -7.43 -6.44 -31.35
C SER F 20 -7.28 -7.44 -32.49
N ILE F 21 -7.91 -7.13 -33.62
CA ILE F 21 -7.76 -7.91 -34.85
C ILE F 21 -7.43 -6.94 -35.98
N SER F 22 -6.62 -7.39 -36.93
CA SER F 22 -6.13 -6.54 -38.00
C SER F 22 -6.50 -7.17 -39.33
N CYS F 23 -6.96 -6.34 -40.26
CA CYS F 23 -7.36 -6.77 -41.60
C CYS F 23 -6.57 -5.94 -42.60
N LYS F 24 -5.69 -6.60 -43.36
CA LYS F 24 -4.87 -5.94 -44.37
C LYS F 24 -5.31 -6.41 -45.76
N SER F 25 -5.45 -5.46 -46.68
CA SER F 25 -6.00 -5.72 -47.99
C SER F 25 -4.94 -5.55 -49.09
N SER F 26 -5.12 -6.33 -50.17
CA SER F 26 -4.14 -6.32 -51.26
C SER F 26 -4.18 -5.03 -52.06
N GLN F 27 -5.33 -4.38 -52.15
CA GLN F 27 -5.46 -3.08 -52.79
C GLN F 27 -6.18 -2.14 -51.83
N SER F 28 -6.03 -0.85 -52.09
CA SER F 28 -6.74 0.15 -51.29
C SER F 28 -8.25 -0.09 -51.38
N LEU F 29 -8.91 -0.04 -50.22
CA LEU F 29 -10.34 -0.24 -50.15
C LEU F 29 -11.12 1.06 -50.34
N LEU F 30 -10.49 2.09 -50.89
CA LEU F 30 -11.13 3.37 -51.12
C LEU F 30 -11.78 3.35 -52.50
N HIS F 31 -13.11 3.41 -52.51
CA HIS F 31 -13.85 3.46 -53.77
C HIS F 31 -13.76 4.84 -54.40
N SER F 32 -14.03 5.87 -53.60
CA SER F 32 -13.95 7.26 -54.00
C SER F 32 -13.55 8.03 -52.75
N TYR F 33 -13.15 9.29 -52.94
CA TYR F 33 -12.71 10.10 -51.81
C TYR F 33 -13.72 10.03 -50.67
N GLY F 34 -13.25 9.63 -49.49
CA GLY F 34 -14.10 9.51 -48.33
C GLY F 34 -15.11 8.39 -48.34
N ASN F 35 -14.88 7.34 -49.13
CA ASN F 35 -15.80 6.20 -49.21
C ASN F 35 -14.97 4.92 -49.18
N THR F 36 -14.83 4.32 -48.00
CA THR F 36 -14.08 3.08 -47.82
C THR F 36 -14.97 2.04 -47.16
N TYR F 37 -15.38 1.03 -47.93
CA TYR F 37 -16.36 0.04 -47.47
C TYR F 37 -15.68 -1.16 -46.83
N LEU F 38 -15.04 -0.91 -45.70
CA LEU F 38 -14.55 -1.99 -44.84
C LEU F 38 -15.58 -2.22 -43.74
N GLU F 39 -16.00 -3.48 -43.58
CA GLU F 39 -16.97 -3.87 -42.58
C GLU F 39 -16.40 -5.00 -41.73
N TRP F 40 -16.81 -5.01 -40.47
CA TRP F 40 -16.46 -6.06 -39.52
C TRP F 40 -17.72 -6.77 -39.08
N TYR F 41 -17.72 -8.10 -39.20
CA TYR F 41 -18.82 -8.98 -38.87
C TYR F 41 -18.43 -9.90 -37.72
N LEU F 42 -19.43 -10.32 -36.95
CA LEU F 42 -19.26 -11.30 -35.90
C LEU F 42 -20.24 -12.44 -36.11
N GLN F 43 -19.72 -13.66 -36.12
CA GLN F 43 -20.53 -14.87 -36.16
C GLN F 43 -20.38 -15.53 -34.80
N LYS F 44 -21.44 -15.44 -33.98
CA LYS F 44 -21.46 -16.06 -32.68
C LYS F 44 -21.75 -17.55 -32.81
N PRO F 45 -21.43 -18.35 -31.78
CA PRO F 45 -21.62 -19.81 -31.88
C PRO F 45 -23.02 -20.23 -32.27
N GLY F 46 -23.14 -20.87 -33.44
CA GLY F 46 -24.41 -21.39 -33.89
C GLY F 46 -25.41 -20.34 -34.32
N GLN F 47 -24.92 -19.23 -34.86
CA GLN F 47 -25.78 -18.15 -35.33
C GLN F 47 -25.32 -17.70 -36.71
N SER F 48 -26.09 -16.81 -37.29
CA SER F 48 -25.67 -16.17 -38.53
C SER F 48 -24.83 -14.93 -38.20
N PRO F 49 -23.95 -14.52 -39.11
CA PRO F 49 -23.11 -13.36 -38.84
C PRO F 49 -23.94 -12.10 -38.64
N GLN F 50 -23.51 -11.27 -37.69
CA GLN F 50 -24.06 -9.94 -37.51
C GLN F 50 -23.06 -8.90 -38.00
N LEU F 51 -23.58 -7.78 -38.52
CA LEU F 51 -22.73 -6.65 -38.84
C LEU F 51 -22.36 -5.90 -37.57
N LEU F 52 -21.06 -5.70 -37.36
CA LEU F 52 -20.56 -4.96 -36.20
C LEU F 52 -20.12 -3.55 -36.55
N ILE F 53 -19.26 -3.41 -37.55
CA ILE F 53 -18.68 -2.11 -37.90
C ILE F 53 -18.86 -1.92 -39.40
N TYR F 54 -19.26 -0.70 -39.79
CA TYR F 54 -19.41 -0.34 -41.23
C TYR F 54 -18.61 0.92 -41.48
N ARG F 55 -18.17 1.12 -42.71
CA ARG F 55 -17.42 2.35 -43.09
C ARG F 55 -16.20 2.52 -42.17
N VAL F 56 -15.52 1.42 -41.83
CA VAL F 56 -14.25 1.45 -41.03
C VAL F 56 -14.50 1.79 -39.55
N SER F 57 -15.20 2.89 -39.25
CA SER F 57 -15.31 3.35 -37.85
C SER F 57 -16.73 3.57 -37.35
N ASN F 58 -17.75 3.06 -38.04
CA ASN F 58 -19.11 3.36 -37.63
C ASN F 58 -19.78 2.11 -37.07
N ARG F 59 -20.09 2.16 -35.77
CA ARG F 59 -20.78 1.05 -35.12
C ARG F 59 -22.20 0.91 -35.64
N PHE F 60 -22.59 -0.32 -35.94
CA PHE F 60 -23.96 -0.59 -36.35
C PHE F 60 -24.90 -0.51 -35.16
N SER F 61 -26.17 -0.23 -35.45
CA SER F 61 -27.19 -0.06 -34.43
C SER F 61 -27.28 -1.30 -33.55
N GLY F 62 -27.03 -1.14 -32.25
CA GLY F 62 -27.08 -2.21 -31.30
C GLY F 62 -25.73 -2.73 -30.85
N VAL F 63 -24.69 -2.49 -31.64
CA VAL F 63 -23.35 -2.93 -31.28
C VAL F 63 -22.87 -2.16 -30.06
N PRO F 64 -22.42 -2.83 -29.01
CA PRO F 64 -22.02 -2.11 -27.78
C PRO F 64 -20.79 -1.25 -28.02
N ASP F 65 -20.53 -0.39 -27.02
CA ASP F 65 -19.53 0.66 -27.20
C ASP F 65 -18.12 0.11 -27.29
N ARG F 66 -17.84 -1.04 -26.67
CA ARG F 66 -16.47 -1.55 -26.63
C ARG F 66 -15.95 -1.91 -28.01
N PHE F 67 -16.81 -2.08 -29.01
CA PHE F 67 -16.36 -2.40 -30.35
C PHE F 67 -16.02 -1.11 -31.07
N SER F 68 -14.78 -1.00 -31.55
CA SER F 68 -14.33 0.18 -32.26
C SER F 68 -13.60 -0.26 -33.52
N GLY F 69 -13.58 0.61 -34.53
CA GLY F 69 -12.95 0.28 -35.78
C GLY F 69 -12.17 1.44 -36.34
N SER F 70 -10.90 1.21 -36.67
CA SER F 70 -10.08 2.23 -37.28
C SER F 70 -9.44 1.66 -38.54
N GLY F 71 -8.81 2.55 -39.31
CA GLY F 71 -8.08 2.08 -40.49
C GLY F 71 -8.16 3.01 -41.67
N SER F 72 -7.27 2.81 -42.64
CA SER F 72 -7.30 3.60 -43.89
C SER F 72 -6.66 2.79 -45.00
N GLY F 73 -7.16 2.91 -46.23
CA GLY F 73 -6.46 2.27 -47.37
C GLY F 73 -6.32 0.77 -47.28
N THR F 74 -5.09 0.31 -47.07
CA THR F 74 -4.81 -1.13 -47.03
C THR F 74 -4.77 -1.72 -45.62
N ASP F 75 -4.88 -0.92 -44.56
CA ASP F 75 -4.73 -1.47 -43.17
C ASP F 75 -5.86 -1.04 -42.27
N PHE F 76 -6.45 -2.00 -41.55
CA PHE F 76 -7.62 -1.73 -40.72
C PHE F 76 -7.53 -2.56 -39.44
N THR F 77 -8.20 -2.09 -38.39
CA THR F 77 -8.11 -2.74 -37.10
C THR F 77 -9.43 -2.61 -36.34
N LEU F 78 -9.93 -3.75 -35.84
CA LEU F 78 -11.06 -3.80 -34.92
C LEU F 78 -10.53 -3.99 -33.51
N LYS F 79 -11.07 -3.23 -32.55
CA LYS F 79 -10.62 -3.27 -31.17
C LYS F 79 -11.79 -3.42 -30.22
N ILE F 80 -11.66 -4.32 -29.26
CA ILE F 80 -12.62 -4.50 -28.18
C ILE F 80 -11.95 -4.04 -26.89
N SER F 81 -12.51 -3.01 -26.25
CA SER F 81 -11.88 -2.43 -25.07
C SER F 81 -11.91 -3.41 -23.90
N ARG F 82 -13.06 -3.98 -23.60
CA ARG F 82 -13.24 -4.89 -22.46
C ARG F 82 -13.98 -6.12 -22.97
N VAL F 83 -13.23 -7.15 -23.39
CA VAL F 83 -13.85 -8.33 -23.96
C VAL F 83 -14.81 -8.96 -22.96
N GLU F 84 -16.04 -9.20 -23.40
CA GLU F 84 -17.03 -9.88 -22.59
C GLU F 84 -17.20 -11.30 -23.14
N ALA F 85 -17.92 -12.13 -22.38
CA ALA F 85 -18.04 -13.53 -22.75
C ALA F 85 -18.90 -13.69 -24.00
N GLU F 86 -19.78 -12.73 -24.25
CA GLU F 86 -20.70 -12.76 -25.38
C GLU F 86 -19.99 -12.43 -26.69
N ASP F 87 -18.77 -11.91 -26.60
CA ASP F 87 -17.96 -11.58 -27.77
C ASP F 87 -17.27 -12.81 -28.37
N VAL F 88 -17.36 -13.97 -27.72
CA VAL F 88 -16.76 -15.18 -28.25
C VAL F 88 -17.34 -15.47 -29.63
N GLY F 89 -16.51 -15.97 -30.53
CA GLY F 89 -17.01 -16.33 -31.85
C GLY F 89 -15.96 -16.05 -32.90
N VAL F 90 -16.40 -15.91 -34.15
CA VAL F 90 -15.48 -15.69 -35.26
C VAL F 90 -15.75 -14.31 -35.87
N TYR F 91 -14.69 -13.51 -36.00
CA TYR F 91 -14.77 -12.17 -36.55
C TYR F 91 -14.25 -12.16 -37.99
N TYR F 92 -15.02 -11.56 -38.89
CA TYR F 92 -14.69 -11.49 -40.31
C TYR F 92 -14.56 -10.04 -40.73
N CYS F 93 -13.59 -9.74 -41.59
CA CYS F 93 -13.59 -8.45 -42.26
C CYS F 93 -14.06 -8.63 -43.70
N PHE F 94 -14.57 -7.55 -44.27
CA PHE F 94 -15.25 -7.62 -45.56
C PHE F 94 -15.07 -6.30 -46.29
N GLN F 95 -14.80 -6.37 -47.59
CA GLN F 95 -14.65 -5.18 -48.41
C GLN F 95 -15.82 -5.09 -49.38
N GLY F 96 -16.38 -3.90 -49.50
CA GLY F 96 -17.52 -3.69 -50.38
C GLY F 96 -17.25 -2.62 -51.41
N SER F 97 -15.96 -2.28 -51.60
CA SER F 97 -15.63 -1.20 -52.50
C SER F 97 -15.42 -1.65 -53.93
N HIS F 98 -15.00 -2.90 -54.15
CA HIS F 98 -14.75 -3.39 -55.50
C HIS F 98 -15.30 -4.80 -55.66
N VAL F 99 -16.00 -5.05 -56.75
CA VAL F 99 -16.52 -6.38 -57.05
C VAL F 99 -15.34 -7.19 -57.59
N PRO F 100 -15.26 -8.48 -57.28
CA PRO F 100 -16.11 -9.27 -56.39
C PRO F 100 -15.86 -8.93 -54.93
N PHE F 101 -16.90 -8.64 -54.17
CA PHE F 101 -16.74 -8.41 -52.74
C PHE F 101 -16.16 -9.66 -52.08
N THR F 102 -15.26 -9.46 -51.12
CA THR F 102 -14.46 -10.55 -50.57
C THR F 102 -14.38 -10.46 -49.05
N PHE F 103 -14.27 -11.62 -48.41
CA PHE F 103 -14.18 -11.75 -46.97
C PHE F 103 -12.76 -12.13 -46.56
N GLY F 104 -12.47 -11.94 -45.27
CA GLY F 104 -11.24 -12.43 -44.70
C GLY F 104 -11.29 -13.92 -44.38
N GLN F 105 -10.19 -14.43 -43.84
CA GLN F 105 -10.14 -15.81 -43.38
C GLN F 105 -10.95 -16.02 -42.10
N GLY F 106 -11.32 -14.95 -41.42
CA GLY F 106 -11.93 -15.07 -40.12
C GLY F 106 -10.88 -15.20 -39.02
N THR F 107 -11.29 -14.83 -37.81
CA THR F 107 -10.43 -14.87 -36.64
C THR F 107 -11.26 -15.40 -35.48
N LYS F 108 -10.87 -16.55 -34.95
CA LYS F 108 -11.63 -17.19 -33.88
C LYS F 108 -11.17 -16.64 -32.53
N LEU F 109 -12.09 -16.01 -31.82
CA LEU F 109 -11.84 -15.45 -30.50
C LEU F 109 -12.48 -16.35 -29.45
N GLU F 110 -11.63 -16.90 -28.58
CA GLU F 110 -12.05 -17.69 -27.42
C GLU F 110 -12.00 -16.82 -26.17
N ILE F 111 -12.63 -17.30 -25.12
CA ILE F 111 -12.67 -16.62 -23.84
C ILE F 111 -11.94 -17.47 -22.82
N LYS F 112 -11.01 -16.87 -22.09
CA LYS F 112 -10.25 -17.56 -21.04
C LYS F 112 -10.87 -17.18 -19.70
N ARG F 113 -11.91 -17.92 -19.34
CA ARG F 113 -12.63 -17.74 -18.08
C ARG F 113 -11.68 -17.67 -16.90
N ARG F 114 -11.97 -16.78 -15.94
CA ARG F 114 -11.11 -16.63 -14.77
C ARG F 114 -11.12 -17.90 -13.92
N THR F 115 -12.29 -18.34 -13.51
CA THR F 115 -12.46 -19.46 -12.57
C THR F 115 -12.70 -20.77 -13.31
N VAL F 116 -12.32 -21.87 -12.67
CA VAL F 116 -12.53 -23.22 -13.20
C VAL F 116 -13.97 -23.69 -12.91
N ALA F 117 -14.56 -24.42 -13.86
CA ALA F 117 -15.89 -25.01 -13.72
C ALA F 117 -15.79 -26.52 -13.90
N ALA F 118 -16.49 -27.27 -13.03
CA ALA F 118 -16.42 -28.73 -12.98
C ALA F 118 -17.49 -29.38 -13.86
N PRO F 119 -17.12 -30.43 -14.60
CA PRO F 119 -18.08 -31.12 -15.48
C PRO F 119 -19.05 -31.97 -14.67
N SER F 120 -20.34 -31.70 -14.82
CA SER F 120 -21.35 -32.56 -14.23
C SER F 120 -21.53 -33.79 -15.12
N VAL F 121 -21.23 -34.97 -14.59
CA VAL F 121 -21.14 -36.20 -15.39
C VAL F 121 -22.41 -37.01 -15.22
N PHE F 122 -22.90 -37.57 -16.33
CA PHE F 122 -24.09 -38.41 -16.36
C PHE F 122 -23.86 -39.56 -17.34
N ILE F 123 -24.31 -40.76 -16.98
CA ILE F 123 -24.19 -41.93 -17.83
C ILE F 123 -25.58 -42.35 -18.29
N PHE F 124 -25.69 -42.74 -19.56
CA PHE F 124 -26.96 -43.14 -20.15
C PHE F 124 -26.79 -44.51 -20.80
N PRO F 125 -27.57 -45.50 -20.39
CA PRO F 125 -27.46 -46.84 -20.97
C PRO F 125 -28.23 -46.93 -22.27
N PRO F 126 -27.93 -47.92 -23.11
CA PRO F 126 -28.64 -48.03 -24.38
C PRO F 126 -30.13 -48.25 -24.14
N SER F 127 -30.94 -47.53 -24.91
CA SER F 127 -32.37 -47.68 -24.80
C SER F 127 -32.77 -49.07 -25.28
N ASP F 128 -33.75 -49.68 -24.63
CA ASP F 128 -34.26 -50.97 -25.09
C ASP F 128 -34.80 -50.86 -26.51
N GLU F 129 -35.40 -49.71 -26.85
CA GLU F 129 -35.86 -49.44 -28.20
C GLU F 129 -34.71 -49.59 -29.19
N GLN F 130 -33.53 -49.08 -28.85
CA GLN F 130 -32.36 -49.22 -29.71
C GLN F 130 -31.86 -50.66 -29.72
N LEU F 131 -31.76 -51.28 -28.54
CA LEU F 131 -31.29 -52.66 -28.46
C LEU F 131 -32.13 -53.59 -29.33
N LYS F 132 -33.43 -53.29 -29.48
CA LYS F 132 -34.28 -54.06 -30.38
C LYS F 132 -33.75 -54.04 -31.81
N SER F 133 -32.94 -53.05 -32.15
CA SER F 133 -32.44 -52.92 -33.54
C SER F 133 -31.23 -53.81 -33.74
N GLY F 134 -30.40 -53.93 -32.70
CA GLY F 134 -29.21 -54.76 -32.78
C GLY F 134 -27.89 -54.05 -32.49
N THR F 135 -27.90 -52.75 -32.25
CA THR F 135 -26.71 -52.02 -31.86
C THR F 135 -26.99 -51.30 -30.54
N ALA F 136 -25.94 -51.03 -29.78
CA ALA F 136 -26.07 -50.45 -28.46
C ALA F 136 -25.16 -49.23 -28.37
N SER F 137 -25.73 -48.11 -27.96
CA SER F 137 -24.99 -46.86 -27.79
C SER F 137 -25.07 -46.45 -26.33
N VAL F 138 -23.92 -46.45 -25.67
CA VAL F 138 -23.78 -45.91 -24.32
C VAL F 138 -23.33 -44.47 -24.43
N VAL F 139 -23.84 -43.59 -23.58
CA VAL F 139 -23.57 -42.17 -23.73
C VAL F 139 -23.09 -41.61 -22.40
N CYS F 140 -21.88 -41.07 -22.37
CA CYS F 140 -21.37 -40.33 -21.23
C CYS F 140 -21.46 -38.85 -21.56
N LEU F 141 -22.00 -38.07 -20.62
CA LEU F 141 -22.25 -36.65 -20.82
C LEU F 141 -21.52 -35.87 -19.74
N LEU F 142 -20.72 -34.90 -20.16
CA LEU F 142 -20.07 -33.96 -19.27
C LEU F 142 -20.68 -32.60 -19.54
N ASN F 143 -21.29 -32.01 -18.52
CA ASN F 143 -22.06 -30.76 -18.78
C ASN F 143 -21.44 -29.52 -18.15
N ASN F 144 -21.27 -28.44 -18.93
CA ASN F 144 -20.81 -27.14 -18.40
C ASN F 144 -19.43 -27.20 -17.72
N PHE F 145 -18.38 -27.54 -18.47
CA PHE F 145 -17.01 -27.54 -17.91
C PHE F 145 -16.17 -26.50 -18.64
N TYR F 146 -15.59 -25.54 -17.91
CA TYR F 146 -14.83 -24.46 -18.59
C TYR F 146 -13.47 -24.99 -19.04
N PRO F 147 -12.54 -25.41 -18.17
CA PRO F 147 -11.26 -25.83 -18.69
C PRO F 147 -11.64 -26.93 -19.66
N ARG F 148 -11.64 -26.62 -20.96
CA ARG F 148 -12.10 -27.61 -21.96
C ARG F 148 -11.24 -28.86 -21.84
N GLU F 149 -9.93 -28.69 -21.71
CA GLU F 149 -9.02 -29.86 -21.65
C GLU F 149 -9.63 -30.89 -20.68
N ALA F 150 -10.02 -32.06 -21.20
CA ALA F 150 -10.57 -33.10 -20.36
C ALA F 150 -10.56 -34.39 -21.17
N LYS F 151 -10.43 -35.51 -20.47
CA LYS F 151 -10.29 -36.78 -21.15
C LYS F 151 -11.25 -37.82 -20.55
N VAL F 152 -11.91 -38.56 -21.44
CA VAL F 152 -12.87 -39.58 -21.04
C VAL F 152 -12.29 -40.94 -21.40
N GLN F 153 -12.58 -41.92 -20.54
CA GLN F 153 -12.06 -43.27 -20.67
C GLN F 153 -13.18 -44.26 -20.48
N TRP F 154 -13.48 -45.02 -21.52
CA TRP F 154 -14.49 -46.08 -21.42
C TRP F 154 -13.81 -47.38 -21.07
N LYS F 155 -14.44 -48.19 -20.21
CA LYS F 155 -13.90 -49.55 -19.94
C LYS F 155 -15.07 -50.50 -19.68
N VAL F 156 -15.39 -51.38 -20.63
CA VAL F 156 -16.44 -52.41 -20.37
C VAL F 156 -15.78 -53.59 -19.65
N ASP F 157 -16.40 -54.09 -18.59
CA ASP F 157 -15.75 -55.16 -17.79
C ASP F 157 -14.35 -54.69 -17.44
N ASN F 158 -14.24 -53.48 -16.86
CA ASN F 158 -12.93 -52.92 -16.43
C ASN F 158 -11.84 -53.30 -17.43
N ALA F 159 -12.10 -53.13 -18.73
CA ALA F 159 -11.09 -53.39 -19.75
C ALA F 159 -10.95 -52.21 -20.70
N LEU F 160 -9.70 -51.81 -20.96
CA LEU F 160 -9.40 -50.70 -21.89
C LEU F 160 -10.20 -50.83 -23.18
N GLN F 161 -11.06 -49.83 -23.37
CA GLN F 161 -11.91 -49.75 -24.57
C GLN F 161 -11.35 -48.66 -25.48
N SER F 162 -10.93 -49.04 -26.65
CA SER F 162 -10.32 -48.20 -27.66
C SER F 162 -10.92 -48.55 -29.01
N GLY F 163 -11.12 -47.54 -29.83
CA GLY F 163 -11.60 -47.78 -31.17
C GLY F 163 -13.08 -48.07 -31.22
N ASN F 164 -13.79 -47.80 -30.13
CA ASN F 164 -15.24 -47.98 -30.07
C ASN F 164 -15.98 -46.73 -29.63
N SER F 165 -15.31 -45.58 -29.54
CA SER F 165 -15.94 -44.37 -29.01
C SER F 165 -15.77 -43.20 -29.98
N GLN F 166 -16.74 -42.29 -29.93
CA GLN F 166 -16.66 -41.02 -30.65
C GLN F 166 -16.94 -39.88 -29.69
N GLU F 167 -16.35 -38.72 -29.95
CA GLU F 167 -16.52 -37.57 -29.08
C GLU F 167 -17.13 -36.40 -29.84
N SER F 168 -17.90 -35.59 -29.12
CA SER F 168 -18.43 -34.33 -29.65
C SER F 168 -18.44 -33.27 -28.56
N VAL F 169 -18.05 -32.05 -28.92
CA VAL F 169 -17.95 -30.94 -27.98
C VAL F 169 -18.77 -29.77 -28.50
N THR F 170 -19.49 -29.11 -27.60
CA THR F 170 -20.21 -27.90 -27.98
C THR F 170 -19.23 -26.75 -28.21
N GLU F 171 -19.75 -25.68 -28.79
CA GLU F 171 -18.98 -24.45 -28.88
C GLU F 171 -19.06 -23.70 -27.55
N GLN F 172 -18.08 -22.83 -27.33
CA GLN F 172 -18.03 -22.07 -26.09
C GLN F 172 -19.33 -21.31 -25.87
N ASP F 173 -19.84 -21.37 -24.63
CA ASP F 173 -21.12 -20.74 -24.35
C ASP F 173 -20.95 -19.24 -24.32
N SER F 174 -21.80 -18.53 -25.05
CA SER F 174 -21.68 -17.07 -25.13
C SER F 174 -22.26 -16.36 -23.91
N LYS F 175 -22.52 -17.07 -22.81
CA LYS F 175 -22.80 -16.44 -21.53
C LYS F 175 -21.86 -16.93 -20.44
N ASP F 176 -21.71 -18.26 -20.30
CA ASP F 176 -20.90 -18.84 -19.24
C ASP F 176 -19.44 -19.09 -19.64
N SER F 177 -19.13 -19.10 -20.94
CA SER F 177 -17.82 -19.48 -21.45
C SER F 177 -17.48 -20.93 -21.09
N THR F 178 -18.48 -21.79 -21.02
CA THR F 178 -18.32 -23.19 -20.64
C THR F 178 -18.55 -24.11 -21.84
N TYR F 179 -18.11 -25.36 -21.69
CA TYR F 179 -18.22 -26.38 -22.71
C TYR F 179 -19.09 -27.53 -22.23
N SER F 180 -19.53 -28.36 -23.18
CA SER F 180 -20.23 -29.59 -22.90
C SER F 180 -19.73 -30.66 -23.85
N LEU F 181 -19.70 -31.92 -23.40
CA LEU F 181 -19.04 -32.97 -24.14
C LEU F 181 -19.82 -34.28 -24.04
N SER F 182 -19.94 -34.97 -25.16
CA SER F 182 -20.59 -36.28 -25.22
C SER F 182 -19.61 -37.30 -25.79
N SER F 183 -19.36 -38.35 -25.03
CA SER F 183 -18.63 -39.52 -25.51
C SER F 183 -19.64 -40.64 -25.75
N THR F 184 -19.56 -41.27 -26.92
CA THR F 184 -20.53 -42.28 -27.32
C THR F 184 -19.80 -43.59 -27.62
N LEU F 185 -20.17 -44.64 -26.90
CA LEU F 185 -19.63 -45.98 -27.04
C LEU F 185 -20.59 -46.81 -27.87
N THR F 186 -20.10 -47.36 -28.99
CA THR F 186 -20.94 -48.11 -29.93
C THR F 186 -20.52 -49.58 -29.91
N LEU F 187 -21.40 -50.45 -29.44
CA LEU F 187 -21.16 -51.88 -29.38
C LEU F 187 -22.25 -52.62 -30.15
N SER F 188 -21.93 -53.85 -30.54
CA SER F 188 -22.94 -54.75 -31.07
C SER F 188 -23.79 -55.28 -29.92
N LYS F 189 -25.08 -55.50 -30.21
CA LYS F 189 -26.00 -55.93 -29.16
C LYS F 189 -25.48 -57.16 -28.43
N ALA F 190 -24.93 -58.12 -29.17
CA ALA F 190 -24.37 -59.31 -28.54
C ALA F 190 -23.20 -58.95 -27.62
N ASP F 191 -22.26 -58.14 -28.13
CA ASP F 191 -21.13 -57.72 -27.31
C ASP F 191 -21.60 -56.96 -26.08
N TYR F 192 -22.67 -56.16 -26.24
CA TYR F 192 -23.25 -55.47 -25.09
C TYR F 192 -23.79 -56.47 -24.08
N GLU F 193 -24.41 -57.55 -24.57
CA GLU F 193 -24.99 -58.55 -23.67
C GLU F 193 -23.93 -59.30 -22.89
N LYS F 194 -22.85 -59.71 -23.56
CA LYS F 194 -21.81 -60.53 -22.88
C LYS F 194 -21.40 -59.87 -21.56
N HIS F 195 -20.93 -58.63 -21.60
CA HIS F 195 -20.47 -57.92 -20.41
C HIS F 195 -21.63 -57.17 -19.76
N LYS F 196 -21.46 -56.85 -18.48
CA LYS F 196 -22.33 -55.87 -17.84
C LYS F 196 -21.60 -55.18 -16.68
N VAL F 197 -20.43 -54.62 -16.98
CA VAL F 197 -19.83 -53.56 -16.17
C VAL F 197 -19.38 -52.49 -17.15
N TYR F 198 -20.05 -51.34 -17.15
CA TYR F 198 -19.77 -50.27 -18.09
C TYR F 198 -19.42 -49.01 -17.32
N ALA F 199 -18.30 -48.38 -17.64
CA ALA F 199 -17.97 -47.17 -16.91
C ALA F 199 -17.28 -46.16 -17.82
N CYS F 200 -17.59 -44.87 -17.60
CA CYS F 200 -16.88 -43.78 -18.22
C CYS F 200 -16.20 -42.98 -17.12
N GLU F 201 -14.89 -42.78 -17.28
CA GLU F 201 -14.04 -42.10 -16.32
C GLU F 201 -13.67 -40.73 -16.89
N VAL F 202 -13.95 -39.69 -16.11
CA VAL F 202 -13.74 -38.31 -16.51
C VAL F 202 -12.56 -37.77 -15.73
N THR F 203 -11.55 -37.29 -16.47
CA THR F 203 -10.36 -36.67 -15.91
C THR F 203 -10.34 -35.22 -16.37
N HIS F 204 -10.62 -34.30 -15.43
CA HIS F 204 -10.70 -32.87 -15.70
C HIS F 204 -10.00 -32.12 -14.57
N GLN F 205 -9.59 -30.88 -14.87
CA GLN F 205 -8.89 -30.08 -13.89
C GLN F 205 -9.78 -29.77 -12.68
N GLY F 206 -11.01 -29.34 -12.94
CA GLY F 206 -11.93 -28.99 -11.87
C GLY F 206 -12.32 -30.16 -10.97
N LEU F 207 -11.89 -31.37 -11.30
CA LEU F 207 -12.19 -32.56 -10.52
C LEU F 207 -10.93 -32.97 -9.77
N SER F 208 -11.02 -33.01 -8.43
CA SER F 208 -9.84 -33.34 -7.63
C SER F 208 -9.30 -34.72 -7.98
N SER F 209 -10.18 -35.72 -8.01
CA SER F 209 -9.87 -37.10 -8.37
C SER F 209 -10.80 -37.53 -9.49
N PRO F 210 -10.29 -38.34 -10.42
CA PRO F 210 -11.12 -38.75 -11.58
C PRO F 210 -12.48 -39.30 -11.17
N VAL F 211 -13.52 -38.77 -11.81
CA VAL F 211 -14.91 -39.14 -11.49
C VAL F 211 -15.37 -40.21 -12.47
N THR F 212 -15.82 -41.35 -11.95
CA THR F 212 -16.33 -42.44 -12.77
C THR F 212 -17.84 -42.54 -12.62
N LYS F 213 -18.55 -42.53 -13.74
CA LYS F 213 -19.99 -42.80 -13.75
C LYS F 213 -20.21 -44.09 -14.52
N SER F 214 -21.00 -44.99 -13.94
CA SER F 214 -21.04 -46.37 -14.41
C SER F 214 -22.43 -46.97 -14.23
N PHE F 215 -22.67 -48.04 -14.98
CA PHE F 215 -23.87 -48.85 -14.80
C PHE F 215 -23.55 -50.31 -15.08
N ASN F 216 -24.46 -51.18 -14.67
CA ASN F 216 -24.43 -52.59 -14.99
C ASN F 216 -25.76 -52.96 -15.64
N ARG F 217 -25.71 -53.81 -16.66
CA ARG F 217 -26.91 -54.13 -17.44
C ARG F 217 -28.05 -54.57 -16.52
N GLY F 218 -29.19 -53.94 -16.70
CA GLY F 218 -30.31 -54.08 -15.78
C GLY F 218 -30.33 -52.93 -14.79
N GLU F 219 -30.40 -53.27 -13.49
CA GLU F 219 -30.41 -52.28 -12.41
C GLU F 219 -31.53 -51.26 -12.58
N CYS F 220 -32.64 -51.70 -13.16
CA CYS F 220 -33.85 -50.89 -13.23
C CYS F 220 -34.27 -50.56 -11.81
N ASP G 1 -13.73 1.98 -22.19
CA ASP G 1 -13.86 1.39 -20.86
C ASP G 1 -12.48 1.03 -20.29
N ILE G 2 -12.28 1.32 -19.01
CA ILE G 2 -10.97 1.21 -18.38
C ILE G 2 -10.73 -0.22 -17.94
N VAL G 3 -9.62 -0.80 -18.40
CA VAL G 3 -9.20 -2.13 -17.98
C VAL G 3 -8.30 -2.00 -16.77
N MET G 4 -8.63 -2.70 -15.68
CA MET G 4 -7.79 -2.73 -14.49
C MET G 4 -7.21 -4.13 -14.31
N THR G 5 -5.91 -4.18 -14.04
CA THR G 5 -5.18 -5.44 -14.02
C THR G 5 -4.18 -5.42 -12.87
N GLN G 6 -4.37 -6.32 -11.89
CA GLN G 6 -3.54 -6.40 -10.69
C GLN G 6 -2.49 -7.49 -10.79
N THR G 7 -1.26 -7.17 -10.38
CA THR G 7 -0.14 -8.08 -10.32
C THR G 7 0.46 -8.00 -8.91
N PRO G 8 0.62 -9.05 -8.07
CA PRO G 8 0.56 -10.41 -8.50
C PRO G 8 -0.87 -10.79 -8.42
N LEU G 9 -1.19 -12.01 -8.87
CA LEU G 9 -2.58 -12.52 -8.83
C LEU G 9 -2.78 -13.21 -7.49
N SER G 10 -1.72 -13.77 -6.92
CA SER G 10 -1.74 -14.33 -5.59
C SER G 10 -0.46 -13.87 -4.85
N LEU G 11 -0.47 -13.98 -3.53
CA LEU G 11 0.64 -13.51 -2.70
C LEU G 11 0.80 -14.43 -1.50
N SER G 12 2.06 -14.71 -1.18
CA SER G 12 2.43 -15.51 -0.01
C SER G 12 3.52 -14.75 0.73
N VAL G 13 3.27 -14.42 2.00
CA VAL G 13 4.16 -13.53 2.74
C VAL G 13 4.41 -14.09 4.14
N THR G 14 5.67 -14.11 4.55
CA THR G 14 6.00 -14.42 5.94
C THR G 14 5.57 -13.25 6.83
N PRO G 15 5.00 -13.51 8.00
CA PRO G 15 4.60 -12.38 8.86
C PRO G 15 5.82 -11.57 9.27
N GLY G 16 5.72 -10.24 9.13
CA GLY G 16 6.80 -9.32 9.41
C GLY G 16 7.54 -8.82 8.19
N GLN G 17 7.41 -9.50 7.07
CA GLN G 17 8.02 -9.12 5.79
C GLN G 17 7.09 -8.16 5.04
N PRO G 18 7.54 -7.55 3.94
CA PRO G 18 6.67 -6.65 3.21
C PRO G 18 5.87 -7.36 2.11
N ALA G 19 4.88 -6.63 1.61
CA ALA G 19 4.08 -7.11 0.50
C ALA G 19 3.77 -5.93 -0.39
N SER G 20 3.67 -6.21 -1.69
CA SER G 20 3.36 -5.16 -2.64
C SER G 20 2.39 -5.68 -3.67
N ILE G 21 1.37 -4.91 -3.99
CA ILE G 21 0.52 -5.24 -5.13
C ILE G 21 0.56 -4.05 -6.10
N SER G 22 0.54 -4.28 -7.43
CA SER G 22 0.42 -3.19 -8.42
C SER G 22 -0.79 -3.37 -9.33
N CYS G 23 -1.47 -2.22 -9.48
CA CYS G 23 -2.69 -2.15 -10.28
C CYS G 23 -2.42 -1.21 -11.45
N LYS G 24 -2.51 -1.73 -12.66
CA LYS G 24 -2.25 -0.99 -13.89
C LYS G 24 -3.55 -0.84 -14.66
N SER G 25 -3.70 0.33 -15.29
CA SER G 25 -4.91 0.74 -15.98
C SER G 25 -4.61 0.98 -17.46
N SER G 26 -5.63 0.76 -18.29
CA SER G 26 -5.47 0.93 -19.73
C SER G 26 -5.35 2.40 -20.13
N GLN G 27 -5.95 3.30 -19.36
CA GLN G 27 -5.84 4.73 -19.58
C GLN G 27 -5.45 5.40 -18.26
N SER G 28 -4.93 6.61 -18.37
CA SER G 28 -4.61 7.37 -17.17
C SER G 28 -5.87 7.58 -16.34
N LEU G 29 -5.77 7.36 -15.04
CA LEU G 29 -6.89 7.50 -14.13
C LEU G 29 -7.04 8.92 -13.60
N LEU G 30 -6.45 9.89 -14.30
CA LEU G 30 -6.50 11.29 -13.89
C LEU G 30 -7.75 11.91 -14.52
N HIS G 31 -8.72 12.27 -13.67
CA HIS G 31 -9.91 12.97 -14.14
C HIS G 31 -9.61 14.44 -14.35
N SER G 32 -8.96 15.07 -13.38
CA SER G 32 -8.54 16.46 -13.47
C SER G 32 -7.25 16.58 -12.65
N TYR G 33 -6.56 17.71 -12.83
CA TYR G 33 -5.30 17.94 -12.14
C TYR G 33 -5.44 17.68 -10.64
N GLY G 34 -4.58 16.80 -10.13
CA GLY G 34 -4.63 16.46 -8.72
C GLY G 34 -5.83 15.66 -8.31
N ASN G 35 -6.46 14.94 -9.25
CA ASN G 35 -7.64 14.12 -8.98
C ASN G 35 -7.41 12.77 -9.65
N THR G 36 -6.90 11.80 -8.88
CA THR G 36 -6.68 10.45 -9.38
C THR G 36 -7.48 9.51 -8.48
N TYR G 37 -8.56 8.98 -9.03
CA TYR G 37 -9.54 8.22 -8.25
C TYR G 37 -9.18 6.74 -8.19
N LEU G 38 -8.02 6.47 -7.61
CA LEU G 38 -7.61 5.06 -7.38
C LEU G 38 -7.89 4.73 -5.91
N GLU G 39 -8.61 3.66 -5.66
CA GLU G 39 -8.93 3.18 -4.34
C GLU G 39 -8.46 1.74 -4.21
N TRP G 40 -8.05 1.39 -3.00
CA TRP G 40 -7.66 0.03 -2.64
C TRP G 40 -8.58 -0.46 -1.54
N TYR G 41 -9.20 -1.62 -1.77
CA TYR G 41 -10.15 -2.27 -0.88
C TYR G 41 -9.61 -3.61 -0.41
N LEU G 42 -10.10 -4.04 0.75
CA LEU G 42 -9.82 -5.37 1.29
C LEU G 42 -11.13 -6.09 1.58
N GLN G 43 -11.28 -7.29 1.03
CA GLN G 43 -12.39 -8.17 1.31
C GLN G 43 -11.87 -9.38 2.09
N LYS G 44 -12.25 -9.47 3.35
CA LYS G 44 -11.93 -10.62 4.16
C LYS G 44 -12.86 -11.78 3.80
N PRO G 45 -12.48 -13.02 4.11
CA PRO G 45 -13.32 -14.16 3.74
C PRO G 45 -14.73 -14.03 4.31
N GLY G 46 -15.70 -13.92 3.42
CA GLY G 46 -17.10 -13.85 3.84
C GLY G 46 -17.51 -12.54 4.46
N GLN G 47 -16.95 -11.42 4.00
CA GLN G 47 -17.28 -10.09 4.52
C GLN G 47 -17.55 -9.16 3.36
N SER G 48 -17.96 -7.93 3.69
CA SER G 48 -18.09 -6.89 2.69
C SER G 48 -16.74 -6.18 2.51
N PRO G 49 -16.46 -5.63 1.34
CA PRO G 49 -15.18 -4.93 1.15
C PRO G 49 -15.07 -3.74 2.09
N GLN G 50 -13.87 -3.53 2.63
CA GLN G 50 -13.57 -2.33 3.39
C GLN G 50 -12.71 -1.41 2.53
N LEU G 51 -12.92 -0.11 2.68
CA LEU G 51 -12.05 0.86 2.03
C LEU G 51 -10.77 1.02 2.83
N LEU G 52 -9.63 0.84 2.14
CA LEU G 52 -8.32 1.00 2.75
C LEU G 52 -7.65 2.28 2.31
N ILE G 53 -7.57 2.53 1.00
CA ILE G 53 -6.88 3.70 0.48
C ILE G 53 -7.75 4.38 -0.56
N TYR G 54 -7.79 5.72 -0.52
CA TYR G 54 -8.50 6.51 -1.51
C TYR G 54 -7.56 7.56 -2.08
N ARG G 55 -7.83 7.95 -3.33
CA ARG G 55 -7.04 8.98 -4.01
C ARG G 55 -5.55 8.65 -3.99
N VAL G 56 -5.23 7.41 -4.33
CA VAL G 56 -3.87 6.90 -4.52
C VAL G 56 -3.13 6.67 -3.21
N SER G 57 -3.08 7.68 -2.33
CA SER G 57 -2.18 7.60 -1.18
C SER G 57 -2.82 8.00 0.15
N ASN G 58 -4.13 8.04 0.24
CA ASN G 58 -4.79 8.55 1.45
C ASN G 58 -5.42 7.39 2.21
N ARG G 59 -4.88 7.12 3.40
CA ARG G 59 -5.41 6.08 4.27
C ARG G 59 -6.79 6.45 4.79
N PHE G 60 -7.71 5.48 4.74
CA PHE G 60 -9.03 5.69 5.31
C PHE G 60 -8.97 5.65 6.84
N SER G 61 -9.92 6.34 7.47
CA SER G 61 -10.00 6.41 8.92
C SER G 61 -10.06 5.02 9.53
N GLY G 62 -9.08 4.68 10.35
CA GLY G 62 -9.01 3.40 11.02
C GLY G 62 -8.02 2.43 10.40
N VAL G 63 -7.68 2.63 9.13
CA VAL G 63 -6.72 1.76 8.45
C VAL G 63 -5.35 1.98 9.07
N PRO G 64 -4.65 0.94 9.52
CA PRO G 64 -3.37 1.14 10.20
C PRO G 64 -2.31 1.69 9.26
N ASP G 65 -1.22 2.17 9.87
CA ASP G 65 -0.21 2.91 9.13
C ASP G 65 0.56 2.04 8.15
N ARG G 66 0.64 0.74 8.38
CA ARG G 66 1.43 -0.11 7.50
C ARG G 66 0.89 -0.14 6.07
N PHE G 67 -0.37 0.26 5.87
CA PHE G 67 -0.95 0.33 4.53
C PHE G 67 -0.63 1.68 3.92
N SER G 68 0.11 1.70 2.82
CA SER G 68 0.37 2.95 2.13
C SER G 68 0.23 2.72 0.64
N GLY G 69 0.01 3.81 -0.09
CA GLY G 69 -0.27 3.74 -1.52
C GLY G 69 0.47 4.77 -2.33
N SER G 70 1.05 4.33 -3.43
CA SER G 70 1.77 5.17 -4.38
C SER G 70 1.16 4.97 -5.76
N GLY G 71 1.55 5.82 -6.70
CA GLY G 71 1.06 5.60 -8.07
C GLY G 71 0.88 6.86 -8.88
N SER G 72 1.22 6.78 -10.18
CA SER G 72 1.04 7.92 -11.10
C SER G 72 0.42 7.43 -12.41
N GLY G 73 -0.57 8.13 -12.94
CA GLY G 73 -1.08 7.78 -14.28
C GLY G 73 -1.70 6.41 -14.38
N THR G 74 -1.03 5.50 -15.07
CA THR G 74 -1.59 4.15 -15.32
C THR G 74 -0.94 3.10 -14.43
N ASP G 75 0.06 3.45 -13.63
CA ASP G 75 0.79 2.46 -12.79
C ASP G 75 0.65 2.86 -11.32
N PHE G 76 0.01 2.01 -10.52
CA PHE G 76 -0.32 2.31 -9.13
C PHE G 76 0.14 1.14 -8.26
N THR G 77 0.37 1.40 -6.97
CA THR G 77 0.91 0.36 -6.10
C THR G 77 0.45 0.53 -4.65
N LEU G 78 -0.06 -0.55 -4.06
CA LEU G 78 -0.33 -0.64 -2.64
C LEU G 78 0.79 -1.42 -1.96
N LYS G 79 1.19 -0.99 -0.76
CA LYS G 79 2.31 -1.61 -0.07
C LYS G 79 1.97 -1.80 1.40
N ILE G 80 2.20 -3.02 1.90
CA ILE G 80 2.09 -3.37 3.30
C ILE G 80 3.50 -3.57 3.84
N SER G 81 3.90 -2.72 4.79
CA SER G 81 5.26 -2.78 5.31
C SER G 81 5.49 -4.04 6.13
N ARG G 82 4.75 -4.19 7.23
CA ARG G 82 4.86 -5.35 8.11
C ARG G 82 3.54 -6.10 8.08
N VAL G 83 3.46 -7.12 7.22
CA VAL G 83 2.20 -7.85 7.02
C VAL G 83 1.88 -8.70 8.23
N GLU G 84 0.65 -8.59 8.71
CA GLU G 84 0.15 -9.40 9.80
C GLU G 84 -0.92 -10.37 9.30
N ALA G 85 -1.33 -11.31 10.17
CA ALA G 85 -2.23 -12.41 9.80
C ALA G 85 -3.65 -11.99 9.51
N GLU G 86 -4.07 -10.86 10.03
CA GLU G 86 -5.39 -10.31 9.85
C GLU G 86 -5.50 -9.59 8.52
N ASP G 87 -4.36 -9.36 7.87
CA ASP G 87 -4.30 -8.78 6.53
C ASP G 87 -4.62 -9.80 5.45
N VAL G 88 -4.84 -11.07 5.82
CA VAL G 88 -5.23 -12.07 4.85
C VAL G 88 -6.48 -11.62 4.12
N GLY G 89 -6.60 -12.04 2.89
CA GLY G 89 -7.85 -11.72 2.24
C GLY G 89 -7.61 -11.44 0.79
N VAL G 90 -8.55 -10.74 0.17
CA VAL G 90 -8.42 -10.38 -1.24
C VAL G 90 -8.37 -8.87 -1.34
N TYR G 91 -7.36 -8.35 -2.02
CA TYR G 91 -7.18 -6.92 -2.21
C TYR G 91 -7.66 -6.57 -3.61
N TYR G 92 -8.49 -5.54 -3.70
CA TYR G 92 -9.05 -5.08 -4.96
C TYR G 92 -8.61 -3.65 -5.21
N CYS G 93 -8.28 -3.34 -6.45
CA CYS G 93 -8.10 -1.94 -6.82
C CYS G 93 -9.32 -1.48 -7.61
N PHE G 94 -9.54 -0.17 -7.59
CA PHE G 94 -10.77 0.37 -8.14
C PHE G 94 -10.51 1.76 -8.70
N GLN G 95 -11.08 2.06 -9.85
CA GLN G 95 -10.96 3.36 -10.48
C GLN G 95 -12.30 4.08 -10.39
N GLY G 96 -12.24 5.36 -10.01
CA GLY G 96 -13.44 6.16 -9.87
C GLY G 96 -13.40 7.40 -10.74
N SER G 97 -12.49 7.43 -11.72
CA SER G 97 -12.30 8.63 -12.50
C SER G 97 -13.10 8.66 -13.80
N HIS G 98 -13.41 7.50 -14.39
CA HIS G 98 -14.12 7.50 -15.66
C HIS G 98 -15.22 6.45 -15.66
N VAL G 99 -16.38 6.84 -16.16
CA VAL G 99 -17.51 5.91 -16.28
C VAL G 99 -17.26 5.01 -17.49
N PRO G 100 -17.46 3.70 -17.40
CA PRO G 100 -17.97 2.87 -16.30
C PRO G 100 -16.92 2.63 -15.21
N PHE G 101 -17.27 2.81 -13.94
CA PHE G 101 -16.35 2.44 -12.87
C PHE G 101 -16.03 0.95 -12.94
N THR G 102 -14.76 0.61 -12.71
CA THR G 102 -14.28 -0.74 -12.90
C THR G 102 -13.39 -1.16 -11.75
N PHE G 103 -13.38 -2.46 -11.47
CA PHE G 103 -12.57 -3.07 -10.44
C PHE G 103 -11.43 -3.85 -11.08
N GLY G 104 -10.41 -4.14 -10.27
CA GLY G 104 -9.42 -5.11 -10.65
C GLY G 104 -9.97 -6.50 -10.44
N GLN G 105 -9.18 -7.51 -10.85
CA GLN G 105 -9.65 -8.88 -10.68
C GLN G 105 -9.41 -9.40 -9.26
N GLY G 106 -8.54 -8.78 -8.50
CA GLY G 106 -8.29 -9.18 -7.13
C GLY G 106 -6.93 -9.82 -6.96
N THR G 107 -6.44 -9.77 -5.72
CA THR G 107 -5.14 -10.34 -5.35
C THR G 107 -5.29 -10.98 -3.98
N LYS G 108 -5.17 -12.30 -3.89
CA LYS G 108 -5.32 -12.96 -2.60
C LYS G 108 -3.99 -12.98 -1.87
N LEU G 109 -3.96 -12.34 -0.70
CA LEU G 109 -2.82 -12.41 0.21
C LEU G 109 -3.06 -13.53 1.22
N GLU G 110 -2.19 -14.54 1.16
CA GLU G 110 -2.06 -15.66 2.08
C GLU G 110 -0.81 -15.46 2.93
N ILE G 111 -0.70 -16.26 4.00
CA ILE G 111 0.42 -16.10 4.96
C ILE G 111 1.26 -17.38 5.07
N LYS G 112 2.58 -17.28 5.06
CA LYS G 112 3.53 -18.37 5.24
C LYS G 112 3.84 -18.45 6.74
N ARG G 113 2.97 -19.17 7.46
CA ARG G 113 3.10 -19.28 8.93
C ARG G 113 4.52 -19.70 9.28
N ARG G 114 5.02 -19.28 10.42
CA ARG G 114 6.42 -19.60 10.71
C ARG G 114 6.65 -21.09 10.94
N THR G 115 5.83 -21.69 11.79
CA THR G 115 5.89 -23.09 12.17
C THR G 115 4.85 -23.90 11.38
N VAL G 116 5.16 -25.17 11.19
CA VAL G 116 4.24 -26.11 10.55
C VAL G 116 3.18 -26.55 11.56
N ALA G 117 1.96 -26.78 11.06
CA ALA G 117 0.85 -27.18 11.92
C ALA G 117 0.31 -28.53 11.46
N ALA G 118 0.09 -29.43 12.42
CA ALA G 118 -0.39 -30.76 12.10
C ALA G 118 -1.92 -30.80 12.13
N PRO G 119 -2.56 -31.46 11.16
CA PRO G 119 -4.03 -31.49 11.13
C PRO G 119 -4.58 -32.38 12.25
N SER G 120 -5.42 -31.79 13.08
CA SER G 120 -6.14 -32.57 14.10
C SER G 120 -7.28 -33.29 13.40
N VAL G 121 -7.22 -34.63 13.40
CA VAL G 121 -8.11 -35.46 12.58
C VAL G 121 -9.21 -36.05 13.44
N PHE G 122 -10.45 -36.01 12.92
CA PHE G 122 -11.62 -36.54 13.59
C PHE G 122 -12.53 -37.23 12.58
N ILE G 123 -13.09 -38.37 12.96
CA ILE G 123 -13.99 -39.13 12.09
C ILE G 123 -15.39 -39.14 12.68
N PHE G 124 -16.41 -38.93 11.82
CA PHE G 124 -17.81 -38.86 12.24
C PHE G 124 -18.62 -39.82 11.38
N PRO G 125 -19.38 -40.73 12.01
CA PRO G 125 -20.18 -41.69 11.27
C PRO G 125 -21.49 -41.09 10.81
N PRO G 126 -22.13 -41.68 9.80
CA PRO G 126 -23.44 -41.18 9.37
C PRO G 126 -24.48 -41.34 10.47
N SER G 127 -25.27 -40.29 10.68
CA SER G 127 -26.30 -40.30 11.70
C SER G 127 -27.43 -41.26 11.36
N ASP G 128 -27.97 -41.93 12.38
CA ASP G 128 -29.11 -42.82 12.18
C ASP G 128 -30.28 -42.08 11.53
N GLU G 129 -30.49 -40.82 11.93
CA GLU G 129 -31.52 -40.00 11.30
C GLU G 129 -31.36 -39.97 9.78
N GLN G 130 -30.11 -39.86 9.31
CA GLN G 130 -29.86 -39.87 7.87
C GLN G 130 -30.05 -41.26 7.29
N LEU G 131 -29.52 -42.27 7.98
CA LEU G 131 -29.62 -43.65 7.48
C LEU G 131 -31.06 -44.05 7.25
N LYS G 132 -32.00 -43.50 8.03
CA LYS G 132 -33.40 -43.76 7.76
C LYS G 132 -33.91 -43.14 6.47
N SER G 133 -33.09 -42.36 5.76
CA SER G 133 -33.49 -41.79 4.48
C SER G 133 -33.14 -42.68 3.31
N GLY G 134 -32.00 -43.37 3.39
CA GLY G 134 -31.51 -44.21 2.31
C GLY G 134 -30.11 -43.87 1.85
N THR G 135 -29.51 -42.81 2.39
CA THR G 135 -28.13 -42.44 2.10
C THR G 135 -27.38 -42.28 3.42
N ALA G 136 -26.05 -42.46 3.35
CA ALA G 136 -25.15 -42.38 4.48
C ALA G 136 -23.98 -41.49 4.12
N SER G 137 -23.68 -40.52 4.98
CA SER G 137 -22.57 -39.60 4.78
C SER G 137 -21.56 -39.75 5.92
N VAL G 138 -20.36 -40.20 5.59
CA VAL G 138 -19.25 -40.27 6.54
C VAL G 138 -18.41 -39.00 6.38
N VAL G 139 -17.90 -38.47 7.50
CA VAL G 139 -17.22 -37.18 7.47
C VAL G 139 -15.86 -37.30 8.15
N CYS G 140 -14.79 -36.98 7.42
CA CYS G 140 -13.45 -36.85 7.98
C CYS G 140 -13.07 -35.37 8.08
N LEU G 141 -12.47 -35.00 9.20
CA LEU G 141 -12.13 -33.61 9.49
C LEU G 141 -10.64 -33.48 9.77
N LEU G 142 -10.02 -32.54 9.07
CA LEU G 142 -8.61 -32.16 9.33
C LEU G 142 -8.75 -30.73 9.86
N ASN G 143 -8.30 -30.44 11.09
CA ASN G 143 -8.59 -29.10 11.66
C ASN G 143 -7.36 -28.28 12.02
N ASN G 144 -7.38 -26.97 11.75
CA ASN G 144 -6.30 -26.06 12.19
C ASN G 144 -4.91 -26.55 11.74
N PHE G 145 -4.70 -26.73 10.45
CA PHE G 145 -3.40 -27.22 9.94
C PHE G 145 -2.78 -26.23 8.95
N TYR G 146 -1.50 -26.45 8.61
CA TYR G 146 -0.81 -25.63 7.58
C TYR G 146 0.46 -26.36 7.24
N PRO G 147 0.92 -26.47 5.96
CA PRO G 147 0.27 -25.84 4.79
C PRO G 147 -1.03 -26.54 4.39
N ARG G 148 -1.80 -25.93 3.48
CA ARG G 148 -3.05 -26.53 3.03
C ARG G 148 -2.82 -27.86 2.32
N GLU G 149 -1.63 -28.05 1.74
CA GLU G 149 -1.34 -29.22 0.93
C GLU G 149 -1.46 -30.49 1.77
N ALA G 150 -2.55 -31.23 1.56
CA ALA G 150 -2.81 -32.44 2.32
C ALA G 150 -3.56 -33.44 1.44
N LYS G 151 -3.58 -34.69 1.87
CA LYS G 151 -4.26 -35.76 1.16
C LYS G 151 -5.11 -36.57 2.14
N VAL G 152 -6.31 -36.94 1.69
CA VAL G 152 -7.24 -37.75 2.48
C VAL G 152 -7.57 -39.02 1.69
N GLN G 153 -7.38 -40.18 2.32
CA GLN G 153 -7.64 -41.47 1.70
C GLN G 153 -8.66 -42.24 2.54
N TRP G 154 -9.83 -42.48 1.97
CA TRP G 154 -10.89 -43.23 2.63
C TRP G 154 -10.74 -44.72 2.38
N LYS G 155 -11.07 -45.54 3.38
CA LYS G 155 -11.33 -46.93 3.03
C LYS G 155 -12.37 -47.55 3.94
N VAL G 156 -13.09 -48.51 3.35
CA VAL G 156 -14.19 -49.23 3.96
C VAL G 156 -13.77 -50.70 3.97
N ASP G 157 -13.50 -51.24 5.15
CA ASP G 157 -13.01 -52.62 5.29
C ASP G 157 -11.75 -52.87 4.46
N ASN G 158 -10.82 -51.91 4.54
CA ASN G 158 -9.51 -52.02 3.91
C ASN G 158 -9.60 -52.07 2.38
N ALA G 159 -10.62 -51.44 1.81
CA ALA G 159 -10.71 -51.22 0.38
C ALA G 159 -10.76 -49.72 0.13
N LEU G 160 -9.78 -49.20 -0.62
CA LEU G 160 -9.66 -47.76 -0.82
C LEU G 160 -10.72 -47.26 -1.77
N GLN G 161 -11.47 -46.25 -1.35
CA GLN G 161 -12.61 -45.73 -2.08
C GLN G 161 -12.21 -44.47 -2.85
N SER G 162 -12.53 -44.46 -4.15
CA SER G 162 -12.19 -43.35 -5.03
C SER G 162 -13.43 -42.89 -5.77
N GLY G 163 -13.57 -41.57 -5.94
CA GLY G 163 -14.64 -41.00 -6.72
C GLY G 163 -15.99 -40.92 -6.03
N ASN G 164 -16.04 -41.13 -4.72
CA ASN G 164 -17.27 -40.99 -3.96
C ASN G 164 -17.13 -39.99 -2.82
N SER G 165 -16.08 -39.18 -2.84
CA SER G 165 -15.81 -38.22 -1.78
C SER G 165 -15.64 -36.82 -2.35
N GLN G 166 -16.02 -35.83 -1.55
CA GLN G 166 -15.82 -34.43 -1.89
C GLN G 166 -15.15 -33.70 -0.73
N GLU G 167 -14.38 -32.66 -1.07
CA GLU G 167 -13.65 -31.90 -0.06
C GLU G 167 -14.10 -30.44 -0.04
N SER G 168 -13.96 -29.82 1.12
CA SER G 168 -14.16 -28.39 1.30
C SER G 168 -13.12 -27.87 2.27
N VAL G 169 -12.53 -26.71 1.95
CA VAL G 169 -11.46 -26.13 2.75
C VAL G 169 -11.83 -24.71 3.15
N THR G 170 -11.55 -24.35 4.40
CA THR G 170 -11.74 -22.98 4.84
C THR G 170 -10.68 -22.08 4.21
N GLU G 171 -10.90 -20.78 4.34
CA GLU G 171 -9.85 -19.83 3.98
C GLU G 171 -8.87 -19.70 5.14
N GLN G 172 -7.71 -19.11 4.83
CA GLN G 172 -6.68 -18.97 5.86
C GLN G 172 -7.20 -18.17 7.03
N ASP G 173 -6.89 -18.64 8.23
CA ASP G 173 -7.43 -18.04 9.44
C ASP G 173 -6.78 -16.70 9.72
N SER G 174 -7.60 -15.73 10.15
CA SER G 174 -7.11 -14.38 10.40
C SER G 174 -6.26 -14.27 11.66
N LYS G 175 -6.32 -15.26 12.56
CA LYS G 175 -5.60 -15.19 13.81
C LYS G 175 -4.72 -16.40 14.03
N ASP G 176 -4.88 -17.44 13.23
CA ASP G 176 -3.94 -18.54 13.28
C ASP G 176 -3.13 -18.73 12.01
N SER G 177 -3.61 -18.31 10.85
CA SER G 177 -2.97 -18.69 9.58
C SER G 177 -3.07 -20.19 9.35
N THR G 178 -4.15 -20.81 9.83
CA THR G 178 -4.45 -22.23 9.66
C THR G 178 -5.58 -22.43 8.68
N TYR G 179 -5.68 -23.67 8.21
CA TYR G 179 -6.75 -24.12 7.35
C TYR G 179 -7.53 -25.23 8.06
N SER G 180 -8.71 -25.49 7.54
CA SER G 180 -9.51 -26.63 7.98
C SER G 180 -10.17 -27.25 6.77
N LEU G 181 -10.37 -28.57 6.83
CA LEU G 181 -10.81 -29.34 5.67
C LEU G 181 -11.80 -30.41 6.10
N SER G 182 -12.87 -30.55 5.32
CA SER G 182 -13.88 -31.58 5.52
C SER G 182 -13.95 -32.44 4.26
N SER G 183 -13.74 -33.74 4.41
CA SER G 183 -13.97 -34.71 3.35
C SER G 183 -15.24 -35.49 3.68
N THR G 184 -16.11 -35.64 2.69
CA THR G 184 -17.39 -36.31 2.88
C THR G 184 -17.52 -37.44 1.88
N LEU G 185 -17.71 -38.65 2.41
CA LEU G 185 -17.91 -39.86 1.62
C LEU G 185 -19.40 -40.21 1.62
N THR G 186 -19.98 -40.35 0.44
CA THR G 186 -21.41 -40.56 0.27
C THR G 186 -21.64 -41.98 -0.23
N LEU G 187 -22.29 -42.81 0.59
CA LEU G 187 -22.61 -44.17 0.23
C LEU G 187 -24.11 -44.38 0.35
N SER G 188 -24.66 -45.30 -0.44
CA SER G 188 -26.06 -45.64 -0.26
C SER G 188 -26.22 -46.53 0.97
N LYS G 189 -27.37 -46.39 1.64
CA LYS G 189 -27.59 -47.03 2.93
C LYS G 189 -27.25 -48.52 2.90
N ALA G 190 -27.64 -49.22 1.84
CA ALA G 190 -27.32 -50.65 1.73
C ALA G 190 -25.81 -50.88 1.68
N ASP G 191 -25.12 -50.15 0.80
CA ASP G 191 -23.67 -50.29 0.70
C ASP G 191 -23.00 -49.94 2.03
N TYR G 192 -23.55 -48.96 2.74
CA TYR G 192 -23.02 -48.62 4.06
C TYR G 192 -23.18 -49.79 5.02
N GLU G 193 -24.36 -50.40 5.02
CA GLU G 193 -24.66 -51.52 5.91
C GLU G 193 -23.98 -52.81 5.48
N LYS G 194 -23.35 -52.85 4.31
CA LYS G 194 -22.64 -54.06 3.90
C LYS G 194 -21.27 -54.15 4.58
N HIS G 195 -20.54 -53.05 4.63
CA HIS G 195 -19.19 -53.01 5.17
C HIS G 195 -19.24 -52.48 6.61
N LYS G 196 -18.10 -52.58 7.32
CA LYS G 196 -18.14 -52.26 8.74
C LYS G 196 -16.99 -51.40 9.26
N VAL G 197 -15.79 -51.43 8.67
CA VAL G 197 -14.64 -50.66 9.18
C VAL G 197 -14.42 -49.45 8.31
N TYR G 198 -14.67 -48.26 8.86
CA TYR G 198 -14.56 -47.01 8.06
C TYR G 198 -13.41 -46.17 8.63
N ALA G 199 -12.48 -45.74 7.77
CA ALA G 199 -11.31 -45.00 8.23
C ALA G 199 -10.91 -43.97 7.20
N CYS G 200 -10.43 -42.83 7.68
CA CYS G 200 -9.81 -41.83 6.83
C CYS G 200 -8.35 -41.67 7.25
N GLU G 201 -7.46 -41.73 6.26
CA GLU G 201 -6.02 -41.63 6.46
C GLU G 201 -5.58 -40.27 5.91
N VAL G 202 -4.91 -39.49 6.76
CA VAL G 202 -4.49 -38.14 6.43
C VAL G 202 -2.97 -38.14 6.29
N THR G 203 -2.50 -37.67 5.15
CA THR G 203 -1.07 -37.54 4.87
C THR G 203 -0.75 -36.05 4.74
N HIS G 204 -0.08 -35.49 5.75
CA HIS G 204 0.26 -34.08 5.75
C HIS G 204 1.72 -33.92 6.18
N GLN G 205 2.30 -32.78 5.82
CA GLN G 205 3.71 -32.52 6.14
C GLN G 205 3.96 -32.58 7.65
N GLY G 206 3.08 -31.97 8.43
CA GLY G 206 3.28 -31.88 9.88
C GLY G 206 3.24 -33.22 10.60
N LEU G 207 2.84 -34.29 9.93
CA LEU G 207 2.76 -35.61 10.54
C LEU G 207 4.00 -36.42 10.22
N SER G 208 4.46 -37.19 11.21
CA SER G 208 5.62 -38.07 11.05
C SER G 208 5.27 -39.07 9.97
N SER G 209 4.20 -39.80 10.25
CA SER G 209 3.56 -40.88 9.52
C SER G 209 2.09 -40.51 9.34
N PRO G 210 1.47 -40.93 8.24
CA PRO G 210 0.06 -40.62 8.01
C PRO G 210 -0.84 -41.08 9.16
N VAL G 211 -1.71 -40.18 9.61
CA VAL G 211 -2.59 -40.43 10.75
C VAL G 211 -3.95 -40.96 10.25
N THR G 212 -4.36 -42.13 10.73
CA THR G 212 -5.64 -42.72 10.38
C THR G 212 -6.60 -42.67 11.56
N LYS G 213 -7.81 -42.17 11.32
CA LYS G 213 -8.88 -42.19 12.31
C LYS G 213 -10.04 -43.03 11.78
N SER G 214 -10.58 -43.89 12.64
CA SER G 214 -11.50 -44.93 12.20
C SER G 214 -12.59 -45.19 13.23
N PHE G 215 -13.64 -45.87 12.76
CA PHE G 215 -14.67 -46.45 13.60
C PHE G 215 -15.18 -47.69 12.89
N ASN G 216 -15.92 -48.52 13.62
CA ASN G 216 -16.61 -49.65 13.01
C ASN G 216 -18.11 -49.42 13.15
N ARG G 217 -18.88 -49.95 12.18
CA ARG G 217 -20.29 -49.59 12.08
C ARG G 217 -21.09 -50.09 13.27
N GLY G 218 -20.70 -51.20 13.87
CA GLY G 218 -21.49 -51.80 14.93
C GLY G 218 -21.00 -51.49 16.34
N GLU G 219 -20.49 -50.29 16.56
CA GLU G 219 -20.12 -49.86 17.92
C GLU G 219 -20.77 -48.53 18.26
N CYS G 220 -20.37 -47.95 19.38
CA CYS G 220 -20.91 -46.67 19.83
C CYS G 220 -19.82 -45.86 20.53
N ASP H 1 -81.70 24.34 -25.91
CA ASP H 1 -80.25 24.51 -25.90
C ASP H 1 -79.70 24.38 -24.49
N ILE H 2 -78.59 23.62 -24.36
CA ILE H 2 -77.99 23.41 -23.06
C ILE H 2 -77.30 24.69 -22.64
N VAL H 3 -77.72 25.25 -21.52
CA VAL H 3 -77.15 26.50 -21.02
C VAL H 3 -75.93 26.17 -20.17
N MET H 4 -74.83 26.82 -20.48
CA MET H 4 -73.56 26.63 -19.78
C MET H 4 -73.29 27.86 -18.93
N THR H 5 -72.82 27.65 -17.70
CA THR H 5 -72.68 28.72 -16.72
C THR H 5 -71.32 28.58 -16.05
N GLN H 6 -70.45 29.55 -16.31
CA GLN H 6 -69.09 29.55 -15.77
C GLN H 6 -69.00 30.49 -14.57
N THR H 7 -68.37 30.01 -13.49
CA THR H 7 -68.11 30.80 -12.31
C THR H 7 -66.68 30.48 -11.85
N PRO H 8 -65.81 31.48 -11.61
CA PRO H 8 -66.01 32.94 -11.63
C PRO H 8 -66.03 33.54 -13.02
N LEU H 9 -66.82 34.59 -13.28
CA LEU H 9 -66.86 35.17 -14.62
C LEU H 9 -65.55 35.87 -14.98
N SER H 10 -64.80 36.35 -14.00
CA SER H 10 -63.52 37.00 -14.27
C SER H 10 -62.56 36.74 -13.10
N LEU H 11 -61.26 36.77 -13.38
CA LEU H 11 -60.30 36.36 -12.34
C LEU H 11 -58.90 36.93 -12.62
N SER H 12 -58.19 37.24 -11.53
CA SER H 12 -56.80 37.69 -11.55
C SER H 12 -56.00 36.86 -10.55
N VAL H 13 -54.96 36.15 -11.00
CA VAL H 13 -54.23 35.21 -10.10
C VAL H 13 -52.74 35.56 -10.03
N THR H 14 -52.12 35.39 -8.87
CA THR H 14 -50.67 35.66 -8.75
C THR H 14 -49.93 34.55 -9.45
N PRO H 15 -48.85 34.85 -10.21
CA PRO H 15 -48.07 33.79 -10.81
C PRO H 15 -47.67 32.79 -9.75
N GLY H 16 -47.90 31.50 -10.01
CA GLY H 16 -47.49 30.46 -9.05
C GLY H 16 -48.61 30.01 -8.14
N GLN H 17 -49.67 30.81 -8.04
CA GLN H 17 -50.84 30.45 -7.21
C GLN H 17 -51.78 29.55 -8.02
N PRO H 18 -52.65 28.76 -7.38
CA PRO H 18 -53.61 27.93 -8.10
C PRO H 18 -54.82 28.73 -8.57
N ALA H 19 -55.53 28.15 -9.53
CA ALA H 19 -56.74 28.76 -10.08
C ALA H 19 -57.76 27.68 -10.36
N SER H 20 -59.03 28.05 -10.21
CA SER H 20 -60.13 27.11 -10.42
C SER H 20 -61.31 27.81 -11.08
N ILE H 21 -61.90 27.14 -12.07
CA ILE H 21 -63.10 27.60 -12.74
C ILE H 21 -64.11 26.46 -12.73
N SER H 22 -65.38 26.81 -12.67
CA SER H 22 -66.47 25.85 -12.60
C SER H 22 -67.42 26.09 -13.75
N CYS H 23 -67.86 25.00 -14.37
CA CYS H 23 -68.79 25.06 -15.48
C CYS H 23 -69.97 24.15 -15.17
N LYS H 24 -71.16 24.72 -15.04
CA LYS H 24 -72.37 23.98 -14.76
C LYS H 24 -73.28 23.97 -15.98
N SER H 25 -74.07 22.90 -16.11
CA SER H 25 -74.89 22.67 -17.29
C SER H 25 -76.36 22.59 -16.91
N SER H 26 -77.22 22.97 -17.86
CA SER H 26 -78.65 22.91 -17.62
C SER H 26 -79.16 21.47 -17.59
N GLN H 27 -78.51 20.58 -18.33
CA GLN H 27 -78.84 19.16 -18.35
C GLN H 27 -77.56 18.35 -18.21
N SER H 28 -77.73 17.07 -17.86
CA SER H 28 -76.61 16.15 -17.82
C SER H 28 -75.99 16.04 -19.22
N LEU H 29 -74.66 16.10 -19.29
CA LEU H 29 -73.93 16.05 -20.55
C LEU H 29 -73.56 14.64 -20.96
N LEU H 30 -74.21 13.63 -20.42
CA LEU H 30 -73.90 12.24 -20.70
C LEU H 30 -74.72 11.74 -21.89
N HIS H 31 -74.03 11.35 -22.96
CA HIS H 31 -74.73 10.78 -24.14
C HIS H 31 -75.04 9.32 -23.84
N SER H 32 -74.02 8.58 -23.42
CA SER H 32 -74.23 7.15 -23.06
C SER H 32 -73.14 6.75 -22.06
N TYR H 33 -73.29 5.60 -21.42
CA TYR H 33 -72.31 5.23 -20.35
C TYR H 33 -70.93 5.59 -20.82
N GLY H 34 -70.19 6.32 -20.00
CA GLY H 34 -68.84 6.69 -20.33
C GLY H 34 -68.71 7.61 -21.52
N ASN H 35 -69.76 8.36 -21.89
CA ASN H 35 -69.69 9.28 -23.03
C ASN H 35 -70.32 10.62 -22.62
N THR H 36 -69.49 11.52 -22.12
CA THR H 36 -69.92 12.87 -21.76
C THR H 36 -68.94 13.85 -22.42
N TYR H 37 -69.43 14.57 -23.43
CA TYR H 37 -68.57 15.42 -24.25
C TYR H 37 -68.47 16.83 -23.68
N LEU H 38 -67.85 16.93 -22.50
CA LEU H 38 -67.49 18.23 -21.96
C LEU H 38 -66.06 18.55 -22.37
N GLU H 39 -65.86 19.73 -22.94
CA GLU H 39 -64.56 20.18 -23.38
C GLU H 39 -64.27 21.55 -22.78
N TRP H 40 -62.98 21.79 -22.53
CA TRP H 40 -62.51 23.08 -22.03
C TRP H 40 -61.60 23.71 -23.07
N TYR H 41 -61.89 24.95 -23.45
CA TYR H 41 -61.16 25.68 -24.46
C TYR H 41 -60.48 26.90 -23.85
N LEU H 42 -59.40 27.35 -24.50
CA LEU H 42 -58.74 28.60 -24.16
C LEU H 42 -58.63 29.46 -25.41
N GLN H 43 -59.09 30.70 -25.31
CA GLN H 43 -58.93 31.69 -26.36
C GLN H 43 -57.95 32.76 -25.86
N LYS H 44 -56.77 32.75 -26.45
CA LYS H 44 -55.69 33.69 -26.19
C LYS H 44 -56.03 35.06 -26.82
N PRO H 45 -55.32 36.17 -26.45
CA PRO H 45 -55.71 37.47 -27.00
C PRO H 45 -55.62 37.51 -28.50
N GLY H 46 -56.76 37.59 -29.19
CA GLY H 46 -56.68 37.69 -30.64
C GLY H 46 -56.20 36.44 -31.33
N GLN H 47 -56.58 35.26 -30.82
CA GLN H 47 -56.21 33.99 -31.42
C GLN H 47 -57.46 33.12 -31.55
N SER H 48 -57.30 31.97 -32.16
CA SER H 48 -58.37 31.01 -32.26
C SER H 48 -58.41 30.12 -31.02
N PRO H 49 -59.58 29.57 -30.68
CA PRO H 49 -59.67 28.74 -29.47
C PRO H 49 -58.77 27.51 -29.56
N GLN H 50 -58.19 27.15 -28.42
CA GLN H 50 -57.43 25.92 -28.29
C GLN H 50 -58.26 24.90 -27.53
N LEU H 51 -58.14 23.63 -27.93
CA LEU H 51 -58.69 22.56 -27.12
C LEU H 51 -57.71 22.27 -25.98
N LEU H 52 -58.20 22.36 -24.75
CA LEU H 52 -57.40 22.09 -23.57
C LEU H 52 -57.71 20.74 -22.97
N ILE H 53 -59.00 20.48 -22.75
CA ILE H 53 -59.48 19.26 -22.10
C ILE H 53 -60.68 18.74 -22.88
N TYR H 54 -60.74 17.42 -23.07
CA TYR H 54 -61.88 16.78 -23.72
C TYR H 54 -62.38 15.62 -22.87
N ARG H 55 -63.64 15.26 -23.07
CA ARG H 55 -64.23 14.12 -22.31
C ARG H 55 -63.97 14.30 -20.81
N VAL H 56 -64.42 15.42 -20.23
CA VAL H 56 -64.34 15.67 -18.77
C VAL H 56 -62.90 15.88 -18.27
N SER H 57 -62.00 14.92 -18.43
CA SER H 57 -60.66 15.08 -17.80
C SER H 57 -59.51 14.62 -18.67
N ASN H 58 -59.68 14.59 -19.99
CA ASN H 58 -58.60 14.04 -20.84
C ASN H 58 -57.85 15.20 -21.46
N ARG H 59 -56.64 15.45 -21.00
CA ARG H 59 -55.80 16.53 -21.56
C ARG H 59 -55.56 16.24 -23.05
N PHE H 60 -55.44 17.29 -23.86
CA PHE H 60 -55.16 17.10 -25.31
C PHE H 60 -53.66 17.10 -25.50
N SER H 61 -53.23 16.54 -26.63
CA SER H 61 -51.82 16.50 -26.94
C SER H 61 -51.22 17.91 -26.93
N GLY H 62 -50.22 18.11 -26.06
CA GLY H 62 -49.52 19.37 -25.92
C GLY H 62 -49.89 20.16 -24.69
N VAL H 63 -51.05 19.90 -24.09
CA VAL H 63 -51.45 20.65 -22.90
C VAL H 63 -50.58 20.22 -21.72
N PRO H 64 -49.93 21.15 -21.03
CA PRO H 64 -49.05 20.77 -19.92
C PRO H 64 -49.82 20.23 -18.71
N ASP H 65 -49.07 19.58 -17.81
CA ASP H 65 -49.69 18.85 -16.71
C ASP H 65 -50.35 19.75 -15.70
N ARG H 66 -49.92 21.01 -15.61
CA ARG H 66 -50.60 21.88 -14.66
C ARG H 66 -52.07 22.03 -15.01
N PHE H 67 -52.51 21.55 -16.16
CA PHE H 67 -53.94 21.65 -16.50
C PHE H 67 -54.67 20.39 -16.02
N SER H 68 -55.73 20.57 -15.25
CA SER H 68 -56.51 19.44 -14.78
C SER H 68 -57.96 19.71 -15.10
N GLY H 69 -58.71 18.63 -15.18
CA GLY H 69 -60.13 18.66 -15.50
C GLY H 69 -60.84 17.65 -14.63
N SER H 70 -61.94 18.03 -14.01
CA SER H 70 -62.74 17.07 -13.26
C SER H 70 -64.21 17.27 -13.63
N GLY H 71 -65.07 16.34 -13.22
CA GLY H 71 -66.49 16.61 -13.48
C GLY H 71 -67.33 15.39 -13.76
N SER H 72 -68.63 15.52 -13.56
CA SER H 72 -69.56 14.42 -13.89
C SER H 72 -70.95 15.02 -14.01
N GLY H 73 -71.86 14.35 -14.70
CA GLY H 73 -73.24 14.85 -14.70
C GLY H 73 -73.33 16.27 -15.22
N THR H 74 -73.80 17.19 -14.38
CA THR H 74 -73.99 18.60 -14.79
C THR H 74 -72.90 19.50 -14.25
N ASP H 75 -72.09 19.03 -13.30
CA ASP H 75 -71.09 19.93 -12.67
C ASP H 75 -69.67 19.50 -13.07
N PHE H 76 -68.86 20.44 -13.55
CA PHE H 76 -67.52 20.16 -14.06
C PHE H 76 -66.60 21.32 -13.66
N THR H 77 -65.31 21.04 -13.54
CA THR H 77 -64.36 22.04 -13.03
C THR H 77 -62.99 21.90 -13.69
N LEU H 78 -62.43 23.03 -14.13
CA LEU H 78 -61.05 23.12 -14.57
C LEU H 78 -60.19 23.71 -13.46
N LYS H 79 -59.00 23.15 -13.26
CA LYS H 79 -58.10 23.59 -12.20
C LYS H 79 -56.66 23.68 -12.73
N ILE H 80 -56.04 24.84 -12.53
CA ILE H 80 -54.64 25.07 -12.87
C ILE H 80 -53.85 25.11 -11.57
N SER H 81 -52.91 24.17 -11.42
CA SER H 81 -52.17 24.07 -10.16
C SER H 81 -51.24 25.26 -9.96
N ARG H 82 -50.46 25.62 -10.98
CA ARG H 82 -49.49 26.71 -10.91
C ARG H 82 -49.69 27.57 -12.15
N VAL H 83 -50.48 28.62 -12.02
CA VAL H 83 -50.71 29.51 -13.15
C VAL H 83 -49.41 30.22 -13.50
N GLU H 84 -49.02 30.13 -14.77
CA GLU H 84 -47.84 30.78 -15.28
C GLU H 84 -48.26 32.01 -16.08
N ALA H 85 -47.28 32.76 -16.58
CA ALA H 85 -47.59 34.01 -17.26
C ALA H 85 -48.30 33.77 -18.59
N GLU H 86 -48.11 32.59 -19.20
CA GLU H 86 -48.70 32.28 -20.49
C GLU H 86 -50.18 31.93 -20.43
N ASP H 87 -50.73 31.73 -19.23
CA ASP H 87 -52.11 31.29 -19.07
C ASP H 87 -53.14 32.40 -19.31
N VAL H 88 -52.73 33.64 -19.57
CA VAL H 88 -53.69 34.71 -19.80
C VAL H 88 -54.67 34.32 -20.90
N GLY H 89 -55.90 34.76 -20.75
CA GLY H 89 -56.89 34.61 -21.79
C GLY H 89 -58.26 34.35 -21.21
N VAL H 90 -59.15 33.87 -22.07
CA VAL H 90 -60.54 33.58 -21.73
C VAL H 90 -60.78 32.09 -21.94
N TYR H 91 -61.34 31.44 -20.93
CA TYR H 91 -61.60 30.01 -20.96
C TYR H 91 -63.08 29.77 -21.22
N TYR H 92 -63.37 28.85 -22.15
CA TYR H 92 -64.73 28.49 -22.52
C TYR H 92 -64.95 27.02 -22.23
N CYS H 93 -66.13 26.68 -21.72
CA CYS H 93 -66.54 25.28 -21.67
C CYS H 93 -67.57 25.02 -22.76
N PHE H 94 -67.64 23.75 -23.18
CA PHE H 94 -68.40 23.37 -24.37
C PHE H 94 -68.93 21.96 -24.22
N GLN H 95 -70.16 21.76 -24.68
CA GLN H 95 -70.80 20.45 -24.68
C GLN H 95 -70.97 19.93 -26.11
N GLY H 96 -70.64 18.67 -26.31
CA GLY H 96 -70.79 18.05 -27.61
C GLY H 96 -71.63 16.79 -27.61
N SER H 97 -72.39 16.57 -26.53
CA SER H 97 -73.14 15.33 -26.37
C SER H 97 -74.56 15.41 -26.91
N HIS H 98 -75.15 16.59 -27.00
CA HIS H 98 -76.50 16.73 -27.50
C HIS H 98 -76.55 17.87 -28.50
N VAL H 99 -77.16 17.62 -29.65
CA VAL H 99 -77.29 18.63 -30.69
C VAL H 99 -78.39 19.60 -30.29
N PRO H 100 -78.31 20.89 -30.64
CA PRO H 100 -77.13 21.64 -31.12
C PRO H 100 -76.11 21.91 -30.02
N PHE H 101 -74.86 21.62 -30.30
CA PHE H 101 -73.77 21.88 -29.36
C PHE H 101 -73.69 23.36 -28.99
N THR H 102 -73.36 23.63 -27.72
CA THR H 102 -73.44 24.96 -27.14
C THR H 102 -72.20 25.24 -26.31
N PHE H 103 -71.83 26.52 -26.24
CA PHE H 103 -70.69 26.98 -25.47
C PHE H 103 -71.14 27.77 -24.24
N GLY H 104 -70.23 27.88 -23.27
CA GLY H 104 -70.41 28.82 -22.19
C GLY H 104 -70.04 30.23 -22.59
N GLN H 105 -70.38 31.18 -21.72
CA GLN H 105 -70.13 32.58 -22.05
C GLN H 105 -68.71 33.04 -21.72
N GLY H 106 -67.93 32.24 -21.01
CA GLY H 106 -66.51 32.51 -20.91
C GLY H 106 -66.11 33.03 -19.53
N THR H 107 -64.82 32.88 -19.24
CA THR H 107 -64.22 33.34 -18.00
C THR H 107 -62.86 33.94 -18.34
N LYS H 108 -62.71 35.25 -18.14
CA LYS H 108 -61.43 35.91 -18.37
C LYS H 108 -60.52 35.69 -17.17
N LEU H 109 -59.24 35.41 -17.44
CA LEU H 109 -58.25 35.12 -16.41
C LEU H 109 -57.05 36.04 -16.61
N GLU H 110 -56.82 36.95 -15.68
CA GLU H 110 -55.66 37.83 -15.67
C GLU H 110 -54.65 37.36 -14.64
N ILE H 111 -53.42 37.89 -14.74
CA ILE H 111 -52.33 37.52 -13.84
C ILE H 111 -51.86 38.74 -13.07
N LYS H 112 -51.99 38.69 -11.74
CA LYS H 112 -51.47 39.73 -10.86
C LYS H 112 -49.95 39.80 -10.90
N ARG H 113 -49.40 40.80 -11.58
CA ARG H 113 -47.94 40.90 -11.69
C ARG H 113 -47.32 41.15 -10.32
N ARG H 114 -46.14 40.56 -10.09
CA ARG H 114 -45.40 40.70 -8.84
C ARG H 114 -44.38 41.82 -8.88
N THR H 115 -44.56 42.81 -9.74
CA THR H 115 -43.68 43.97 -9.76
C THR H 115 -44.47 45.08 -10.43
N VAL H 116 -44.56 46.24 -9.77
CA VAL H 116 -45.34 47.32 -10.37
C VAL H 116 -44.53 47.86 -11.53
N ALA H 117 -45.21 48.18 -12.62
CA ALA H 117 -44.55 48.56 -13.85
C ALA H 117 -44.90 49.99 -14.20
N ALA H 118 -43.91 50.74 -14.62
CA ALA H 118 -44.12 52.16 -14.86
C ALA H 118 -44.57 52.39 -16.29
N PRO H 119 -45.58 53.21 -16.51
CA PRO H 119 -45.99 53.50 -17.89
C PRO H 119 -44.94 54.38 -18.56
N SER H 120 -44.30 53.85 -19.60
CA SER H 120 -43.33 54.62 -20.37
C SER H 120 -44.07 55.50 -21.37
N VAL H 121 -43.95 56.82 -21.20
CA VAL H 121 -44.76 57.77 -21.97
C VAL H 121 -43.94 58.37 -23.09
N PHE H 122 -44.51 58.36 -24.29
CA PHE H 122 -43.90 58.94 -25.47
C PHE H 122 -45.02 59.69 -26.20
N ILE H 123 -44.74 60.90 -26.67
CA ILE H 123 -45.75 61.76 -27.29
C ILE H 123 -45.45 61.88 -28.77
N PHE H 124 -46.51 61.86 -29.59
CA PHE H 124 -46.40 61.86 -31.04
C PHE H 124 -47.23 63.00 -31.62
N PRO H 125 -46.64 63.87 -32.43
CA PRO H 125 -47.39 65.01 -32.97
C PRO H 125 -48.16 64.63 -34.22
N PRO H 126 -49.20 65.39 -34.56
CA PRO H 126 -49.93 65.13 -35.81
C PRO H 126 -49.02 65.38 -37.01
N SER H 127 -49.04 64.45 -37.95
CA SER H 127 -48.23 64.57 -39.16
C SER H 127 -48.76 65.67 -40.08
N ASP H 128 -47.83 66.35 -40.75
CA ASP H 128 -48.21 67.36 -41.74
C ASP H 128 -49.14 66.79 -42.80
N GLU H 129 -48.95 65.52 -43.16
CA GLU H 129 -49.85 64.85 -44.08
C GLU H 129 -51.29 64.91 -43.59
N GLN H 130 -51.50 64.79 -42.27
CA GLN H 130 -52.85 64.83 -41.72
C GLN H 130 -53.39 66.25 -41.64
N LEU H 131 -52.59 67.17 -41.11
CA LEU H 131 -53.04 68.56 -41.00
C LEU H 131 -53.46 69.13 -42.36
N LYS H 132 -52.80 68.68 -43.43
CA LYS H 132 -53.22 69.07 -44.77
C LYS H 132 -54.70 68.77 -45.01
N SER H 133 -55.20 67.69 -44.39
CA SER H 133 -56.61 67.35 -44.55
C SER H 133 -57.51 68.32 -43.77
N GLY H 134 -57.10 68.71 -42.58
CA GLY H 134 -57.92 69.59 -41.74
C GLY H 134 -58.23 69.07 -40.36
N THR H 135 -57.78 67.88 -39.97
CA THR H 135 -58.00 67.34 -38.64
C THR H 135 -56.65 67.02 -38.00
N ALA H 136 -56.61 67.03 -36.67
CA ALA H 136 -55.37 66.83 -35.93
C ALA H 136 -55.56 65.74 -34.89
N SER H 137 -54.67 64.74 -34.93
CA SER H 137 -54.66 63.67 -33.95
C SER H 137 -53.29 63.68 -33.25
N VAL H 138 -53.29 64.07 -31.97
CA VAL H 138 -52.10 63.97 -31.12
C VAL H 138 -52.22 62.67 -30.34
N VAL H 139 -51.10 61.98 -30.15
CA VAL H 139 -51.12 60.64 -29.58
C VAL H 139 -50.11 60.54 -28.44
N CYS H 140 -50.61 60.21 -27.26
CA CYS H 140 -49.79 59.89 -26.10
C CYS H 140 -49.77 58.38 -25.91
N LEU H 141 -48.59 57.83 -25.62
CA LEU H 141 -48.39 56.40 -25.55
C LEU H 141 -47.87 55.97 -24.18
N LEU H 142 -48.51 54.97 -23.60
CA LEU H 142 -48.10 54.29 -22.37
C LEU H 142 -47.71 52.86 -22.71
N ASN H 143 -46.55 52.39 -22.25
CA ASN H 143 -46.02 51.07 -22.76
C ASN H 143 -46.17 49.86 -21.83
N ASN H 144 -45.68 49.87 -20.59
CA ASN H 144 -45.76 48.64 -19.78
C ASN H 144 -46.15 48.97 -18.34
N PHE H 145 -47.37 48.58 -17.95
CA PHE H 145 -47.83 48.95 -16.59
C PHE H 145 -49.03 48.12 -16.12
N TYR H 146 -49.50 48.37 -14.89
CA TYR H 146 -50.74 47.72 -14.39
C TYR H 146 -51.89 48.68 -14.66
N PRO H 147 -53.02 48.24 -15.23
CA PRO H 147 -54.07 49.18 -15.63
C PRO H 147 -54.80 49.93 -14.54
N ARG H 148 -55.16 51.18 -14.81
CA ARG H 148 -55.94 52.01 -13.85
C ARG H 148 -57.00 52.75 -14.69
N GLU H 149 -57.87 53.56 -14.06
CA GLU H 149 -58.96 54.22 -14.82
C GLU H 149 -58.80 55.75 -14.75
N ALA H 150 -58.78 56.44 -15.90
CA ALA H 150 -58.73 57.92 -15.94
C ALA H 150 -57.51 58.51 -15.22
N LYS H 151 -56.30 58.24 -15.71
CA LYS H 151 -55.08 58.85 -15.12
C LYS H 151 -54.38 59.72 -16.17
N VAL H 152 -54.79 59.67 -17.44
CA VAL H 152 -54.15 60.43 -18.49
C VAL H 152 -54.75 61.83 -18.55
N GLN H 153 -53.88 62.85 -18.52
CA GLN H 153 -54.30 64.24 -18.57
C GLN H 153 -53.73 64.86 -19.83
N TRP H 154 -54.61 65.40 -20.68
CA TRP H 154 -54.19 66.09 -21.90
C TRP H 154 -54.13 67.58 -21.62
N LYS H 155 -53.00 68.18 -21.97
CA LYS H 155 -52.83 69.62 -21.70
C LYS H 155 -52.45 70.34 -22.99
N VAL H 156 -53.39 71.09 -23.56
CA VAL H 156 -53.08 71.91 -24.76
C VAL H 156 -53.04 73.37 -24.27
N ASP H 157 -51.84 73.92 -24.13
CA ASP H 157 -51.65 75.31 -23.65
C ASP H 157 -52.01 75.44 -22.17
N ASN H 158 -51.55 74.50 -21.34
CA ASN H 158 -51.75 74.59 -19.86
C ASN H 158 -53.24 74.57 -19.57
N ALA H 159 -54.07 74.32 -20.58
CA ALA H 159 -55.52 74.16 -20.34
C ALA H 159 -55.88 72.71 -20.60
N LEU H 160 -56.42 72.02 -19.60
CA LEU H 160 -56.74 70.57 -19.76
C LEU H 160 -57.93 70.44 -20.70
N GLN H 161 -57.83 69.56 -21.69
CA GLN H 161 -58.96 69.36 -22.56
C GLN H 161 -59.68 68.05 -22.29
N SER H 162 -61.00 68.14 -22.20
CA SER H 162 -61.83 66.96 -21.88
C SER H 162 -62.91 66.78 -22.96
N GLY H 163 -63.28 65.53 -23.25
CA GLY H 163 -64.35 65.25 -24.24
C GLY H 163 -63.81 65.09 -25.64
N ASN H 164 -62.51 65.29 -25.83
CA ASN H 164 -61.92 65.23 -27.19
C ASN H 164 -60.85 64.14 -27.27
N SER H 165 -61.03 63.02 -26.58
CA SER H 165 -59.94 62.01 -26.57
C SER H 165 -60.47 60.63 -26.22
N GLN H 166 -60.06 59.61 -26.98
CA GLN H 166 -60.43 58.22 -26.62
C GLN H 166 -59.13 57.42 -26.55
N GLU H 167 -59.13 56.35 -25.76
CA GLU H 167 -57.88 55.57 -25.56
C GLU H 167 -58.14 54.10 -25.88
N SER H 168 -57.08 53.38 -26.25
CA SER H 168 -57.22 51.93 -26.47
C SER H 168 -56.11 51.24 -25.67
N VAL H 169 -56.40 50.11 -25.05
CA VAL H 169 -55.42 49.42 -24.22
C VAL H 169 -55.25 48.01 -24.77
N THR H 170 -54.01 47.55 -24.81
CA THR H 170 -53.74 46.18 -25.19
C THR H 170 -54.23 45.23 -24.10
N GLU H 171 -54.13 43.93 -24.40
CA GLU H 171 -54.45 42.91 -23.41
C GLU H 171 -53.18 42.47 -22.70
N GLN H 172 -53.36 41.83 -21.54
CA GLN H 172 -52.21 41.48 -20.72
C GLN H 172 -51.22 40.65 -21.51
N ASP H 173 -49.94 41.00 -21.36
CA ASP H 173 -48.88 40.40 -22.16
C ASP H 173 -48.59 38.98 -21.70
N SER H 174 -48.40 38.09 -22.67
CA SER H 174 -48.11 36.69 -22.33
C SER H 174 -46.71 36.53 -21.76
N LYS H 175 -45.78 37.39 -22.17
CA LYS H 175 -44.42 37.36 -21.63
C LYS H 175 -44.36 38.05 -20.27
N ASP H 176 -44.71 39.33 -20.22
CA ASP H 176 -44.44 40.19 -19.08
C ASP H 176 -45.64 40.44 -18.18
N SER H 177 -46.85 40.15 -18.64
CA SER H 177 -48.08 40.50 -17.94
C SER H 177 -48.26 42.02 -17.82
N THR H 178 -47.77 42.76 -18.82
CA THR H 178 -47.89 44.20 -18.87
C THR H 178 -48.87 44.61 -19.95
N TYR H 179 -49.34 45.86 -19.84
CA TYR H 179 -50.28 46.45 -20.78
C TYR H 179 -49.66 47.65 -21.46
N SER H 180 -50.29 48.04 -22.57
CA SER H 180 -49.86 49.27 -23.27
C SER H 180 -51.14 50.08 -23.51
N LEU H 181 -51.03 51.39 -23.64
CA LEU H 181 -52.19 52.25 -23.71
C LEU H 181 -51.91 53.42 -24.64
N SER H 182 -52.86 53.72 -25.50
CA SER H 182 -52.76 54.85 -26.43
C SER H 182 -53.91 55.79 -26.19
N SER H 183 -53.63 57.04 -25.85
CA SER H 183 -54.63 58.10 -25.80
C SER H 183 -54.47 58.96 -27.04
N THR H 184 -55.58 59.21 -27.72
CA THR H 184 -55.57 59.95 -28.99
C THR H 184 -56.48 61.18 -28.85
N LEU H 185 -55.89 62.35 -29.04
CA LEU H 185 -56.61 63.61 -28.95
C LEU H 185 -56.98 64.06 -30.36
N THR H 186 -58.27 64.28 -30.61
CA THR H 186 -58.78 64.60 -31.93
C THR H 186 -59.28 66.04 -31.94
N LEU H 187 -58.59 66.90 -32.70
CA LEU H 187 -58.90 68.32 -32.81
C LEU H 187 -59.09 68.70 -34.28
N SER H 188 -59.78 69.83 -34.48
CA SER H 188 -59.82 70.47 -35.79
C SER H 188 -58.49 71.18 -36.06
N LYS H 189 -58.05 71.17 -37.33
CA LYS H 189 -56.74 71.73 -37.68
C LYS H 189 -56.58 73.16 -37.17
N ALA H 190 -57.62 73.97 -37.34
CA ALA H 190 -57.56 75.35 -36.83
C ALA H 190 -57.34 75.35 -35.33
N ASP H 191 -58.10 74.52 -34.61
CA ASP H 191 -57.92 74.43 -33.16
C ASP H 191 -56.51 73.99 -32.80
N TYR H 192 -55.93 73.07 -33.59
CA TYR H 192 -54.55 72.66 -33.33
C TYR H 192 -53.57 73.82 -33.57
N GLU H 193 -53.75 74.55 -34.66
CA GLU H 193 -52.85 75.65 -34.99
C GLU H 193 -53.01 76.86 -34.08
N LYS H 194 -54.03 76.87 -33.21
CA LYS H 194 -54.23 78.03 -32.34
C LYS H 194 -53.36 77.96 -31.10
N HIS H 195 -53.15 76.76 -30.58
CA HIS H 195 -52.32 76.55 -29.38
C HIS H 195 -50.93 76.07 -29.81
N LYS H 196 -49.96 75.99 -28.89
CA LYS H 196 -48.58 75.66 -29.30
C LYS H 196 -48.01 74.48 -28.50
N VAL H 197 -47.94 74.60 -27.18
CA VAL H 197 -47.32 73.53 -26.35
C VAL H 197 -48.37 72.44 -26.05
N TYR H 198 -48.05 71.19 -26.38
CA TYR H 198 -48.99 70.07 -26.09
C TYR H 198 -48.32 69.10 -25.14
N ALA H 199 -49.08 68.49 -24.23
CA ALA H 199 -48.50 67.61 -23.23
C ALA H 199 -49.53 66.62 -22.69
N CYS H 200 -49.08 65.42 -22.36
CA CYS H 200 -49.89 64.44 -21.63
C CYS H 200 -49.23 64.08 -20.31
N GLU H 201 -49.98 64.22 -19.22
CA GLU H 201 -49.53 63.88 -17.87
C GLU H 201 -50.34 62.72 -17.32
N VAL H 202 -49.67 61.66 -16.87
CA VAL H 202 -50.35 60.48 -16.35
C VAL H 202 -50.09 60.35 -14.86
N THR H 203 -51.14 60.15 -14.07
CA THR H 203 -50.94 59.93 -12.63
C THR H 203 -50.97 58.44 -12.36
N HIS H 204 -49.83 57.76 -12.47
CA HIS H 204 -49.78 56.28 -12.28
C HIS H 204 -49.04 55.95 -10.98
N GLN H 205 -48.53 54.72 -10.86
CA GLN H 205 -47.88 54.30 -9.60
C GLN H 205 -46.38 53.99 -9.82
N GLY H 206 -45.96 53.83 -11.08
CA GLY H 206 -44.53 53.62 -11.35
C GLY H 206 -43.74 54.80 -10.84
N LEU H 207 -44.43 55.89 -10.51
CA LEU H 207 -43.79 57.10 -9.93
C LEU H 207 -44.89 58.02 -9.38
N SER H 208 -44.77 58.43 -8.11
CA SER H 208 -45.78 59.36 -7.54
C SER H 208 -45.79 60.64 -8.38
N SER H 209 -44.60 61.16 -8.69
CA SER H 209 -44.47 62.39 -9.51
C SER H 209 -45.03 62.14 -10.92
N PRO H 210 -46.21 62.69 -11.28
CA PRO H 210 -46.84 62.37 -12.57
C PRO H 210 -45.92 62.70 -13.74
N VAL H 211 -45.83 61.76 -14.68
CA VAL H 211 -44.94 61.89 -15.83
C VAL H 211 -45.65 62.61 -16.97
N THR H 212 -45.08 63.75 -17.37
CA THR H 212 -45.56 64.56 -18.48
C THR H 212 -44.56 64.52 -19.63
N LYS H 213 -45.04 64.16 -20.82
CA LYS H 213 -44.27 64.25 -22.05
C LYS H 213 -44.95 65.23 -22.99
N SER H 214 -44.17 66.10 -23.62
CA SER H 214 -44.74 67.25 -24.31
C SER H 214 -43.98 67.55 -25.59
N PHE H 215 -44.53 68.49 -26.35
CA PHE H 215 -43.97 68.95 -27.62
C PHE H 215 -44.44 70.39 -27.85
N ASN H 216 -43.55 71.21 -28.42
CA ASN H 216 -43.83 72.63 -28.61
C ASN H 216 -43.72 72.97 -30.10
N ARG H 217 -44.75 72.60 -30.86
CA ARG H 217 -44.88 73.01 -32.25
C ARG H 217 -46.37 73.05 -32.60
N GLY H 218 -46.68 73.79 -33.65
CA GLY H 218 -48.06 73.96 -34.06
C GLY H 218 -48.51 75.41 -34.02
N GLN I 1 -41.31 -7.02 -39.14
CA GLN I 1 -39.85 -6.99 -39.22
C GLN I 1 -39.35 -7.67 -40.48
N VAL I 2 -38.05 -7.58 -40.72
CA VAL I 2 -37.42 -8.16 -41.90
C VAL I 2 -37.01 -9.59 -41.59
N THR I 3 -37.48 -10.54 -42.40
CA THR I 3 -37.20 -11.96 -42.20
C THR I 3 -36.91 -12.58 -43.56
N LEU I 4 -35.92 -13.46 -43.59
CA LEU I 4 -35.53 -14.17 -44.80
C LEU I 4 -35.36 -15.64 -44.48
N ARG I 5 -35.80 -16.49 -45.40
CA ARG I 5 -35.74 -17.94 -45.22
C ARG I 5 -35.21 -18.57 -46.49
N GLU I 6 -34.17 -19.38 -46.36
CA GLU I 6 -33.54 -20.06 -47.47
C GLU I 6 -34.09 -21.48 -47.57
N SER I 7 -34.46 -21.87 -48.78
CA SER I 7 -35.06 -23.18 -49.03
C SER I 7 -34.43 -23.79 -50.26
N GLY I 8 -34.38 -25.11 -50.29
CA GLY I 8 -33.83 -25.82 -51.42
C GLY I 8 -33.40 -27.23 -51.06
N PRO I 9 -33.00 -28.01 -52.06
CA PRO I 9 -32.55 -29.38 -51.79
C PRO I 9 -31.35 -29.39 -50.88
N ALA I 10 -31.40 -30.21 -49.84
CA ALA I 10 -30.29 -30.39 -48.93
C ALA I 10 -29.22 -31.33 -49.48
N LEU I 11 -29.53 -32.07 -50.55
CA LEU I 11 -28.62 -33.02 -51.15
C LEU I 11 -28.61 -32.80 -52.65
N VAL I 12 -27.40 -32.76 -53.25
CA VAL I 12 -27.24 -32.53 -54.67
C VAL I 12 -26.11 -33.43 -55.18
N LYS I 13 -26.37 -34.16 -56.24
CA LYS I 13 -25.36 -35.05 -56.79
C LYS I 13 -24.29 -34.23 -57.51
N PRO I 14 -23.07 -34.74 -57.58
CA PRO I 14 -22.01 -34.01 -58.28
C PRO I 14 -22.39 -33.74 -59.72
N THR I 15 -21.88 -32.62 -60.24
CA THR I 15 -22.10 -32.11 -61.59
C THR I 15 -23.55 -31.75 -61.88
N GLN I 16 -24.45 -31.84 -60.89
CA GLN I 16 -25.82 -31.40 -61.09
C GLN I 16 -25.93 -29.94 -60.65
N THR I 17 -27.11 -29.35 -60.86
CA THR I 17 -27.31 -27.92 -60.68
C THR I 17 -28.20 -27.67 -59.46
N LEU I 18 -27.66 -26.96 -58.47
CA LEU I 18 -28.41 -26.58 -57.28
C LEU I 18 -29.23 -25.33 -57.55
N THR I 19 -30.44 -25.28 -56.97
CA THR I 19 -31.36 -24.17 -57.13
C THR I 19 -31.94 -23.82 -55.77
N LEU I 20 -31.51 -22.69 -55.20
CA LEU I 20 -31.96 -22.23 -53.90
C LEU I 20 -32.92 -21.05 -54.05
N THR I 21 -33.81 -20.91 -53.06
CA THR I 21 -34.86 -19.89 -53.08
C THR I 21 -34.89 -19.18 -51.74
N CYS I 22 -34.61 -17.88 -51.76
CA CYS I 22 -34.70 -17.01 -50.59
C CYS I 22 -36.06 -16.32 -50.63
N THR I 23 -36.95 -16.69 -49.71
CA THR I 23 -38.24 -16.03 -49.56
C THR I 23 -38.18 -15.09 -48.37
N PHE I 24 -38.74 -13.90 -48.52
CA PHE I 24 -38.55 -12.87 -47.50
C PHE I 24 -39.86 -12.11 -47.24
N SER I 25 -39.87 -11.42 -46.10
CA SER I 25 -40.98 -10.56 -45.72
C SER I 25 -40.43 -9.41 -44.90
N GLY I 26 -41.20 -8.32 -44.82
CA GLY I 26 -40.76 -7.11 -44.18
C GLY I 26 -40.15 -6.10 -45.12
N PHE I 27 -40.04 -6.42 -46.40
CA PHE I 27 -39.56 -5.48 -47.41
C PHE I 27 -39.94 -6.05 -48.78
N SER I 28 -39.67 -5.26 -49.81
CA SER I 28 -39.96 -5.67 -51.18
C SER I 28 -38.79 -5.31 -52.08
N LEU I 29 -38.48 -6.20 -53.02
CA LEU I 29 -37.43 -5.93 -53.99
C LEU I 29 -37.96 -5.08 -55.13
N SER I 30 -38.98 -4.28 -54.85
CA SER I 30 -39.51 -3.30 -55.77
C SER I 30 -39.27 -1.89 -55.28
N THR I 31 -38.97 -1.74 -53.99
CA THR I 31 -38.63 -0.45 -53.43
C THR I 31 -37.27 0.01 -53.97
N TYR I 32 -37.18 1.29 -54.29
CA TYR I 32 -35.91 1.87 -54.71
C TYR I 32 -34.88 1.73 -53.59
N GLY I 33 -33.74 1.12 -53.92
CA GLY I 33 -32.69 0.97 -52.93
C GLY I 33 -32.55 -0.42 -52.33
N MET I 34 -33.39 -1.36 -52.71
CA MET I 34 -33.41 -2.69 -52.10
C MET I 34 -32.55 -3.66 -52.88
N GLY I 35 -31.91 -4.57 -52.17
CA GLY I 35 -31.14 -5.62 -52.81
C GLY I 35 -31.13 -6.87 -51.97
N VAL I 36 -30.96 -8.01 -52.63
CA VAL I 36 -30.86 -9.30 -51.96
C VAL I 36 -29.54 -9.96 -52.37
N GLY I 37 -28.85 -10.54 -51.40
CA GLY I 37 -27.57 -11.15 -51.66
C GLY I 37 -27.53 -12.58 -51.19
N TRP I 38 -26.56 -13.31 -51.72
CA TRP I 38 -26.32 -14.71 -51.41
C TRP I 38 -24.86 -14.86 -51.00
N ILE I 39 -24.65 -15.45 -49.82
CA ILE I 39 -23.34 -15.65 -49.21
C ILE I 39 -23.29 -17.07 -48.68
N ARG I 40 -22.24 -17.82 -49.04
CA ARG I 40 -22.10 -19.18 -48.55
C ARG I 40 -20.95 -19.29 -47.56
N GLN I 41 -21.01 -20.35 -46.75
CA GLN I 41 -19.96 -20.68 -45.79
C GLN I 41 -19.73 -22.19 -45.81
N PRO I 42 -18.65 -22.65 -46.42
CA PRO I 42 -18.29 -24.07 -46.29
C PRO I 42 -18.06 -24.43 -44.83
N PRO I 43 -18.26 -25.69 -44.46
CA PRO I 43 -18.17 -26.07 -43.05
C PRO I 43 -16.78 -25.82 -42.49
N GLY I 44 -16.73 -25.07 -41.39
CA GLY I 44 -15.51 -24.71 -40.72
C GLY I 44 -14.63 -23.70 -41.45
N LYS I 45 -15.10 -23.14 -42.56
CA LYS I 45 -14.29 -22.23 -43.35
C LYS I 45 -14.90 -20.84 -43.31
N ALA I 46 -14.45 -19.97 -44.21
CA ALA I 46 -14.80 -18.56 -44.17
C ALA I 46 -15.93 -18.23 -45.13
N LEU I 47 -16.61 -17.12 -44.84
CA LEU I 47 -17.69 -16.66 -45.69
C LEU I 47 -17.16 -16.33 -47.08
N GLU I 48 -18.04 -16.47 -48.08
CA GLU I 48 -17.70 -16.22 -49.47
C GLU I 48 -18.90 -15.55 -50.13
N TRP I 49 -18.73 -14.31 -50.56
CA TRP I 49 -19.82 -13.62 -51.23
C TRP I 49 -20.09 -14.27 -52.59
N LEU I 50 -21.35 -14.61 -52.83
CA LEU I 50 -21.73 -15.33 -54.04
C LEU I 50 -22.39 -14.43 -55.06
N ALA I 51 -23.45 -13.73 -54.69
CA ALA I 51 -24.15 -12.94 -55.71
C ALA I 51 -25.02 -11.87 -55.08
N ASN I 52 -25.39 -10.89 -55.90
CA ASN I 52 -26.28 -9.81 -55.52
C ASN I 52 -27.26 -9.54 -56.65
N ILE I 53 -28.51 -9.24 -56.29
CA ILE I 53 -29.51 -8.77 -57.24
C ILE I 53 -30.21 -7.57 -56.62
N TRP I 54 -30.59 -6.62 -57.46
CA TRP I 54 -31.14 -5.36 -57.01
C TRP I 54 -32.54 -5.18 -57.58
N TRP I 55 -33.28 -4.22 -57.01
CA TRP I 55 -34.65 -3.98 -57.43
C TRP I 55 -34.75 -3.66 -58.92
N ASN I 56 -33.70 -3.07 -59.50
CA ASN I 56 -33.67 -2.72 -60.91
C ASN I 56 -33.22 -3.87 -61.81
N ASP I 57 -33.12 -5.09 -61.28
CA ASP I 57 -32.61 -6.27 -61.95
C ASP I 57 -31.10 -6.24 -62.20
N ASP I 58 -30.39 -5.24 -61.70
CA ASP I 58 -28.93 -5.24 -61.79
C ASP I 58 -28.39 -6.43 -61.00
N LYS I 59 -27.46 -7.16 -61.61
CA LYS I 59 -26.93 -8.39 -61.03
C LYS I 59 -25.42 -8.30 -60.91
N TYR I 60 -24.90 -8.70 -59.74
CA TYR I 60 -23.47 -8.78 -59.49
C TYR I 60 -23.13 -10.20 -59.07
N TYR I 61 -21.96 -10.68 -59.49
CA TYR I 61 -21.54 -12.04 -59.22
C TYR I 61 -20.11 -12.07 -58.71
N SER I 62 -19.78 -13.13 -57.98
CA SER I 62 -18.38 -13.43 -57.70
C SER I 62 -17.68 -13.76 -59.01
N SER I 63 -16.47 -13.22 -59.18
CA SER I 63 -15.77 -13.39 -60.45
C SER I 63 -15.47 -14.85 -60.73
N SER I 64 -14.88 -15.55 -59.76
CA SER I 64 -14.51 -16.95 -59.95
C SER I 64 -15.71 -17.82 -60.33
N LEU I 65 -16.91 -17.44 -59.88
CA LEU I 65 -18.10 -18.27 -60.07
C LEU I 65 -19.13 -17.66 -61.01
N LYS I 66 -18.73 -16.70 -61.86
CA LYS I 66 -19.71 -16.04 -62.71
C LYS I 66 -20.38 -17.03 -63.67
N THR I 67 -19.59 -17.94 -64.25
CA THR I 67 -20.14 -18.85 -65.26
C THR I 67 -21.21 -19.77 -64.68
N ARG I 68 -21.04 -20.20 -63.44
CA ARG I 68 -21.94 -21.18 -62.84
C ARG I 68 -23.11 -20.55 -62.10
N LEU I 69 -22.99 -19.29 -61.69
CA LEU I 69 -24.04 -18.62 -60.95
C LEU I 69 -25.10 -18.02 -61.85
N THR I 70 -26.33 -17.97 -61.34
CA THR I 70 -27.45 -17.29 -62.01
C THR I 70 -28.43 -16.84 -60.94
N ILE I 71 -28.60 -15.53 -60.79
CA ILE I 71 -29.50 -14.96 -59.79
C ILE I 71 -30.72 -14.37 -60.49
N SER I 72 -31.89 -14.53 -59.88
CA SER I 72 -33.14 -14.07 -60.45
C SER I 72 -34.05 -13.60 -59.32
N LYS I 73 -35.10 -12.86 -59.68
CA LYS I 73 -35.99 -12.26 -58.71
C LYS I 73 -37.44 -12.41 -59.16
N ASP I 74 -38.34 -12.39 -58.18
CA ASP I 74 -39.78 -12.38 -58.43
C ASP I 74 -40.40 -11.56 -57.29
N THR I 75 -40.64 -10.27 -57.56
CA THR I 75 -41.22 -9.40 -56.55
C THR I 75 -42.63 -9.81 -56.16
N SER I 76 -43.40 -10.34 -57.10
CA SER I 76 -44.76 -10.78 -56.80
C SER I 76 -44.73 -11.86 -55.71
N LYS I 77 -43.73 -12.73 -55.75
CA LYS I 77 -43.58 -13.78 -54.76
C LYS I 77 -42.66 -13.39 -53.62
N ASN I 78 -42.14 -12.16 -53.63
CA ASN I 78 -41.12 -11.74 -52.66
C ASN I 78 -40.02 -12.79 -52.56
N GLN I 79 -39.47 -13.16 -53.71
CA GLN I 79 -38.58 -14.30 -53.78
C GLN I 79 -37.36 -13.98 -54.64
N VAL I 80 -36.24 -14.59 -54.28
CA VAL I 80 -35.01 -14.52 -55.06
C VAL I 80 -34.51 -15.95 -55.26
N VAL I 81 -34.04 -16.25 -56.46
CA VAL I 81 -33.57 -17.58 -56.79
C VAL I 81 -32.09 -17.50 -57.15
N LEU I 82 -31.32 -18.47 -56.69
CA LEU I 82 -29.93 -18.63 -57.07
C LEU I 82 -29.74 -20.01 -57.66
N THR I 83 -28.91 -20.09 -58.70
CA THR I 83 -28.66 -21.34 -59.40
C THR I 83 -27.17 -21.50 -59.58
N MET I 84 -26.66 -22.68 -59.23
CA MET I 84 -25.23 -22.98 -59.36
C MET I 84 -25.06 -24.30 -60.09
N THR I 85 -24.31 -24.27 -61.18
CA THR I 85 -24.15 -25.46 -62.03
C THR I 85 -22.91 -26.22 -61.62
N ASN I 86 -22.70 -27.39 -62.20
CA ASN I 86 -21.49 -28.22 -61.93
C ASN I 86 -21.16 -28.16 -60.43
N MET I 87 -22.06 -28.70 -59.61
CA MET I 87 -21.84 -28.71 -58.15
C MET I 87 -20.74 -29.70 -57.82
N ASP I 88 -19.76 -29.29 -57.03
CA ASP I 88 -18.61 -30.17 -56.66
C ASP I 88 -18.59 -30.29 -55.14
N PRO I 89 -18.03 -31.38 -54.57
CA PRO I 89 -17.94 -31.48 -53.12
C PRO I 89 -17.33 -30.27 -52.43
N VAL I 90 -16.58 -29.45 -53.16
CA VAL I 90 -15.97 -28.21 -52.57
C VAL I 90 -17.08 -27.18 -52.35
N ASP I 91 -18.19 -27.33 -53.07
CA ASP I 91 -19.33 -26.41 -52.89
C ASP I 91 -20.23 -26.78 -51.71
N THR I 92 -19.98 -27.91 -51.03
CA THR I 92 -20.73 -28.25 -49.83
C THR I 92 -20.64 -27.13 -48.81
N ALA I 93 -21.78 -26.55 -48.44
CA ALA I 93 -21.73 -25.37 -47.58
C ALA I 93 -23.12 -25.02 -47.07
N THR I 94 -23.15 -24.07 -46.13
CA THR I 94 -24.38 -23.44 -45.67
C THR I 94 -24.57 -22.15 -46.45
N TYR I 95 -25.68 -22.06 -47.18
CA TYR I 95 -25.97 -20.91 -48.03
C TYR I 95 -26.98 -20.01 -47.32
N TYR I 96 -26.58 -18.76 -47.08
CA TYR I 96 -27.42 -17.72 -46.52
C TYR I 96 -27.85 -16.74 -47.60
N CYS I 97 -29.05 -16.21 -47.45
CA CYS I 97 -29.49 -15.03 -48.19
C CYS I 97 -29.66 -13.87 -47.23
N VAL I 98 -29.49 -12.64 -47.75
CA VAL I 98 -29.36 -11.45 -46.94
C VAL I 98 -30.03 -10.27 -47.62
N GLN I 99 -30.43 -9.28 -46.82
CA GLN I 99 -30.96 -8.03 -47.31
C GLN I 99 -29.87 -6.95 -47.35
N ILE I 100 -29.90 -6.12 -48.38
CA ILE I 100 -29.07 -4.93 -48.49
C ILE I 100 -30.03 -3.75 -48.59
N ALA I 101 -30.08 -2.94 -47.55
CA ALA I 101 -31.04 -1.86 -47.43
C ALA I 101 -30.39 -0.47 -47.50
N ASN I 102 -29.46 -0.21 -46.60
CA ASN I 102 -28.78 1.08 -46.52
C ASN I 102 -27.58 1.09 -47.45
N PRO I 103 -27.33 2.19 -48.16
CA PRO I 103 -26.14 2.26 -49.02
C PRO I 103 -24.83 2.36 -48.26
N TYR I 104 -24.85 2.55 -46.93
CA TYR I 104 -23.62 2.67 -46.17
C TYR I 104 -23.07 1.34 -45.68
N TRP I 105 -23.91 0.32 -45.54
CA TRP I 105 -23.47 -1.00 -45.14
C TRP I 105 -24.14 -2.03 -46.06
N TYR I 106 -23.84 -3.30 -45.83
CA TYR I 106 -24.29 -4.30 -46.79
C TYR I 106 -25.24 -5.32 -46.18
N PHE I 107 -24.69 -6.37 -45.59
CA PHE I 107 -25.47 -7.49 -45.06
C PHE I 107 -25.96 -7.16 -43.66
N ASP I 108 -27.10 -6.48 -43.61
CA ASP I 108 -27.72 -6.04 -42.37
C ASP I 108 -28.57 -7.15 -41.76
N VAL I 109 -29.43 -7.77 -42.55
CA VAL I 109 -30.37 -8.79 -42.08
C VAL I 109 -30.05 -10.12 -42.77
N TRP I 110 -29.81 -11.15 -41.97
CA TRP I 110 -29.42 -12.46 -42.48
C TRP I 110 -30.52 -13.49 -42.26
N GLY I 111 -30.55 -14.49 -43.14
CA GLY I 111 -31.32 -15.69 -42.88
C GLY I 111 -30.52 -16.67 -42.03
N GLN I 112 -31.21 -17.72 -41.57
CA GLN I 112 -30.56 -18.71 -40.72
C GLN I 112 -29.67 -19.68 -41.48
N GLY I 113 -29.89 -19.84 -42.79
CA GLY I 113 -29.05 -20.67 -43.63
C GLY I 113 -29.61 -22.02 -43.97
N THR I 114 -29.58 -22.39 -45.26
CA THR I 114 -29.92 -23.74 -45.67
C THR I 114 -28.64 -24.50 -45.96
N THR I 115 -28.61 -25.78 -45.60
CA THR I 115 -27.40 -26.58 -45.69
C THR I 115 -27.44 -27.46 -46.94
N VAL I 116 -26.45 -27.29 -47.82
CA VAL I 116 -26.35 -28.04 -49.06
C VAL I 116 -25.14 -28.96 -48.97
N THR I 117 -25.38 -30.26 -49.15
CA THR I 117 -24.34 -31.28 -49.18
C THR I 117 -24.28 -31.90 -50.58
N VAL I 118 -23.10 -31.87 -51.17
CA VAL I 118 -22.86 -32.47 -52.48
C VAL I 118 -22.26 -33.85 -52.25
N SER I 119 -23.00 -34.89 -52.64
CA SER I 119 -22.56 -36.26 -52.47
C SER I 119 -23.49 -37.19 -53.24
N SER I 120 -22.92 -38.25 -53.80
CA SER I 120 -23.68 -39.24 -54.54
C SER I 120 -24.53 -40.13 -53.64
N ALA I 121 -24.30 -40.10 -52.32
CA ALA I 121 -24.99 -40.99 -51.41
C ALA I 121 -26.48 -40.65 -51.34
N SER I 122 -27.25 -41.54 -50.71
CA SER I 122 -28.70 -41.42 -50.64
C SER I 122 -29.13 -40.98 -49.25
N THR I 123 -30.29 -40.32 -49.21
CA THR I 123 -30.80 -39.73 -47.98
C THR I 123 -31.31 -40.80 -47.02
N LYS I 124 -31.10 -40.57 -45.72
CA LYS I 124 -31.65 -41.43 -44.68
C LYS I 124 -32.08 -40.60 -43.49
N GLY I 125 -33.25 -40.93 -42.94
CA GLY I 125 -33.78 -40.29 -41.78
C GLY I 125 -33.26 -40.94 -40.52
N PRO I 126 -33.21 -40.19 -39.42
CA PRO I 126 -32.59 -40.71 -38.21
C PRO I 126 -33.51 -41.64 -37.43
N SER I 127 -32.89 -42.49 -36.63
CA SER I 127 -33.55 -43.26 -35.59
C SER I 127 -33.35 -42.50 -34.30
N VAL I 128 -34.45 -42.18 -33.62
CA VAL I 128 -34.42 -41.43 -32.38
C VAL I 128 -34.53 -42.42 -31.23
N PHE I 129 -33.60 -42.34 -30.28
CA PHE I 129 -33.61 -43.24 -29.15
C PHE I 129 -33.56 -42.44 -27.85
N PRO I 130 -34.33 -42.84 -26.84
CA PRO I 130 -34.37 -42.05 -25.60
C PRO I 130 -33.22 -42.36 -24.67
N LEU I 131 -32.63 -41.30 -24.12
CA LEU I 131 -31.63 -41.38 -23.06
C LEU I 131 -32.39 -40.92 -21.82
N ALA I 132 -32.79 -41.86 -21.01
CA ALA I 132 -33.74 -41.61 -19.95
C ALA I 132 -33.04 -41.22 -18.66
N PRO I 133 -33.76 -40.55 -17.75
CA PRO I 133 -33.15 -40.23 -16.46
C PRO I 133 -32.74 -41.50 -15.74
N SER I 134 -31.75 -41.38 -14.87
CA SER I 134 -31.04 -42.53 -14.33
C SER I 134 -31.51 -42.79 -12.89
N SER I 135 -32.71 -43.36 -12.78
CA SER I 135 -33.31 -43.74 -11.50
C SER I 135 -33.23 -42.58 -10.50
N LYS I 136 -33.85 -41.47 -10.88
CA LYS I 136 -33.79 -40.25 -10.09
C LYS I 136 -35.19 -39.79 -9.69
N SER I 139 -31.81 -37.55 -7.32
CA SER I 139 -32.30 -36.96 -6.07
C SER I 139 -33.52 -36.09 -6.31
N GLY I 140 -33.53 -34.91 -5.70
CA GLY I 140 -34.61 -33.96 -5.86
C GLY I 140 -34.26 -32.70 -6.63
N GLY I 141 -33.06 -32.63 -7.22
CA GLY I 141 -32.63 -31.42 -7.90
C GLY I 141 -32.69 -31.50 -9.41
N THR I 142 -31.53 -31.53 -10.06
CA THR I 142 -31.43 -31.56 -11.51
C THR I 142 -31.03 -32.94 -12.01
N ALA I 143 -31.75 -33.43 -13.02
CA ALA I 143 -31.51 -34.69 -13.70
C ALA I 143 -31.38 -34.44 -15.20
N ALA I 144 -30.43 -35.10 -15.84
CA ALA I 144 -30.21 -34.95 -17.27
C ALA I 144 -30.90 -36.08 -18.04
N LEU I 145 -31.47 -35.71 -19.19
CA LEU I 145 -32.11 -36.66 -20.10
C LEU I 145 -31.93 -36.16 -21.52
N GLY I 146 -32.08 -37.05 -22.49
CA GLY I 146 -31.85 -36.61 -23.85
C GLY I 146 -32.39 -37.55 -24.90
N CYS I 147 -32.05 -37.24 -26.14
CA CYS I 147 -32.39 -38.04 -27.30
C CYS I 147 -31.12 -38.32 -28.10
N LEU I 148 -31.10 -39.47 -28.76
CA LEU I 148 -29.99 -39.90 -29.61
C LEU I 148 -30.54 -39.98 -31.02
N VAL I 149 -30.18 -39.00 -31.84
CA VAL I 149 -30.57 -38.92 -33.25
C VAL I 149 -29.46 -39.59 -34.06
N LYS I 150 -29.72 -40.80 -34.56
CA LYS I 150 -28.60 -41.54 -35.20
C LYS I 150 -28.91 -42.05 -36.60
N ASP I 151 -27.86 -42.26 -37.39
CA ASP I 151 -27.98 -42.83 -38.76
C ASP I 151 -28.81 -41.94 -39.68
N TYR I 152 -28.37 -40.70 -39.92
CA TYR I 152 -29.01 -39.78 -40.91
C TYR I 152 -27.89 -39.34 -41.81
N PHE I 153 -28.13 -39.11 -43.10
CA PHE I 153 -26.93 -38.79 -43.86
C PHE I 153 -26.75 -37.30 -44.14
N PRO I 154 -27.70 -36.59 -44.74
CA PRO I 154 -27.44 -35.17 -44.96
C PRO I 154 -27.38 -34.46 -43.63
N GLU I 155 -26.52 -33.46 -43.56
CA GLU I 155 -26.12 -32.93 -42.25
C GLU I 155 -27.23 -32.21 -41.50
N PRO I 156 -28.08 -31.40 -42.14
CA PRO I 156 -29.05 -30.61 -41.35
C PRO I 156 -30.04 -31.49 -40.60
N VAL I 157 -30.05 -31.37 -39.28
CA VAL I 157 -31.02 -32.01 -38.41
C VAL I 157 -31.28 -31.07 -37.25
N THR I 158 -32.55 -30.84 -36.93
CA THR I 158 -32.91 -29.89 -35.90
C THR I 158 -33.71 -30.58 -34.80
N VAL I 159 -33.40 -30.23 -33.56
CA VAL I 159 -34.01 -30.85 -32.38
C VAL I 159 -34.54 -29.76 -31.47
N SER I 160 -35.82 -29.89 -31.08
CA SER I 160 -36.45 -29.02 -30.11
C SER I 160 -36.95 -29.89 -28.96
N TRP I 161 -37.34 -29.25 -27.86
CA TRP I 161 -37.82 -29.96 -26.69
C TRP I 161 -39.17 -29.39 -26.28
N ASN I 162 -40.15 -30.29 -26.15
CA ASN I 162 -41.54 -29.93 -25.91
C ASN I 162 -42.04 -28.97 -26.99
N SER I 163 -41.68 -29.26 -28.25
CA SER I 163 -42.02 -28.44 -29.41
C SER I 163 -41.84 -26.95 -29.14
N GLY I 164 -40.74 -26.58 -28.48
CA GLY I 164 -40.34 -25.20 -28.31
C GLY I 164 -40.46 -24.63 -26.91
N ALA I 165 -41.18 -25.29 -26.00
CA ALA I 165 -41.35 -24.72 -24.67
C ALA I 165 -40.07 -24.84 -23.85
N LEU I 166 -39.38 -25.98 -23.95
CA LEU I 166 -38.15 -26.22 -23.21
C LEU I 166 -36.96 -25.81 -24.08
N THR I 167 -36.23 -24.78 -23.63
CA THR I 167 -35.06 -24.30 -24.36
C THR I 167 -33.88 -24.11 -23.41
N SER I 168 -34.17 -23.83 -22.15
CA SER I 168 -33.12 -23.61 -21.16
C SER I 168 -32.48 -24.93 -20.76
N GLY I 169 -31.15 -24.95 -20.75
CA GLY I 169 -30.42 -26.15 -20.41
C GLY I 169 -30.20 -27.11 -21.56
N VAL I 170 -30.79 -26.84 -22.73
CA VAL I 170 -30.66 -27.73 -23.87
C VAL I 170 -29.26 -27.64 -24.45
N HIS I 171 -28.68 -28.79 -24.77
CA HIS I 171 -27.43 -28.88 -25.50
C HIS I 171 -27.63 -29.89 -26.63
N THR I 172 -27.70 -29.40 -27.87
CA THR I 172 -27.73 -30.26 -29.04
C THR I 172 -26.32 -30.25 -29.62
N PHE I 173 -25.67 -31.40 -29.56
CA PHE I 173 -24.24 -31.49 -29.83
C PHE I 173 -23.96 -31.52 -31.32
N PRO I 174 -22.78 -31.02 -31.74
CA PRO I 174 -22.38 -31.17 -33.13
C PRO I 174 -22.42 -32.62 -33.56
N ALA I 175 -22.89 -32.84 -34.78
CA ALA I 175 -23.00 -34.18 -35.33
C ALA I 175 -21.61 -34.77 -35.58
N VAL I 176 -21.45 -36.05 -35.26
CA VAL I 176 -20.22 -36.78 -35.56
C VAL I 176 -20.50 -37.72 -36.71
N LEU I 177 -19.60 -37.72 -37.69
CA LEU I 177 -19.72 -38.63 -38.82
C LEU I 177 -19.17 -39.98 -38.40
N GLN I 178 -20.04 -40.99 -38.37
CA GLN I 178 -19.61 -42.33 -37.98
C GLN I 178 -18.88 -42.99 -39.15
N SER I 179 -18.16 -44.07 -38.82
CA SER I 179 -17.45 -44.81 -39.86
C SER I 179 -18.38 -45.29 -40.96
N SER I 180 -19.64 -45.58 -40.60
CA SER I 180 -20.64 -45.98 -41.60
C SER I 180 -20.85 -44.91 -42.67
N GLY I 181 -20.47 -43.66 -42.40
CA GLY I 181 -20.74 -42.57 -43.31
C GLY I 181 -21.99 -41.78 -42.96
N LEU I 182 -22.70 -42.19 -41.93
CA LEU I 182 -23.92 -41.55 -41.48
C LEU I 182 -23.66 -40.77 -40.19
N TYR I 183 -24.39 -39.67 -40.01
CA TYR I 183 -24.17 -38.82 -38.85
C TYR I 183 -25.02 -39.27 -37.66
N SER I 184 -24.56 -38.90 -36.47
CA SER I 184 -25.25 -39.17 -35.24
C SER I 184 -24.97 -38.05 -34.25
N LEU I 185 -26.00 -37.61 -33.56
CA LEU I 185 -25.88 -36.59 -32.53
C LEU I 185 -26.73 -36.99 -31.33
N SER I 186 -26.52 -36.28 -30.23
CA SER I 186 -27.33 -36.41 -29.03
C SER I 186 -27.73 -35.02 -28.57
N SER I 187 -29.00 -34.87 -28.19
CA SER I 187 -29.52 -33.61 -27.66
C SER I 187 -29.94 -33.88 -26.23
N VAL I 188 -29.26 -33.25 -25.28
CA VAL I 188 -29.50 -33.48 -23.87
C VAL I 188 -30.11 -32.22 -23.25
N VAL I 189 -30.65 -32.37 -22.04
CA VAL I 189 -31.26 -31.27 -21.32
C VAL I 189 -31.28 -31.63 -19.84
N THR I 190 -31.06 -30.61 -19.00
CA THR I 190 -31.11 -30.74 -17.56
C THR I 190 -32.43 -30.17 -17.05
N VAL I 191 -33.18 -30.96 -16.30
CA VAL I 191 -34.52 -30.58 -15.83
C VAL I 191 -34.61 -30.90 -14.34
N PRO I 192 -35.51 -30.21 -13.61
CA PRO I 192 -35.69 -30.58 -12.21
C PRO I 192 -36.16 -32.03 -12.06
N SER I 193 -35.49 -32.76 -11.17
CA SER I 193 -35.76 -34.18 -10.97
C SER I 193 -37.10 -34.41 -10.27
N SER I 194 -37.61 -33.40 -9.56
CA SER I 194 -38.90 -33.57 -8.87
C SER I 194 -40.04 -33.75 -9.85
N SER I 195 -39.94 -33.16 -11.04
CA SER I 195 -40.98 -33.23 -12.07
C SER I 195 -40.75 -34.35 -13.09
N LEU I 196 -39.90 -35.33 -12.81
CA LEU I 196 -39.59 -36.36 -13.80
C LEU I 196 -40.79 -37.24 -14.14
N GLY I 197 -41.87 -37.15 -13.37
CA GLY I 197 -43.06 -37.95 -13.61
C GLY I 197 -44.25 -37.05 -13.81
N THR I 198 -44.17 -35.83 -13.29
CA THR I 198 -45.28 -34.87 -13.39
C THR I 198 -45.30 -34.17 -14.74
N GLN I 199 -44.21 -33.57 -15.17
CA GLN I 199 -44.14 -33.01 -16.50
C GLN I 199 -43.48 -34.05 -17.39
N THR I 200 -44.07 -34.31 -18.54
CA THR I 200 -43.54 -35.26 -19.50
C THR I 200 -42.82 -34.57 -20.67
N TYR I 201 -41.62 -35.06 -20.93
CA TYR I 201 -40.60 -34.42 -21.75
C TYR I 201 -40.52 -35.18 -23.06
N ILE I 202 -40.75 -34.47 -24.17
CA ILE I 202 -40.67 -35.04 -25.51
C ILE I 202 -39.64 -34.25 -26.31
N CYS I 203 -38.93 -34.93 -27.20
CA CYS I 203 -38.01 -34.29 -28.11
C CYS I 203 -38.57 -34.40 -29.51
N ASN I 204 -38.47 -33.30 -30.27
CA ASN I 204 -38.96 -33.21 -31.63
C ASN I 204 -37.76 -33.10 -32.57
N VAL I 205 -37.56 -34.13 -33.38
CA VAL I 205 -36.45 -34.24 -34.31
C VAL I 205 -36.98 -34.07 -35.71
N ASN I 206 -36.32 -33.21 -36.50
CA ASN I 206 -36.66 -33.00 -37.89
C ASN I 206 -35.42 -33.23 -38.73
N HIS I 207 -35.51 -34.17 -39.67
CA HIS I 207 -34.54 -34.40 -40.73
C HIS I 207 -35.28 -34.12 -42.04
N LYS I 208 -35.37 -32.85 -42.39
CA LYS I 208 -36.00 -32.45 -43.65
C LYS I 208 -35.46 -33.18 -44.88
N PRO I 209 -34.15 -33.42 -45.02
CA PRO I 209 -33.65 -34.04 -46.28
C PRO I 209 -34.43 -35.26 -46.73
N SER I 210 -34.86 -36.14 -45.84
CA SER I 210 -35.74 -37.25 -46.21
C SER I 210 -37.14 -37.09 -45.62
N ASN I 211 -37.51 -35.88 -45.21
CA ASN I 211 -38.86 -35.56 -44.75
C ASN I 211 -39.25 -36.42 -43.55
N THR I 212 -38.42 -36.36 -42.51
CA THR I 212 -38.57 -37.25 -41.36
C THR I 212 -38.81 -36.42 -40.10
N LYS I 213 -40.03 -36.48 -39.57
CA LYS I 213 -40.37 -35.86 -38.30
C LYS I 213 -40.63 -36.96 -37.28
N VAL I 214 -40.01 -36.83 -36.11
CA VAL I 214 -40.20 -37.80 -35.03
C VAL I 214 -40.34 -37.03 -33.72
N ASP I 215 -41.33 -37.41 -32.92
CA ASP I 215 -41.45 -36.90 -31.56
C ASP I 215 -41.37 -38.08 -30.61
N LYS I 216 -40.33 -38.09 -29.78
CA LYS I 216 -40.06 -39.22 -28.91
C LYS I 216 -40.15 -38.78 -27.46
N LYS I 217 -40.91 -39.54 -26.66
CA LYS I 217 -41.07 -39.27 -25.25
C LYS I 217 -39.95 -39.91 -24.46
N VAL I 218 -39.37 -39.15 -23.54
CA VAL I 218 -38.34 -39.65 -22.62
C VAL I 218 -38.93 -39.61 -21.22
N GLU I 219 -38.81 -40.71 -20.50
CA GLU I 219 -39.43 -40.81 -19.18
C GLU I 219 -38.64 -41.81 -18.36
N PRO I 220 -38.85 -41.82 -17.03
CA PRO I 220 -38.16 -42.82 -16.19
C PRO I 220 -38.35 -44.23 -16.71
N LYS I 221 -37.31 -45.05 -16.55
CA LYS I 221 -37.25 -46.37 -17.19
C LYS I 221 -38.04 -47.41 -16.40
N SER I 222 -39.33 -47.16 -16.22
CA SER I 222 -40.24 -48.09 -15.53
C SER I 222 -39.77 -48.20 -14.08
N CYS I 223 -39.55 -49.41 -13.55
CA CYS I 223 -39.21 -49.69 -12.15
C CYS I 223 -39.67 -48.63 -11.13
N GLN J 1 19.42 -33.77 -42.50
CA GLN J 1 19.84 -32.86 -41.44
C GLN J 1 18.62 -32.18 -40.84
N VAL J 2 18.36 -32.50 -39.58
CA VAL J 2 17.24 -31.89 -38.87
C VAL J 2 17.71 -30.55 -38.32
N THR J 3 17.03 -29.47 -38.71
CA THR J 3 17.39 -28.13 -38.28
C THR J 3 16.12 -27.38 -37.94
N LEU J 4 16.17 -26.61 -36.86
CA LEU J 4 15.02 -25.88 -36.35
C LEU J 4 15.40 -24.43 -36.12
N ARG J 5 14.48 -23.53 -36.43
CA ARG J 5 14.70 -22.09 -36.31
CA ARG J 5 14.72 -22.10 -36.27
C ARG J 5 13.57 -21.47 -35.49
N GLU J 6 13.92 -20.73 -34.44
CA GLU J 6 12.96 -19.98 -33.66
C GLU J 6 12.91 -18.55 -34.16
N SER J 7 11.70 -18.03 -34.34
CA SER J 7 11.49 -16.69 -34.83
C SER J 7 10.43 -16.01 -33.97
N GLY J 8 10.53 -14.69 -33.86
CA GLY J 8 9.57 -13.93 -33.09
C GLY J 8 10.10 -12.57 -32.69
N PRO J 9 9.22 -11.76 -32.10
CA PRO J 9 9.62 -10.41 -31.69
C PRO J 9 10.72 -10.46 -30.63
N ALA J 10 11.74 -9.62 -30.82
CA ALA J 10 12.79 -9.51 -29.82
C ALA J 10 12.38 -8.65 -28.63
N LEU J 11 11.32 -7.88 -28.76
CA LEU J 11 10.81 -7.02 -27.70
C LEU J 11 9.29 -7.17 -27.62
N VAL J 12 8.77 -7.28 -26.40
CA VAL J 12 7.35 -7.46 -26.16
C VAL J 12 6.94 -6.60 -24.97
N LYS J 13 5.90 -5.79 -25.14
CA LYS J 13 5.47 -4.94 -24.05
C LYS J 13 4.77 -5.79 -22.99
N PRO J 14 4.81 -5.36 -21.73
CA PRO J 14 4.17 -6.14 -20.67
C PRO J 14 2.68 -6.32 -20.92
N THR J 15 2.16 -7.44 -20.42
CA THR J 15 0.77 -7.87 -20.52
C THR J 15 0.31 -8.11 -21.95
N GLN J 16 1.20 -7.99 -22.93
CA GLN J 16 0.86 -8.29 -24.31
C GLN J 16 1.16 -9.76 -24.56
N THR J 17 0.82 -10.25 -25.74
CA THR J 17 0.87 -11.66 -26.04
C THR J 17 2.01 -11.95 -27.01
N LEU J 18 2.97 -12.75 -26.56
CA LEU J 18 4.10 -13.16 -27.39
C LEU J 18 3.67 -14.31 -28.28
N THR J 19 4.17 -14.32 -29.52
CA THR J 19 3.83 -15.37 -30.48
C THR J 19 5.12 -15.81 -31.17
N LEU J 20 5.60 -17.00 -30.81
CA LEU J 20 6.83 -17.54 -31.35
C LEU J 20 6.52 -18.60 -32.40
N THR J 21 7.43 -18.75 -33.36
CA THR J 21 7.23 -19.66 -34.47
C THR J 21 8.49 -20.49 -34.67
N CYS J 22 8.37 -21.80 -34.47
CA CYS J 22 9.45 -22.75 -34.71
C CYS J 22 9.26 -23.33 -36.10
N THR J 23 10.13 -22.95 -37.03
CA THR J 23 10.13 -23.50 -38.38
C THR J 23 11.23 -24.56 -38.45
N PHE J 24 10.93 -25.69 -39.07
CA PHE J 24 11.86 -26.81 -39.04
C PHE J 24 11.94 -27.47 -40.40
N SER J 25 13.03 -28.21 -40.60
CA SER J 25 13.24 -29.00 -41.80
C SER J 25 14.06 -30.22 -41.42
N GLY J 26 13.99 -31.24 -42.28
CA GLY J 26 14.61 -32.51 -41.99
C GLY J 26 13.69 -33.53 -41.35
N PHE J 27 12.44 -33.15 -41.08
CA PHE J 27 11.45 -34.07 -40.53
C PHE J 27 10.08 -33.44 -40.74
N SER J 28 9.03 -34.18 -40.36
CA SER J 28 7.67 -33.71 -40.48
C SER J 28 6.89 -34.07 -39.23
N LEU J 29 6.04 -33.15 -38.78
CA LEU J 29 5.23 -33.39 -37.59
C LEU J 29 3.97 -34.16 -37.99
N SER J 30 4.04 -34.92 -39.07
CA SER J 30 2.95 -35.80 -39.45
C SER J 30 3.32 -37.26 -39.34
N THR J 31 4.62 -37.56 -39.30
CA THR J 31 5.07 -38.93 -39.10
C THR J 31 4.71 -39.38 -37.70
N TYR J 32 4.31 -40.64 -37.58
CA TYR J 32 4.01 -41.22 -36.28
C TYR J 32 5.22 -41.13 -35.36
N GLY J 33 5.04 -40.56 -34.18
CA GLY J 33 6.11 -40.51 -33.21
C GLY J 33 6.84 -39.19 -33.11
N MET J 34 6.46 -38.18 -33.88
CA MET J 34 7.20 -36.94 -33.87
C MET J 34 6.53 -35.91 -32.96
N GLY J 35 7.34 -35.09 -32.32
CA GLY J 35 6.83 -34.01 -31.50
C GLY J 35 7.79 -32.86 -31.48
N VAL J 36 7.27 -31.66 -31.25
CA VAL J 36 8.06 -30.44 -31.15
C VAL J 36 7.77 -29.80 -29.80
N GLY J 37 8.82 -29.36 -29.11
CA GLY J 37 8.68 -28.81 -27.79
C GLY J 37 9.28 -27.42 -27.71
N TRP J 38 8.89 -26.71 -26.66
CA TRP J 38 9.36 -25.35 -26.40
C TRP J 38 9.96 -25.29 -25.01
N ILE J 39 11.19 -24.79 -24.92
CA ILE J 39 11.90 -24.66 -23.66
C ILE J 39 12.54 -23.29 -23.62
N ARG J 40 12.30 -22.55 -22.54
CA ARG J 40 12.86 -21.23 -22.36
C ARG J 40 13.95 -21.28 -21.29
N GLN J 41 14.82 -20.28 -21.34
CA GLN J 41 15.88 -20.12 -20.36
C GLN J 41 16.06 -18.64 -20.03
N PRO J 42 15.62 -18.19 -18.86
CA PRO J 42 15.93 -16.82 -18.46
C PRO J 42 17.43 -16.60 -18.43
N PRO J 43 17.87 -15.36 -18.67
CA PRO J 43 19.32 -15.13 -18.81
C PRO J 43 20.07 -15.47 -17.54
N GLY J 44 21.09 -16.31 -17.70
CA GLY J 44 21.90 -16.76 -16.58
C GLY J 44 21.21 -17.71 -15.63
N LYS J 45 20.00 -18.15 -15.93
CA LYS J 45 19.25 -19.01 -15.04
C LYS J 45 19.07 -20.39 -15.68
N ALA J 46 18.14 -21.18 -15.16
CA ALA J 46 18.01 -22.57 -15.56
C ALA J 46 16.92 -22.77 -16.59
N LEU J 47 17.04 -23.88 -17.34
CA LEU J 47 16.03 -24.24 -18.32
C LEU J 47 14.70 -24.51 -17.66
N GLU J 48 13.62 -24.28 -18.41
CA GLU J 48 12.26 -24.51 -17.94
C GLU J 48 11.46 -25.06 -19.11
N TRP J 49 10.99 -26.30 -18.98
CA TRP J 49 10.17 -26.88 -20.03
C TRP J 49 8.82 -26.16 -20.09
N LEU J 50 8.42 -25.75 -21.29
CA LEU J 50 7.21 -24.95 -21.46
C LEU J 50 6.05 -25.77 -22.04
N ALA J 51 6.24 -26.38 -23.20
CA ALA J 51 5.13 -27.09 -23.85
C ALA J 51 5.66 -28.07 -24.88
N ASN J 52 4.80 -29.02 -25.23
CA ASN J 52 5.14 -30.07 -26.22
C ASN J 52 3.90 -30.37 -27.07
N ILE J 53 4.02 -30.45 -28.40
CA ILE J 53 2.94 -30.80 -29.31
C ILE J 53 3.38 -32.01 -30.11
N TRP J 54 2.43 -32.89 -30.42
CA TRP J 54 2.72 -34.16 -31.08
C TRP J 54 1.96 -34.28 -32.39
N TRP J 55 2.36 -35.29 -33.17
CA TRP J 55 1.70 -35.60 -34.43
C TRP J 55 0.21 -35.86 -34.23
N ASN J 56 -0.21 -36.19 -33.00
CA ASN J 56 -1.61 -36.41 -32.67
C ASN J 56 -2.38 -35.13 -32.43
N ASP J 57 -1.75 -33.96 -32.60
CA ASP J 57 -2.31 -32.69 -32.15
C ASP J 57 -2.42 -32.70 -30.64
N ASP J 58 -1.95 -33.77 -30.00
CA ASP J 58 -1.91 -33.85 -28.55
C ASP J 58 -0.95 -32.81 -27.99
N LYS J 59 -1.40 -32.07 -26.98
CA LYS J 59 -0.64 -30.96 -26.42
C LYS J 59 -0.45 -31.14 -24.92
N TYR J 60 0.79 -30.95 -24.46
CA TYR J 60 1.11 -30.94 -23.04
C TYR J 60 1.80 -29.63 -22.69
N TYR J 61 1.54 -29.14 -21.48
CA TYR J 61 2.01 -27.83 -21.05
C TYR J 61 2.64 -27.90 -19.66
N SER J 62 3.47 -26.90 -19.37
CA SER J 62 3.88 -26.66 -18.00
C SER J 62 2.68 -26.22 -17.18
N SER J 63 2.56 -26.77 -15.97
CA SER J 63 1.39 -26.49 -15.14
C SER J 63 1.32 -25.03 -14.72
N SER J 64 2.43 -24.51 -14.17
CA SER J 64 2.43 -23.14 -13.67
C SER J 64 2.01 -22.13 -14.74
N LEU J 65 2.29 -22.44 -16.01
CA LEU J 65 2.05 -21.52 -17.10
C LEU J 65 0.96 -22.01 -18.04
N LYS J 66 0.18 -23.01 -17.63
CA LYS J 66 -0.84 -23.62 -18.50
C LYS J 66 -1.80 -22.57 -19.05
N THR J 67 -2.36 -21.73 -18.17
CA THR J 67 -3.36 -20.76 -18.58
C THR J 67 -2.84 -19.83 -19.66
N ARG J 68 -1.55 -19.51 -19.62
CA ARG J 68 -1.01 -18.51 -20.53
C ARG J 68 -0.45 -19.10 -21.83
N LEU J 69 -0.11 -20.38 -21.86
CA LEU J 69 0.44 -21.01 -23.05
C LEU J 69 -0.64 -21.57 -23.97
N THR J 70 -0.32 -21.58 -25.27
CA THR J 70 -1.15 -22.22 -26.30
C THR J 70 -0.25 -22.62 -27.46
N ILE J 71 -0.17 -23.91 -27.74
CA ILE J 71 0.72 -24.43 -28.78
C ILE J 71 -0.12 -24.93 -29.96
N SER J 72 0.40 -24.74 -31.17
CA SER J 72 -0.30 -25.07 -32.40
C SER J 72 0.69 -25.63 -33.42
N LYS J 73 0.16 -26.28 -34.46
CA LYS J 73 0.98 -26.96 -35.44
C LYS J 73 0.43 -26.75 -36.85
N ASP J 74 1.33 -26.81 -37.84
CA ASP J 74 0.95 -26.81 -39.25
C ASP J 74 2.00 -27.63 -40.00
N THR J 75 1.69 -28.91 -40.26
CA THR J 75 2.63 -29.75 -40.99
C THR J 75 2.84 -29.24 -42.41
N SER J 76 1.81 -28.66 -43.03
CA SER J 76 1.96 -28.12 -44.38
C SER J 76 3.04 -27.04 -44.41
N LYS J 77 3.16 -26.26 -43.36
CA LYS J 77 4.18 -25.22 -43.25
C LYS J 77 5.42 -25.69 -42.50
N ASN J 78 5.45 -26.94 -42.05
CA ASN J 78 6.52 -27.45 -41.20
C ASN J 78 6.81 -26.47 -40.06
N GLN J 79 5.75 -26.08 -39.35
CA GLN J 79 5.84 -25.02 -38.37
C GLN J 79 5.09 -25.38 -37.11
N VAL J 80 5.60 -24.90 -35.98
CA VAL J 80 4.94 -25.02 -34.69
C VAL J 80 4.91 -23.64 -34.05
N VAL J 81 3.77 -23.28 -33.48
CA VAL J 81 3.56 -21.94 -32.93
C VAL J 81 3.30 -22.06 -31.43
N LEU J 82 3.85 -21.13 -30.68
CA LEU J 82 3.57 -20.99 -29.25
C LEU J 82 3.09 -19.57 -28.99
N THR J 83 2.13 -19.45 -28.08
CA THR J 83 1.53 -18.16 -27.75
C THR J 83 1.50 -18.04 -26.23
N MET J 84 2.05 -16.95 -25.71
CA MET J 84 2.10 -16.75 -24.24
C MET J 84 1.44 -15.41 -23.93
N THR J 85 0.48 -15.41 -23.01
CA THR J 85 -0.28 -14.20 -22.70
C THR J 85 0.24 -13.58 -21.42
N ASN J 86 -0.12 -12.33 -21.16
CA ASN J 86 0.30 -11.63 -19.92
C ASN J 86 1.82 -11.75 -19.75
N MET J 87 2.56 -11.13 -20.64
CA MET J 87 4.04 -11.16 -20.58
C MET J 87 4.56 -10.23 -19.48
N ASP J 88 5.34 -10.77 -18.56
CA ASP J 88 5.93 -10.04 -17.45
C ASP J 88 7.44 -10.03 -17.60
N PRO J 89 8.12 -8.95 -17.18
CA PRO J 89 9.59 -8.92 -17.25
C PRO J 89 10.28 -10.21 -16.85
N VAL J 90 9.67 -10.97 -15.94
CA VAL J 90 10.26 -12.26 -15.54
C VAL J 90 10.33 -13.20 -16.73
N ASP J 91 9.38 -13.08 -17.67
CA ASP J 91 9.37 -13.93 -18.85
C ASP J 91 10.48 -13.60 -19.84
N THR J 92 11.24 -12.53 -19.61
CA THR J 92 12.39 -12.23 -20.46
C THR J 92 13.37 -13.40 -20.45
N ALA J 93 13.60 -13.99 -21.62
CA ALA J 93 14.39 -15.21 -21.72
C ALA J 93 14.71 -15.48 -23.17
N THR J 94 15.60 -16.46 -23.37
CA THR J 94 15.87 -17.03 -24.69
C THR J 94 15.00 -18.27 -24.86
N TYR J 95 14.15 -18.27 -25.88
CA TYR J 95 13.21 -19.35 -26.12
C TYR J 95 13.75 -20.28 -27.21
N TYR J 96 13.95 -21.55 -26.86
CA TYR J 96 14.36 -22.58 -27.80
C TYR J 96 13.16 -23.45 -28.18
N CYS J 97 13.14 -23.91 -29.41
CA CYS J 97 12.26 -25.00 -29.84
C CYS J 97 13.11 -26.22 -30.14
N VAL J 98 12.52 -27.41 -29.94
CA VAL J 98 13.27 -28.66 -29.92
C VAL J 98 12.47 -29.77 -30.58
N GLN J 99 13.19 -30.77 -31.06
CA GLN J 99 12.59 -31.96 -31.64
C GLN J 99 12.57 -33.10 -30.63
N ILE J 100 11.46 -33.85 -30.63
CA ILE J 100 11.34 -35.09 -29.88
C ILE J 100 10.99 -36.17 -30.88
N ALA J 101 11.94 -37.07 -31.15
CA ALA J 101 11.77 -38.12 -32.14
C ALA J 101 11.73 -39.51 -31.52
N ASN J 102 12.71 -39.85 -30.70
CA ASN J 102 12.79 -41.16 -30.07
C ASN J 102 12.00 -41.17 -28.75
N PRO J 103 11.28 -42.25 -28.46
CA PRO J 103 10.57 -42.34 -27.18
C PRO J 103 11.48 -42.58 -25.98
N TYR J 104 12.75 -42.92 -26.19
CA TYR J 104 13.65 -43.18 -25.09
C TYR J 104 14.35 -41.93 -24.59
N TRP J 105 14.43 -40.90 -25.41
CA TRP J 105 15.01 -39.62 -24.95
C TRP J 105 14.13 -38.45 -25.37
N TYR J 106 14.47 -37.26 -24.88
CA TYR J 106 13.71 -36.04 -25.22
C TYR J 106 14.69 -34.98 -25.60
N PHE J 107 14.26 -33.94 -26.30
CA PHE J 107 15.15 -32.78 -26.56
C PHE J 107 16.51 -33.24 -27.14
N ASP J 108 16.49 -33.79 -28.35
CA ASP J 108 17.73 -34.24 -29.04
C ASP J 108 18.26 -33.13 -29.93
N VAL J 109 17.39 -32.49 -30.73
CA VAL J 109 17.80 -31.46 -31.66
C VAL J 109 17.21 -30.14 -31.19
N TRP J 110 18.07 -29.16 -30.96
CA TRP J 110 17.68 -27.85 -30.47
C TRP J 110 17.90 -26.80 -31.56
N GLY J 111 17.09 -25.74 -31.50
CA GLY J 111 17.34 -24.55 -32.28
C GLY J 111 18.33 -23.63 -31.59
N GLN J 112 18.70 -22.57 -32.31
CA GLN J 112 19.64 -21.62 -31.75
C GLN J 112 19.02 -20.78 -30.64
N GLY J 113 17.70 -20.59 -30.71
CA GLY J 113 17.00 -19.86 -29.68
C GLY J 113 16.84 -18.40 -30.05
N THR J 114 15.62 -17.89 -29.94
CA THR J 114 15.38 -16.47 -30.14
C THR J 114 15.20 -15.79 -28.79
N THR J 115 15.67 -14.55 -28.70
CA THR J 115 15.71 -13.82 -27.44
C THR J 115 14.51 -12.87 -27.36
N VAL J 116 13.69 -13.06 -26.33
CA VAL J 116 12.51 -12.23 -26.09
C VAL J 116 12.76 -11.43 -24.83
N THR J 117 12.70 -10.10 -24.95
CA THR J 117 12.85 -9.18 -23.82
C THR J 117 11.54 -8.45 -23.60
N VAL J 118 11.00 -8.54 -22.39
CA VAL J 118 9.75 -7.91 -22.03
C VAL J 118 10.06 -6.59 -21.31
N SER J 119 9.62 -5.48 -21.89
CA SER J 119 9.86 -4.17 -21.31
C SER J 119 8.99 -3.14 -22.02
N SER J 120 8.54 -2.14 -21.25
CA SER J 120 7.80 -1.03 -21.81
C SER J 120 8.71 -0.10 -22.60
N ALA J 121 10.02 -0.22 -22.43
CA ALA J 121 10.95 0.68 -23.09
C ALA J 121 10.96 0.41 -24.59
N SER J 122 11.58 1.33 -25.33
CA SER J 122 11.56 1.30 -26.78
C SER J 122 12.92 0.86 -27.32
N THR J 123 12.88 0.33 -28.53
CA THR J 123 14.08 -0.20 -29.16
C THR J 123 15.04 0.93 -29.52
N LYS J 124 16.34 0.67 -29.37
CA LYS J 124 17.36 1.63 -29.77
C LYS J 124 18.51 0.90 -30.43
N GLY J 125 19.02 1.46 -31.52
CA GLY J 125 20.11 0.87 -32.25
C GLY J 125 21.44 1.29 -31.68
N PRO J 126 22.45 0.45 -31.85
CA PRO J 126 23.75 0.71 -31.24
C PRO J 126 24.57 1.73 -32.00
N SER J 127 25.46 2.39 -31.28
CA SER J 127 26.51 3.20 -31.88
C SER J 127 27.79 2.37 -31.88
N VAL J 128 28.36 2.16 -33.06
CA VAL J 128 29.58 1.37 -33.22
C VAL J 128 30.77 2.30 -33.34
N PHE J 129 31.79 2.08 -32.51
CA PHE J 129 32.98 2.89 -32.49
C PHE J 129 34.22 2.01 -32.65
N PRO J 130 35.21 2.44 -33.44
CA PRO J 130 36.39 1.61 -33.67
C PRO J 130 37.38 1.73 -32.51
N LEU J 131 37.90 0.59 -32.06
CA LEU J 131 38.89 0.57 -30.99
C LEU J 131 40.27 0.15 -31.52
N ALA J 132 41.09 1.16 -31.86
CA ALA J 132 42.46 0.88 -32.29
C ALA J 132 43.43 1.26 -31.17
N PRO J 133 44.58 0.59 -31.06
CA PRO J 133 45.57 1.01 -30.06
C PRO J 133 46.22 2.32 -30.45
N SER J 134 46.76 3.01 -29.44
CA SER J 134 47.62 4.16 -29.71
C SER J 134 48.94 3.68 -30.28
N SER J 135 49.36 4.28 -31.40
CA SER J 135 50.56 3.81 -32.10
C SER J 135 51.81 3.91 -31.24
N LYS J 136 51.79 4.73 -30.18
CA LYS J 136 52.93 4.80 -29.29
C LYS J 136 52.90 3.70 -28.23
N SER J 137 51.71 3.20 -27.89
CA SER J 137 51.59 2.07 -26.96
C SER J 137 51.80 0.77 -27.74
N THR J 138 53.06 0.56 -28.10
CA THR J 138 53.45 -0.57 -28.95
C THR J 138 53.72 -1.76 -28.04
N SER J 139 52.68 -2.58 -27.83
CA SER J 139 52.77 -3.70 -26.90
C SER J 139 53.90 -4.66 -27.29
N GLY J 140 53.83 -5.18 -28.51
CA GLY J 140 54.83 -6.11 -29.00
C GLY J 140 54.37 -6.84 -30.25
N GLY J 141 54.47 -8.17 -30.23
CA GLY J 141 54.07 -8.96 -31.39
C GLY J 141 52.59 -8.88 -31.67
N THR J 142 51.77 -9.15 -30.65
CA THR J 142 50.33 -9.20 -30.82
C THR J 142 49.74 -7.79 -30.82
N ALA J 143 48.82 -7.53 -31.74
CA ALA J 143 48.11 -6.26 -31.81
C ALA J 143 46.63 -6.51 -31.64
N ALA J 144 46.02 -5.76 -30.71
CA ALA J 144 44.60 -5.88 -30.41
C ALA J 144 43.82 -4.75 -31.07
N LEU J 145 42.66 -5.08 -31.62
CA LEU J 145 41.74 -4.08 -32.16
C LEU J 145 40.32 -4.60 -31.97
N GLY J 146 39.37 -3.68 -31.99
CA GLY J 146 38.01 -4.10 -31.73
C GLY J 146 36.99 -3.04 -32.09
N CYS J 147 35.74 -3.33 -31.72
CA CYS J 147 34.61 -2.43 -31.90
C CYS J 147 33.89 -2.25 -30.57
N LEU J 148 33.29 -1.08 -30.39
CA LEU J 148 32.52 -0.76 -29.19
C LEU J 148 31.06 -0.53 -29.58
N VAL J 149 30.22 -1.50 -29.27
CA VAL J 149 28.77 -1.42 -29.46
C VAL J 149 28.19 -0.79 -28.19
N LYS J 150 27.58 0.39 -28.32
CA LYS J 150 27.45 1.27 -27.16
C LYS J 150 26.04 1.43 -26.59
N ASP J 151 25.06 1.94 -27.34
CA ASP J 151 23.76 2.27 -26.75
C ASP J 151 22.60 1.60 -27.48
N TYR J 152 22.21 0.40 -27.01
CA TYR J 152 21.10 -0.34 -27.57
C TYR J 152 20.27 -0.94 -26.44
N PHE J 153 18.95 -1.05 -26.64
CA PHE J 153 18.18 -1.54 -25.48
C PHE J 153 17.82 -3.03 -25.59
N PRO J 154 17.15 -3.52 -26.63
CA PRO J 154 16.85 -4.96 -26.62
C PRO J 154 18.17 -5.70 -26.73
N GLU J 155 18.27 -6.76 -25.95
CA GLU J 155 19.59 -7.35 -25.70
C GLU J 155 20.24 -8.02 -26.91
N PRO J 156 19.52 -8.72 -27.79
CA PRO J 156 20.23 -9.49 -28.83
C PRO J 156 21.06 -8.59 -29.73
N VAL J 157 22.37 -8.81 -29.71
CA VAL J 157 23.31 -8.13 -30.58
C VAL J 157 24.46 -9.10 -30.86
N THR J 158 24.82 -9.23 -32.13
CA THR J 158 25.86 -10.15 -32.56
C THR J 158 26.97 -9.40 -33.27
N VAL J 159 28.22 -9.76 -32.98
CA VAL J 159 29.36 -9.11 -33.59
C VAL J 159 30.25 -10.19 -34.20
N SER J 160 30.55 -10.04 -35.49
CA SER J 160 31.44 -10.92 -36.22
C SER J 160 32.59 -10.11 -36.81
N TRP J 161 33.59 -10.81 -37.31
CA TRP J 161 34.78 -10.18 -37.88
C TRP J 161 35.05 -10.73 -39.26
N ASN J 162 35.19 -9.83 -40.23
CA ASN J 162 35.42 -10.19 -41.63
C ASN J 162 34.33 -11.11 -42.16
N SER J 163 33.08 -10.71 -41.95
CA SER J 163 31.87 -11.45 -42.34
C SER J 163 31.96 -12.92 -41.99
N GLY J 164 32.55 -13.23 -40.84
CA GLY J 164 32.58 -14.59 -40.34
C GLY J 164 33.90 -15.30 -40.56
N ALA J 165 34.76 -14.77 -41.43
CA ALA J 165 36.00 -15.45 -41.75
C ALA J 165 36.98 -15.42 -40.58
N LEU J 166 37.03 -14.31 -39.83
CA LEU J 166 37.90 -14.20 -38.68
C LEU J 166 37.14 -14.66 -37.44
N THR J 167 37.61 -15.75 -36.83
CA THR J 167 36.97 -16.29 -35.63
C THR J 167 37.99 -16.56 -34.54
N SER J 168 39.22 -16.87 -34.91
CA SER J 168 40.26 -17.14 -33.93
C SER J 168 40.75 -15.83 -33.32
N GLY J 169 40.82 -15.77 -31.99
CA GLY J 169 41.22 -14.56 -31.31
C GLY J 169 40.10 -13.58 -31.02
N VAL J 170 38.88 -13.84 -31.52
CA VAL J 170 37.76 -12.94 -31.27
C VAL J 170 37.28 -13.10 -29.84
N HIS J 171 36.99 -11.98 -29.19
CA HIS J 171 36.33 -11.96 -27.89
C HIS J 171 35.19 -10.95 -27.95
N THR J 172 33.95 -11.45 -27.97
CA THR J 172 32.78 -10.60 -27.87
C THR J 172 32.26 -10.69 -26.45
N PHE J 173 32.35 -9.60 -25.72
CA PHE J 173 32.12 -9.63 -24.29
C PHE J 173 30.63 -9.63 -23.98
N PRO J 174 30.23 -10.25 -22.86
CA PRO J 174 28.84 -10.14 -22.41
C PRO J 174 28.44 -8.68 -22.28
N ALA J 175 27.23 -8.37 -22.73
CA ALA J 175 26.74 -7.00 -22.65
C ALA J 175 26.50 -6.61 -21.20
N VAL J 176 26.92 -5.40 -20.84
CA VAL J 176 26.71 -4.86 -19.51
C VAL J 176 25.64 -3.78 -19.61
N LEU J 177 24.69 -3.82 -18.68
CA LEU J 177 23.61 -2.85 -18.65
C LEU J 177 24.11 -1.57 -18.01
N GLN J 178 24.14 -0.48 -18.78
CA GLN J 178 24.58 0.80 -18.25
C GLN J 178 23.47 1.45 -17.43
N SER J 179 23.86 2.44 -16.62
CA SER J 179 22.87 3.15 -15.82
C SER J 179 21.77 3.76 -16.69
N SER J 180 22.09 4.11 -17.93
CA SER J 180 21.11 4.65 -18.86
C SER J 180 19.95 3.70 -19.13
N GLY J 181 20.12 2.41 -18.83
CA GLY J 181 19.15 1.40 -19.18
C GLY J 181 19.45 0.71 -20.50
N LEU J 182 20.48 1.16 -21.20
CA LEU J 182 20.90 0.59 -22.48
C LEU J 182 22.15 -0.26 -22.30
N TYR J 183 22.27 -1.28 -23.13
CA TYR J 183 23.40 -2.20 -23.05
C TYR J 183 24.58 -1.68 -23.87
N SER J 184 25.77 -2.12 -23.47
CA SER J 184 26.99 -1.78 -24.19
C SER J 184 27.95 -2.95 -24.08
N LEU J 185 28.58 -3.31 -25.20
CA LEU J 185 29.58 -4.35 -25.22
C LEU J 185 30.75 -3.92 -26.09
N SER J 186 31.84 -4.67 -25.99
CA SER J 186 33.00 -4.49 -26.84
C SER J 186 33.41 -5.84 -27.40
N SER J 187 33.73 -5.87 -28.69
CA SER J 187 34.22 -7.08 -29.35
C SER J 187 35.63 -6.82 -29.84
N VAL J 188 36.59 -7.56 -29.30
CA VAL J 188 37.99 -7.36 -29.60
C VAL J 188 38.53 -8.57 -30.35
N VAL J 189 39.72 -8.42 -30.93
CA VAL J 189 40.40 -9.52 -31.60
C VAL J 189 41.89 -9.19 -31.64
N THR J 190 42.72 -10.22 -31.45
CA THR J 190 44.18 -10.11 -31.48
C THR J 190 44.72 -10.69 -32.78
N VAL J 191 45.53 -9.91 -33.49
CA VAL J 191 46.06 -10.34 -34.78
C VAL J 191 47.56 -10.05 -34.84
N PRO J 192 48.29 -10.77 -35.70
CA PRO J 192 49.70 -10.46 -35.95
C PRO J 192 49.92 -9.01 -36.38
N SER J 193 51.02 -8.42 -35.90
CA SER J 193 51.25 -6.98 -36.04
C SER J 193 51.63 -6.52 -37.46
N SER J 194 52.50 -7.20 -38.21
CA SER J 194 52.87 -6.62 -39.52
C SER J 194 51.81 -6.84 -40.62
N SER J 195 50.98 -7.84 -40.38
CA SER J 195 49.86 -8.10 -41.27
C SER J 195 48.62 -7.35 -40.84
N LEU J 196 48.83 -6.08 -40.51
CA LEU J 196 47.71 -5.15 -40.26
C LEU J 196 47.70 -4.35 -41.57
N GLY J 197 48.58 -4.72 -42.50
CA GLY J 197 48.65 -4.07 -43.82
C GLY J 197 48.47 -5.09 -44.92
N THR J 198 48.50 -6.36 -44.55
CA THR J 198 48.28 -7.46 -45.52
C THR J 198 46.80 -7.77 -45.52
N GLN J 199 46.18 -7.76 -44.34
CA GLN J 199 44.74 -7.98 -44.22
C GLN J 199 44.02 -6.74 -43.67
N THR J 200 42.77 -6.56 -44.11
CA THR J 200 41.91 -5.48 -43.63
C THR J 200 40.88 -6.08 -42.67
N TYR J 201 40.80 -5.51 -41.46
CA TYR J 201 39.97 -6.05 -40.39
C TYR J 201 38.78 -5.11 -40.15
N ILE J 202 37.58 -5.59 -40.43
CA ILE J 202 36.36 -4.83 -40.18
C ILE J 202 35.42 -5.70 -39.35
N CYS J 203 34.62 -5.05 -38.50
CA CYS J 203 33.68 -5.74 -37.64
C CYS J 203 32.25 -5.49 -38.13
N ASN J 204 31.41 -6.52 -38.08
CA ASN J 204 30.00 -6.46 -38.46
C ASN J 204 29.14 -6.67 -37.22
N VAL J 205 28.40 -5.62 -36.86
CA VAL J 205 27.46 -5.66 -35.71
C VAL J 205 26.05 -5.67 -36.28
N ASN J 206 25.18 -6.51 -35.72
CA ASN J 206 23.77 -6.52 -36.14
C ASN J 206 22.87 -6.41 -34.91
N HIS J 207 22.07 -5.35 -34.83
CA HIS J 207 21.08 -5.28 -33.72
C HIS J 207 19.72 -5.48 -34.36
N LYS J 208 19.38 -6.74 -34.62
CA LYS J 208 18.11 -7.00 -35.29
C LYS J 208 16.89 -6.35 -34.62
N PRO J 209 16.77 -6.31 -33.29
CA PRO J 209 15.62 -5.59 -32.69
C PRO J 209 15.41 -4.19 -33.22
N SER J 210 16.48 -3.46 -33.56
CA SER J 210 16.37 -2.13 -34.13
C SER J 210 16.72 -2.12 -35.60
N ASN J 211 16.91 -3.30 -36.19
CA ASN J 211 17.12 -3.42 -37.62
C ASN J 211 18.32 -2.59 -38.05
N THR J 212 19.43 -2.81 -37.34
CA THR J 212 20.64 -2.01 -37.46
C THR J 212 21.79 -2.93 -37.81
N LYS J 213 22.26 -2.84 -39.06
CA LYS J 213 23.47 -3.51 -39.52
C LYS J 213 24.56 -2.47 -39.77
N VAL J 214 25.74 -2.71 -39.23
CA VAL J 214 26.87 -1.81 -39.37
C VAL J 214 28.14 -2.61 -39.60
N ASP J 215 28.94 -2.18 -40.58
CA ASP J 215 30.27 -2.71 -40.82
C ASP J 215 31.26 -1.56 -40.73
N LYS J 216 32.16 -1.62 -39.75
CA LYS J 216 33.11 -0.56 -39.47
C LYS J 216 34.53 -1.07 -39.59
N LYS J 217 35.38 -0.31 -40.28
CA LYS J 217 36.79 -0.65 -40.43
C LYS J 217 37.56 -0.18 -39.20
N VAL J 218 38.43 -1.05 -38.67
CA VAL J 218 39.25 -0.69 -37.52
C VAL J 218 40.68 -0.57 -38.02
N GLU J 219 40.92 0.52 -38.75
CA GLU J 219 42.22 0.82 -39.32
C GLU J 219 43.11 1.46 -38.27
N PRO J 220 44.43 1.55 -38.49
CA PRO J 220 45.30 1.96 -37.40
C PRO J 220 45.20 3.46 -37.15
N LYS J 221 45.70 3.87 -36.00
CA LYS J 221 45.87 5.28 -35.73
C LYS J 221 47.25 5.77 -36.17
N SER J 222 47.98 4.93 -36.91
CA SER J 222 49.34 5.25 -37.35
C SER J 222 49.37 6.56 -38.12
N CYS J 223 50.31 7.43 -37.75
CA CYS J 223 50.37 8.76 -38.38
C CYS J 223 51.84 9.22 -38.45
N GLN K 1 -28.31 5.63 12.93
CA GLN K 1 -27.37 4.60 12.50
C GLN K 1 -27.36 4.48 10.99
N VAL K 2 -26.18 4.33 10.40
CA VAL K 2 -26.07 4.13 8.96
C VAL K 2 -26.30 2.65 8.67
N THR K 3 -27.34 2.36 7.89
CA THR K 3 -27.70 0.97 7.62
C THR K 3 -28.21 0.81 6.19
N LEU K 4 -27.82 -0.31 5.58
CA LEU K 4 -28.26 -0.68 4.25
C LEU K 4 -28.69 -2.15 4.28
N ARG K 5 -29.88 -2.43 3.77
CA ARG K 5 -30.37 -3.80 3.67
C ARG K 5 -30.82 -4.07 2.25
N GLU K 6 -30.17 -5.00 1.59
CA GLU K 6 -30.52 -5.42 0.24
C GLU K 6 -31.53 -6.54 0.33
N SER K 7 -32.60 -6.44 -0.45
CA SER K 7 -33.68 -7.40 -0.43
C SER K 7 -34.07 -7.76 -1.86
N GLY K 8 -34.62 -8.95 -2.02
CA GLY K 8 -35.08 -9.41 -3.30
C GLY K 8 -35.21 -10.92 -3.32
N PRO K 9 -35.78 -11.44 -4.40
CA PRO K 9 -35.94 -12.89 -4.52
C PRO K 9 -34.59 -13.59 -4.46
N ALA K 10 -34.52 -14.66 -3.67
CA ALA K 10 -33.29 -15.45 -3.62
C ALA K 10 -33.12 -16.33 -4.84
N LEU K 11 -34.18 -16.54 -5.62
CA LEU K 11 -34.15 -17.34 -6.85
C LEU K 11 -34.97 -16.64 -7.92
N VAL K 12 -34.45 -16.59 -9.15
CA VAL K 12 -35.09 -15.93 -10.30
C VAL K 12 -34.87 -16.80 -11.55
N LYS K 13 -35.92 -17.06 -12.31
CA LYS K 13 -35.70 -18.02 -13.41
C LYS K 13 -34.99 -17.32 -14.57
N PRO K 14 -34.25 -18.06 -15.42
CA PRO K 14 -33.67 -17.47 -16.62
C PRO K 14 -34.70 -16.71 -17.46
N THR K 15 -34.20 -15.71 -18.19
CA THR K 15 -34.94 -14.80 -19.05
C THR K 15 -35.89 -13.97 -18.23
N GLN K 16 -35.91 -14.13 -16.92
CA GLN K 16 -36.93 -13.34 -16.19
C GLN K 16 -36.32 -12.00 -15.82
N THR K 17 -37.06 -11.19 -15.09
CA THR K 17 -36.56 -9.86 -14.71
C THR K 17 -36.36 -9.80 -13.20
N LEU K 18 -35.10 -9.62 -12.76
CA LEU K 18 -34.79 -9.53 -11.33
C LEU K 18 -35.01 -8.10 -10.82
N THR K 19 -35.54 -7.98 -9.60
CA THR K 19 -35.84 -6.68 -9.01
C THR K 19 -35.42 -6.69 -7.54
N LEU K 20 -34.33 -5.98 -7.23
CA LEU K 20 -33.82 -5.88 -5.88
C LEU K 20 -34.08 -4.49 -5.33
N THR K 21 -34.16 -4.39 -4.01
CA THR K 21 -34.50 -3.16 -3.31
C THR K 21 -33.52 -2.92 -2.17
N CYS K 22 -32.80 -1.81 -2.23
CA CYS K 22 -31.92 -1.39 -1.15
C CYS K 22 -32.68 -0.43 -0.25
N THR K 23 -33.05 -0.89 0.94
CA THR K 23 -33.71 -0.08 1.95
C THR K 23 -32.69 0.37 2.99
N PHE K 24 -32.81 1.62 3.44
CA PHE K 24 -31.75 2.22 4.24
C PHE K 24 -32.30 3.10 5.35
N SER K 25 -31.42 3.42 6.29
CA SER K 25 -31.69 4.41 7.34
C SER K 25 -30.37 5.04 7.74
N GLY K 26 -30.47 6.21 8.38
CA GLY K 26 -29.30 6.98 8.75
C GLY K 26 -28.93 8.07 7.76
N PHE K 27 -29.67 8.19 6.67
CA PHE K 27 -29.47 9.21 5.65
C PHE K 27 -30.71 9.24 4.78
N SER K 28 -30.69 10.05 3.73
CA SER K 28 -31.82 10.03 2.76
C SER K 28 -31.25 10.33 1.37
N LEU K 29 -31.93 9.88 0.32
CA LEU K 29 -31.46 10.22 -1.05
C LEU K 29 -31.89 11.66 -1.37
N SER K 30 -31.55 12.60 -0.47
CA SER K 30 -31.89 14.03 -0.72
C SER K 30 -30.68 14.93 -0.43
N THR K 31 -29.93 14.64 0.62
CA THR K 31 -28.83 15.57 1.00
C THR K 31 -27.90 15.81 -0.16
N TYR K 32 -27.51 17.06 -0.38
CA TYR K 32 -26.55 17.44 -1.41
C TYR K 32 -25.29 16.61 -1.23
N GLY K 33 -24.91 15.86 -2.26
CA GLY K 33 -23.76 15.00 -2.23
C GLY K 33 -24.06 13.52 -2.06
N MET K 34 -25.32 13.12 -1.91
CA MET K 34 -25.65 11.74 -1.57
C MET K 34 -26.01 10.90 -2.79
N GLY K 35 -25.59 9.64 -2.75
CA GLY K 35 -25.91 8.70 -3.82
C GLY K 35 -25.94 7.28 -3.29
N VAL K 36 -26.67 6.43 -4.01
CA VAL K 36 -26.77 5.01 -3.69
C VAL K 36 -26.30 4.21 -4.89
N GLY K 37 -25.49 3.19 -4.62
CA GLY K 37 -24.90 2.39 -5.68
C GLY K 37 -25.17 0.91 -5.48
N TRP K 38 -24.97 0.18 -6.58
CA TRP K 38 -25.16 -1.26 -6.59
C TRP K 38 -23.92 -1.92 -7.16
N ILE K 39 -23.36 -2.87 -6.40
CA ILE K 39 -22.17 -3.60 -6.79
C ILE K 39 -22.41 -5.08 -6.52
N ARG K 40 -22.16 -5.91 -7.51
CA ARG K 40 -22.33 -7.35 -7.31
C ARG K 40 -20.97 -8.03 -7.22
N GLN K 41 -20.98 -9.18 -6.58
CA GLN K 41 -19.83 -10.07 -6.55
C GLN K 41 -20.39 -11.46 -6.77
N PRO K 42 -20.28 -12.00 -7.98
CA PRO K 42 -20.66 -13.39 -8.21
C PRO K 42 -19.82 -14.31 -7.35
N PRO K 43 -20.26 -15.57 -7.11
CA PRO K 43 -19.55 -16.45 -6.21
C PRO K 43 -18.10 -16.74 -6.55
N GLY K 44 -17.18 -16.45 -5.62
CA GLY K 44 -15.76 -16.78 -5.82
C GLY K 44 -15.15 -15.97 -6.94
N LYS K 45 -15.95 -15.12 -7.57
CA LYS K 45 -15.48 -14.32 -8.72
C LYS K 45 -15.00 -12.96 -8.21
N ALA K 46 -15.04 -11.96 -9.08
CA ALA K 46 -14.49 -10.65 -8.70
C ALA K 46 -15.60 -9.62 -8.60
N LEU K 47 -15.26 -8.47 -8.03
CA LEU K 47 -16.25 -7.42 -7.83
C LEU K 47 -16.61 -6.76 -9.16
N GLU K 48 -17.85 -6.25 -9.24
CA GLU K 48 -18.32 -5.57 -10.44
C GLU K 48 -19.30 -4.47 -10.06
N TRP K 49 -18.93 -3.22 -10.33
CA TRP K 49 -19.84 -2.11 -10.11
C TRP K 49 -20.97 -2.13 -11.14
N LEU K 50 -22.21 -1.97 -10.68
CA LEU K 50 -23.36 -2.07 -11.57
C LEU K 50 -24.00 -0.72 -11.89
N ALA K 51 -24.39 0.07 -10.89
CA ALA K 51 -25.11 1.30 -11.18
C ALA K 51 -25.05 2.25 -9.98
N ASN K 52 -25.39 3.51 -10.24
CA ASN K 52 -25.46 4.56 -9.24
C ASN K 52 -26.67 5.45 -9.50
N ILE K 53 -27.28 5.96 -8.42
CA ILE K 53 -28.29 6.99 -8.47
C ILE K 53 -27.92 8.08 -7.49
N TRP K 54 -28.26 9.32 -7.84
CA TRP K 54 -27.92 10.49 -7.05
C TRP K 54 -29.19 11.23 -6.65
N TRP K 55 -29.05 12.12 -5.68
CA TRP K 55 -30.18 12.86 -5.14
C TRP K 55 -30.90 13.65 -6.22
N ASN K 56 -30.19 14.03 -7.29
CA ASN K 56 -30.76 14.81 -8.38
C ASN K 56 -31.40 13.96 -9.49
N ASP K 57 -31.64 12.66 -9.25
CA ASP K 57 -32.10 11.66 -10.23
C ASP K 57 -31.02 11.25 -11.24
N ASP K 58 -29.80 11.80 -11.17
CA ASP K 58 -28.78 11.37 -12.11
C ASP K 58 -28.45 9.89 -11.92
N LYS K 59 -28.45 9.14 -13.02
CA LYS K 59 -28.26 7.70 -13.01
C LYS K 59 -27.10 7.35 -13.92
N TYR K 60 -26.18 6.53 -13.40
CA TYR K 60 -25.06 6.01 -14.15
C TYR K 60 -25.11 4.49 -14.12
N TYR K 61 -24.70 3.85 -15.22
CA TYR K 61 -24.81 2.41 -15.37
C TYR K 61 -23.50 1.82 -15.86
N SER K 62 -23.33 0.52 -15.59
CA SER K 62 -22.28 -0.24 -16.24
C SER K 62 -22.57 -0.32 -17.73
N SER K 63 -21.52 -0.15 -18.54
CA SER K 63 -21.71 -0.09 -19.98
C SER K 63 -22.22 -1.41 -20.53
N SER K 64 -21.52 -2.51 -20.22
CA SER K 64 -21.88 -3.81 -20.78
C SER K 64 -23.31 -4.20 -20.45
N LEU K 65 -23.84 -3.75 -19.32
CA LEU K 65 -25.17 -4.13 -18.86
C LEU K 65 -26.17 -2.98 -18.92
N LYS K 66 -25.84 -1.89 -19.62
CA LYS K 66 -26.68 -0.70 -19.60
C LYS K 66 -28.08 -0.99 -20.10
N THR K 67 -28.21 -1.61 -21.27
CA THR K 67 -29.52 -1.94 -21.82
C THR K 67 -30.35 -2.72 -20.83
N ARG K 68 -29.69 -3.55 -20.02
CA ARG K 68 -30.38 -4.44 -19.11
C ARG K 68 -30.66 -3.84 -17.75
N LEU K 69 -29.79 -2.94 -17.31
CA LEU K 69 -29.94 -2.38 -15.98
C LEU K 69 -30.95 -1.25 -16.03
N THR K 70 -31.71 -1.12 -14.95
CA THR K 70 -32.65 -0.02 -14.80
C THR K 70 -32.72 0.23 -13.31
N ILE K 71 -32.22 1.38 -12.89
CA ILE K 71 -32.13 1.71 -11.47
C ILE K 71 -33.16 2.78 -11.16
N SER K 72 -33.75 2.70 -9.97
CA SER K 72 -34.81 3.60 -9.58
C SER K 72 -34.64 4.00 -8.12
N LYS K 73 -35.31 5.11 -7.85
CA LYS K 73 -35.24 5.66 -6.50
C LYS K 73 -36.63 5.98 -5.97
N ASP K 74 -36.73 6.12 -4.67
CA ASP K 74 -37.91 6.48 -3.90
C ASP K 74 -37.40 6.92 -2.54
N THR K 75 -37.09 8.20 -2.44
CA THR K 75 -36.71 8.78 -1.17
C THR K 75 -37.88 8.76 -0.20
N SER K 76 -39.10 8.78 -0.74
CA SER K 76 -40.29 8.74 0.10
C SER K 76 -40.30 7.53 1.02
N LYS K 77 -39.87 6.38 0.50
CA LYS K 77 -39.78 5.15 1.27
C LYS K 77 -38.36 4.87 1.76
N ASN K 78 -37.45 5.82 1.56
CA ASN K 78 -36.01 5.64 1.85
C ASN K 78 -35.48 4.36 1.20
N GLN K 79 -35.74 4.23 -0.11
CA GLN K 79 -35.43 3.01 -0.85
C GLN K 79 -34.86 3.35 -2.21
N VAL K 80 -34.00 2.46 -2.72
CA VAL K 80 -33.47 2.52 -4.07
C VAL K 80 -33.64 1.16 -4.71
N VAL K 81 -34.08 1.15 -5.97
CA VAL K 81 -34.47 -0.08 -6.68
C VAL K 81 -33.58 -0.30 -7.90
N LEU K 82 -33.25 -1.57 -8.16
CA LEU K 82 -32.55 -2.01 -9.36
C LEU K 82 -33.32 -3.14 -10.06
N THR K 83 -33.24 -3.18 -11.38
CA THR K 83 -33.91 -4.24 -12.14
C THR K 83 -32.96 -4.78 -13.18
N MET K 84 -33.22 -5.99 -13.70
CA MET K 84 -32.33 -6.62 -14.70
C MET K 84 -33.15 -7.51 -15.64
N THR K 85 -32.81 -7.55 -16.92
CA THR K 85 -33.62 -8.31 -17.90
C THR K 85 -32.91 -9.57 -18.32
N ASN K 86 -33.65 -10.54 -18.85
CA ASN K 86 -33.04 -11.78 -19.40
C ASN K 86 -31.89 -12.25 -18.51
N MET K 87 -32.19 -12.60 -17.26
CA MET K 87 -31.14 -13.10 -16.33
C MET K 87 -30.68 -14.48 -16.82
N ASP K 88 -29.38 -14.75 -16.74
CA ASP K 88 -28.84 -16.09 -17.14
C ASP K 88 -27.94 -16.56 -16.01
N PRO K 89 -27.82 -17.87 -15.75
CA PRO K 89 -27.02 -18.36 -14.64
C PRO K 89 -25.83 -17.47 -14.29
N VAL K 90 -25.25 -16.78 -15.26
CA VAL K 90 -24.03 -15.97 -15.00
C VAL K 90 -24.33 -14.84 -14.00
N ASP K 91 -25.58 -14.43 -13.88
CA ASP K 91 -25.88 -13.28 -12.99
C ASP K 91 -25.93 -13.75 -11.53
N THR K 92 -25.86 -15.07 -11.31
CA THR K 92 -25.84 -15.59 -9.95
C THR K 92 -24.74 -14.89 -9.16
N ALA K 93 -25.12 -14.21 -8.09
CA ALA K 93 -24.15 -13.38 -7.39
C ALA K 93 -24.72 -12.94 -6.05
N THR K 94 -23.83 -12.40 -5.22
CA THR K 94 -24.23 -11.67 -4.03
C THR K 94 -24.25 -10.20 -4.41
N TYR K 95 -25.43 -9.59 -4.35
CA TYR K 95 -25.61 -8.22 -4.79
C TYR K 95 -25.59 -7.30 -3.57
N TYR K 96 -24.66 -6.37 -3.55
CA TYR K 96 -24.53 -5.39 -2.49
C TYR K 96 -25.08 -4.05 -2.95
N CYS K 97 -25.68 -3.32 -2.02
CA CYS K 97 -25.98 -1.91 -2.21
C CYS K 97 -25.11 -1.10 -1.26
N VAL K 98 -24.78 0.13 -1.68
CA VAL K 98 -23.73 0.90 -1.02
C VAL K 98 -24.12 2.37 -1.04
N GLN K 99 -23.62 3.13 -0.06
CA GLN K 99 -23.78 4.57 0.00
C GLN K 99 -22.53 5.24 -0.58
N ILE K 100 -22.74 6.33 -1.32
CA ILE K 100 -21.67 7.20 -1.76
C ILE K 100 -21.97 8.58 -1.23
N ALA K 101 -21.19 9.02 -0.22
CA ALA K 101 -21.43 10.28 0.46
C ALA K 101 -20.32 11.30 0.24
N ASN K 102 -19.07 10.93 0.48
CA ASN K 102 -17.95 11.86 0.34
C ASN K 102 -17.48 11.90 -1.11
N PRO K 103 -17.20 13.10 -1.64
CA PRO K 103 -16.67 13.19 -3.01
C PRO K 103 -15.24 12.74 -3.16
N TYR K 104 -14.51 12.54 -2.07
CA TYR K 104 -13.11 12.15 -2.15
C TYR K 104 -12.90 10.65 -2.23
N TRP K 105 -13.87 9.85 -1.79
CA TRP K 105 -13.82 8.40 -1.91
C TRP K 105 -15.19 7.91 -2.37
N TYR K 106 -15.34 6.60 -2.50
CA TYR K 106 -16.58 6.06 -3.09
C TYR K 106 -17.37 5.13 -2.18
N PHE K 107 -16.98 3.85 -2.15
CA PHE K 107 -17.76 2.82 -1.46
C PHE K 107 -17.25 2.58 -0.04
N ASP K 108 -17.73 3.43 0.87
CA ASP K 108 -17.45 3.38 2.30
C ASP K 108 -18.43 2.49 3.06
N VAL K 109 -19.71 2.63 2.80
CA VAL K 109 -20.75 1.98 3.60
C VAL K 109 -21.34 0.85 2.76
N TRP K 110 -21.19 -0.37 3.26
CA TRP K 110 -21.64 -1.55 2.54
C TRP K 110 -22.77 -2.22 3.28
N GLY K 111 -23.69 -2.81 2.53
CA GLY K 111 -24.68 -3.70 3.09
C GLY K 111 -24.18 -5.13 3.17
N GLN K 112 -24.98 -5.98 3.79
CA GLN K 112 -24.58 -7.37 3.95
C GLN K 112 -24.72 -8.17 2.66
N GLY K 113 -25.64 -7.77 1.79
CA GLY K 113 -25.76 -8.44 0.50
C GLY K 113 -26.85 -9.50 0.45
N THR K 114 -27.62 -9.50 -0.63
CA THR K 114 -28.56 -10.57 -0.89
C THR K 114 -27.97 -11.49 -1.94
N THR K 115 -28.18 -12.79 -1.77
CA THR K 115 -27.62 -13.78 -2.68
C THR K 115 -28.72 -14.18 -3.65
N VAL K 116 -28.49 -13.92 -4.94
CA VAL K 116 -29.45 -14.21 -5.98
C VAL K 116 -28.89 -15.34 -6.83
N THR K 117 -29.63 -16.44 -6.90
CA THR K 117 -29.29 -17.57 -7.74
C THR K 117 -30.36 -17.69 -8.82
N VAL K 118 -29.95 -17.57 -10.07
CA VAL K 118 -30.87 -17.71 -11.20
C VAL K 118 -30.71 -19.11 -11.76
N SER K 119 -31.80 -19.87 -11.75
CA SER K 119 -31.74 -21.27 -12.15
C SER K 119 -33.15 -21.81 -12.37
N SER K 120 -33.26 -22.76 -13.29
CA SER K 120 -34.53 -23.43 -13.54
C SER K 120 -34.96 -24.35 -12.40
N ALA K 121 -34.06 -24.66 -11.47
CA ALA K 121 -34.41 -25.49 -10.34
C ALA K 121 -35.26 -24.72 -9.33
N SER K 122 -35.84 -25.45 -8.39
CA SER K 122 -36.74 -24.89 -7.38
C SER K 122 -36.08 -24.89 -6.00
N THR K 123 -36.58 -24.02 -5.14
CA THR K 123 -36.03 -23.88 -3.80
C THR K 123 -36.32 -25.14 -2.97
N LYS K 124 -35.35 -25.53 -2.14
CA LYS K 124 -35.50 -26.72 -1.32
C LYS K 124 -34.85 -26.51 0.04
N GLY K 125 -35.50 -27.01 1.09
CA GLY K 125 -34.98 -26.89 2.44
C GLY K 125 -34.02 -28.00 2.79
N PRO K 126 -33.07 -27.69 3.67
CA PRO K 126 -32.01 -28.64 4.00
C PRO K 126 -32.42 -29.67 5.04
N SER K 127 -31.72 -30.80 5.01
CA SER K 127 -31.75 -31.79 6.08
C SER K 127 -30.52 -31.61 6.96
N VAL K 128 -30.74 -31.42 8.25
CA VAL K 128 -29.67 -31.23 9.22
C VAL K 128 -29.43 -32.55 9.94
N PHE K 129 -28.18 -33.02 9.95
CA PHE K 129 -27.85 -34.31 10.55
C PHE K 129 -26.73 -34.16 11.58
N PRO K 130 -26.85 -34.87 12.71
CA PRO K 130 -25.87 -34.71 13.80
C PRO K 130 -24.58 -35.50 13.58
N LEU K 131 -23.47 -34.83 13.85
CA LEU K 131 -22.12 -35.41 13.80
C LEU K 131 -21.60 -35.56 15.22
N ALA K 132 -21.58 -36.84 15.75
CA ALA K 132 -21.27 -37.05 17.17
C ALA K 132 -19.80 -37.38 17.38
N PRO K 133 -19.26 -37.04 18.55
CA PRO K 133 -17.88 -37.43 18.87
C PRO K 133 -17.76 -38.93 19.05
N SER K 134 -16.52 -39.41 19.09
CA SER K 134 -16.26 -40.86 19.09
C SER K 134 -15.03 -41.14 19.94
N SER K 135 -15.24 -41.36 21.24
CA SER K 135 -14.16 -41.62 22.20
C SER K 135 -13.07 -40.57 22.08
N LYS K 136 -13.46 -39.35 21.71
CA LYS K 136 -12.54 -38.25 21.52
C LYS K 136 -12.22 -37.52 22.81
N SER K 137 -12.68 -38.04 23.95
CA SER K 137 -12.38 -37.42 25.24
C SER K 137 -10.87 -37.39 25.49
N THR K 138 -10.20 -38.48 25.12
CA THR K 138 -8.75 -38.57 25.35
C THR K 138 -8.04 -38.37 24.02
N SER K 139 -8.81 -38.08 22.97
CA SER K 139 -8.16 -37.78 21.66
C SER K 139 -7.72 -36.31 21.69
N GLY K 140 -6.75 -35.97 22.54
CA GLY K 140 -6.28 -34.58 22.66
C GLY K 140 -7.13 -33.76 23.61
N GLY K 141 -7.96 -34.41 24.43
CA GLY K 141 -8.75 -33.66 25.43
C GLY K 141 -9.75 -32.76 24.74
N THR K 142 -9.58 -32.56 23.43
CA THR K 142 -10.53 -31.78 22.66
C THR K 142 -11.39 -32.72 21.83
N ALA K 143 -12.70 -32.48 21.82
CA ALA K 143 -13.64 -33.29 21.05
C ALA K 143 -14.37 -32.44 20.03
N ALA K 144 -14.45 -32.94 18.80
CA ALA K 144 -15.15 -32.27 17.72
C ALA K 144 -16.55 -32.81 17.58
N LEU K 145 -17.47 -31.93 17.24
CA LEU K 145 -18.85 -32.28 16.95
C LEU K 145 -19.34 -31.33 15.89
N GLY K 146 -20.41 -31.71 15.19
CA GLY K 146 -20.86 -30.82 14.14
C GLY K 146 -22.25 -31.15 13.65
N CYS K 147 -22.64 -30.41 12.61
CA CYS K 147 -23.89 -30.60 11.91
C CYS K 147 -23.62 -30.71 10.42
N LEU K 148 -24.44 -31.49 9.73
CA LEU K 148 -24.34 -31.67 8.29
C LEU K 148 -25.59 -31.14 7.62
N VAL K 149 -25.46 -30.02 6.92
CA VAL K 149 -26.53 -29.47 6.09
C VAL K 149 -26.41 -30.15 4.73
N LYS K 150 -27.44 -30.90 4.33
CA LYS K 150 -27.25 -31.90 3.28
C LYS K 150 -27.77 -31.50 1.91
N ASP K 151 -29.01 -31.00 1.80
CA ASP K 151 -29.59 -30.77 0.47
C ASP K 151 -30.45 -29.51 0.47
N TYR K 152 -29.87 -28.41 0.01
CA TYR K 152 -30.55 -27.13 -0.15
C TYR K 152 -30.20 -26.57 -1.52
N PHE K 153 -31.14 -25.86 -2.15
CA PHE K 153 -30.75 -25.51 -3.52
C PHE K 153 -30.16 -24.11 -3.62
N PRO K 154 -30.81 -23.04 -3.15
CA PRO K 154 -30.15 -21.75 -3.22
C PRO K 154 -29.00 -21.71 -2.24
N GLU K 155 -27.97 -20.95 -2.59
CA GLU K 155 -26.73 -21.02 -1.82
C GLU K 155 -26.85 -20.40 -0.42
N PRO K 156 -27.59 -19.32 -0.20
CA PRO K 156 -27.55 -18.69 1.14
C PRO K 156 -28.01 -19.66 2.22
N VAL K 157 -27.09 -19.96 3.14
CA VAL K 157 -27.36 -20.82 4.28
C VAL K 157 -26.51 -20.34 5.46
N THR K 158 -27.14 -20.19 6.63
CA THR K 158 -26.46 -19.72 7.83
C THR K 158 -26.58 -20.75 8.95
N VAL K 159 -25.49 -20.90 9.70
CA VAL K 159 -25.38 -21.88 10.77
C VAL K 159 -24.89 -21.20 12.04
N SER K 160 -25.59 -21.44 13.15
CA SER K 160 -25.19 -20.93 14.46
C SER K 160 -25.01 -22.08 15.45
N TRP K 161 -24.42 -21.75 16.60
CA TRP K 161 -24.22 -22.70 17.69
C TRP K 161 -24.64 -22.05 19.00
N ASN K 162 -25.54 -22.71 19.72
CA ASN K 162 -26.10 -22.21 20.98
C ASN K 162 -26.67 -20.81 20.80
N SER K 163 -27.42 -20.63 19.70
CA SER K 163 -28.02 -19.36 19.31
C SER K 163 -27.06 -18.20 19.47
N GLY K 164 -25.78 -18.41 19.15
CA GLY K 164 -24.80 -17.36 19.14
C GLY K 164 -23.84 -17.37 20.32
N ALA K 165 -24.13 -18.13 21.37
CA ALA K 165 -23.25 -18.11 22.54
C ALA K 165 -21.93 -18.83 22.27
N LEU K 166 -21.97 -19.94 21.52
CA LEU K 166 -20.77 -20.67 21.15
C LEU K 166 -20.29 -20.17 19.79
N THR K 167 -19.11 -19.55 19.76
CA THR K 167 -18.56 -19.01 18.52
C THR K 167 -17.10 -19.43 18.36
N SER K 168 -16.41 -19.64 19.48
CA SER K 168 -14.99 -19.99 19.44
C SER K 168 -14.82 -21.44 19.01
N GLY K 169 -13.90 -21.68 18.06
CA GLY K 169 -13.66 -23.00 17.55
C GLY K 169 -14.57 -23.44 16.42
N VAL K 170 -15.56 -22.61 16.05
CA VAL K 170 -16.49 -22.97 15.00
C VAL K 170 -15.78 -22.92 13.65
N HIS K 171 -16.03 -23.92 12.81
CA HIS K 171 -15.59 -23.91 11.42
C HIS K 171 -16.77 -24.33 10.55
N THR K 172 -17.34 -23.37 9.82
CA THR K 172 -18.40 -23.64 8.86
C THR K 172 -17.80 -23.62 7.46
N PHE K 173 -17.79 -24.77 6.79
CA PHE K 173 -17.07 -24.88 5.54
C PHE K 173 -17.91 -24.35 4.38
N PRO K 174 -17.25 -23.80 3.36
CA PRO K 174 -17.96 -23.44 2.13
C PRO K 174 -18.73 -24.63 1.57
N ALA K 175 -19.92 -24.35 1.06
CA ALA K 175 -20.76 -25.40 0.48
C ALA K 175 -20.16 -25.94 -0.80
N VAL K 176 -20.24 -27.26 -0.97
CA VAL K 176 -19.84 -27.93 -2.21
C VAL K 176 -21.11 -28.40 -2.91
N LEU K 177 -21.17 -28.17 -4.21
CA LEU K 177 -22.32 -28.59 -5.00
C LEU K 177 -22.20 -30.07 -5.31
N GLN K 178 -23.15 -30.86 -4.83
CA GLN K 178 -23.12 -32.28 -5.14
C GLN K 178 -23.58 -32.49 -6.57
N SER K 179 -23.27 -33.68 -7.10
CA SER K 179 -23.63 -33.99 -8.49
C SER K 179 -25.12 -33.80 -8.75
N SER K 180 -25.95 -34.02 -7.73
CA SER K 180 -27.39 -33.83 -7.87
C SER K 180 -27.77 -32.40 -8.23
N GLY K 181 -26.88 -31.44 -8.02
CA GLY K 181 -27.22 -30.03 -8.17
C GLY K 181 -27.61 -29.36 -6.89
N LEU K 182 -27.67 -30.11 -5.79
CA LEU K 182 -28.02 -29.59 -4.48
C LEU K 182 -26.74 -29.39 -3.68
N TYR K 183 -26.72 -28.36 -2.85
CA TYR K 183 -25.53 -28.03 -2.08
C TYR K 183 -25.52 -28.79 -0.76
N SER K 184 -24.31 -29.00 -0.22
CA SER K 184 -24.14 -29.65 1.07
C SER K 184 -22.91 -29.06 1.75
N LEU K 185 -23.04 -28.77 3.04
CA LEU K 185 -21.92 -28.26 3.84
C LEU K 185 -21.93 -28.94 5.19
N SER K 186 -20.83 -28.76 5.92
CA SER K 186 -20.71 -29.22 7.30
C SER K 186 -20.15 -28.11 8.16
N SER K 187 -20.72 -27.94 9.36
CA SER K 187 -20.23 -26.98 10.34
C SER K 187 -19.82 -27.75 11.59
N VAL K 188 -18.52 -27.71 11.90
CA VAL K 188 -17.98 -28.43 13.04
C VAL K 188 -17.53 -27.42 14.08
N VAL K 189 -17.26 -27.93 15.28
CA VAL K 189 -16.79 -27.08 16.36
C VAL K 189 -15.91 -27.93 17.25
N THR K 190 -14.87 -27.30 17.78
CA THR K 190 -14.02 -27.96 18.75
C THR K 190 -14.39 -27.48 20.15
N VAL K 191 -14.66 -28.46 21.02
CA VAL K 191 -15.05 -28.17 22.41
C VAL K 191 -14.33 -29.11 23.38
N PRO K 192 -13.92 -28.64 24.57
CA PRO K 192 -13.31 -29.45 25.62
C PRO K 192 -14.16 -30.68 25.79
N SER K 193 -13.50 -31.82 25.88
CA SER K 193 -14.22 -33.08 25.86
C SER K 193 -15.08 -33.21 27.10
N SER K 194 -14.68 -32.57 28.19
CA SER K 194 -15.44 -32.67 29.42
C SER K 194 -16.88 -32.22 29.22
N SER K 195 -17.09 -31.37 28.23
CA SER K 195 -18.37 -30.71 27.94
C SER K 195 -19.43 -31.66 27.50
N LEU K 196 -18.97 -32.85 27.20
CA LEU K 196 -19.80 -33.84 26.58
C LEU K 196 -20.70 -34.41 27.64
N GLY K 197 -22.00 -34.22 27.42
CA GLY K 197 -23.01 -34.63 28.31
C GLY K 197 -23.43 -33.57 29.30
N THR K 198 -22.51 -32.68 29.70
CA THR K 198 -22.85 -31.60 30.62
C THR K 198 -23.36 -30.37 29.90
N GLN K 199 -22.62 -29.89 28.90
CA GLN K 199 -23.02 -28.72 28.15
C GLN K 199 -23.80 -29.18 26.94
N THR K 200 -24.79 -28.38 26.56
CA THR K 200 -25.69 -28.74 25.47
C THR K 200 -25.17 -28.12 24.19
N TYR K 201 -24.92 -28.94 23.18
CA TYR K 201 -24.33 -28.41 21.92
C TYR K 201 -25.32 -28.56 20.80
N ILE K 202 -26.09 -27.51 20.54
CA ILE K 202 -27.11 -27.56 19.46
C ILE K 202 -26.69 -26.60 18.34
N CYS K 203 -27.06 -26.94 17.10
CA CYS K 203 -26.71 -26.10 15.93
C CYS K 203 -27.99 -25.55 15.30
N ASN K 204 -28.04 -24.25 15.08
CA ASN K 204 -29.22 -23.65 14.44
C ASN K 204 -28.87 -23.31 13.00
N VAL K 205 -29.61 -23.92 12.07
CA VAL K 205 -29.37 -23.73 10.61
C VAL K 205 -30.59 -23.04 10.00
N ASN K 206 -30.38 -21.98 9.22
CA ASN K 206 -31.52 -21.21 8.65
C ASN K 206 -31.38 -21.13 7.13
N HIS K 207 -32.32 -21.72 6.39
CA HIS K 207 -32.30 -21.58 4.91
C HIS K 207 -33.43 -20.64 4.52
N LYS K 208 -33.14 -19.34 4.49
CA LYS K 208 -34.22 -18.38 4.25
C LYS K 208 -35.00 -18.65 2.96
N PRO K 209 -34.36 -18.86 1.79
CA PRO K 209 -35.13 -19.19 0.58
C PRO K 209 -36.19 -20.27 0.75
N SER K 210 -35.99 -21.25 1.64
CA SER K 210 -36.99 -22.28 1.86
C SER K 210 -37.73 -22.11 3.18
N ASN K 211 -37.55 -20.97 3.85
CA ASN K 211 -38.28 -20.65 5.08
C ASN K 211 -38.14 -21.79 6.09
N THR K 212 -36.90 -22.21 6.30
CA THR K 212 -36.59 -23.40 7.09
C THR K 212 -35.61 -23.01 8.21
N LYS K 213 -36.14 -22.88 9.42
CA LYS K 213 -35.37 -22.72 10.64
C LYS K 213 -35.39 -24.04 11.39
N VAL K 214 -34.22 -24.53 11.80
CA VAL K 214 -34.08 -25.85 12.39
C VAL K 214 -33.06 -25.78 13.52
N ASP K 215 -33.37 -26.45 14.64
CA ASP K 215 -32.44 -26.62 15.75
C ASP K 215 -32.19 -28.11 15.93
N LYS K 216 -30.93 -28.52 15.79
CA LYS K 216 -30.56 -29.94 15.88
C LYS K 216 -29.62 -30.15 17.05
N LYS K 217 -29.96 -31.12 17.90
CA LYS K 217 -29.17 -31.49 19.07
C LYS K 217 -28.11 -32.52 18.69
N VAL K 218 -26.90 -32.33 19.21
CA VAL K 218 -25.79 -33.25 18.98
C VAL K 218 -25.39 -33.90 20.30
N GLU K 219 -25.46 -35.22 20.36
CA GLU K 219 -25.08 -36.01 21.52
C GLU K 219 -24.31 -37.24 21.05
N PRO K 220 -23.59 -37.91 21.97
CA PRO K 220 -22.81 -39.09 21.55
C PRO K 220 -23.63 -40.36 21.40
N LYS K 221 -22.96 -41.49 21.18
CA LYS K 221 -23.57 -42.77 20.95
C LYS K 221 -23.39 -43.67 22.18
N SER K 222 -24.21 -44.72 22.26
CA SER K 222 -24.18 -45.61 23.41
C SER K 222 -24.70 -46.99 23.04
N CYS K 223 -24.00 -48.02 23.49
CA CYS K 223 -24.41 -49.42 23.40
C CYS K 223 -23.35 -50.32 24.05
N GLN L 1 -49.26 20.13 -43.19
CA GLN L 1 -50.22 19.55 -42.25
C GLN L 1 -51.60 20.16 -42.43
N VAL L 2 -52.45 20.08 -41.42
CA VAL L 2 -53.86 20.43 -41.53
C VAL L 2 -54.02 21.94 -41.35
N THR L 3 -54.56 22.60 -42.37
CA THR L 3 -54.76 24.04 -42.37
C THR L 3 -56.07 24.38 -43.06
N LEU L 4 -56.77 25.38 -42.53
CA LEU L 4 -58.04 25.84 -43.07
C LEU L 4 -58.00 27.36 -43.21
N ARG L 5 -58.73 27.85 -44.21
CA ARG L 5 -58.88 29.29 -44.43
C ARG L 5 -60.32 29.60 -44.76
N GLU L 6 -60.94 30.41 -43.92
CA GLU L 6 -62.28 30.92 -44.18
C GLU L 6 -62.17 32.16 -45.06
N SER L 7 -63.02 32.22 -46.08
CA SER L 7 -63.03 33.33 -47.02
C SER L 7 -64.46 33.77 -47.26
N GLY L 8 -64.61 35.04 -47.63
CA GLY L 8 -65.91 35.59 -47.91
C GLY L 8 -65.92 37.10 -47.83
N PRO L 9 -67.05 37.71 -48.21
CA PRO L 9 -67.15 39.17 -48.13
C PRO L 9 -67.03 39.66 -46.70
N ALA L 10 -66.19 40.67 -46.51
CA ALA L 10 -66.05 41.33 -45.21
C ALA L 10 -67.22 42.26 -44.93
N LEU L 11 -68.03 42.52 -45.95
CA LEU L 11 -69.20 43.41 -45.76
C LEU L 11 -70.43 42.76 -46.40
N VAL L 12 -71.46 42.50 -45.61
CA VAL L 12 -72.74 41.97 -46.17
C VAL L 12 -73.84 42.98 -45.80
N LYS L 13 -74.65 43.38 -46.77
CA LYS L 13 -75.72 44.37 -46.53
C LYS L 13 -76.95 43.66 -45.97
N PRO L 14 -77.70 44.28 -45.02
CA PRO L 14 -78.84 43.60 -44.42
C PRO L 14 -79.74 42.87 -45.40
N THR L 15 -80.28 41.70 -45.00
CA THR L 15 -81.17 40.92 -45.86
C THR L 15 -80.50 40.49 -47.17
N GLN L 16 -79.16 40.47 -47.22
CA GLN L 16 -78.43 39.87 -48.33
C GLN L 16 -77.79 38.56 -47.89
N THR L 17 -77.27 37.80 -48.85
CA THR L 17 -76.87 36.41 -48.60
C THR L 17 -75.35 36.33 -48.52
N LEU L 18 -74.84 35.98 -47.35
CA LEU L 18 -73.42 35.73 -47.18
C LEU L 18 -73.10 34.30 -47.57
N THR L 19 -71.95 34.15 -48.22
CA THR L 19 -71.46 32.87 -48.73
C THR L 19 -70.01 32.77 -48.28
N LEU L 20 -69.77 31.91 -47.29
CA LEU L 20 -68.43 31.70 -46.77
C LEU L 20 -67.88 30.40 -47.32
N THR L 21 -66.56 30.36 -47.48
CA THR L 21 -65.89 29.22 -48.10
C THR L 21 -64.70 28.84 -47.23
N CYS L 22 -64.75 27.64 -46.67
CA CYS L 22 -63.65 27.06 -45.93
C CYS L 22 -62.84 26.21 -46.90
N THR L 23 -61.65 26.68 -47.26
CA THR L 23 -60.74 25.91 -48.10
C THR L 23 -59.66 25.32 -47.21
N PHE L 24 -59.34 24.05 -47.42
CA PHE L 24 -58.49 23.34 -46.46
C PHE L 24 -57.50 22.44 -47.18
N SER L 25 -56.47 22.06 -46.44
CA SER L 25 -55.47 21.11 -46.89
C SER L 25 -54.94 20.34 -45.69
N GLY L 26 -54.32 19.19 -45.97
CA GLY L 26 -53.88 18.29 -44.93
C GLY L 26 -54.83 17.15 -44.64
N PHE L 27 -55.98 17.12 -45.31
CA PHE L 27 -56.96 16.04 -45.19
C PHE L 27 -57.93 16.20 -46.35
N SER L 28 -58.85 15.25 -46.47
CA SER L 28 -59.89 15.34 -47.53
C SER L 28 -61.25 14.99 -46.89
N LEU L 29 -62.32 15.60 -47.39
CA LEU L 29 -63.66 15.36 -46.80
C LEU L 29 -64.24 14.13 -47.51
N SER L 30 -63.38 13.29 -48.07
CA SER L 30 -63.86 12.01 -48.66
C SER L 30 -63.43 10.88 -47.72
N THR L 31 -62.59 11.20 -46.74
CA THR L 31 -62.14 10.22 -45.77
C THR L 31 -63.23 9.85 -44.77
N TYR L 32 -63.35 8.55 -44.50
CA TYR L 32 -64.09 8.09 -43.35
C TYR L 32 -63.37 8.60 -42.10
N GLY L 33 -64.14 9.25 -41.22
CA GLY L 33 -63.70 9.91 -40.01
C GLY L 33 -63.82 11.43 -40.05
N MET L 34 -64.01 12.03 -41.23
CA MET L 34 -63.88 13.47 -41.43
C MET L 34 -65.18 14.27 -41.50
N GLY L 35 -65.11 15.50 -40.97
CA GLY L 35 -66.19 16.48 -41.06
C GLY L 35 -65.63 17.88 -40.95
N VAL L 36 -66.38 18.86 -41.47
CA VAL L 36 -65.99 20.26 -41.37
C VAL L 36 -67.13 21.05 -40.71
N GLY L 37 -66.77 21.94 -39.78
CA GLY L 37 -67.75 22.68 -39.04
C GLY L 37 -67.52 24.18 -39.13
N TRP L 38 -68.56 24.92 -38.79
CA TRP L 38 -68.58 26.38 -38.79
C TRP L 38 -69.06 26.86 -37.43
N ILE L 39 -68.27 27.75 -36.82
CA ILE L 39 -68.51 28.27 -35.46
C ILE L 39 -68.36 29.79 -35.47
N ARG L 40 -69.29 30.47 -34.79
CA ARG L 40 -69.36 31.93 -34.74
C ARG L 40 -68.75 32.48 -33.45
N GLN L 41 -68.27 33.72 -33.54
CA GLN L 41 -67.96 34.51 -32.35
C GLN L 41 -68.29 35.97 -32.63
N PRO L 42 -69.42 36.46 -32.14
CA PRO L 42 -69.69 37.89 -32.20
C PRO L 42 -68.62 38.65 -31.39
N PRO L 43 -68.38 39.91 -31.75
CA PRO L 43 -67.28 40.65 -31.11
C PRO L 43 -67.52 40.80 -29.62
N GLY L 44 -66.52 40.38 -28.83
CA GLY L 44 -66.62 40.45 -27.38
C GLY L 44 -67.59 39.49 -26.75
N LYS L 45 -68.19 38.59 -27.52
CA LYS L 45 -69.21 37.69 -27.01
C LYS L 45 -68.70 36.25 -27.04
N ALA L 46 -69.61 35.30 -26.89
CA ALA L 46 -69.27 33.89 -26.75
C ALA L 46 -69.42 33.14 -28.07
N LEU L 47 -68.70 32.03 -28.17
CA LEU L 47 -68.75 31.18 -29.35
C LEU L 47 -70.15 30.62 -29.54
N GLU L 48 -70.47 30.30 -30.80
CA GLU L 48 -71.76 29.73 -31.16
C GLU L 48 -71.54 28.73 -32.29
N TRP L 49 -71.84 27.46 -32.03
CA TRP L 49 -71.72 26.45 -33.08
C TRP L 49 -72.81 26.68 -34.12
N LEU L 50 -72.41 26.70 -35.39
CA LEU L 50 -73.32 26.99 -36.49
C LEU L 50 -73.72 25.74 -37.26
N ALA L 51 -72.74 25.02 -37.79
CA ALA L 51 -73.11 23.91 -38.66
C ALA L 51 -71.97 22.93 -38.79
N ASN L 52 -72.33 21.71 -39.22
CA ASN L 52 -71.38 20.65 -39.48
C ASN L 52 -71.78 19.92 -40.76
N ILE L 53 -70.80 19.49 -41.52
CA ILE L 53 -71.00 18.65 -42.69
C ILE L 53 -70.02 17.49 -42.63
N TRP L 54 -70.46 16.33 -43.11
CA TRP L 54 -69.65 15.12 -43.00
C TRP L 54 -69.38 14.53 -44.38
N TRP L 55 -68.40 13.60 -44.41
CA TRP L 55 -67.97 12.98 -45.66
C TRP L 55 -69.13 12.32 -46.39
N ASN L 56 -70.23 12.09 -45.66
CA ASN L 56 -71.43 11.42 -46.25
C ASN L 56 -72.61 12.37 -46.48
N ASP L 57 -72.37 13.68 -46.54
CA ASP L 57 -73.43 14.71 -46.76
C ASP L 57 -74.35 14.80 -45.54
N ASP L 58 -73.95 14.19 -44.43
CA ASP L 58 -74.74 14.32 -43.17
C ASP L 58 -74.60 15.76 -42.71
N LYS L 59 -75.68 16.54 -42.78
CA LYS L 59 -75.58 17.98 -42.46
C LYS L 59 -76.30 18.30 -41.15
N TYR L 60 -75.62 18.93 -40.20
CA TYR L 60 -76.23 19.34 -38.95
C TYR L 60 -76.17 20.85 -38.84
N TYR L 61 -77.22 21.44 -38.23
CA TYR L 61 -77.34 22.88 -38.11
C TYR L 61 -77.74 23.26 -36.69
N SER L 62 -77.41 24.49 -36.33
CA SER L 62 -77.98 25.10 -35.13
C SER L 62 -79.47 25.36 -35.33
N SER L 63 -80.26 25.08 -34.29
CA SER L 63 -81.71 25.14 -34.41
C SER L 63 -82.20 26.55 -34.72
N SER L 64 -81.80 27.53 -33.91
CA SER L 64 -82.31 28.88 -34.06
C SER L 64 -82.08 29.45 -35.47
N LEU L 65 -81.03 29.00 -36.15
CA LEU L 65 -80.66 29.56 -37.44
C LEU L 65 -80.88 28.57 -38.59
N LYS L 66 -81.59 27.47 -38.35
CA LYS L 66 -81.73 26.39 -39.33
C LYS L 66 -82.38 26.81 -40.66
N THR L 67 -83.18 27.89 -40.69
CA THR L 67 -84.13 28.13 -41.78
C THR L 67 -83.43 28.66 -43.02
N ARG L 68 -82.34 29.38 -42.67
CA ARG L 68 -81.49 30.01 -43.72
C ARG L 68 -80.08 29.42 -43.78
N LEU L 69 -79.56 28.76 -42.71
CA LEU L 69 -78.26 28.18 -43.01
C LEU L 69 -78.36 27.12 -44.11
N THR L 70 -77.29 27.01 -44.91
CA THR L 70 -77.18 25.95 -45.92
C THR L 70 -75.71 25.60 -46.12
N ILE L 71 -75.33 24.38 -45.80
CA ILE L 71 -73.95 23.93 -45.87
C ILE L 71 -73.78 22.96 -47.03
N SER L 72 -72.64 23.05 -47.72
CA SER L 72 -72.35 22.24 -48.88
C SER L 72 -70.87 21.88 -48.87
N LYS L 73 -70.52 20.86 -49.65
CA LYS L 73 -69.16 20.36 -49.68
C LYS L 73 -68.77 20.02 -51.10
N ASP L 74 -67.47 20.13 -51.39
CA ASP L 74 -66.91 19.73 -52.68
C ASP L 74 -65.53 19.18 -52.38
N THR L 75 -65.44 17.85 -52.33
CA THR L 75 -64.17 17.18 -52.09
C THR L 75 -63.17 17.44 -53.22
N SER L 76 -63.66 17.61 -54.45
CA SER L 76 -62.76 17.90 -55.57
C SER L 76 -61.99 19.20 -55.34
N LYS L 77 -62.65 20.19 -54.73
CA LYS L 77 -62.00 21.46 -54.44
C LYS L 77 -61.46 21.54 -53.01
N ASN L 78 -61.59 20.47 -52.23
CA ASN L 78 -61.29 20.52 -50.79
C ASN L 78 -61.95 21.74 -50.15
N GLN L 79 -63.25 21.89 -50.40
CA GLN L 79 -63.93 23.11 -50.00
C GLN L 79 -65.25 22.80 -49.32
N VAL L 80 -65.62 23.66 -48.38
CA VAL L 80 -66.92 23.60 -47.72
C VAL L 80 -67.52 25.00 -47.78
N VAL L 81 -68.81 25.07 -48.07
CA VAL L 81 -69.50 26.35 -48.22
C VAL L 81 -70.58 26.44 -47.17
N LEU L 82 -70.73 27.61 -46.57
CA LEU L 82 -71.87 27.90 -45.70
C LEU L 82 -72.57 29.15 -46.21
N THR L 83 -73.91 29.16 -46.16
CA THR L 83 -74.73 30.24 -46.72
C THR L 83 -75.85 30.68 -45.78
N MET L 84 -76.07 32.01 -45.73
CA MET L 84 -77.05 32.72 -44.88
C MET L 84 -77.72 33.83 -45.72
N THR L 85 -79.06 33.84 -45.67
CA THR L 85 -79.84 34.80 -46.50
C THR L 85 -80.21 36.04 -45.71
N ASN L 86 -80.78 35.89 -44.53
CA ASN L 86 -81.25 37.07 -43.75
C ASN L 86 -80.11 37.56 -42.87
N MET L 87 -79.27 38.46 -43.38
CA MET L 87 -78.09 38.86 -42.57
C MET L 87 -78.49 40.04 -41.67
N ASP L 88 -78.38 39.87 -40.35
CA ASP L 88 -78.79 40.94 -39.39
C ASP L 88 -77.57 41.44 -38.65
N PRO L 89 -77.47 42.73 -38.30
CA PRO L 89 -76.34 43.22 -37.51
C PRO L 89 -75.82 42.25 -36.45
N VAL L 90 -76.68 41.47 -35.81
CA VAL L 90 -76.19 40.59 -34.71
C VAL L 90 -75.30 39.53 -35.33
N ASP L 91 -75.44 39.29 -36.63
CA ASP L 91 -74.65 38.30 -37.32
C ASP L 91 -73.25 38.81 -37.61
N THR L 92 -72.98 40.08 -37.35
CA THR L 92 -71.62 40.59 -37.42
C THR L 92 -70.78 39.83 -36.42
N ALA L 93 -69.78 39.12 -36.92
CA ALA L 93 -69.01 38.22 -36.06
C ALA L 93 -67.79 37.73 -36.83
N THR L 94 -66.91 37.04 -36.12
CA THR L 94 -65.83 36.30 -36.72
C THR L 94 -66.28 34.86 -36.93
N TYR L 95 -66.28 34.42 -38.18
CA TYR L 95 -66.69 33.09 -38.56
C TYR L 95 -65.45 32.23 -38.75
N TYR L 96 -65.35 31.17 -37.96
CA TYR L 96 -64.28 30.18 -38.10
C TYR L 96 -64.85 28.91 -38.73
N CYS L 97 -64.02 28.24 -39.51
CA CYS L 97 -64.28 26.87 -39.90
C CYS L 97 -63.25 25.96 -39.24
N VAL L 98 -63.64 24.71 -39.00
CA VAL L 98 -62.90 23.79 -38.15
C VAL L 98 -62.97 22.38 -38.73
N GLN L 99 -61.98 21.58 -38.36
CA GLN L 99 -61.95 20.16 -38.72
C GLN L 99 -62.46 19.34 -37.55
N ILE L 100 -63.26 18.32 -37.86
CA ILE L 100 -63.69 17.31 -36.90
C ILE L 100 -63.22 15.98 -37.44
N ALA L 101 -62.20 15.40 -36.81
CA ALA L 101 -61.59 14.16 -37.26
C ALA L 101 -61.81 13.01 -36.29
N ASN L 102 -61.45 13.19 -35.03
CA ASN L 102 -61.63 12.14 -34.03
C ASN L 102 -63.01 12.24 -33.39
N PRO L 103 -63.69 11.10 -33.24
CA PRO L 103 -64.98 11.08 -32.53
C PRO L 103 -64.88 11.32 -31.03
N TYR L 104 -63.68 11.37 -30.46
CA TYR L 104 -63.55 11.53 -29.02
C TYR L 104 -63.59 12.99 -28.61
N TRP L 105 -63.19 13.87 -29.53
CA TRP L 105 -63.27 15.32 -29.26
C TRP L 105 -63.92 16.04 -30.42
N TYR L 106 -63.93 17.37 -30.37
CA TYR L 106 -64.54 18.19 -31.44
C TYR L 106 -63.68 19.42 -31.59
N PHE L 107 -63.69 20.08 -32.75
CA PHE L 107 -63.00 21.37 -32.91
C PHE L 107 -61.54 21.31 -32.43
N ASP L 108 -60.71 20.50 -33.09
CA ASP L 108 -59.26 20.42 -32.76
C ASP L 108 -58.49 21.44 -33.56
N VAL L 109 -58.69 21.52 -34.88
CA VAL L 109 -57.89 22.40 -35.72
C VAL L 109 -58.79 23.53 -36.21
N TRP L 110 -58.38 24.76 -35.94
CA TRP L 110 -59.14 25.95 -36.30
C TRP L 110 -58.40 26.74 -37.37
N GLY L 111 -59.17 27.47 -38.18
CA GLY L 111 -58.61 28.51 -38.99
C GLY L 111 -58.50 29.81 -38.20
N GLN L 112 -57.84 30.80 -38.81
CA GLN L 112 -57.68 32.06 -38.11
C GLN L 112 -58.97 32.87 -38.08
N GLY L 113 -59.90 32.60 -38.98
CA GLY L 113 -61.19 33.25 -38.92
C GLY L 113 -61.37 34.42 -39.86
N THR L 114 -62.50 34.48 -40.54
CA THR L 114 -62.84 35.63 -41.36
C THR L 114 -63.82 36.52 -40.59
N THR L 115 -63.68 37.83 -40.77
CA THR L 115 -64.52 38.77 -40.04
C THR L 115 -65.61 39.30 -40.97
N VAL L 116 -66.86 39.09 -40.60
CA VAL L 116 -68.00 39.56 -41.38
C VAL L 116 -68.70 40.64 -40.59
N THR L 117 -68.81 41.82 -41.18
CA THR L 117 -69.58 42.93 -40.61
C THR L 117 -70.78 43.17 -41.52
N VAL L 118 -71.97 42.97 -40.97
CA VAL L 118 -73.22 43.20 -41.67
C VAL L 118 -73.80 44.52 -41.17
N SER L 119 -73.88 45.49 -42.07
CA SER L 119 -74.27 46.85 -41.73
C SER L 119 -74.50 47.66 -42.99
N SER L 120 -75.43 48.60 -42.94
CA SER L 120 -75.77 49.34 -44.16
C SER L 120 -74.62 50.18 -44.68
N ALA L 121 -73.55 50.42 -43.92
CA ALA L 121 -72.52 51.38 -44.33
C ALA L 121 -71.70 50.90 -45.55
N SER L 122 -70.97 51.84 -46.15
CA SER L 122 -70.20 51.55 -47.34
C SER L 122 -68.73 51.39 -46.97
N THR L 123 -68.02 50.61 -47.76
CA THR L 123 -66.64 50.28 -47.45
C THR L 123 -65.75 51.50 -47.65
N LYS L 124 -64.78 51.70 -46.74
CA LYS L 124 -63.85 52.82 -46.81
C LYS L 124 -62.47 52.37 -46.32
N GLY L 125 -61.44 52.87 -46.98
CA GLY L 125 -60.07 52.55 -46.64
C GLY L 125 -59.47 53.44 -45.58
N PRO L 126 -58.47 52.93 -44.87
CA PRO L 126 -57.85 53.71 -43.80
C PRO L 126 -56.90 54.75 -44.35
N SER L 127 -56.72 55.82 -43.58
CA SER L 127 -55.65 56.77 -43.83
C SER L 127 -54.54 56.50 -42.81
N VAL L 128 -53.34 56.23 -43.32
CA VAL L 128 -52.20 55.94 -42.46
C VAL L 128 -51.39 57.22 -42.32
N PHE L 129 -51.14 57.62 -41.08
CA PHE L 129 -50.42 58.85 -40.82
C PHE L 129 -49.19 58.54 -39.98
N PRO L 130 -48.04 59.14 -40.29
CA PRO L 130 -46.80 58.75 -39.60
C PRO L 130 -46.73 59.38 -38.23
N LEU L 131 -46.49 58.56 -37.21
CA LEU L 131 -46.32 59.00 -35.84
C LEU L 131 -44.84 58.81 -35.58
N ALA L 132 -44.07 59.88 -35.82
CA ALA L 132 -42.63 59.85 -35.81
C ALA L 132 -42.08 60.43 -34.50
N PRO L 133 -40.91 59.96 -34.08
CA PRO L 133 -40.25 60.56 -32.91
C PRO L 133 -39.68 61.94 -33.19
N SER L 134 -40.53 62.93 -33.43
CA SER L 134 -40.04 64.28 -33.70
C SER L 134 -39.27 64.84 -32.52
N SER L 135 -39.80 64.66 -31.31
CA SER L 135 -39.07 65.03 -30.10
C SER L 135 -38.09 63.94 -29.73
N LYS L 136 -36.93 64.35 -29.24
CA LYS L 136 -35.83 63.42 -28.95
C LYS L 136 -35.98 62.93 -27.51
N SER L 137 -36.40 61.69 -27.34
CA SER L 137 -36.45 61.08 -26.01
C SER L 137 -35.05 60.83 -25.45
N THR L 138 -34.01 60.90 -26.28
CA THR L 138 -32.62 60.71 -25.88
C THR L 138 -32.36 59.33 -25.29
N SER L 139 -33.37 58.47 -25.30
CA SER L 139 -33.27 57.13 -24.71
C SER L 139 -32.90 56.16 -25.83
N GLY L 140 -31.61 55.80 -25.89
CA GLY L 140 -31.16 54.86 -26.90
C GLY L 140 -31.90 53.54 -26.83
N GLY L 141 -32.11 53.02 -25.62
CA GLY L 141 -32.75 51.72 -25.48
C GLY L 141 -34.12 51.68 -26.13
N THR L 142 -35.03 52.57 -25.72
CA THR L 142 -36.38 52.61 -26.26
C THR L 142 -36.63 53.90 -27.03
N ALA L 143 -37.03 53.77 -28.29
CA ALA L 143 -37.54 54.87 -29.10
C ALA L 143 -38.83 54.38 -29.73
N ALA L 144 -39.91 55.13 -29.59
CA ALA L 144 -41.19 54.70 -30.13
C ALA L 144 -41.46 55.34 -31.48
N LEU L 145 -42.06 54.55 -32.37
CA LEU L 145 -42.56 55.08 -33.62
C LEU L 145 -43.77 54.27 -34.04
N GLY L 146 -44.62 54.85 -34.87
CA GLY L 146 -45.80 54.11 -35.25
C GLY L 146 -46.51 54.71 -36.44
N CYS L 147 -47.62 54.05 -36.81
CA CYS L 147 -48.47 54.58 -37.91
C CYS L 147 -49.86 54.80 -37.29
N LEU L 148 -50.66 55.70 -37.86
CA LEU L 148 -52.03 55.94 -37.35
C LEU L 148 -53.03 55.41 -38.37
N VAL L 149 -53.76 54.36 -38.02
CA VAL L 149 -54.75 53.77 -38.96
C VAL L 149 -56.10 54.40 -38.61
N LYS L 150 -56.60 55.31 -39.46
CA LYS L 150 -57.83 56.04 -39.07
C LYS L 150 -58.83 56.15 -40.22
N ASP L 151 -60.11 56.21 -39.87
CA ASP L 151 -61.19 56.36 -40.87
C ASP L 151 -61.27 55.12 -41.75
N TYR L 152 -61.54 53.96 -41.14
CA TYR L 152 -61.70 52.70 -41.91
C TYR L 152 -62.94 51.95 -41.44
N PHE L 153 -63.67 51.35 -42.38
CA PHE L 153 -64.85 50.52 -42.04
C PHE L 153 -65.00 49.59 -43.20
N PRO L 154 -65.33 48.28 -43.06
CA PRO L 154 -65.56 47.63 -41.76
C PRO L 154 -64.29 47.39 -40.93
N GLU L 155 -64.41 46.57 -39.89
CA GLU L 155 -63.44 46.41 -38.81
C GLU L 155 -62.10 45.76 -39.16
N PRO L 156 -62.04 44.69 -39.97
CA PRO L 156 -60.76 43.96 -40.12
C PRO L 156 -59.65 44.83 -40.68
N VAL L 157 -58.56 44.95 -39.92
CA VAL L 157 -57.38 45.70 -40.37
C VAL L 157 -56.13 45.02 -39.85
N THR L 158 -55.16 44.82 -40.75
CA THR L 158 -53.90 44.16 -40.42
C THR L 158 -52.74 45.08 -40.76
N VAL L 159 -51.84 45.28 -39.80
CA VAL L 159 -50.67 46.14 -39.99
C VAL L 159 -49.43 45.39 -39.52
N SER L 160 -48.42 45.35 -40.38
CA SER L 160 -47.12 44.75 -40.10
C SER L 160 -46.03 45.81 -40.24
N TRP L 161 -44.82 45.45 -39.85
CA TRP L 161 -43.68 46.35 -39.88
C TRP L 161 -42.54 45.69 -40.63
N ASN L 162 -42.02 46.39 -41.65
CA ASN L 162 -40.97 45.87 -42.53
C ASN L 162 -41.41 44.58 -43.21
N SER L 163 -42.60 44.62 -43.80
CA SER L 163 -43.21 43.47 -44.47
C SER L 163 -43.09 42.20 -43.63
N GLY L 164 -43.22 42.33 -42.32
CA GLY L 164 -43.23 41.19 -41.42
C GLY L 164 -41.93 40.97 -40.68
N ALA L 165 -40.83 41.61 -41.12
CA ALA L 165 -39.54 41.37 -40.48
C ALA L 165 -39.49 41.97 -39.08
N LEU L 166 -40.13 43.11 -38.87
CA LEU L 166 -40.18 43.73 -37.56
C LEU L 166 -41.42 43.24 -36.82
N THR L 167 -41.21 42.52 -35.72
CA THR L 167 -42.29 41.99 -34.90
C THR L 167 -42.09 42.26 -33.42
N SER L 168 -40.83 42.32 -32.98
CA SER L 168 -40.53 42.48 -31.56
C SER L 168 -40.80 43.91 -31.10
N GLY L 169 -41.51 44.06 -29.99
CA GLY L 169 -41.85 45.36 -29.47
C GLY L 169 -43.10 45.98 -30.05
N VAL L 170 -43.74 45.33 -31.02
CA VAL L 170 -44.91 45.88 -31.68
C VAL L 170 -46.11 45.83 -30.74
N HIS L 171 -46.89 46.91 -30.72
CA HIS L 171 -48.16 46.97 -30.02
C HIS L 171 -49.18 47.58 -30.97
N THR L 172 -50.11 46.76 -31.44
CA THR L 172 -51.25 47.20 -32.24
C THR L 172 -52.48 47.22 -31.34
N PHE L 173 -53.04 48.41 -31.13
CA PHE L 173 -54.08 48.58 -30.16
C PHE L 173 -55.44 48.19 -30.72
N PRO L 174 -56.36 47.74 -29.87
CA PRO L 174 -57.73 47.46 -30.33
C PRO L 174 -58.35 48.65 -31.02
N ALA L 175 -59.08 48.38 -32.09
CA ALA L 175 -59.78 49.44 -32.81
C ALA L 175 -60.94 49.96 -31.96
N VAL L 176 -61.09 51.27 -31.90
CA VAL L 176 -62.21 51.91 -31.23
C VAL L 176 -63.08 52.58 -32.29
N LEU L 177 -64.39 52.36 -32.20
CA LEU L 177 -65.35 52.96 -33.12
C LEU L 177 -65.65 54.38 -32.65
N GLN L 178 -65.34 55.36 -33.50
CA GLN L 178 -65.60 56.75 -33.19
C GLN L 178 -67.03 57.15 -33.54
N SER L 179 -67.44 58.31 -33.01
CA SER L 179 -68.76 58.85 -33.29
C SER L 179 -68.98 59.03 -34.79
N SER L 180 -67.91 59.33 -35.55
CA SER L 180 -68.06 59.44 -37.00
C SER L 180 -68.55 58.14 -37.60
N GLY L 181 -68.40 57.03 -36.89
CA GLY L 181 -68.78 55.72 -37.39
C GLY L 181 -67.67 54.91 -38.03
N LEU L 182 -66.49 55.47 -38.18
CA LEU L 182 -65.34 54.75 -38.73
C LEU L 182 -64.37 54.42 -37.60
N TYR L 183 -63.66 53.30 -37.76
CA TYR L 183 -62.76 52.84 -36.72
C TYR L 183 -61.42 53.55 -36.80
N SER L 184 -60.70 53.57 -35.68
CA SER L 184 -59.37 54.16 -35.66
C SER L 184 -58.50 53.40 -34.67
N LEU L 185 -57.30 53.06 -35.10
CA LEU L 185 -56.29 52.43 -34.25
C LEU L 185 -54.95 53.08 -34.57
N SER L 186 -53.99 52.85 -33.69
CA SER L 186 -52.61 53.26 -33.91
C SER L 186 -51.74 52.07 -33.56
N SER L 187 -50.72 51.82 -34.38
CA SER L 187 -49.78 50.72 -34.16
C SER L 187 -48.39 51.29 -33.93
N VAL L 188 -47.85 51.03 -32.75
CA VAL L 188 -46.54 51.55 -32.35
C VAL L 188 -45.57 50.40 -32.13
N VAL L 189 -44.28 50.74 -32.06
CA VAL L 189 -43.19 49.78 -31.88
C VAL L 189 -42.03 50.52 -31.23
N THR L 190 -41.33 49.82 -30.33
CA THR L 190 -40.16 50.33 -29.63
C THR L 190 -38.89 49.75 -30.25
N VAL L 191 -37.93 50.63 -30.56
CA VAL L 191 -36.72 50.25 -31.29
C VAL L 191 -35.51 50.95 -30.68
N PRO L 192 -34.32 50.36 -30.83
CA PRO L 192 -33.10 51.08 -30.44
C PRO L 192 -32.97 52.42 -31.16
N SER L 193 -32.64 53.46 -30.39
CA SER L 193 -32.55 54.81 -30.97
C SER L 193 -31.32 54.95 -31.84
N SER L 194 -30.25 54.22 -31.54
CA SER L 194 -29.06 54.30 -32.38
C SER L 194 -29.35 53.79 -33.79
N SER L 195 -30.35 52.94 -33.92
CA SER L 195 -30.77 52.37 -35.19
C SER L 195 -31.85 53.21 -35.90
N LEU L 196 -32.11 54.44 -35.45
CA LEU L 196 -33.11 55.27 -36.09
C LEU L 196 -32.66 55.86 -37.43
N GLY L 197 -31.36 55.87 -37.71
CA GLY L 197 -30.87 56.49 -38.93
C GLY L 197 -30.25 55.50 -39.89
N THR L 198 -29.74 54.40 -39.34
CA THR L 198 -29.14 53.35 -40.17
C THR L 198 -30.22 52.43 -40.72
N GLN L 199 -31.19 52.06 -39.89
CA GLN L 199 -32.28 51.20 -40.29
C GLN L 199 -33.53 52.02 -40.60
N THR L 200 -34.25 51.60 -41.65
CA THR L 200 -35.48 52.26 -42.07
C THR L 200 -36.69 51.39 -41.73
N TYR L 201 -37.64 51.95 -41.00
CA TYR L 201 -38.84 51.25 -40.56
C TYR L 201 -40.08 51.81 -41.24
N ILE L 202 -40.84 50.94 -41.93
CA ILE L 202 -42.08 51.37 -42.63
C ILE L 202 -43.24 50.48 -42.15
N CYS L 203 -44.48 50.97 -42.26
CA CYS L 203 -45.65 50.16 -41.84
C CYS L 203 -46.37 49.59 -43.05
N ASN L 204 -46.60 48.28 -43.03
CA ASN L 204 -47.36 47.64 -44.13
C ASN L 204 -48.79 47.47 -43.59
N VAL L 205 -49.74 48.22 -44.14
CA VAL L 205 -51.14 48.18 -43.64
C VAL L 205 -52.06 47.62 -44.73
N ASN L 206 -53.07 46.85 -44.33
CA ASN L 206 -53.99 46.21 -45.31
C ASN L 206 -55.44 46.26 -44.81
N HIS L 207 -56.31 46.99 -45.50
CA HIS L 207 -57.76 46.96 -45.17
C HIS L 207 -58.42 46.09 -46.23
N LYS L 208 -58.00 44.84 -46.29
CA LYS L 208 -58.54 43.94 -47.31
C LYS L 208 -60.03 44.15 -47.58
N PRO L 209 -60.87 44.45 -46.57
CA PRO L 209 -62.29 44.74 -46.87
C PRO L 209 -62.54 45.78 -47.96
N SER L 210 -61.75 46.85 -48.06
CA SER L 210 -61.92 47.85 -49.12
C SER L 210 -60.77 47.87 -50.11
N ASN L 211 -59.98 46.80 -50.21
CA ASN L 211 -58.92 46.68 -51.23
C ASN L 211 -57.87 47.78 -51.08
N THR L 212 -57.31 47.89 -49.88
CA THR L 212 -56.38 48.98 -49.56
C THR L 212 -55.05 48.40 -49.05
N LYS L 213 -54.01 48.55 -49.87
CA LYS L 213 -52.62 48.25 -49.54
C LYS L 213 -51.85 49.56 -49.41
N VAL L 214 -51.08 49.71 -48.34
CA VAL L 214 -50.30 50.94 -48.12
C VAL L 214 -49.04 50.59 -47.36
N ASP L 215 -47.90 51.12 -47.80
CA ASP L 215 -46.64 51.03 -47.05
C ASP L 215 -46.12 52.45 -46.85
N LYS L 216 -46.04 52.87 -45.59
CA LYS L 216 -45.62 54.23 -45.24
C LYS L 216 -44.39 54.20 -44.34
N LYS L 217 -43.39 55.01 -44.70
CA LYS L 217 -42.15 55.12 -43.94
C LYS L 217 -42.29 56.12 -42.80
N VAL L 218 -41.72 55.78 -41.65
CA VAL L 218 -41.72 56.65 -40.47
C VAL L 218 -40.28 57.07 -40.19
N GLU L 219 -40.06 58.38 -40.05
CA GLU L 219 -38.75 58.91 -39.68
C GLU L 219 -38.79 59.57 -38.32
#